data_8QUE
#
_entry.id   8QUE
#
_cell.length_a   1.00
_cell.length_b   1.00
_cell.length_c   1.00
_cell.angle_alpha   90.00
_cell.angle_beta   90.00
_cell.angle_gamma   90.00
#
_symmetry.space_group_name_H-M   'P 1'
#
loop_
_entity.id
_entity.type
_entity.pdbx_description
1 polymer PHIKZ055
2 polymer 'DNA-directed RNA polymerase'
3 polymer PHIKZ074
4 polymer PHIKZ123
5 polymer DNA
6 polymer DNA
7 polymer RNA
8 polymer PHIKZ068
9 polymer DNA
10 non-polymer 'ZINC ION'
#
loop_
_entity_poly.entity_id
_entity_poly.type
_entity_poly.pdbx_seq_one_letter_code
_entity_poly.pdbx_strand_id
1 'polypeptide(L)'
;MGSSHHHHHHSSGLVPRGSHMGLYAKVVDHNEVHDQFTGKRIYANDYNTSNSDEKEEFDRHFYSHFQDSEAIESSVSCDC
RAIEDAHKLGVICDICNTPVVNTSSRPIEPSMWVRTPKHVRSLINPRLIIMLTGYLVTKEFDFLAYLTDTSYRYDVESIG
SKETRRKVDRLLHRGFERGLNHFIDNFNEIFQFLLDANIISNNKSEFAQFVAQNKDKLFPKYLPVPSKLCFVAESTTSGT
YLDKPIEAAIDATLTFASIDASSVPLSPIKAQNRTMRGLRLYGQFYEIYAKSRIAQKPGLARRHMFGARLNATARAVITS
ISDPHDYDELHIPWGVGCQLLKYHLTNKLKAKFNMTTREAFSFVYENVLQYNQIIADLFKELIAEAAPYKGMGCTFHRNP
TLQRGSTQQFFITKVKDDINDNSISMSVLCLKAPNADFDGDQLNLTLMPDVYLTKATERIAPHTWVLSIDEPHEISGNLE
LQGPVVETIINWAHEKYLPPLEEWLKAK
;
A
2 'polypeptide(L)'
;MSQLGRREIDLTLLGHTGLDPWYGTTSSARGAMFVTHIGQAPEVNGNESRYFLTGAELEYAKYTHDVRFPEDCRVLHVLR
KYPTGIGKDSIRSNPVTTIIYENYFDKYKTIGVLHVPEYMSHHQDFGYELVKNREVWETIAPNEMFSKDTVIAQSGAVKK
DGTLGMGVNANVVFLSAAGTIEDGFVANKNFLKRMMPTSYSTAVANAGRKAFFLNMYGDDKIYKPFPDIGDVIRPDGVIF
AIRDHDDDLAPAEMTPRALRTLDRTFDRAVIGTPGAKVIDIDIWRDERVNPSPTPTGMDAQLVKYHTHLSSYYRELLKIY
RGLLARRKDDLHITEEFERLIVTAQMFLPQPDNVRKLSRFYRLDPLDEWRVEVTYKAQKMPAGAFKMTDFHGGKGVICKV
MEDEDMPIDENGNRADLIIFGGSTMRRSNYGRIYEHGFGAAARDLAQRLRVEAGLDRHAKPTQQQLNSVMGNTQWVDYAF
KELLGFYEIIAPTMHSKMMEHPNPAEHVKTVLMDGFPYIYAPVDDPVDLMAAVNKLINSDKYRPHYGKVSYRDQAGKWVT
TKDNVLMGPLYMMLLEKIGEDWSAAASVKTQPFGLPSKLNNADRASTPGRETAIRSFGESETRSYNCTVGPGPTAEILDQ
TNNPLAHAAVIESWLTAEKPSSVPVAVDREKIPFGGSRPVAMFDHLLECSGIALEYAPDH
;
C
3 'polypeptide(L)'
;MNLNRYKARDLLNLSYDDLWSLPSEWHLIEFDDGKTVVSVDRITKLSVLCWYPLKHYKDCPIPSDHHIDFNRILTDNPKD
YLNVEGGRVTSKAMVKHLNKAIWNIYDWSGETVDPEVLSKLAIEGKNWLYNQTTVKLSEYLATLSMFDIAEVYNHPKVRE
ANHNIEPTTYGIEKISYGKVKEVFNDPTQFIGNSIIEGLRSGTQKTEQLLQAFAWRGFPTDINSDIFKYPVTTGYIDGIW
NLYENMIESRSGTKALLYNKELLRVTEYFNRKSQLIAQYVQRLHPGDCKTTILAEYPVTKLTLKAFKGKYYQKEDGKLDW
IRGNETHLIGTKQKFRSVFGCNHPDSQGICMTCYGRLGINIPKGTNIGQVAAVSMGDKITSAVLSTKHTDASSAVEQYKL
GKIESNYLRTGEIPETLYLKKELTQKDYRLVIARSEAENLADILMIDDLTAYPATSATELTSLALVYDDEVNGECGDVLT
VSLYNRRASLSIEMLKHIKMVRWELDQRDNIVISLRGFDFNLPFLTLPNKHVNMYEVMKRFQSFLHSGSDSAEAGKLSTE
KVGYTSKTYLKNYKSPIEALPVFATMANEKISLNISHCEILIYAMMIRSAQYRDYRLPKPGINGQFEKYNRLMQCRSLGG
AMAFEKQHEPLNNPGSFLNKMRNDHPYDLLVKGGKLR
;
D
4 'polypeptide(L)'
;MPDPFLIEKIRENTPCMNPTLANGITVEHTMTRDPNTGVNMTRRYIDSLFDISSVLFPDGFKYEGNRACTPLKHFEEITR
EYNAKRIANIAPTDMYMIDLMFSYKGEMLYPRPMLLPAFKRGNMVTINGAKYIGSPVLTDVGFSVLNDSIFIPFRRTKLT
FKQTDHHYMCNGQRKIMYVIWSQIHNEMAKRTKRDLGNRPHIESCLAHYFFCQFGVTQTFKQWANVDVKCGLLSDFPEEE
YPREKWNIYSSATLKGKHPTGEMVLVIPRHQESIFATRLIAGFWYVVDAFPMRFTRPEYVDSTNLWRVILGHMVFGDFEH
QGKVEENIDSHLHSFCNSLDEMTIEELKTVGVNVSTIWELLYEIMTSLAHHLYATDIDETSMYGKRLTVLHYLMSEFNYA
VSMFGYMFQSRRDREWTVQELNEGLKRSFKLQTAIKRLTVDHGELDTMSNPNSSMLIKGTSILVTQDRAKTAKAHNKSLI
NDSSRIIHASIAEVGQYKNQPKNNPDGRGRLNMYTKVGPTGLVERREEVREIIDNAQLMFRAK
;
E
5 'polydeoxyribonucleotide'
;(DA)(DG)(DT)(DA)(DA)(DT)(DT)(DT)(DT)(DA)(DG)(DT)(DG)(DA)(DA)(DT)(DG)(DT)(DA)(DT)
(DT)(DT)(DG)(DC)(DT)(DA)(DT)(DA)(DT)(DT)(DG)(DC)(DT)(DA)(DT)(DC)(DC)(DT)(DA)(DA)
(DC)(DA)(DG)(DT)(DT)(DC)(DC)(DC)(DA)(DA)(DA)(DA)(DG)(DC)(DC)(DT)(DA)(DA)(DA)(DG)
(DT)(DT)(DA)(DC)(DA)(DA)(DT)(DA)(DT)(DA)(DG)(DG)(DT)(DA)(DC)
;
F
6 'polydeoxyribonucleotide'
;(DG)(DT)(DA)(DC)(DC)(DT)(DA)(DT)(DA)(DT)(DT)(DG)(DT)(DA)(DA)(DC)(DT)(DT)(DT)(DA)
(DG)(DG)(DC)(DT)(DT)(DT)(DT)(DG)(DG)(DG)(DA)(DA)(DC)(DT)(DG)(DT)(DC)(DT)(DA)(DC)
(DA)(DT)(DA)(DG)(DC)(DA)(DA)(DT)(DA)(DT)(DA)(DG)(DC)(DA)(DA)(DA)(DT)(DA)(DC)(DA)
(DT)(DT)(DC)(DA)(DC)(DT)(DA)(DA)(DA)(DA)(DT)(DT)(DA)(DC)(DT)
;
G
7 'polyribonucleotide' GUAGACAG H
8 'polypeptide(L)'
;MEIIVTGVQGTGFTEVATEHNGKRLTWTTTAYSKIRVQDQQRVFQEINDYWSGLSAEAQQHIWNCYVEIRKIMDMAMDPM
RIAMSLSYYIKEMYKAMPMNSFRRWLLTIGKLYIPVDIEEVITDDSRYNRPDQTYLKHDYINLASVSLALRPLVPIWGEF
IDQGTSQEMHKECEVISLISDCEVNHWPVDEISIDGTPVETAYDKLSAYVKFCVEDEAPTLANLYRGMSSAEVPDILQAK
VMVRRLTILPLNDATSHSIVSNMFRYVKSNLNPAERSTADRVNDKRPDKGGIDDDDKTSFIESHKTKQRVTPGDIVAYNL
DALDVVKLVHKIDDTVPVELIQECLDCVAVTATKDIYPHQILLAQWVMHKAFPARAFSHINKNAVNHLLAAAQSLMWHWG
FQQVAVFMQVELYYSGEHAMSIQPRNSTRIQIKYKDVMDELYPHQRQQRAINGVPVAPVNIAGIAVQSAHASIRSSNWIY
HGPDRLFKEAEQVTQNKVLVVPATIKSVITELVIHLGKLNQ
;
B
9 'polydeoxyribonucleotide' (DN)(DN)(DN)(DN)(DN)(DN)(DN)(DN)(DN)(DN)(DN)(DN)(DN)(DN)(DN)(DN)(DN) I,J
#
# COMPACT_ATOMS: atom_id res chain seq x y z
N MET A 21 -26.08 -28.32 -4.42
CA MET A 21 -27.07 -28.60 -3.37
C MET A 21 -26.96 -27.56 -2.26
N GLY A 22 -25.91 -26.75 -2.31
CA GLY A 22 -25.72 -25.69 -1.35
C GLY A 22 -24.63 -25.99 -0.32
N LEU A 23 -24.48 -25.05 0.61
CA LEU A 23 -23.45 -25.13 1.64
C LEU A 23 -23.95 -24.37 2.85
N TYR A 24 -24.43 -25.09 3.86
CA TYR A 24 -24.97 -24.48 5.06
C TYR A 24 -24.06 -24.76 6.25
N ALA A 25 -24.31 -24.05 7.35
CA ALA A 25 -23.53 -24.22 8.56
C ALA A 25 -24.20 -25.22 9.50
N LYS A 26 -23.37 -25.97 10.20
CA LYS A 26 -23.85 -27.03 11.08
C LYS A 26 -23.18 -26.89 12.44
N VAL A 27 -23.99 -26.97 13.51
CA VAL A 27 -23.46 -26.86 14.85
C VAL A 27 -22.67 -28.12 15.19
N VAL A 28 -21.47 -27.93 15.73
CA VAL A 28 -20.57 -29.02 16.07
C VAL A 28 -20.68 -29.32 17.56
N ASP A 29 -20.89 -30.58 17.89
CA ASP A 29 -20.93 -31.02 19.28
C ASP A 29 -19.49 -31.11 19.79
N HIS A 30 -19.12 -30.20 20.70
CA HIS A 30 -17.76 -30.18 21.22
C HIS A 30 -17.42 -31.44 21.99
N ASN A 31 -18.43 -32.13 22.55
CA ASN A 31 -18.16 -33.38 23.24
C ASN A 31 -17.64 -34.44 22.28
N GLU A 32 -18.23 -34.51 21.08
CA GLU A 32 -17.75 -35.47 20.09
C GLU A 32 -16.32 -35.18 19.67
N VAL A 33 -16.00 -33.89 19.46
CA VAL A 33 -14.63 -33.52 19.11
C VAL A 33 -13.67 -33.86 20.25
N HIS A 34 -14.09 -33.61 21.49
CA HIS A 34 -13.25 -33.95 22.64
C HIS A 34 -12.99 -35.45 22.72
N ASP A 35 -14.02 -36.26 22.44
CA ASP A 35 -13.86 -37.71 22.51
C ASP A 35 -13.07 -38.26 21.33
N GLN A 36 -13.10 -37.61 20.17
CA GLN A 36 -12.41 -38.09 18.99
C GLN A 36 -10.95 -37.64 18.92
N PHE A 37 -10.48 -36.84 19.89
CA PHE A 37 -9.10 -36.36 19.86
C PHE A 37 -8.12 -37.52 20.00
N THR A 38 -8.30 -38.34 21.03
CA THR A 38 -7.55 -39.58 21.24
C THR A 38 -6.04 -39.34 21.18
N GLY A 39 -5.57 -38.27 21.81
CA GLY A 39 -4.15 -37.98 21.85
C GLY A 39 -3.69 -37.52 23.20
N LYS A 40 -2.90 -36.44 23.24
CA LYS A 40 -2.48 -35.81 24.48
C LYS A 40 -3.46 -34.69 24.80
N ARG A 41 -4.35 -34.93 25.76
CA ARG A 41 -5.35 -33.96 26.18
C ARG A 41 -4.87 -33.26 27.43
N ILE A 42 -4.58 -31.96 27.32
CA ILE A 42 -4.16 -31.14 28.44
C ILE A 42 -5.16 -30.00 28.57
N TYR A 43 -5.59 -29.74 29.80
CA TYR A 43 -6.66 -28.80 30.08
C TYR A 43 -6.11 -27.48 30.61
N ALA A 44 -6.80 -26.40 30.27
CA ALA A 44 -6.40 -25.07 30.72
C ALA A 44 -6.85 -24.77 32.13
N ASN A 45 -7.69 -25.62 32.73
CA ASN A 45 -8.12 -25.39 34.10
C ASN A 45 -6.98 -25.59 35.09
N ASP A 46 -6.03 -26.49 34.76
CA ASP A 46 -5.00 -26.91 35.70
C ASP A 46 -3.73 -26.08 35.60
N TYR A 47 -3.82 -24.84 35.13
CA TYR A 47 -2.69 -23.91 35.12
C TYR A 47 -2.92 -22.88 36.21
N ASN A 48 -2.37 -23.14 37.39
CA ASN A 48 -2.50 -22.22 38.51
C ASN A 48 -1.80 -20.90 38.25
N THR A 49 -0.83 -20.88 37.35
CA THR A 49 -0.09 -19.67 36.96
C THR A 49 0.51 -19.06 38.22
N SER A 50 0.71 -17.73 38.24
CA SER A 50 1.28 -16.99 39.36
C SER A 50 2.68 -17.47 39.74
N ASN A 51 3.30 -18.31 38.91
CA ASN A 51 4.65 -18.77 39.16
C ASN A 51 5.34 -19.03 37.84
N SER A 52 6.67 -19.07 37.87
CA SER A 52 7.45 -19.13 36.65
C SER A 52 7.18 -20.40 35.84
N ASP A 53 7.14 -21.55 36.51
CA ASP A 53 7.07 -22.82 35.78
C ASP A 53 5.75 -22.97 35.03
N GLU A 54 4.63 -22.76 35.72
CA GLU A 54 3.33 -22.94 35.08
C GLU A 54 3.09 -21.86 34.05
N LYS A 55 3.55 -20.63 34.30
CA LYS A 55 3.41 -19.58 33.31
C LYS A 55 4.20 -19.90 32.05
N GLU A 56 5.42 -20.44 32.20
CA GLU A 56 6.20 -20.83 31.04
C GLU A 56 5.57 -21.99 30.29
N GLU A 57 5.01 -22.97 31.01
CA GLU A 57 4.33 -24.07 30.32
C GLU A 57 3.09 -23.55 29.57
N PHE A 58 2.35 -22.63 30.17
CA PHE A 58 1.20 -22.03 29.50
C PHE A 58 1.63 -21.22 28.28
N ASP A 59 2.79 -20.56 28.37
CA ASP A 59 3.30 -19.80 27.23
C ASP A 59 3.80 -20.73 26.13
N ARG A 60 4.26 -21.93 26.50
CA ARG A 60 4.65 -22.90 25.48
C ARG A 60 3.43 -23.46 24.76
N HIS A 61 2.38 -23.82 25.51
CA HIS A 61 1.17 -24.34 24.87
C HIS A 61 0.47 -23.26 24.06
N PHE A 62 0.28 -22.09 24.65
CA PHE A 62 -0.29 -20.93 23.99
C PHE A 62 0.85 -20.20 23.28
N TYR A 63 0.61 -18.97 22.83
CA TYR A 63 1.66 -18.00 22.49
C TYR A 63 2.75 -18.61 21.60
N SER A 64 2.37 -18.92 20.35
CA SER A 64 3.40 -19.33 19.39
C SER A 64 4.46 -18.24 19.32
N HIS A 65 5.67 -18.55 19.80
CA HIS A 65 6.72 -17.57 20.00
C HIS A 65 7.68 -17.56 18.82
N PHE A 66 8.06 -16.36 18.40
CA PHE A 66 9.16 -16.16 17.48
C PHE A 66 10.20 -15.29 18.19
N GLN A 67 11.28 -15.94 18.63
CA GLN A 67 12.21 -15.29 19.58
C GLN A 67 12.90 -14.09 18.94
N ASP A 68 13.34 -14.20 17.70
CA ASP A 68 14.05 -13.12 17.03
C ASP A 68 13.52 -12.99 15.61
N SER A 69 13.66 -11.79 15.06
CA SER A 69 13.24 -11.51 13.68
C SER A 69 14.29 -12.09 12.72
N GLU A 70 14.29 -13.42 12.65
CA GLU A 70 15.25 -14.14 11.83
C GLU A 70 14.57 -15.41 11.30
N ALA A 71 15.02 -15.86 10.14
CA ALA A 71 14.45 -17.03 9.51
C ALA A 71 14.83 -18.28 10.29
N ILE A 72 13.83 -19.11 10.60
CA ILE A 72 14.10 -20.33 11.37
C ILE A 72 14.75 -21.38 10.46
N GLU A 73 15.38 -22.36 11.10
CA GLU A 73 16.08 -23.43 10.40
C GLU A 73 15.48 -24.80 10.67
N SER A 74 14.48 -24.91 11.54
CA SER A 74 13.87 -26.19 11.89
C SER A 74 12.71 -26.43 10.95
N SER A 75 12.95 -27.19 9.88
CA SER A 75 11.86 -27.56 8.97
C SER A 75 10.87 -28.49 9.66
N VAL A 76 11.37 -29.42 10.46
CA VAL A 76 10.53 -30.36 11.20
C VAL A 76 10.93 -30.30 12.67
N SER A 77 9.95 -30.09 13.55
CA SER A 77 10.24 -29.94 14.96
C SER A 77 9.01 -30.32 15.78
N CYS A 78 9.25 -30.56 17.08
CA CYS A 78 8.19 -30.85 18.03
C CYS A 78 7.58 -29.54 18.53
N ASP A 79 6.76 -29.62 19.57
CA ASP A 79 6.25 -28.40 20.21
C ASP A 79 7.41 -27.58 20.77
N CYS A 80 8.37 -28.25 21.41
CA CYS A 80 9.59 -27.61 21.87
C CYS A 80 10.57 -27.47 20.73
N ARG A 81 11.46 -26.48 20.86
CA ARG A 81 12.51 -26.26 19.87
C ARG A 81 13.78 -27.00 20.23
N ALA A 82 13.66 -28.31 20.46
CA ALA A 82 14.79 -29.15 20.83
C ALA A 82 15.12 -30.23 19.81
N ILE A 83 14.12 -30.82 19.16
CA ILE A 83 14.33 -31.82 18.13
C ILE A 83 14.32 -31.07 16.81
N GLU A 84 15.49 -30.61 16.39
CA GLU A 84 15.64 -29.88 15.13
C GLU A 84 15.83 -30.80 13.93
N ASP A 85 16.05 -32.08 14.16
CA ASP A 85 16.21 -33.03 13.06
C ASP A 85 14.85 -33.31 12.40
N ALA A 86 14.91 -33.78 11.15
CA ALA A 86 13.71 -34.10 10.40
C ALA A 86 13.51 -35.58 10.16
N HIS A 87 14.54 -36.40 10.31
CA HIS A 87 14.36 -37.84 10.14
C HIS A 87 13.57 -38.43 11.29
N LYS A 88 13.63 -37.82 12.47
CA LYS A 88 12.82 -38.25 13.61
C LYS A 88 11.41 -37.73 13.39
N LEU A 89 10.63 -38.49 12.62
CA LEU A 89 9.25 -38.12 12.29
C LEU A 89 8.32 -39.09 12.99
N GLY A 90 7.37 -38.53 13.75
CA GLY A 90 6.48 -39.34 14.56
C GLY A 90 7.05 -39.78 15.89
N VAL A 91 8.28 -39.36 16.22
CA VAL A 91 8.88 -39.71 17.51
C VAL A 91 8.28 -38.82 18.59
N ILE A 92 7.76 -39.46 19.64
CA ILE A 92 7.14 -38.71 20.74
C ILE A 92 8.24 -38.09 21.58
N CYS A 93 8.28 -36.75 21.60
CA CYS A 93 9.26 -36.05 22.41
C CYS A 93 8.98 -36.25 23.89
N ASP A 94 9.98 -36.70 24.64
CA ASP A 94 9.78 -37.00 26.06
C ASP A 94 9.48 -35.74 26.86
N ILE A 95 10.04 -34.60 26.47
CA ILE A 95 9.80 -33.35 27.19
C ILE A 95 8.34 -32.94 27.09
N CYS A 96 7.74 -33.05 25.91
CA CYS A 96 6.40 -32.55 25.66
C CYS A 96 5.35 -33.62 25.45
N ASN A 97 5.74 -34.89 25.29
CA ASN A 97 4.80 -35.97 25.01
C ASN A 97 3.96 -35.67 23.77
N THR A 98 4.60 -35.06 22.78
CA THR A 98 3.97 -34.66 21.53
C THR A 98 4.82 -35.12 20.36
N PRO A 99 4.21 -35.75 19.35
CA PRO A 99 5.00 -36.24 18.22
C PRO A 99 5.52 -35.10 17.36
N VAL A 100 6.57 -35.41 16.61
CA VAL A 100 7.28 -34.44 15.79
C VAL A 100 6.68 -34.46 14.39
N VAL A 101 6.17 -33.32 13.94
CA VAL A 101 5.49 -33.18 12.66
C VAL A 101 6.10 -32.00 11.93
N ASN A 102 5.91 -31.97 10.61
CA ASN A 102 6.43 -30.87 9.79
C ASN A 102 5.88 -29.55 10.28
N THR A 103 6.74 -28.53 10.35
CA THR A 103 6.30 -27.22 10.81
C THR A 103 5.28 -26.60 9.86
N SER A 104 5.53 -26.71 8.55
CA SER A 104 4.59 -26.16 7.58
C SER A 104 3.31 -27.00 7.51
N SER A 105 3.44 -28.33 7.61
CA SER A 105 2.30 -29.23 7.56
C SER A 105 1.82 -29.63 8.95
N ARG A 106 2.08 -28.80 9.96
CA ARG A 106 1.64 -29.08 11.30
C ARG A 106 0.11 -29.09 11.37
N PRO A 107 -0.50 -30.15 11.89
CA PRO A 107 -1.97 -30.17 11.97
C PRO A 107 -2.49 -29.04 12.83
N ILE A 108 -3.60 -28.46 12.40
CA ILE A 108 -4.22 -27.34 13.10
C ILE A 108 -5.32 -27.93 13.99
N GLU A 109 -4.99 -28.11 15.27
CA GLU A 109 -5.88 -28.71 16.25
C GLU A 109 -5.96 -27.79 17.47
N PRO A 110 -7.05 -27.85 18.23
CA PRO A 110 -7.17 -26.98 19.40
C PRO A 110 -6.00 -27.19 20.35
N SER A 111 -5.39 -26.07 20.77
CA SER A 111 -4.21 -26.16 21.63
C SER A 111 -4.56 -26.70 23.00
N MET A 112 -5.68 -26.25 23.58
CA MET A 112 -6.02 -26.66 24.94
C MET A 112 -7.48 -27.05 25.01
N TRP A 113 -7.91 -27.45 26.21
CA TRP A 113 -9.31 -27.77 26.47
C TRP A 113 -9.70 -27.17 27.80
N VAL A 114 -10.99 -26.88 27.95
CA VAL A 114 -11.55 -26.31 29.17
C VAL A 114 -12.75 -27.16 29.57
N ARG A 115 -12.75 -27.65 30.80
CA ARG A 115 -13.85 -28.45 31.32
C ARG A 115 -14.64 -27.64 32.34
N THR A 116 -15.81 -28.17 32.67
CA THR A 116 -16.67 -27.50 33.64
C THR A 116 -16.01 -27.55 35.02
N PRO A 117 -15.97 -26.43 35.75
CA PRO A 117 -15.43 -26.45 37.12
C PRO A 117 -16.25 -27.36 38.04
N LYS A 118 -15.76 -27.55 39.27
CA LYS A 118 -16.37 -28.52 40.17
C LYS A 118 -17.78 -28.13 40.60
N HIS A 119 -18.16 -26.85 40.43
CA HIS A 119 -19.48 -26.38 40.86
C HIS A 119 -20.27 -25.75 39.73
N VAL A 120 -20.00 -26.14 38.48
CA VAL A 120 -20.70 -25.63 37.31
C VAL A 120 -21.30 -26.80 36.56
N ARG A 121 -22.58 -26.66 36.18
CA ARG A 121 -23.29 -27.76 35.54
C ARG A 121 -22.71 -28.09 34.17
N SER A 122 -22.53 -27.08 33.32
CA SER A 122 -21.99 -27.29 31.98
C SER A 122 -21.50 -25.95 31.44
N LEU A 123 -21.08 -25.96 30.18
CA LEU A 123 -20.57 -24.78 29.51
C LEU A 123 -21.48 -24.43 28.33
N ILE A 124 -21.70 -23.14 28.12
CA ILE A 124 -22.57 -22.69 27.04
C ILE A 124 -21.77 -22.62 25.75
N ASN A 125 -22.38 -23.07 24.65
CA ASN A 125 -21.71 -23.06 23.36
C ASN A 125 -21.39 -21.63 22.96
N PRO A 126 -20.15 -21.34 22.53
CA PRO A 126 -19.81 -19.96 22.12
C PRO A 126 -20.66 -19.45 20.98
N ARG A 127 -21.09 -20.31 20.07
CA ARG A 127 -22.00 -19.88 19.03
C ARG A 127 -23.32 -19.39 19.62
N LEU A 128 -23.84 -20.12 20.61
CA LEU A 128 -25.06 -19.68 21.28
C LEU A 128 -24.84 -18.35 21.99
N ILE A 129 -23.68 -18.16 22.60
CA ILE A 129 -23.37 -16.90 23.27
C ILE A 129 -23.35 -15.75 22.27
N ILE A 130 -22.72 -15.97 21.11
CA ILE A 130 -22.63 -14.91 20.11
C ILE A 130 -24.00 -14.61 19.54
N MET A 131 -24.82 -15.65 19.31
CA MET A 131 -26.16 -15.43 18.79
C MET A 131 -27.02 -14.67 19.79
N LEU A 132 -26.92 -15.00 21.08
CA LEU A 132 -27.69 -14.30 22.09
C LEU A 132 -27.14 -12.91 22.40
N THR A 133 -25.88 -12.64 22.08
CA THR A 133 -25.32 -11.32 22.32
C THR A 133 -25.92 -10.25 21.41
N GLY A 134 -26.36 -10.63 20.21
CA GLY A 134 -26.92 -9.66 19.30
C GLY A 134 -28.20 -9.04 19.82
N TYR A 135 -28.98 -9.81 20.57
CA TYR A 135 -30.29 -9.36 21.05
C TYR A 135 -30.30 -9.07 22.54
N LEU A 136 -29.82 -10.00 23.37
CA LEU A 136 -29.85 -9.82 24.81
C LEU A 136 -28.96 -8.65 25.25
N VAL A 137 -27.77 -8.54 24.68
CA VAL A 137 -26.84 -7.49 25.07
C VAL A 137 -27.26 -6.18 24.42
N THR A 138 -27.47 -5.16 25.23
CA THR A 138 -27.87 -3.83 24.78
C THR A 138 -27.03 -2.80 25.51
N LYS A 139 -26.90 -1.61 24.90
CA LYS A 139 -26.09 -0.55 25.49
C LYS A 139 -26.61 -0.17 26.87
N GLU A 140 -27.93 -0.05 27.02
CA GLU A 140 -28.50 0.39 28.29
C GLU A 140 -28.61 -0.75 29.31
N PHE A 141 -28.54 -2.00 28.88
CA PHE A 141 -28.74 -3.12 29.79
C PHE A 141 -28.27 -4.40 29.13
N ASP A 142 -27.67 -5.29 29.91
CA ASP A 142 -27.19 -6.58 29.44
C ASP A 142 -28.13 -7.67 29.99
N PHE A 143 -29.04 -8.14 29.13
CA PHE A 143 -30.02 -9.13 29.56
C PHE A 143 -29.37 -10.47 29.86
N LEU A 144 -28.45 -10.92 28.99
CA LEU A 144 -27.80 -12.20 29.21
C LEU A 144 -26.96 -12.20 30.49
N ALA A 145 -26.23 -11.10 30.72
CA ALA A 145 -25.44 -11.00 31.94
C ALA A 145 -26.33 -11.02 33.18
N TYR A 146 -27.43 -10.27 33.16
CA TYR A 146 -28.34 -10.28 34.29
C TYR A 146 -28.91 -11.67 34.53
N LEU A 147 -29.28 -12.37 33.46
CA LEU A 147 -29.88 -13.69 33.60
C LEU A 147 -28.89 -14.75 34.06
N THR A 148 -27.60 -14.59 33.75
CA THR A 148 -26.65 -15.68 33.98
C THR A 148 -25.86 -15.52 35.27
N ASP A 149 -25.11 -14.43 35.43
CA ASP A 149 -24.29 -14.27 36.62
C ASP A 149 -24.94 -13.30 37.61
N THR A 150 -24.52 -13.43 38.87
CA THR A 150 -25.12 -12.65 39.96
C THR A 150 -24.43 -11.32 40.20
N SER A 151 -23.12 -11.24 39.97
CA SER A 151 -22.36 -10.02 40.24
C SER A 151 -22.47 -9.02 39.09
N TYR A 152 -23.70 -8.68 38.71
CA TYR A 152 -23.97 -7.69 37.68
C TYR A 152 -24.70 -6.52 38.32
N ARG A 153 -24.16 -5.32 38.15
CA ARG A 153 -24.70 -4.12 38.77
C ARG A 153 -25.43 -3.29 37.72
N TYR A 154 -26.65 -2.87 38.04
CA TYR A 154 -27.47 -2.11 37.12
C TYR A 154 -28.35 -1.14 37.91
N ASP A 155 -28.77 -0.08 37.22
CA ASP A 155 -29.71 0.89 37.77
C ASP A 155 -30.88 1.02 36.81
N VAL A 156 -32.09 0.71 37.29
CA VAL A 156 -33.26 0.75 36.43
C VAL A 156 -33.53 2.18 35.97
N GLU A 157 -33.43 3.15 36.89
CA GLU A 157 -33.68 4.55 36.55
C GLU A 157 -32.62 5.13 35.61
N SER A 158 -31.49 4.45 35.44
CA SER A 158 -30.44 4.93 34.54
C SER A 158 -30.66 4.51 33.10
N ILE A 159 -31.71 3.74 32.81
CA ILE A 159 -31.99 3.31 31.45
C ILE A 159 -32.57 4.50 30.69
N GLY A 160 -31.79 5.04 29.76
CA GLY A 160 -32.20 6.20 28.99
C GLY A 160 -33.15 5.92 27.85
N SER A 161 -33.50 4.67 27.61
CA SER A 161 -34.41 4.28 26.55
C SER A 161 -35.76 3.90 27.15
N LYS A 162 -36.72 3.62 26.27
CA LYS A 162 -38.06 3.22 26.67
C LYS A 162 -38.35 1.76 26.38
N GLU A 163 -38.04 1.29 25.16
CA GLU A 163 -38.24 -0.12 24.83
C GLU A 163 -37.37 -1.01 25.72
N THR A 164 -36.10 -0.62 25.89
CA THR A 164 -35.21 -1.37 26.77
C THR A 164 -35.70 -1.34 28.21
N ARG A 165 -36.19 -0.18 28.67
CA ARG A 165 -36.70 -0.08 30.03
C ARG A 165 -37.91 -1.00 30.23
N ARG A 166 -38.81 -1.05 29.25
CA ARG A 166 -39.95 -1.95 29.34
C ARG A 166 -39.51 -3.41 29.34
N LYS A 167 -38.53 -3.76 28.50
CA LYS A 167 -38.03 -5.14 28.50
C LYS A 167 -37.43 -5.50 29.85
N VAL A 168 -36.65 -4.59 30.44
CA VAL A 168 -36.06 -4.84 31.75
C VAL A 168 -37.15 -5.00 32.81
N ASP A 169 -38.18 -4.15 32.76
CA ASP A 169 -39.26 -4.26 33.73
C ASP A 169 -39.99 -5.60 33.61
N ARG A 170 -40.26 -6.03 32.38
CA ARG A 170 -40.92 -7.33 32.18
C ARG A 170 -40.05 -8.47 32.70
N LEU A 171 -38.74 -8.42 32.42
CA LEU A 171 -37.84 -9.46 32.89
C LEU A 171 -37.79 -9.48 34.42
N LEU A 172 -37.73 -8.31 35.05
CA LEU A 172 -37.73 -8.25 36.51
C LEU A 172 -39.02 -8.80 37.09
N HIS A 173 -40.16 -8.47 36.47
CA HIS A 173 -41.43 -8.98 36.97
C HIS A 173 -41.58 -10.48 36.79
N ARG A 174 -40.98 -11.05 35.74
CA ARG A 174 -41.05 -12.50 35.56
C ARG A 174 -40.32 -13.22 36.69
N GLY A 175 -39.15 -12.73 37.07
CA GLY A 175 -38.45 -13.26 38.23
C GLY A 175 -37.77 -14.60 38.06
N PHE A 176 -36.74 -14.66 37.24
CA PHE A 176 -35.90 -15.85 37.10
C PHE A 176 -34.77 -15.80 38.13
N GLU A 177 -34.27 -16.97 38.49
CA GLU A 177 -33.04 -17.06 39.26
C GLU A 177 -31.85 -16.65 38.40
N ARG A 178 -30.88 -15.98 39.01
CA ARG A 178 -29.74 -15.43 38.29
C ARG A 178 -28.50 -16.32 38.40
N GLY A 179 -28.69 -17.64 38.41
CA GLY A 179 -27.59 -18.57 38.46
C GLY A 179 -27.34 -19.25 37.13
N LEU A 180 -26.07 -19.54 36.86
CA LEU A 180 -25.71 -20.21 35.60
C LEU A 180 -26.30 -21.61 35.54
N ASN A 181 -26.28 -22.34 36.66
CA ASN A 181 -26.87 -23.67 36.68
C ASN A 181 -28.37 -23.61 36.41
N HIS A 182 -29.06 -22.63 36.99
CA HIS A 182 -30.48 -22.45 36.71
C HIS A 182 -30.71 -22.11 35.25
N PHE A 183 -29.87 -21.24 34.68
CA PHE A 183 -30.03 -20.86 33.28
C PHE A 183 -29.84 -22.06 32.35
N ILE A 184 -28.85 -22.90 32.64
CA ILE A 184 -28.59 -24.07 31.80
C ILE A 184 -29.70 -25.10 31.97
N ASP A 185 -30.10 -25.39 33.22
CA ASP A 185 -31.07 -26.45 33.47
C ASP A 185 -32.44 -26.08 32.93
N ASN A 186 -32.89 -24.86 33.20
CA ASN A 186 -34.20 -24.38 32.75
C ASN A 186 -34.08 -23.50 31.51
N PHE A 187 -33.17 -23.86 30.60
CA PHE A 187 -32.95 -23.04 29.41
C PHE A 187 -34.17 -23.00 28.51
N ASN A 188 -34.98 -24.06 28.51
CA ASN A 188 -36.16 -24.10 27.66
C ASN A 188 -37.16 -23.01 28.04
N GLU A 189 -37.52 -22.94 29.32
CA GLU A 189 -38.50 -21.94 29.76
C GLU A 189 -37.96 -20.52 29.62
N ILE A 190 -36.69 -20.32 29.98
CA ILE A 190 -36.09 -18.99 29.86
C ILE A 190 -36.06 -18.56 28.40
N PHE A 191 -35.68 -19.47 27.50
CA PHE A 191 -35.65 -19.16 26.08
C PHE A 191 -37.05 -18.88 25.52
N GLN A 192 -38.05 -19.64 25.96
CA GLN A 192 -39.42 -19.36 25.54
C GLN A 192 -39.87 -17.98 26.01
N PHE A 193 -39.53 -17.62 27.25
CA PHE A 193 -39.86 -16.28 27.73
C PHE A 193 -39.14 -15.20 26.92
N LEU A 194 -37.88 -15.45 26.56
CA LEU A 194 -37.15 -14.51 25.71
C LEU A 194 -37.83 -14.35 24.36
N LEU A 195 -38.35 -15.46 23.81
CA LEU A 195 -39.08 -15.39 22.55
C LEU A 195 -40.36 -14.59 22.70
N ASP A 196 -41.07 -14.76 23.82
CA ASP A 196 -42.48 -14.41 23.88
C ASP A 196 -42.72 -12.91 23.65
N ALA A 197 -42.29 -12.06 24.60
CA ALA A 197 -42.85 -10.71 24.65
C ALA A 197 -42.18 -9.74 23.68
N ASN A 198 -40.95 -9.33 23.99
CA ASN A 198 -40.28 -8.36 23.13
C ASN A 198 -38.77 -8.53 23.05
N ILE A 199 -38.18 -9.53 23.70
CA ILE A 199 -36.77 -9.45 24.05
C ILE A 199 -35.87 -9.54 22.81
N ILE A 200 -36.22 -10.39 21.86
CA ILE A 200 -35.50 -10.49 20.59
C ILE A 200 -36.22 -9.75 19.47
N SER A 201 -37.54 -9.87 19.41
CA SER A 201 -38.45 -9.11 18.55
C SER A 201 -38.30 -9.40 17.07
N ASN A 202 -37.34 -10.23 16.66
CA ASN A 202 -37.18 -10.54 15.25
C ASN A 202 -36.49 -11.89 15.09
N ASN A 203 -36.67 -12.48 13.91
CA ASN A 203 -36.12 -13.81 13.59
C ASN A 203 -36.54 -14.84 14.63
N LYS A 204 -37.78 -14.72 15.10
CA LYS A 204 -38.26 -15.61 16.15
C LYS A 204 -38.42 -17.04 15.65
N SER A 205 -38.96 -17.21 14.44
CA SER A 205 -39.22 -18.55 13.93
C SER A 205 -37.92 -19.32 13.68
N GLU A 206 -36.99 -18.69 12.95
CA GLU A 206 -35.72 -19.36 12.66
C GLU A 206 -34.95 -19.67 13.93
N PHE A 207 -34.87 -18.70 14.86
CA PHE A 207 -34.08 -18.91 16.07
C PHE A 207 -34.72 -19.97 16.96
N ALA A 208 -36.05 -19.96 17.07
CA ALA A 208 -36.74 -20.99 17.85
C ALA A 208 -36.54 -22.37 17.25
N GLN A 209 -36.64 -22.48 15.93
CA GLN A 209 -36.42 -23.77 15.28
C GLN A 209 -34.97 -24.24 15.46
N PHE A 210 -34.02 -23.30 15.38
CA PHE A 210 -32.63 -23.64 15.59
C PHE A 210 -32.38 -24.16 17.00
N VAL A 211 -32.98 -23.51 18.00
CA VAL A 211 -32.83 -23.97 19.38
C VAL A 211 -33.48 -25.33 19.57
N ALA A 212 -34.66 -25.53 18.97
CA ALA A 212 -35.37 -26.79 19.12
C ALA A 212 -34.67 -27.95 18.45
N GLN A 213 -34.00 -27.72 17.32
CA GLN A 213 -33.35 -28.81 16.60
C GLN A 213 -31.96 -29.14 17.17
N ASN A 214 -31.24 -28.15 17.67
CA ASN A 214 -29.86 -28.34 18.13
C ASN A 214 -29.74 -28.00 19.61
N LYS A 215 -30.73 -28.41 20.41
CA LYS A 215 -30.68 -28.12 21.84
C LYS A 215 -29.53 -28.85 22.52
N ASP A 216 -29.29 -30.11 22.15
CA ASP A 216 -28.28 -30.90 22.82
C ASP A 216 -26.86 -30.39 22.55
N LYS A 217 -26.65 -29.76 21.40
CA LYS A 217 -25.32 -29.33 21.00
C LYS A 217 -24.96 -27.94 21.51
N LEU A 218 -25.87 -27.26 22.21
CA LEU A 218 -25.62 -25.90 22.68
C LEU A 218 -25.00 -25.85 24.07
N PHE A 219 -24.87 -26.98 24.76
CA PHE A 219 -24.31 -27.01 26.11
C PHE A 219 -23.28 -28.13 26.21
N PRO A 220 -22.10 -27.94 25.64
CA PRO A 220 -21.06 -28.97 25.73
C PRO A 220 -20.30 -28.90 27.05
N LYS A 221 -19.92 -30.07 27.54
CA LYS A 221 -19.13 -30.14 28.77
C LYS A 221 -17.74 -29.57 28.56
N TYR A 222 -17.11 -29.91 27.44
CA TYR A 222 -15.75 -29.49 27.14
C TYR A 222 -15.75 -28.45 26.02
N LEU A 223 -14.79 -27.54 26.09
CA LEU A 223 -14.68 -26.45 25.14
C LEU A 223 -13.24 -26.32 24.67
N PRO A 224 -13.01 -26.26 23.36
CA PRO A 224 -11.63 -26.24 22.86
C PRO A 224 -11.02 -24.85 22.80
N VAL A 225 -9.79 -24.72 23.28
CA VAL A 225 -9.02 -23.48 23.18
C VAL A 225 -8.18 -23.57 21.91
N PRO A 226 -8.31 -22.62 20.97
CA PRO A 226 -7.80 -22.81 19.60
C PRO A 226 -6.31 -23.00 19.50
N SER A 227 -5.85 -23.29 18.28
CA SER A 227 -4.51 -23.79 18.04
C SER A 227 -3.44 -22.77 18.41
N LYS A 228 -2.22 -23.29 18.56
CA LYS A 228 -1.07 -22.43 18.84
C LYS A 228 -0.79 -21.48 17.69
N LEU A 229 -1.06 -21.91 16.45
CA LEU A 229 -0.85 -21.04 15.30
C LEU A 229 -1.83 -19.88 15.23
N CYS A 230 -2.98 -19.99 15.91
CA CYS A 230 -3.93 -18.89 15.94
C CYS A 230 -3.33 -17.68 16.65
N PHE A 231 -2.52 -17.91 17.66
CA PHE A 231 -2.00 -16.85 18.53
C PHE A 231 -0.49 -16.74 18.32
N VAL A 232 -0.04 -15.54 17.93
CA VAL A 232 1.35 -15.32 17.53
C VAL A 232 1.94 -14.21 18.39
N ALA A 233 3.12 -14.46 18.95
CA ALA A 233 3.88 -13.45 19.68
C ALA A 233 5.28 -13.38 19.08
N GLU A 234 5.66 -12.21 18.59
CA GLU A 234 6.95 -12.03 17.92
C GLU A 234 7.82 -11.12 18.78
N SER A 235 8.79 -11.70 19.47
CA SER A 235 9.70 -10.92 20.30
C SER A 235 10.84 -10.37 19.46
N THR A 236 11.14 -9.10 19.67
CA THR A 236 12.20 -8.41 18.91
C THR A 236 12.64 -7.23 19.76
N THR A 237 13.69 -6.55 19.31
CA THR A 237 14.08 -5.29 19.95
C THR A 237 12.88 -4.35 19.97
N SER A 238 12.68 -3.70 21.12
CA SER A 238 11.51 -2.88 21.44
C SER A 238 10.27 -3.69 21.78
N GLY A 239 10.44 -4.94 22.23
CA GLY A 239 9.38 -5.62 22.97
C GLY A 239 8.92 -6.90 22.30
N THR A 240 7.62 -7.14 22.38
CA THR A 240 7.01 -8.38 21.87
C THR A 240 5.70 -8.01 21.19
N TYR A 241 5.69 -8.05 19.86
CA TYR A 241 4.51 -7.69 19.10
C TYR A 241 3.45 -8.79 19.18
N LEU A 242 2.23 -8.38 19.49
CA LEU A 242 1.05 -9.23 19.54
C LEU A 242 -0.05 -8.66 18.65
N ASP A 243 -1.24 -9.24 18.71
CA ASP A 243 -2.42 -8.69 18.03
C ASP A 243 -3.39 -8.16 19.06
N LYS A 244 -4.43 -7.46 18.60
CA LYS A 244 -5.48 -7.03 19.51
C LYS A 244 -6.47 -8.14 19.84
N PRO A 245 -7.13 -8.79 18.86
CA PRO A 245 -8.19 -9.75 19.22
C PRO A 245 -7.72 -10.88 20.13
N ILE A 246 -6.50 -11.38 19.89
CA ILE A 246 -5.94 -12.45 20.72
C ILE A 246 -6.13 -12.13 22.19
N GLU A 247 -5.97 -10.86 22.57
CA GLU A 247 -6.08 -10.44 23.96
C GLU A 247 -7.33 -11.01 24.61
N ALA A 248 -8.47 -10.81 23.97
CA ALA A 248 -9.73 -11.30 24.54
C ALA A 248 -9.64 -12.78 24.84
N ALA A 249 -9.22 -13.58 23.85
CA ALA A 249 -9.10 -15.02 24.04
C ALA A 249 -8.25 -15.32 25.26
N ILE A 250 -7.10 -14.64 25.36
CA ILE A 250 -6.20 -14.89 26.48
C ILE A 250 -6.94 -14.72 27.78
N ASP A 251 -7.64 -13.59 27.93
CA ASP A 251 -8.37 -13.32 29.16
C ASP A 251 -9.30 -14.47 29.48
N ALA A 252 -10.06 -14.93 28.48
CA ALA A 252 -10.99 -16.01 28.70
C ALA A 252 -10.29 -17.21 29.32
N THR A 253 -9.20 -17.65 28.70
CA THR A 253 -8.48 -18.80 29.25
C THR A 253 -8.00 -18.49 30.65
N LEU A 254 -7.39 -17.32 30.85
CA LEU A 254 -6.89 -16.96 32.16
C LEU A 254 -8.02 -17.00 33.19
N THR A 255 -9.22 -16.59 32.78
CA THR A 255 -10.33 -16.59 33.71
C THR A 255 -10.57 -18.00 34.27
N PHE A 256 -10.59 -18.99 33.38
CA PHE A 256 -10.79 -20.36 33.86
C PHE A 256 -9.64 -20.81 34.75
N ALA A 257 -8.42 -20.35 34.43
CA ALA A 257 -7.30 -20.62 35.33
C ALA A 257 -7.58 -20.05 36.71
N SER A 258 -8.09 -18.82 36.78
CA SER A 258 -8.39 -18.22 38.08
C SER A 258 -9.51 -18.96 38.80
N ILE A 259 -10.25 -19.81 38.09
CA ILE A 259 -11.26 -20.64 38.77
C ILE A 259 -10.58 -21.64 39.69
N ASP A 260 -9.44 -22.20 39.26
CA ASP A 260 -8.73 -23.18 40.07
C ASP A 260 -7.49 -22.62 40.75
N ALA A 261 -7.03 -21.44 40.37
CA ALA A 261 -5.88 -20.81 41.00
C ALA A 261 -6.30 -19.89 42.14
N SER A 262 -7.09 -20.42 43.07
CA SER A 262 -7.60 -19.64 44.19
C SER A 262 -7.11 -20.25 45.49
N SER A 263 -6.55 -19.42 46.36
CA SER A 263 -6.13 -19.89 47.68
C SER A 263 -7.32 -20.37 48.49
N VAL A 264 -8.43 -19.63 48.45
CA VAL A 264 -9.69 -20.03 49.06
C VAL A 264 -10.61 -20.51 47.96
N PRO A 265 -11.11 -21.75 48.01
CA PRO A 265 -12.00 -22.23 46.96
C PRO A 265 -13.25 -21.36 46.85
N LEU A 266 -13.62 -21.06 45.62
CA LEU A 266 -14.74 -20.17 45.38
C LEU A 266 -16.08 -20.86 45.67
N SER A 267 -17.03 -20.07 46.14
CA SER A 267 -18.38 -20.55 46.33
C SER A 267 -19.00 -20.86 44.97
N PRO A 268 -20.01 -21.74 44.93
CA PRO A 268 -20.61 -22.09 43.63
C PRO A 268 -21.11 -20.88 42.86
N ILE A 269 -21.63 -19.86 43.54
CA ILE A 269 -22.06 -18.64 42.86
C ILE A 269 -20.86 -17.94 42.22
N LYS A 270 -19.75 -17.83 42.95
CA LYS A 270 -18.56 -17.21 42.40
C LYS A 270 -18.00 -18.03 41.23
N ALA A 271 -18.02 -19.35 41.35
CA ALA A 271 -17.55 -20.19 40.25
C ALA A 271 -18.41 -20.00 39.01
N GLN A 272 -19.73 -19.92 39.18
CA GLN A 272 -20.61 -19.67 38.05
C GLN A 272 -20.33 -18.30 37.44
N ASN A 273 -20.10 -17.29 38.29
CA ASN A 273 -19.82 -15.95 37.78
C ASN A 273 -18.53 -15.93 36.95
N ARG A 274 -17.48 -16.58 37.46
CA ARG A 274 -16.21 -16.61 36.73
C ARG A 274 -16.34 -17.40 35.43
N THR A 275 -17.08 -18.51 35.47
CA THR A 275 -17.30 -19.28 34.25
C THR A 275 -18.05 -18.47 33.21
N MET A 276 -19.08 -17.73 33.62
CA MET A 276 -19.81 -16.89 32.68
C MET A 276 -18.92 -15.77 32.15
N ARG A 277 -18.06 -15.21 33.00
CA ARG A 277 -17.13 -14.18 32.54
C ARG A 277 -16.19 -14.75 31.46
N GLY A 278 -15.66 -15.94 31.69
CA GLY A 278 -14.81 -16.57 30.69
C GLY A 278 -15.54 -16.88 29.40
N LEU A 279 -16.78 -17.37 29.51
CA LEU A 279 -17.55 -17.68 28.32
C LEU A 279 -17.87 -16.42 27.51
N ARG A 280 -18.20 -15.33 28.20
CA ARG A 280 -18.44 -14.07 27.51
C ARG A 280 -17.18 -13.56 26.84
N LEU A 281 -16.03 -13.73 27.50
CA LEU A 281 -14.77 -13.35 26.87
C LEU A 281 -14.50 -14.16 25.62
N TYR A 282 -14.80 -15.47 25.66
CA TYR A 282 -14.66 -16.29 24.45
C TYR A 282 -15.58 -15.79 23.36
N GLY A 283 -16.84 -15.51 23.68
CA GLY A 283 -17.77 -15.03 22.66
C GLY A 283 -17.32 -13.73 22.03
N GLN A 284 -16.86 -12.79 22.87
CA GLN A 284 -16.35 -11.53 22.34
C GLN A 284 -15.13 -11.76 21.46
N PHE A 285 -14.24 -12.67 21.86
CA PHE A 285 -13.06 -12.95 21.05
C PHE A 285 -13.45 -13.50 19.69
N TYR A 286 -14.34 -14.49 19.66
CA TYR A 286 -14.73 -15.06 18.37
C TYR A 286 -15.43 -14.03 17.50
N GLU A 287 -16.31 -13.21 18.08
CA GLU A 287 -16.99 -12.18 17.30
C GLU A 287 -15.98 -11.20 16.70
N ILE A 288 -15.05 -10.70 17.53
CA ILE A 288 -14.09 -9.72 17.06
C ILE A 288 -13.17 -10.33 16.01
N TYR A 289 -12.75 -11.59 16.21
CA TYR A 289 -11.83 -12.22 15.28
C TYR A 289 -12.51 -12.46 13.94
N ALA A 290 -13.78 -12.88 13.97
CA ALA A 290 -14.51 -13.04 12.72
C ALA A 290 -14.75 -11.71 12.02
N LYS A 291 -14.95 -10.63 12.79
CA LYS A 291 -15.16 -9.32 12.17
C LYS A 291 -13.88 -8.73 11.60
N SER A 292 -12.73 -9.01 12.20
CA SER A 292 -11.49 -8.35 11.84
C SER A 292 -10.56 -9.22 11.00
N ARG A 293 -10.22 -10.41 11.46
CA ARG A 293 -9.20 -11.22 10.80
C ARG A 293 -9.77 -12.09 9.69
N ILE A 294 -11.07 -12.00 9.41
CA ILE A 294 -11.70 -12.69 8.29
C ILE A 294 -12.46 -11.72 7.39
N ALA A 295 -13.33 -10.91 7.98
CA ALA A 295 -14.25 -10.09 7.19
C ALA A 295 -13.56 -8.94 6.48
N GLN A 296 -12.46 -8.43 7.02
CA GLN A 296 -11.85 -7.24 6.45
C GLN A 296 -11.25 -7.54 5.09
N LYS A 297 -10.97 -6.46 4.35
CA LYS A 297 -10.42 -6.60 3.00
C LYS A 297 -9.12 -7.39 2.99
N PRO A 298 -8.13 -7.13 3.86
CA PRO A 298 -7.07 -8.12 4.07
C PRO A 298 -7.47 -9.06 5.20
N GLY A 299 -7.31 -10.35 4.97
CA GLY A 299 -7.69 -11.30 6.00
C GLY A 299 -7.37 -12.74 5.66
N LEU A 300 -8.29 -13.64 6.01
CA LEU A 300 -8.16 -15.05 5.69
C LEU A 300 -9.06 -15.44 4.52
N ALA A 301 -10.37 -15.22 4.66
CA ALA A 301 -11.30 -15.64 3.62
C ALA A 301 -11.05 -14.92 2.31
N ARG A 302 -10.93 -13.59 2.35
CA ARG A 302 -10.81 -12.79 1.15
C ARG A 302 -9.36 -12.60 0.69
N ARG A 303 -8.40 -13.23 1.34
CA ARG A 303 -7.02 -13.06 0.91
C ARG A 303 -6.30 -14.37 0.65
N HIS A 304 -6.56 -15.40 1.43
CA HIS A 304 -5.88 -16.68 1.28
C HIS A 304 -6.78 -17.82 0.85
N MET A 305 -8.05 -17.81 1.28
CA MET A 305 -8.96 -18.90 0.90
C MET A 305 -9.31 -18.88 -0.58
N PHE A 306 -9.15 -17.74 -1.25
CA PHE A 306 -9.45 -17.63 -2.67
C PHE A 306 -8.23 -17.18 -3.46
N GLY A 307 -7.07 -17.77 -3.17
CA GLY A 307 -5.89 -17.55 -3.97
C GLY A 307 -4.89 -16.57 -3.37
N ALA A 308 -3.63 -17.00 -3.23
CA ALA A 308 -2.59 -16.12 -2.70
C ALA A 308 -1.22 -16.71 -3.02
N ARG A 309 -0.39 -15.94 -3.73
CA ARG A 309 1.05 -16.15 -3.79
C ARG A 309 1.41 -17.55 -4.31
N LEU A 310 1.11 -17.75 -5.60
CA LEU A 310 1.41 -19.03 -6.22
C LEU A 310 2.91 -19.30 -6.25
N ASN A 311 3.26 -20.57 -6.30
CA ASN A 311 4.61 -20.99 -6.62
C ASN A 311 4.71 -21.28 -8.11
N ALA A 312 5.96 -21.40 -8.59
CA ALA A 312 6.24 -21.58 -10.02
C ALA A 312 5.62 -20.45 -10.84
N THR A 313 5.85 -19.22 -10.39
CA THR A 313 5.26 -18.04 -11.00
C THR A 313 6.33 -16.98 -11.22
N ALA A 314 6.21 -16.28 -12.34
CA ALA A 314 7.12 -15.22 -12.71
C ALA A 314 6.32 -13.96 -13.04
N ARG A 315 7.01 -12.84 -13.12
CA ARG A 315 6.39 -11.56 -13.47
C ARG A 315 7.42 -10.71 -14.16
N ALA A 316 7.09 -10.20 -15.36
CA ALA A 316 8.10 -9.47 -16.11
C ALA A 316 7.44 -8.50 -17.07
N VAL A 317 8.24 -7.52 -17.53
CA VAL A 317 7.79 -6.58 -18.54
C VAL A 317 7.52 -7.33 -19.84
N ILE A 318 6.43 -6.98 -20.50
CA ILE A 318 6.04 -7.66 -21.74
C ILE A 318 6.66 -6.88 -22.90
N THR A 319 7.73 -7.44 -23.44
CA THR A 319 8.23 -7.08 -24.76
C THR A 319 8.09 -8.31 -25.65
N SER A 320 7.56 -8.09 -26.86
CA SER A 320 7.03 -9.13 -27.71
C SER A 320 7.90 -9.35 -28.95
N ILE A 321 7.42 -10.24 -29.82
CA ILE A 321 8.07 -10.56 -31.09
C ILE A 321 7.19 -10.07 -32.23
N SER A 322 7.73 -9.19 -33.05
CA SER A 322 7.06 -8.74 -34.27
C SER A 322 7.52 -9.56 -35.48
N ASP A 323 7.44 -10.87 -35.37
CA ASP A 323 7.93 -11.79 -36.37
C ASP A 323 6.86 -12.82 -36.69
N PRO A 324 6.92 -13.45 -37.87
CA PRO A 324 6.02 -14.56 -38.16
C PRO A 324 6.08 -15.63 -37.08
N HIS A 325 4.98 -15.82 -36.36
CA HIS A 325 4.99 -16.68 -35.19
C HIS A 325 3.60 -17.32 -35.07
N ASP A 326 3.33 -17.90 -33.92
CA ASP A 326 2.01 -18.44 -33.59
C ASP A 326 1.42 -17.64 -32.43
N TYR A 327 0.09 -17.51 -32.44
CA TYR A 327 -0.56 -16.76 -31.37
C TYR A 327 -0.40 -17.46 -30.02
N ASP A 328 -0.40 -18.78 -30.02
CA ASP A 328 -0.14 -19.55 -28.79
C ASP A 328 1.35 -19.83 -28.65
N GLU A 329 2.14 -18.77 -28.69
CA GLU A 329 3.59 -18.87 -28.58
C GLU A 329 4.10 -17.78 -27.66
N LEU A 330 4.93 -18.16 -26.69
CA LEU A 330 5.48 -17.26 -25.70
C LEU A 330 6.98 -17.49 -25.62
N HIS A 331 7.73 -16.46 -25.30
CA HIS A 331 9.19 -16.55 -25.23
C HIS A 331 9.65 -16.06 -23.86
N ILE A 332 9.82 -16.99 -22.93
CA ILE A 332 10.36 -16.62 -21.61
C ILE A 332 11.86 -16.43 -21.74
N PRO A 333 12.44 -15.42 -21.05
CA PRO A 333 13.86 -15.08 -21.22
C PRO A 333 14.81 -15.98 -20.42
N TRP A 334 16.10 -15.60 -20.41
CA TRP A 334 17.11 -16.47 -19.82
C TRP A 334 16.96 -16.57 -18.30
N GLY A 335 16.90 -15.44 -17.61
CA GLY A 335 16.81 -15.48 -16.16
C GLY A 335 15.49 -16.07 -15.68
N VAL A 336 14.38 -15.65 -16.28
CA VAL A 336 13.09 -16.19 -15.92
C VAL A 336 13.03 -17.68 -16.24
N GLY A 337 13.58 -18.07 -17.39
CA GLY A 337 13.62 -19.48 -17.73
C GLY A 337 14.44 -20.31 -16.76
N CYS A 338 15.57 -19.77 -16.32
CA CYS A 338 16.45 -20.53 -15.43
C CYS A 338 15.84 -20.66 -14.04
N GLN A 339 15.30 -19.57 -13.49
CA GLN A 339 14.75 -19.66 -12.14
C GLN A 339 13.41 -20.39 -12.13
N LEU A 340 12.55 -20.12 -13.13
CA LEU A 340 11.24 -20.77 -13.17
C LEU A 340 11.38 -22.26 -13.47
N LEU A 341 12.19 -22.61 -14.47
CA LEU A 341 12.46 -24.01 -14.78
C LEU A 341 13.69 -24.51 -14.04
N LYS A 342 13.72 -24.27 -12.73
CA LYS A 342 14.86 -24.67 -11.92
C LYS A 342 14.94 -26.18 -11.79
N TYR A 343 13.82 -26.82 -11.45
CA TYR A 343 13.84 -28.26 -11.20
C TYR A 343 13.78 -29.06 -12.49
N HIS A 344 13.20 -28.50 -13.56
CA HIS A 344 13.32 -29.14 -14.87
C HIS A 344 14.77 -29.21 -15.31
N LEU A 345 15.50 -28.10 -15.16
CA LEU A 345 16.92 -28.09 -15.50
C LEU A 345 17.70 -29.04 -14.59
N THR A 346 17.35 -29.07 -13.29
CA THR A 346 18.02 -30.00 -12.39
C THR A 346 17.80 -31.44 -12.83
N ASN A 347 16.57 -31.79 -13.21
CA ASN A 347 16.27 -33.14 -13.68
C ASN A 347 17.07 -33.46 -14.94
N LYS A 348 17.11 -32.53 -15.89
CA LYS A 348 17.87 -32.78 -17.12
C LYS A 348 19.36 -32.96 -16.84
N LEU A 349 19.93 -32.10 -15.99
CA LEU A 349 21.35 -32.22 -15.66
C LEU A 349 21.64 -33.57 -15.00
N LYS A 350 20.80 -33.96 -14.04
CA LYS A 350 21.01 -35.23 -13.35
C LYS A 350 20.86 -36.41 -14.31
N ALA A 351 19.89 -36.33 -15.22
CA ALA A 351 19.63 -37.45 -16.12
C ALA A 351 20.75 -37.61 -17.14
N LYS A 352 21.17 -36.51 -17.77
CA LYS A 352 22.23 -36.61 -18.77
C LYS A 352 23.59 -36.77 -18.11
N PHE A 353 24.05 -35.76 -17.39
CA PHE A 353 25.40 -35.72 -16.87
C PHE A 353 25.42 -36.32 -15.47
N ASN A 354 26.54 -36.96 -15.13
CA ASN A 354 26.74 -37.45 -13.78
C ASN A 354 27.01 -36.24 -12.89
N MET A 355 25.92 -35.58 -12.49
CA MET A 355 25.98 -34.43 -11.60
C MET A 355 25.10 -34.70 -10.39
N THR A 356 25.63 -34.39 -9.21
CA THR A 356 24.81 -34.44 -8.01
C THR A 356 23.81 -33.29 -8.03
N THR A 357 22.76 -33.42 -7.22
CA THR A 357 21.74 -32.39 -7.18
C THR A 357 22.29 -31.06 -6.66
N ARG A 358 23.24 -31.11 -5.72
CA ARG A 358 23.89 -29.89 -5.26
C ARG A 358 24.65 -29.23 -6.41
N GLU A 359 25.39 -30.02 -7.19
CA GLU A 359 26.08 -29.46 -8.35
C GLU A 359 25.09 -28.93 -9.37
N ALA A 360 23.94 -29.58 -9.50
CA ALA A 360 22.92 -29.09 -10.42
C ALA A 360 22.41 -27.72 -10.01
N PHE A 361 22.06 -27.54 -8.73
CA PHE A 361 21.63 -26.23 -8.27
C PHE A 361 22.73 -25.20 -8.41
N SER A 362 23.96 -25.58 -8.08
CA SER A 362 25.07 -24.63 -8.20
C SER A 362 25.23 -24.17 -9.64
N PHE A 363 25.18 -25.11 -10.59
CA PHE A 363 25.31 -24.77 -12.00
C PHE A 363 24.18 -23.86 -12.45
N VAL A 364 22.94 -24.21 -12.09
CA VAL A 364 21.78 -23.44 -12.53
C VAL A 364 21.84 -22.02 -11.98
N TYR A 365 22.05 -21.87 -10.67
CA TYR A 365 22.12 -20.54 -10.09
C TYR A 365 23.31 -19.75 -10.59
N GLU A 366 24.46 -20.39 -10.78
CA GLU A 366 25.63 -19.71 -11.30
C GLU A 366 25.39 -19.18 -12.71
N ASN A 367 24.61 -19.89 -13.52
CA ASN A 367 24.39 -19.52 -14.90
C ASN A 367 23.01 -18.90 -15.14
N VAL A 368 22.51 -18.14 -14.17
CA VAL A 368 21.30 -17.35 -14.36
C VAL A 368 21.63 -15.99 -14.98
N LEU A 369 22.67 -15.34 -14.47
CA LEU A 369 23.11 -14.05 -14.98
C LEU A 369 24.14 -14.19 -16.10
N GLN A 370 24.44 -15.41 -16.53
CA GLN A 370 25.41 -15.66 -17.59
C GLN A 370 24.84 -16.68 -18.55
N TYR A 371 25.33 -16.65 -19.78
CA TYR A 371 24.84 -17.54 -20.82
C TYR A 371 25.79 -18.72 -21.03
N ASN A 372 25.22 -19.87 -21.41
CA ASN A 372 26.00 -21.03 -21.81
C ASN A 372 25.19 -21.85 -22.79
N GLN A 373 25.87 -22.75 -23.50
CA GLN A 373 25.18 -23.58 -24.48
C GLN A 373 24.39 -24.71 -23.82
N ILE A 374 24.89 -25.22 -22.68
CA ILE A 374 24.29 -26.41 -22.09
C ILE A 374 22.86 -26.15 -21.63
N ILE A 375 22.65 -25.07 -20.88
CA ILE A 375 21.32 -24.80 -20.35
C ILE A 375 20.36 -24.40 -21.46
N ALA A 376 20.86 -23.71 -22.49
CA ALA A 376 20.02 -23.41 -23.65
C ALA A 376 19.57 -24.69 -24.34
N ASP A 377 20.49 -25.64 -24.51
CA ASP A 377 20.13 -26.94 -25.08
C ASP A 377 19.10 -27.64 -24.21
N LEU A 378 19.25 -27.54 -22.88
CA LEU A 378 18.28 -28.16 -21.99
C LEU A 378 16.90 -27.53 -22.14
N PHE A 379 16.84 -26.20 -22.26
CA PHE A 379 15.54 -25.56 -22.51
C PHE A 379 14.93 -26.05 -23.82
N LYS A 380 15.75 -26.11 -24.88
CA LYS A 380 15.24 -26.57 -26.16
C LYS A 380 14.70 -27.99 -26.06
N GLU A 381 15.40 -28.85 -25.34
CA GLU A 381 14.99 -30.25 -25.24
C GLU A 381 13.76 -30.40 -24.34
N LEU A 382 13.64 -29.58 -23.30
CA LEU A 382 12.41 -29.58 -22.52
C LEU A 382 11.21 -29.20 -23.38
N ILE A 383 11.35 -28.12 -24.15
CA ILE A 383 10.25 -27.65 -24.97
C ILE A 383 9.93 -28.66 -26.06
N ALA A 384 10.95 -29.34 -26.59
CA ALA A 384 10.71 -30.41 -27.56
C ALA A 384 10.02 -31.61 -26.93
N GLU A 385 10.39 -31.98 -25.70
CA GLU A 385 9.78 -33.12 -25.04
C GLU A 385 8.37 -32.82 -24.57
N ALA A 386 7.98 -31.54 -24.51
CA ALA A 386 6.57 -31.19 -24.40
C ALA A 386 5.96 -31.47 -25.77
N ALA A 387 5.66 -32.77 -26.00
CA ALA A 387 5.44 -33.22 -27.38
C ALA A 387 4.13 -32.73 -27.98
N PRO A 388 2.95 -33.05 -27.42
CA PRO A 388 1.72 -32.66 -28.11
C PRO A 388 1.31 -31.24 -27.80
N TYR A 389 2.28 -30.32 -27.78
CA TYR A 389 2.04 -28.92 -27.52
C TYR A 389 3.15 -28.11 -28.17
N LYS A 390 2.88 -26.83 -28.40
CA LYS A 390 3.89 -25.95 -29.00
C LYS A 390 5.07 -25.75 -28.05
N GLY A 391 4.85 -25.88 -26.75
CA GLY A 391 5.89 -25.71 -25.76
C GLY A 391 5.41 -26.12 -24.39
N MET A 392 5.85 -25.42 -23.35
CA MET A 392 5.38 -25.71 -22.00
C MET A 392 4.16 -24.86 -21.69
N GLY A 393 3.04 -25.51 -21.37
CA GLY A 393 1.81 -24.78 -21.14
C GLY A 393 1.95 -23.84 -19.95
N CYS A 394 1.30 -22.68 -20.05
CA CYS A 394 1.36 -21.69 -18.99
C CYS A 394 0.18 -20.74 -19.14
N THR A 395 -0.09 -20.00 -18.06
CA THR A 395 -1.14 -19.00 -18.04
C THR A 395 -0.50 -17.63 -17.93
N PHE A 396 -1.10 -16.63 -18.56
CA PHE A 396 -0.56 -15.29 -18.61
C PHE A 396 -1.66 -14.33 -18.17
N HIS A 397 -1.34 -13.49 -17.18
CA HIS A 397 -2.30 -12.61 -16.52
C HIS A 397 -1.90 -11.15 -16.67
N ARG A 398 -2.91 -10.32 -16.97
CA ARG A 398 -2.77 -8.88 -17.01
C ARG A 398 -3.71 -8.29 -15.96
N ASN A 399 -3.21 -7.35 -15.16
CA ASN A 399 -4.09 -6.79 -14.14
C ASN A 399 -4.52 -5.38 -14.51
N PRO A 400 -5.75 -4.98 -14.18
CA PRO A 400 -6.76 -5.76 -13.45
C PRO A 400 -7.49 -6.77 -14.33
N THR A 401 -7.93 -7.89 -13.75
CA THR A 401 -8.59 -8.94 -14.50
C THR A 401 -10.05 -8.54 -14.72
N LEU A 402 -10.32 -7.97 -15.89
CA LEU A 402 -11.66 -7.52 -16.26
C LEU A 402 -12.38 -8.50 -17.18
N GLN A 403 -11.70 -9.00 -18.20
CA GLN A 403 -12.34 -9.75 -19.27
C GLN A 403 -11.82 -11.18 -19.32
N ARG A 404 -12.38 -11.95 -20.26
CA ARG A 404 -11.92 -13.31 -20.48
C ARG A 404 -10.48 -13.32 -20.97
N GLY A 405 -10.11 -12.34 -21.79
CA GLY A 405 -8.77 -12.25 -22.34
C GLY A 405 -7.72 -11.69 -21.41
N SER A 406 -8.10 -11.21 -20.23
CA SER A 406 -7.09 -10.77 -19.26
C SER A 406 -6.22 -11.93 -18.82
N THR A 407 -6.82 -13.11 -18.67
CA THR A 407 -6.10 -14.34 -18.38
C THR A 407 -6.17 -15.22 -19.63
N GLN A 408 -5.02 -15.64 -20.15
CA GLN A 408 -5.02 -16.46 -21.35
C GLN A 408 -3.89 -17.47 -21.32
N GLN A 409 -4.13 -18.64 -21.90
CA GLN A 409 -3.11 -19.66 -21.96
C GLN A 409 -2.13 -19.38 -23.10
N PHE A 410 -0.86 -19.64 -22.85
CA PHE A 410 0.17 -19.61 -23.87
C PHE A 410 1.06 -20.84 -23.70
N PHE A 411 1.96 -21.03 -24.67
CA PHE A 411 2.92 -22.13 -24.62
C PHE A 411 4.31 -21.55 -24.76
N ILE A 412 5.15 -21.80 -23.75
CA ILE A 412 6.55 -21.38 -23.80
C ILE A 412 7.26 -22.14 -24.91
N THR A 413 8.03 -21.41 -25.72
CA THR A 413 8.71 -21.93 -26.89
C THR A 413 10.20 -21.71 -26.87
N LYS A 414 10.69 -20.56 -26.36
CA LYS A 414 12.13 -20.37 -26.25
C LYS A 414 12.47 -19.23 -25.30
N VAL A 415 13.17 -19.56 -24.21
CA VAL A 415 14.15 -18.73 -23.54
C VAL A 415 15.00 -17.98 -24.53
N LYS A 416 15.22 -16.69 -24.28
CA LYS A 416 16.01 -15.84 -25.15
C LYS A 416 17.49 -15.96 -24.78
N ASP A 417 18.34 -16.03 -25.80
CA ASP A 417 19.78 -16.15 -25.55
C ASP A 417 20.40 -14.87 -25.03
N ASP A 418 19.74 -13.72 -25.19
CA ASP A 418 20.26 -12.45 -24.71
C ASP A 418 19.96 -12.31 -23.23
N ILE A 419 21.00 -12.20 -22.41
CA ILE A 419 20.82 -12.03 -20.98
C ILE A 419 20.20 -10.68 -20.65
N ASN A 420 20.42 -9.68 -21.50
CA ASN A 420 19.91 -8.33 -21.25
C ASN A 420 18.42 -8.20 -21.56
N ASP A 421 17.80 -9.22 -22.16
CA ASP A 421 16.39 -9.20 -22.51
C ASP A 421 15.59 -9.83 -21.37
N ASN A 422 15.10 -8.98 -20.47
CA ASN A 422 14.14 -9.41 -19.46
C ASN A 422 12.73 -9.11 -19.96
N SER A 423 12.37 -9.83 -21.03
CA SER A 423 11.20 -9.50 -21.84
C SER A 423 10.39 -10.76 -22.08
N ILE A 424 9.15 -10.58 -22.54
CA ILE A 424 8.25 -11.72 -22.65
C ILE A 424 7.46 -11.60 -23.95
N SER A 425 7.84 -12.40 -24.94
CA SER A 425 7.29 -12.24 -26.27
C SER A 425 5.92 -12.87 -26.43
N MET A 426 4.91 -12.25 -25.82
CA MET A 426 3.54 -12.67 -26.08
C MET A 426 3.13 -12.23 -27.48
N SER A 427 2.17 -12.96 -28.05
CA SER A 427 1.79 -12.72 -29.43
C SER A 427 1.16 -11.36 -29.61
N VAL A 428 1.30 -10.80 -30.82
CA VAL A 428 0.72 -9.51 -31.14
C VAL A 428 -0.81 -9.61 -31.15
N LEU A 429 -1.34 -10.71 -31.67
CA LEU A 429 -2.80 -10.84 -31.79
C LEU A 429 -3.48 -10.83 -30.43
N CYS A 430 -2.89 -11.50 -29.45
CA CYS A 430 -3.48 -11.63 -28.13
C CYS A 430 -3.30 -10.39 -27.25
N LEU A 431 -2.83 -9.28 -27.83
CA LEU A 431 -2.61 -8.07 -27.03
C LEU A 431 -3.92 -7.39 -26.67
N LYS A 432 -4.86 -7.31 -27.62
CA LYS A 432 -6.08 -6.54 -27.40
C LYS A 432 -7.06 -7.22 -26.47
N ALA A 433 -6.93 -8.53 -26.24
CA ALA A 433 -7.82 -9.19 -25.29
C ALA A 433 -7.70 -8.61 -23.89
N PRO A 434 -6.49 -8.40 -23.33
CA PRO A 434 -6.38 -7.47 -22.20
C PRO A 434 -6.09 -6.07 -22.68
N ASN A 435 -5.88 -5.13 -21.77
CA ASN A 435 -5.43 -3.79 -22.15
C ASN A 435 -3.91 -3.69 -22.10
N ALA A 436 -3.24 -4.63 -22.78
CA ALA A 436 -1.79 -4.74 -22.73
C ALA A 436 -1.17 -3.88 -23.83
N ASP A 437 -0.39 -2.89 -23.42
CA ASP A 437 0.39 -2.06 -24.34
C ASP A 437 1.83 -2.01 -23.85
N PHE A 438 2.77 -1.91 -24.79
CA PHE A 438 4.17 -2.01 -24.43
C PHE A 438 4.70 -0.69 -23.90
N ASP A 439 4.02 -0.11 -22.91
CA ASP A 439 4.42 1.16 -22.32
C ASP A 439 5.17 0.97 -21.00
N GLY A 440 5.60 -0.23 -20.70
CA GLY A 440 6.33 -0.49 -19.47
C GLY A 440 5.51 -1.17 -18.41
N ASP A 441 4.69 -2.14 -18.83
CA ASP A 441 3.80 -2.86 -17.93
C ASP A 441 4.31 -4.28 -17.70
N GLN A 442 4.28 -4.70 -16.44
CA GLN A 442 4.70 -6.04 -16.06
C GLN A 442 3.47 -6.94 -15.94
N LEU A 443 3.53 -8.10 -16.57
CA LEU A 443 2.45 -9.07 -16.51
C LEU A 443 2.95 -10.35 -15.84
N ASN A 444 1.99 -11.15 -15.39
CA ASN A 444 2.26 -12.33 -14.58
C ASN A 444 2.18 -13.59 -15.43
N LEU A 445 2.94 -14.60 -15.03
CA LEU A 445 3.04 -15.86 -15.76
C LEU A 445 3.08 -17.01 -14.77
N THR A 446 2.15 -17.95 -14.92
CA THR A 446 2.09 -19.12 -14.06
C THR A 446 2.40 -20.35 -14.89
N LEU A 447 3.38 -21.13 -14.47
CA LEU A 447 3.76 -22.35 -15.16
C LEU A 447 2.83 -23.49 -14.74
N MET A 448 2.19 -24.11 -15.72
CA MET A 448 1.33 -25.25 -15.43
C MET A 448 2.18 -26.48 -15.17
N PRO A 449 2.08 -27.10 -14.00
CA PRO A 449 2.93 -28.26 -13.67
C PRO A 449 2.36 -29.61 -14.08
N ASP A 450 1.33 -29.65 -14.93
CA ASP A 450 0.65 -30.90 -15.22
C ASP A 450 0.03 -30.82 -16.60
N VAL A 451 -0.22 -31.99 -17.19
CA VAL A 451 -0.98 -32.08 -18.42
C VAL A 451 -2.48 -31.90 -18.17
N TYR A 452 -2.96 -32.40 -17.03
CA TYR A 452 -4.35 -32.18 -16.67
C TYR A 452 -4.66 -30.69 -16.50
N LEU A 453 -3.75 -29.96 -15.85
CA LEU A 453 -3.95 -28.52 -15.71
C LEU A 453 -3.86 -27.80 -17.05
N THR A 454 -3.01 -28.28 -17.96
CA THR A 454 -2.96 -27.71 -19.30
C THR A 454 -4.27 -27.93 -20.05
N LYS A 455 -4.82 -29.14 -19.96
CA LYS A 455 -6.10 -29.42 -20.61
C LYS A 455 -7.21 -28.57 -19.99
N ALA A 456 -7.19 -28.39 -18.67
CA ALA A 456 -8.18 -27.53 -18.02
C ALA A 456 -8.05 -26.09 -18.50
N THR A 457 -6.81 -25.59 -18.58
CA THR A 457 -6.58 -24.22 -19.02
C THR A 457 -6.91 -24.02 -20.49
N GLU A 458 -6.95 -25.11 -21.27
CA GLU A 458 -7.33 -24.99 -22.68
C GLU A 458 -8.66 -24.26 -22.85
N ARG A 459 -9.48 -24.21 -21.80
CA ARG A 459 -10.71 -23.42 -21.84
C ARG A 459 -10.47 -21.93 -21.64
N ILE A 460 -9.26 -21.55 -21.23
CA ILE A 460 -8.89 -20.14 -21.10
C ILE A 460 -7.97 -19.72 -22.24
N ALA A 461 -7.80 -20.59 -23.23
CA ALA A 461 -6.93 -20.30 -24.36
C ALA A 461 -7.52 -19.16 -25.17
N PRO A 462 -6.73 -18.43 -25.96
CA PRO A 462 -7.23 -17.23 -26.63
C PRO A 462 -8.40 -17.49 -27.58
N HIS A 463 -8.43 -18.67 -28.22
CA HIS A 463 -9.51 -18.95 -29.15
C HIS A 463 -10.88 -18.95 -28.49
N THR A 464 -10.95 -18.77 -27.17
CA THR A 464 -12.23 -18.68 -26.50
C THR A 464 -12.83 -17.28 -26.56
N TRP A 465 -12.04 -16.24 -26.76
CA TRP A 465 -12.56 -14.88 -26.82
C TRP A 465 -12.71 -14.36 -28.25
N VAL A 466 -12.60 -15.22 -29.26
CA VAL A 466 -12.80 -14.78 -30.63
C VAL A 466 -14.24 -14.30 -30.84
N LEU A 467 -15.20 -15.15 -30.50
CA LEU A 467 -16.60 -14.81 -30.69
C LEU A 467 -17.03 -13.84 -29.61
N SER A 468 -17.61 -12.72 -30.04
CA SER A 468 -17.99 -11.67 -29.10
C SER A 468 -19.05 -12.17 -28.13
N ILE A 469 -18.85 -11.88 -26.85
CA ILE A 469 -19.81 -12.28 -25.81
C ILE A 469 -21.00 -11.36 -25.74
N ASP A 470 -21.03 -10.28 -26.53
CA ASP A 470 -22.12 -9.33 -26.52
C ASP A 470 -22.79 -9.17 -27.88
N GLU A 471 -22.40 -9.96 -28.88
CA GLU A 471 -23.03 -9.94 -30.18
C GLU A 471 -23.29 -11.38 -30.64
N PRO A 472 -24.46 -11.64 -31.23
CA PRO A 472 -24.82 -13.03 -31.56
C PRO A 472 -23.90 -13.70 -32.56
N HIS A 473 -23.73 -13.10 -33.73
CA HIS A 473 -22.83 -13.64 -34.76
C HIS A 473 -21.89 -12.53 -35.19
N GLU A 474 -20.84 -12.31 -34.41
CA GLU A 474 -19.78 -11.36 -34.69
C GLU A 474 -18.54 -11.79 -33.92
N ILE A 475 -17.38 -11.67 -34.57
CA ILE A 475 -16.11 -11.87 -33.89
C ILE A 475 -15.81 -10.64 -33.04
N SER A 476 -15.32 -10.86 -31.83
CA SER A 476 -15.07 -9.75 -30.91
C SER A 476 -14.04 -8.80 -31.48
N GLY A 477 -14.19 -7.52 -31.14
CA GLY A 477 -13.28 -6.49 -31.61
C GLY A 477 -11.86 -6.64 -31.12
N ASN A 478 -11.63 -7.53 -30.16
CA ASN A 478 -10.28 -7.78 -29.65
C ASN A 478 -9.39 -8.47 -30.66
N LEU A 479 -9.94 -9.02 -31.74
CA LEU A 479 -9.15 -9.70 -32.76
C LEU A 479 -8.71 -8.76 -33.88
N GLU A 480 -9.14 -7.50 -33.84
CA GLU A 480 -8.76 -6.55 -34.88
C GLU A 480 -7.24 -6.37 -34.92
N LEU A 481 -6.71 -6.20 -36.12
CA LEU A 481 -5.27 -6.03 -36.30
C LEU A 481 -4.80 -4.71 -35.70
N GLN A 482 -3.53 -4.68 -35.31
CA GLN A 482 -2.96 -3.52 -34.65
C GLN A 482 -2.78 -2.37 -35.65
N GLY A 483 -2.30 -1.24 -35.15
CA GLY A 483 -2.13 -0.04 -35.94
C GLY A 483 -1.19 -0.18 -37.12
N PRO A 484 0.07 -0.50 -36.86
CA PRO A 484 1.05 -0.57 -37.97
C PRO A 484 0.66 -1.53 -39.08
N VAL A 485 0.14 -2.71 -38.72
CA VAL A 485 -0.23 -3.69 -39.74
C VAL A 485 -1.38 -3.18 -40.58
N VAL A 486 -2.38 -2.56 -39.94
CA VAL A 486 -3.51 -2.01 -40.68
C VAL A 486 -3.05 -0.89 -41.61
N GLU A 487 -2.15 -0.03 -41.14
CA GLU A 487 -1.67 1.05 -41.99
C GLU A 487 -0.87 0.51 -43.17
N THR A 488 -0.08 -0.54 -42.94
CA THR A 488 0.65 -1.17 -44.04
C THR A 488 -0.33 -1.74 -45.08
N ILE A 489 -1.37 -2.43 -44.59
CA ILE A 489 -2.36 -3.00 -45.50
C ILE A 489 -3.08 -1.90 -46.28
N ILE A 490 -3.35 -0.77 -45.62
CA ILE A 490 -4.00 0.35 -46.31
C ILE A 490 -3.08 0.90 -47.39
N ASN A 491 -1.82 1.18 -47.04
CA ASN A 491 -0.89 1.76 -48.01
C ASN A 491 -0.62 0.81 -49.16
N TRP A 492 -0.83 -0.49 -48.96
CA TRP A 492 -0.64 -1.44 -50.04
C TRP A 492 -1.89 -1.57 -50.91
N ALA A 493 -3.02 -1.92 -50.30
CA ALA A 493 -4.24 -2.18 -51.07
C ALA A 493 -4.82 -0.91 -51.68
N HIS A 494 -4.97 0.14 -50.87
CA HIS A 494 -5.60 1.38 -51.32
C HIS A 494 -4.56 2.31 -51.94
N GLU A 495 -4.06 1.89 -53.09
CA GLU A 495 -3.11 2.67 -53.89
C GLU A 495 -3.59 2.70 -55.33
N LYS A 496 -3.32 3.80 -56.02
CA LYS A 496 -3.67 3.93 -57.44
C LYS A 496 -2.48 3.46 -58.29
N TYR A 497 -2.29 2.15 -58.29
CA TYR A 497 -1.26 1.49 -59.10
C TYR A 497 -1.81 0.97 -60.42
N LEU A 498 -3.10 1.15 -60.69
CA LEU A 498 -3.71 0.74 -61.94
C LEU A 498 -4.70 1.80 -62.38
N PRO A 499 -4.93 1.92 -63.69
CA PRO A 499 -5.96 2.86 -64.19
C PRO A 499 -7.34 2.38 -63.81
N PRO A 500 -8.35 3.26 -63.85
CA PRO A 500 -9.73 2.83 -63.57
C PRO A 500 -10.18 1.74 -64.53
N LEU A 501 -11.31 1.12 -64.19
CA LEU A 501 -11.77 -0.06 -64.92
C LEU A 501 -12.05 0.26 -66.38
N GLU A 502 -12.67 1.41 -66.65
CA GLU A 502 -12.95 1.79 -68.03
C GLU A 502 -11.65 1.98 -68.82
N GLU A 503 -10.68 2.68 -68.25
CA GLU A 503 -9.41 2.88 -68.94
C GLU A 503 -8.63 1.57 -69.04
N TRP A 504 -8.74 0.72 -68.02
CA TRP A 504 -8.06 -0.57 -68.07
C TRP A 504 -8.61 -1.45 -69.19
N LEU A 505 -9.93 -1.47 -69.35
CA LEU A 505 -10.53 -2.20 -70.47
C LEU A 505 -10.16 -1.56 -71.80
N LYS A 506 -10.19 -0.24 -71.88
CA LYS A 506 -9.89 0.46 -73.12
C LYS A 506 -8.40 0.76 -73.24
N SER B 2 -5.06 36.47 -37.53
CA SER B 2 -5.84 36.17 -36.34
C SER B 2 -4.94 35.98 -35.13
N GLN B 3 -3.82 36.69 -35.11
CA GLN B 3 -2.83 36.59 -34.05
C GLN B 3 -2.40 35.14 -33.85
N LEU B 4 -2.18 34.44 -34.96
CA LEU B 4 -1.76 33.05 -34.90
C LEU B 4 -0.29 32.92 -34.52
N GLY B 5 0.54 33.87 -34.94
CA GLY B 5 1.95 33.86 -34.61
C GLY B 5 2.31 34.57 -33.33
N ARG B 6 1.33 35.00 -32.54
CA ARG B 6 1.58 35.71 -31.29
C ARG B 6 1.33 34.79 -30.11
N ARG B 7 2.27 34.76 -29.18
CA ARG B 7 2.18 33.95 -27.97
C ARG B 7 2.23 34.87 -26.76
N GLU B 8 1.12 34.97 -26.04
CA GLU B 8 1.05 35.78 -24.82
C GLU B 8 1.46 34.96 -23.60
N ILE B 9 2.66 34.38 -23.68
CA ILE B 9 3.18 33.51 -22.63
C ILE B 9 4.65 33.85 -22.40
N ASP B 10 5.14 33.46 -21.23
CA ASP B 10 6.55 33.58 -20.88
C ASP B 10 7.08 32.23 -20.42
N LEU B 11 8.41 32.13 -20.37
CA LEU B 11 9.03 30.96 -19.77
C LEU B 11 8.78 30.89 -18.27
N THR B 12 8.39 32.01 -17.66
CA THR B 12 8.18 32.12 -16.23
C THR B 12 6.91 31.42 -15.76
N LEU B 13 5.85 31.41 -16.56
CA LEU B 13 4.57 30.86 -16.12
C LEU B 13 4.51 29.36 -16.20
N LEU B 14 5.57 28.71 -16.66
CA LEU B 14 5.58 27.25 -16.75
C LEU B 14 7.04 26.78 -16.70
N GLY B 15 7.43 26.20 -15.56
CA GLY B 15 8.82 25.82 -15.35
C GLY B 15 9.30 24.61 -16.12
N HIS B 16 8.83 23.41 -15.74
CA HIS B 16 9.33 22.20 -16.38
C HIS B 16 8.79 22.06 -17.79
N THR B 17 7.56 22.53 -18.01
CA THR B 17 7.02 22.60 -19.36
C THR B 17 7.86 23.53 -20.23
N GLY B 18 8.64 24.42 -19.62
CA GLY B 18 9.56 25.25 -20.35
C GLY B 18 10.83 24.57 -20.81
N LEU B 19 11.04 23.31 -20.41
CA LEU B 19 12.21 22.57 -20.90
C LEU B 19 12.13 22.28 -22.39
N ASP B 20 10.94 22.33 -22.99
CA ASP B 20 10.81 22.12 -24.41
C ASP B 20 9.95 23.21 -25.03
N PRO B 21 10.24 23.58 -26.28
CA PRO B 21 9.30 24.38 -27.05
C PRO B 21 8.23 23.47 -27.65
N TRP B 22 7.30 24.09 -28.38
CA TRP B 22 6.15 23.41 -28.97
C TRP B 22 5.32 22.72 -27.89
N TYR B 23 5.21 23.36 -26.73
CA TYR B 23 4.45 22.77 -25.63
C TYR B 23 2.95 22.85 -25.89
N GLY B 24 2.50 23.90 -26.57
CA GLY B 24 1.09 24.08 -26.85
C GLY B 24 0.55 23.25 -27.99
N THR B 25 1.40 22.52 -28.68
CA THR B 25 0.99 21.61 -29.74
C THR B 25 0.79 20.18 -29.26
N THR B 26 0.94 19.93 -27.96
CA THR B 26 0.71 18.63 -27.38
C THR B 26 -0.43 18.71 -26.37
N SER B 27 -1.16 17.61 -26.22
CA SER B 27 -2.25 17.57 -25.26
C SER B 27 -1.71 17.60 -23.84
N SER B 28 -2.56 18.04 -22.90
CA SER B 28 -2.10 18.28 -21.54
C SER B 28 -1.69 16.97 -20.85
N ALA B 29 -2.39 15.87 -21.13
CA ALA B 29 -1.98 14.59 -20.57
C ALA B 29 -0.57 14.22 -21.03
N ARG B 30 -0.28 14.45 -22.31
CA ARG B 30 1.07 14.19 -22.81
C ARG B 30 2.10 15.09 -22.14
N GLY B 31 1.76 16.35 -21.90
CA GLY B 31 2.69 17.24 -21.23
C GLY B 31 2.96 16.84 -19.78
N ALA B 32 1.91 16.46 -19.06
CA ALA B 32 2.10 15.98 -17.69
C ALA B 32 2.94 14.72 -17.66
N MET B 33 2.68 13.79 -18.58
CA MET B 33 3.50 12.59 -18.68
C MET B 33 4.94 12.96 -19.01
N PHE B 34 5.14 13.96 -19.87
CA PHE B 34 6.47 14.41 -20.23
C PHE B 34 7.23 14.92 -19.02
N VAL B 35 6.58 15.74 -18.19
CA VAL B 35 7.24 16.26 -17.00
C VAL B 35 7.53 15.12 -16.02
N THR B 36 6.60 14.18 -15.88
CA THR B 36 6.84 13.03 -15.01
C THR B 36 8.04 12.22 -15.49
N HIS B 37 8.15 12.01 -16.80
CA HIS B 37 9.29 11.26 -17.34
C HIS B 37 10.59 12.04 -17.15
N ILE B 38 10.53 13.37 -17.20
CA ILE B 38 11.69 14.17 -16.81
C ILE B 38 12.08 13.85 -15.39
N GLY B 39 11.10 13.78 -14.49
CA GLY B 39 11.38 13.45 -13.11
C GLY B 39 11.95 12.05 -12.92
N GLN B 40 11.57 11.12 -13.78
CA GLN B 40 11.89 9.70 -13.61
C GLN B 40 13.06 9.23 -14.46
N ALA B 41 13.78 10.15 -15.10
CA ALA B 41 14.83 9.78 -16.05
C ALA B 41 16.16 9.60 -15.35
N PRO B 42 16.86 8.49 -15.54
CA PRO B 42 18.24 8.38 -15.06
C PRO B 42 19.18 9.14 -16.01
N GLU B 43 20.46 9.17 -15.64
CA GLU B 43 21.46 9.88 -16.41
C GLU B 43 22.23 8.91 -17.29
N VAL B 44 22.33 9.26 -18.57
CA VAL B 44 22.99 8.44 -19.57
C VAL B 44 24.47 8.80 -19.63
N ASN B 45 25.31 7.79 -19.94
CA ASN B 45 26.74 8.05 -20.07
C ASN B 45 27.04 9.02 -21.20
N GLY B 46 26.38 8.84 -22.34
CA GLY B 46 26.53 9.77 -23.45
C GLY B 46 25.46 10.84 -23.45
N ASN B 47 25.80 12.01 -22.92
CA ASN B 47 24.86 13.11 -22.80
C ASN B 47 25.20 14.20 -23.82
N GLU B 48 24.16 14.70 -24.49
CA GLU B 48 24.34 15.76 -25.47
C GLU B 48 23.26 16.80 -25.28
N SER B 49 23.60 18.04 -25.60
CA SER B 49 22.64 19.12 -25.55
C SER B 49 21.53 18.90 -26.57
N ARG B 50 20.34 19.38 -26.25
CA ARG B 50 19.25 19.32 -27.21
C ARG B 50 19.56 20.16 -28.43
N TYR B 51 19.12 19.69 -29.59
CA TYR B 51 19.30 20.45 -30.81
C TYR B 51 18.51 21.75 -30.80
N PHE B 52 17.31 21.73 -30.21
CA PHE B 52 16.49 22.92 -30.07
C PHE B 52 16.57 23.39 -28.62
N LEU B 53 17.03 24.62 -28.42
CA LEU B 53 17.37 25.13 -27.10
C LEU B 53 16.34 26.15 -26.64
N THR B 54 16.07 26.13 -25.34
CA THR B 54 15.27 27.14 -24.66
C THR B 54 16.09 27.65 -23.48
N GLY B 55 15.68 28.77 -22.90
CA GLY B 55 16.44 29.34 -21.80
C GLY B 55 16.34 28.59 -20.49
N ALA B 56 15.44 27.60 -20.40
CA ALA B 56 15.29 26.84 -19.17
C ALA B 56 16.50 25.96 -18.90
N GLU B 57 17.04 25.32 -19.94
CA GLU B 57 18.13 24.37 -19.75
C GLU B 57 19.33 25.02 -19.07
N LEU B 58 19.56 26.30 -19.35
CA LEU B 58 20.63 27.03 -18.67
C LEU B 58 20.42 27.04 -17.16
N GLU B 59 19.21 27.39 -16.72
CA GLU B 59 18.91 27.44 -15.30
C GLU B 59 18.98 26.06 -14.67
N TYR B 60 18.44 25.04 -15.36
CA TYR B 60 18.47 23.69 -14.81
C TYR B 60 19.90 23.17 -14.69
N ALA B 61 20.76 23.52 -15.65
CA ALA B 61 22.18 23.17 -15.52
C ALA B 61 22.83 23.94 -14.37
N LYS B 62 22.44 25.19 -14.18
CA LYS B 62 23.02 26.00 -13.11
C LYS B 62 22.69 25.43 -11.74
N TYR B 63 21.46 24.94 -11.56
CA TYR B 63 21.03 24.37 -10.28
C TYR B 63 21.00 22.85 -10.41
N THR B 64 22.10 22.21 -10.03
CA THR B 64 22.23 20.76 -10.06
C THR B 64 23.00 20.33 -8.81
N HIS B 65 23.20 19.02 -8.66
CA HIS B 65 23.94 18.46 -7.53
C HIS B 65 25.41 18.36 -7.88
N ASP B 66 26.27 18.84 -7.00
CA ASP B 66 27.71 18.82 -7.16
C ASP B 66 28.34 18.95 -5.78
N VAL B 67 29.63 19.28 -5.73
CA VAL B 67 30.33 19.48 -4.47
C VAL B 67 30.76 20.94 -4.46
N ARG B 68 30.03 21.77 -3.73
CA ARG B 68 30.23 23.21 -3.74
C ARG B 68 30.76 23.69 -2.39
N PHE B 69 31.72 24.60 -2.44
CA PHE B 69 32.11 25.30 -1.21
C PHE B 69 30.99 26.26 -0.86
N PRO B 70 30.37 26.13 0.32
CA PRO B 70 29.22 26.99 0.63
C PRO B 70 29.59 28.45 0.84
N GLU B 71 30.83 28.74 1.26
CA GLU B 71 31.24 30.11 1.56
C GLU B 71 32.70 30.30 1.17
N ASP B 72 33.15 31.55 1.21
CA ASP B 72 34.57 31.87 0.99
C ASP B 72 35.37 31.28 2.13
N CYS B 73 36.11 30.21 1.84
CA CYS B 73 36.76 29.42 2.88
C CYS B 73 38.20 29.14 2.51
N ARG B 74 39.02 28.95 3.55
CA ARG B 74 40.41 28.51 3.41
C ARG B 74 40.49 27.03 3.75
N VAL B 75 41.03 26.24 2.82
CA VAL B 75 41.16 24.80 3.05
C VAL B 75 42.26 24.57 4.09
N LEU B 76 41.90 23.94 5.19
CA LEU B 76 42.84 23.65 6.27
C LEU B 76 43.50 22.28 6.12
N HIS B 77 42.71 21.25 5.84
CA HIS B 77 43.23 19.89 5.75
C HIS B 77 42.57 19.15 4.59
N VAL B 78 43.33 18.23 3.99
CA VAL B 78 42.83 17.32 2.97
C VAL B 78 43.14 15.90 3.42
N LEU B 79 42.10 15.06 3.51
CA LEU B 79 42.23 13.69 3.97
C LEU B 79 41.70 12.75 2.90
N ARG B 80 42.27 11.56 2.84
CA ARG B 80 41.90 10.60 1.82
C ARG B 80 41.87 9.20 2.43
N LYS B 81 40.72 8.55 2.36
CA LYS B 81 40.60 7.16 2.79
C LYS B 81 41.43 6.26 1.88
N TYR B 82 41.86 5.11 2.40
CA TYR B 82 42.51 4.08 1.60
C TYR B 82 43.65 4.67 0.76
N PRO B 83 44.78 5.03 1.37
CA PRO B 83 45.82 5.72 0.62
C PRO B 83 46.29 4.92 -0.59
N THR B 84 46.51 5.62 -1.69
CA THR B 84 46.86 5.00 -2.96
C THR B 84 48.37 4.93 -3.11
N GLY B 85 48.84 3.81 -3.64
CA GLY B 85 50.27 3.60 -3.85
C GLY B 85 50.56 2.13 -4.11
N ILE B 86 51.79 1.74 -3.81
CA ILE B 86 52.25 0.37 -4.00
C ILE B 86 52.79 -0.14 -2.67
N GLY B 87 52.34 -1.33 -2.27
CA GLY B 87 52.77 -1.91 -1.01
C GLY B 87 52.01 -3.18 -0.72
N LYS B 88 52.12 -3.63 0.53
CA LYS B 88 51.42 -4.84 0.95
C LYS B 88 49.91 -4.62 0.98
N ASP B 89 49.46 -3.71 1.83
CA ASP B 89 48.04 -3.37 1.93
C ASP B 89 47.72 -2.15 1.06
N SER B 90 48.01 -2.30 -0.24
CA SER B 90 47.79 -1.22 -1.19
C SER B 90 46.35 -1.19 -1.65
N ILE B 91 45.90 0.01 -2.03
CA ILE B 91 44.54 0.23 -2.52
C ILE B 91 44.62 0.78 -3.93
N ARG B 92 43.86 0.17 -4.85
CA ARG B 92 43.93 0.58 -6.24
C ARG B 92 43.36 1.98 -6.45
N SER B 93 42.20 2.28 -5.86
CA SER B 93 41.49 3.52 -6.12
C SER B 93 41.03 4.15 -4.82
N ASN B 94 41.06 5.49 -4.78
CA ASN B 94 40.59 6.25 -3.63
C ASN B 94 39.16 6.72 -3.87
N PRO B 95 38.17 6.23 -3.12
CA PRO B 95 36.78 6.65 -3.36
C PRO B 95 36.48 8.08 -2.97
N VAL B 96 36.80 8.46 -1.73
CA VAL B 96 36.29 9.69 -1.14
C VAL B 96 37.46 10.53 -0.64
N THR B 97 37.33 11.85 -0.81
CA THR B 97 38.29 12.81 -0.29
C THR B 97 37.56 13.80 0.61
N THR B 98 38.07 13.99 1.82
CA THR B 98 37.49 14.90 2.80
C THR B 98 38.29 16.19 2.82
N ILE B 99 37.61 17.33 2.81
CA ILE B 99 38.25 18.64 2.85
C ILE B 99 37.74 19.37 4.08
N ILE B 100 38.63 19.64 5.02
CA ILE B 100 38.32 20.42 6.21
C ILE B 100 38.72 21.85 5.94
N TYR B 101 37.74 22.75 5.88
CA TYR B 101 37.95 24.14 5.50
C TYR B 101 37.49 25.08 6.60
N GLU B 102 37.94 26.32 6.51
CA GLU B 102 37.62 27.34 7.51
C GLU B 102 36.94 28.52 6.80
N ASN B 103 35.71 28.81 7.18
CA ASN B 103 34.95 29.91 6.59
C ASN B 103 35.43 31.20 7.22
N TYR B 104 36.47 31.80 6.64
CA TYR B 104 36.99 33.07 7.15
C TYR B 104 36.08 34.22 6.71
N PHE B 105 36.54 35.45 6.91
CA PHE B 105 35.71 36.65 6.74
C PHE B 105 34.51 36.64 7.69
N ASP B 106 34.62 35.90 8.79
CA ASP B 106 33.59 35.83 9.81
C ASP B 106 34.22 36.02 11.18
N LYS B 107 33.43 36.55 12.11
CA LYS B 107 33.89 36.63 13.50
C LYS B 107 34.17 35.25 14.06
N TYR B 108 33.35 34.27 13.69
CA TYR B 108 33.44 32.93 14.25
C TYR B 108 34.50 32.09 13.55
N LYS B 109 34.63 32.27 12.23
CA LYS B 109 35.52 31.47 11.40
C LYS B 109 35.14 30.00 11.51
N THR B 110 33.88 29.70 11.18
CA THR B 110 33.35 28.34 11.30
C THR B 110 34.16 27.36 10.47
N ILE B 111 34.46 26.20 11.06
CA ILE B 111 35.18 25.14 10.37
C ILE B 111 34.17 24.10 9.89
N GLY B 112 34.25 23.76 8.61
CA GLY B 112 33.32 22.83 8.02
C GLY B 112 34.02 21.72 7.26
N VAL B 113 33.23 20.72 6.89
CA VAL B 113 33.71 19.55 6.17
C VAL B 113 33.02 19.49 4.81
N LEU B 114 33.74 18.99 3.83
CA LEU B 114 33.21 18.84 2.47
C LEU B 114 33.68 17.51 1.91
N HIS B 115 32.74 16.69 1.45
CA HIS B 115 33.05 15.35 0.94
C HIS B 115 33.03 15.37 -0.58
N VAL B 116 34.09 14.83 -1.19
CA VAL B 116 34.17 14.68 -2.64
C VAL B 116 34.26 13.20 -2.95
N PRO B 117 33.17 12.55 -3.33
CA PRO B 117 33.22 11.15 -3.73
C PRO B 117 33.37 11.00 -5.23
N GLU B 118 33.58 9.75 -5.66
CA GLU B 118 33.62 9.43 -7.08
C GLU B 118 32.25 9.33 -7.71
N TYR B 119 31.17 9.40 -6.92
CA TYR B 119 29.83 9.25 -7.44
C TYR B 119 28.87 9.93 -6.49
N MET B 120 27.66 10.17 -6.97
CA MET B 120 26.56 10.66 -6.15
C MET B 120 25.28 9.96 -6.60
N SER B 121 24.63 9.28 -5.66
CA SER B 121 23.44 8.51 -5.97
C SER B 121 22.31 8.90 -5.02
N HIS B 122 21.12 9.09 -5.58
CA HIS B 122 19.93 9.39 -4.79
C HIS B 122 18.80 8.40 -4.99
N HIS B 123 18.62 7.89 -6.22
CA HIS B 123 17.63 6.86 -6.46
C HIS B 123 18.12 5.53 -5.89
N GLN B 124 17.19 4.58 -5.76
CA GLN B 124 17.51 3.32 -5.08
C GLN B 124 18.57 2.53 -5.83
N ASP B 125 18.61 2.61 -7.16
CA ASP B 125 19.57 1.83 -7.93
C ASP B 125 20.21 2.57 -9.09
N PHE B 126 20.04 3.89 -9.21
CA PHE B 126 20.68 4.65 -10.25
C PHE B 126 21.49 5.79 -9.63
N GLY B 127 22.52 6.20 -10.36
CA GLY B 127 23.38 7.27 -9.92
C GLY B 127 24.11 7.88 -11.09
N TYR B 128 25.24 8.51 -10.80
CA TYR B 128 26.03 9.17 -11.83
C TYR B 128 27.40 9.52 -11.28
N GLU B 129 28.43 9.29 -12.09
CA GLU B 129 29.80 9.61 -11.71
C GLU B 129 29.99 11.12 -11.65
N LEU B 130 30.82 11.55 -10.70
CA LEU B 130 31.12 12.97 -10.53
C LEU B 130 32.46 13.27 -11.18
N VAL B 131 32.45 14.11 -12.20
CA VAL B 131 33.67 14.52 -12.90
C VAL B 131 34.24 15.72 -12.18
N LYS B 132 35.51 15.62 -11.77
CA LYS B 132 36.15 16.64 -10.97
C LYS B 132 36.76 17.71 -11.86
N ASN B 133 36.58 18.97 -11.45
CA ASN B 133 37.17 20.09 -12.19
C ASN B 133 38.69 20.03 -12.09
N ARG B 134 39.35 19.86 -13.25
CA ARG B 134 40.80 19.73 -13.24
C ARG B 134 41.48 21.01 -12.76
N GLU B 135 40.96 22.17 -13.16
CA GLU B 135 41.55 23.43 -12.74
C GLU B 135 41.40 23.68 -11.25
N VAL B 136 40.44 23.02 -10.60
CA VAL B 136 40.20 23.21 -9.17
C VAL B 136 40.77 22.06 -8.34
N TRP B 137 40.57 20.83 -8.81
CA TRP B 137 41.02 19.67 -8.03
C TRP B 137 42.54 19.64 -7.87
N GLU B 138 43.28 20.15 -8.86
CA GLU B 138 44.73 20.20 -8.74
C GLU B 138 45.17 21.19 -7.68
N THR B 139 44.39 22.25 -7.47
CA THR B 139 44.73 23.31 -6.52
C THR B 139 44.30 22.97 -5.10
N ILE B 140 43.51 21.91 -4.91
CA ILE B 140 43.04 21.53 -3.58
C ILE B 140 44.25 21.15 -2.74
N ALA B 141 44.54 21.96 -1.72
CA ALA B 141 45.68 21.74 -0.86
C ALA B 141 45.45 22.49 0.45
N PRO B 142 46.13 22.11 1.53
CA PRO B 142 46.03 22.89 2.78
C PRO B 142 46.53 24.31 2.57
N ASN B 143 45.88 25.25 3.25
CA ASN B 143 46.23 26.67 3.21
C ASN B 143 46.14 27.23 1.79
N GLU B 144 44.95 27.11 1.21
CA GLU B 144 44.66 27.64 -0.11
C GLU B 144 43.44 28.54 -0.06
N MET B 145 43.33 29.42 -1.04
CA MET B 145 42.20 30.33 -1.17
C MET B 145 41.20 29.76 -2.16
N PHE B 146 39.92 29.98 -1.89
CA PHE B 146 38.85 29.55 -2.77
C PHE B 146 37.66 30.49 -2.67
N SER B 147 36.86 30.55 -3.73
CA SER B 147 35.73 31.46 -3.78
C SER B 147 34.47 30.77 -3.27
N LYS B 148 33.39 31.54 -3.19
CA LYS B 148 32.09 30.99 -2.79
C LYS B 148 31.40 30.40 -4.01
N ASP B 149 30.65 29.32 -3.78
CA ASP B 149 29.90 28.63 -4.83
C ASP B 149 30.83 28.05 -5.90
N THR B 150 32.04 27.66 -5.50
CA THR B 150 32.96 27.00 -6.41
C THR B 150 32.56 25.53 -6.56
N VAL B 151 32.60 25.05 -7.80
CA VAL B 151 32.07 23.74 -8.17
C VAL B 151 33.20 22.74 -8.30
N ILE B 152 33.02 21.57 -7.68
CA ILE B 152 33.90 20.43 -7.84
C ILE B 152 32.99 19.21 -8.06
N ALA B 153 33.53 18.19 -8.71
CA ALA B 153 32.86 16.92 -8.88
C ALA B 153 31.44 17.11 -9.40
N GLN B 154 31.33 17.86 -10.49
CA GLN B 154 30.02 18.12 -11.07
C GLN B 154 29.56 16.93 -11.89
N SER B 155 28.25 16.87 -12.12
CA SER B 155 27.69 15.76 -12.89
C SER B 155 28.16 15.83 -14.34
N GLY B 156 28.22 14.67 -14.98
CA GLY B 156 28.55 14.62 -16.39
C GLY B 156 27.49 15.21 -17.30
N ALA B 157 26.26 15.30 -16.83
CA ALA B 157 25.19 15.90 -17.61
C ALA B 157 25.39 17.39 -17.82
N VAL B 158 26.14 18.05 -16.96
CA VAL B 158 26.42 19.48 -17.12
C VAL B 158 27.58 19.63 -18.09
N LYS B 159 27.35 20.33 -19.19
CA LYS B 159 28.35 20.46 -20.23
C LYS B 159 29.40 21.52 -19.85
N LYS B 160 30.49 21.54 -20.62
CA LYS B 160 31.52 22.55 -20.40
C LYS B 160 30.96 23.95 -20.62
N ASP B 161 30.17 24.12 -21.68
CA ASP B 161 29.43 25.36 -21.89
C ASP B 161 28.19 25.33 -21.00
N GLY B 162 27.33 26.33 -21.15
CA GLY B 162 26.10 26.34 -20.37
C GLY B 162 24.99 25.56 -21.05
N THR B 163 24.77 24.33 -20.61
CA THR B 163 23.67 23.49 -21.07
C THR B 163 23.67 22.24 -20.20
N LEU B 164 22.49 21.65 -20.03
CA LEU B 164 22.32 20.40 -19.28
C LEU B 164 21.91 19.31 -20.25
N GLY B 165 22.64 18.19 -20.22
CA GLY B 165 22.33 17.07 -21.08
C GLY B 165 21.44 16.06 -20.43
N MET B 166 20.21 15.91 -20.93
CA MET B 166 19.25 14.99 -20.35
C MET B 166 19.05 13.72 -21.17
N GLY B 167 19.15 13.81 -22.49
CA GLY B 167 18.93 12.67 -23.35
C GLY B 167 19.92 12.57 -24.49
N VAL B 168 19.56 11.82 -25.53
CA VAL B 168 20.42 11.57 -26.69
C VAL B 168 19.63 11.88 -27.95
N ASN B 169 20.28 12.53 -28.91
CA ASN B 169 19.64 12.87 -30.18
C ASN B 169 19.66 11.65 -31.09
N ALA B 170 18.47 11.16 -31.45
CA ALA B 170 18.32 9.97 -32.28
C ALA B 170 17.69 10.34 -33.61
N ASN B 171 18.26 9.83 -34.70
CA ASN B 171 17.71 10.04 -36.04
C ASN B 171 16.49 9.14 -36.20
N VAL B 172 15.38 9.60 -35.64
CA VAL B 172 14.14 8.83 -35.61
C VAL B 172 13.49 8.85 -36.99
N VAL B 173 12.86 7.73 -37.33
CA VAL B 173 12.11 7.54 -38.56
C VAL B 173 10.72 7.05 -38.19
N PHE B 174 9.69 7.72 -38.71
CA PHE B 174 8.29 7.33 -38.44
C PHE B 174 7.82 6.37 -39.52
N LEU B 175 8.10 5.08 -39.29
CA LEU B 175 7.60 4.01 -40.14
C LEU B 175 6.65 3.14 -39.34
N SER B 176 5.55 2.73 -39.97
CA SER B 176 4.59 1.83 -39.33
C SER B 176 5.05 0.39 -39.46
N ALA B 177 6.30 0.11 -39.08
CA ALA B 177 6.82 -1.24 -39.17
C ALA B 177 6.17 -2.12 -38.12
N ALA B 178 6.20 -3.44 -38.38
CA ALA B 178 5.65 -4.38 -37.42
C ALA B 178 6.40 -4.35 -36.09
N GLY B 179 7.67 -3.98 -36.09
CA GLY B 179 8.42 -3.90 -34.85
C GLY B 179 7.86 -2.89 -33.87
N THR B 180 7.14 -1.88 -34.38
CA THR B 180 6.57 -0.84 -33.55
C THR B 180 5.07 -1.03 -33.32
N ILE B 181 4.62 -2.28 -33.16
CA ILE B 181 3.21 -2.54 -32.91
C ILE B 181 2.83 -2.02 -31.53
N GLU B 182 1.64 -1.40 -31.46
CA GLU B 182 1.09 -0.80 -30.23
C GLU B 182 2.01 0.36 -29.84
N ASP B 183 2.61 0.37 -28.67
CA ASP B 183 3.47 1.47 -28.22
C ASP B 183 4.87 0.91 -28.00
N GLY B 184 5.74 1.06 -28.99
CA GLY B 184 7.08 0.51 -28.89
C GLY B 184 8.07 1.34 -29.67
N PHE B 185 9.33 0.91 -29.63
CA PHE B 185 10.39 1.48 -30.45
C PHE B 185 11.16 0.35 -31.13
N VAL B 186 11.79 0.68 -32.25
CA VAL B 186 12.75 -0.20 -32.89
C VAL B 186 14.10 0.50 -32.82
N ALA B 187 15.08 -0.15 -32.18
CA ALA B 187 16.37 0.47 -31.89
C ALA B 187 17.49 -0.35 -32.50
N ASN B 188 18.65 0.30 -32.64
CA ASN B 188 19.87 -0.37 -33.09
C ASN B 188 20.85 -0.49 -31.94
N LYS B 189 21.87 -1.32 -32.15
CA LYS B 189 22.85 -1.57 -31.11
C LYS B 189 23.67 -0.34 -30.77
N ASN B 190 24.04 0.46 -31.77
CA ASN B 190 24.92 1.60 -31.53
C ASN B 190 24.23 2.67 -30.67
N PHE B 191 22.98 3.00 -31.01
CA PHE B 191 22.27 4.02 -30.24
C PHE B 191 22.05 3.56 -28.80
N LEU B 192 21.74 2.28 -28.61
CA LEU B 192 21.59 1.76 -27.26
C LEU B 192 22.92 1.72 -26.51
N LYS B 193 24.04 1.54 -27.24
CA LYS B 193 25.34 1.71 -26.62
C LYS B 193 25.55 3.15 -26.16
N ARG B 194 25.04 4.11 -26.94
CA ARG B 194 25.14 5.51 -26.53
C ARG B 194 24.28 5.78 -25.30
N MET B 195 23.26 4.97 -25.05
CA MET B 195 22.39 5.14 -23.89
C MET B 195 22.60 3.96 -22.95
N MET B 196 23.63 4.08 -22.09
CA MET B 196 23.87 3.10 -21.05
C MET B 196 23.76 3.77 -19.68
N PRO B 197 22.69 3.52 -18.92
CA PRO B 197 22.62 4.08 -17.58
C PRO B 197 23.69 3.48 -16.67
N THR B 198 24.14 4.28 -15.72
CA THR B 198 25.10 3.85 -14.71
C THR B 198 24.36 3.62 -13.40
N SER B 199 24.50 2.43 -12.84
CA SER B 199 23.78 2.01 -11.66
C SER B 199 24.76 1.77 -10.53
N TYR B 200 24.56 2.45 -9.41
CA TYR B 200 25.38 2.30 -8.22
C TYR B 200 24.59 1.57 -7.16
N SER B 201 25.16 0.49 -6.63
CA SER B 201 24.45 -0.35 -5.67
C SER B 201 25.36 -0.64 -4.48
N THR B 202 24.74 -0.93 -3.35
CA THR B 202 25.44 -1.24 -2.11
C THR B 202 24.95 -2.57 -1.57
N ALA B 203 25.89 -3.45 -1.24
CA ALA B 203 25.61 -4.76 -0.68
C ALA B 203 26.14 -4.80 0.75
N VAL B 204 25.27 -5.19 1.68
CA VAL B 204 25.58 -5.19 3.10
C VAL B 204 25.57 -6.63 3.61
N ALA B 205 26.64 -7.02 4.30
CA ALA B 205 26.73 -8.35 4.89
C ALA B 205 27.29 -8.26 6.30
N ASN B 206 26.66 -9.00 7.22
CA ASN B 206 27.08 -9.06 8.61
C ASN B 206 27.60 -10.47 8.91
N ALA B 207 28.80 -10.55 9.46
CA ALA B 207 29.39 -11.82 9.85
C ALA B 207 30.01 -11.67 11.24
N GLY B 208 29.48 -12.40 12.20
CA GLY B 208 29.99 -12.39 13.55
C GLY B 208 30.02 -13.79 14.14
N ARG B 209 29.40 -13.96 15.30
CA ARG B 209 29.25 -15.30 15.86
C ARG B 209 28.23 -16.13 15.10
N LYS B 210 27.35 -15.48 14.34
CA LYS B 210 26.32 -16.21 13.61
C LYS B 210 26.90 -16.95 12.39
N ALA B 211 27.77 -16.28 11.63
CA ALA B 211 28.25 -16.84 10.38
C ALA B 211 29.59 -16.22 10.03
N PHE B 212 30.28 -16.85 9.08
CA PHE B 212 31.59 -16.39 8.63
C PHE B 212 31.61 -16.32 7.11
N PHE B 213 32.41 -15.39 6.58
CA PHE B 213 32.55 -15.24 5.14
C PHE B 213 33.18 -16.48 4.52
N LEU B 214 32.80 -16.78 3.29
CA LEU B 214 33.44 -17.83 2.52
C LEU B 214 34.55 -17.23 1.65
N ASN B 215 35.13 -18.03 0.77
CA ASN B 215 36.22 -17.61 -0.10
C ASN B 215 35.70 -17.66 -1.54
N MET B 216 35.48 -16.48 -2.12
CA MET B 216 34.93 -16.40 -3.47
C MET B 216 35.80 -15.63 -4.45
N TYR B 217 36.82 -14.91 -3.99
CA TYR B 217 37.68 -14.13 -4.86
C TYR B 217 39.16 -14.43 -4.62
N GLY B 218 39.46 -15.51 -3.91
CA GLY B 218 40.83 -15.89 -3.65
C GLY B 218 41.05 -17.36 -3.93
N ASP B 219 42.31 -17.70 -4.21
CA ASP B 219 42.70 -19.08 -4.47
C ASP B 219 42.84 -19.83 -3.16
N ASP B 220 43.45 -21.02 -3.21
CA ASP B 220 43.69 -21.77 -1.98
C ASP B 220 44.67 -21.04 -1.07
N LYS B 221 45.68 -20.40 -1.65
CA LYS B 221 46.71 -19.74 -0.85
C LYS B 221 46.20 -18.46 -0.22
N ILE B 222 45.44 -17.65 -0.95
CA ILE B 222 45.00 -16.34 -0.51
C ILE B 222 43.49 -16.36 -0.31
N TYR B 223 43.05 -15.88 0.85
CA TYR B 223 41.63 -15.90 1.23
C TYR B 223 41.05 -14.52 0.97
N LYS B 224 40.07 -14.44 0.06
CA LYS B 224 39.42 -13.17 -0.29
C LYS B 224 37.91 -13.36 -0.25
N PRO B 225 37.24 -12.79 0.75
CA PRO B 225 35.77 -12.93 0.81
C PRO B 225 35.04 -12.11 -0.25
N PHE B 226 35.51 -10.91 -0.54
CA PHE B 226 34.83 -9.98 -1.42
C PHE B 226 35.85 -9.25 -2.28
N PRO B 227 35.44 -8.69 -3.41
CA PRO B 227 36.40 -8.03 -4.30
C PRO B 227 37.03 -6.81 -3.65
N ASP B 228 38.25 -6.50 -4.07
CA ASP B 228 38.92 -5.30 -3.59
C ASP B 228 38.31 -4.07 -4.25
N ILE B 229 38.86 -2.90 -3.91
CA ILE B 229 38.43 -1.66 -4.54
C ILE B 229 39.02 -1.60 -5.94
N GLY B 230 38.15 -1.39 -6.94
CA GLY B 230 38.58 -1.45 -8.32
C GLY B 230 38.60 -2.83 -8.93
N ASP B 231 38.12 -3.84 -8.21
CA ASP B 231 38.08 -5.20 -8.71
C ASP B 231 36.77 -5.44 -9.46
N VAL B 232 36.61 -6.63 -10.02
CA VAL B 232 35.46 -6.96 -10.85
C VAL B 232 34.76 -8.18 -10.26
N ILE B 233 33.44 -8.10 -10.13
CA ILE B 233 32.67 -9.22 -9.59
C ILE B 233 32.77 -10.42 -10.55
N ARG B 234 32.60 -11.61 -9.98
CA ARG B 234 32.70 -12.85 -10.73
C ARG B 234 31.74 -12.86 -11.92
N PRO B 235 31.96 -13.75 -12.89
CA PRO B 235 30.98 -13.91 -13.98
C PRO B 235 29.59 -14.24 -13.47
N ASP B 236 29.49 -14.99 -12.37
CA ASP B 236 28.26 -15.11 -11.61
C ASP B 236 28.35 -14.14 -10.44
N GLY B 237 27.57 -13.05 -10.51
CA GLY B 237 27.66 -12.04 -9.48
C GLY B 237 27.32 -12.58 -8.11
N VAL B 238 28.34 -12.81 -7.29
CA VAL B 238 28.17 -13.38 -5.96
C VAL B 238 29.18 -12.73 -5.03
N ILE B 239 28.71 -12.28 -3.87
CA ILE B 239 29.58 -11.72 -2.84
C ILE B 239 29.16 -12.32 -1.51
N PHE B 240 30.12 -12.38 -0.59
CA PHE B 240 29.92 -12.75 0.81
C PHE B 240 29.63 -14.24 0.98
N ALA B 241 28.44 -14.71 0.58
CA ALA B 241 28.14 -16.13 0.60
C ALA B 241 28.35 -16.72 2.00
N ILE B 242 28.06 -15.93 3.03
CA ILE B 242 28.44 -16.31 4.39
C ILE B 242 27.77 -17.62 4.79
N ARG B 243 28.51 -18.42 5.54
CA ARG B 243 28.08 -19.75 5.98
C ARG B 243 27.96 -19.76 7.49
N ASP B 244 26.90 -20.42 7.97
CA ASP B 244 26.66 -20.50 9.40
C ASP B 244 27.81 -21.22 10.10
N HIS B 245 28.14 -20.76 11.31
CA HIS B 245 29.31 -21.27 12.02
C HIS B 245 28.89 -22.44 12.90
N ASP B 246 29.44 -23.62 12.60
CA ASP B 246 29.18 -24.84 13.39
C ASP B 246 30.49 -25.58 13.55
N ASP B 247 30.85 -25.89 14.80
CA ASP B 247 32.12 -26.56 15.05
C ASP B 247 32.06 -28.03 14.67
N ASP B 248 30.94 -28.71 14.97
CA ASP B 248 30.83 -30.14 14.67
C ASP B 248 30.93 -30.43 13.18
N LEU B 249 30.58 -29.47 12.33
CA LEU B 249 30.70 -29.62 10.89
C LEU B 249 32.01 -29.08 10.36
N ALA B 250 33.04 -29.01 11.20
CA ALA B 250 34.32 -28.45 10.77
C ALA B 250 34.96 -29.23 9.62
N PRO B 251 35.11 -30.56 9.68
CA PRO B 251 35.73 -31.27 8.56
C PRO B 251 34.86 -31.42 7.33
N ALA B 252 33.68 -30.79 7.31
CA ALA B 252 32.79 -30.84 6.17
C ALA B 252 32.64 -29.50 5.47
N GLU B 253 32.39 -28.43 6.22
CA GLU B 253 32.13 -27.11 5.64
C GLU B 253 33.21 -26.09 5.97
N MET B 254 34.38 -26.54 6.40
CA MET B 254 35.51 -25.64 6.62
C MET B 254 36.77 -26.09 5.91
N THR B 255 36.72 -27.16 5.12
CA THR B 255 37.85 -27.53 4.29
C THR B 255 38.06 -26.49 3.19
N PRO B 256 39.29 -26.36 2.69
CA PRO B 256 39.53 -25.33 1.65
C PRO B 256 38.65 -25.47 0.43
N ARG B 257 38.29 -26.69 0.03
CA ARG B 257 37.37 -26.85 -1.09
C ARG B 257 35.96 -26.42 -0.71
N ALA B 258 35.53 -26.71 0.52
CA ALA B 258 34.18 -26.34 0.92
C ALA B 258 34.01 -24.84 1.08
N LEU B 259 35.09 -24.14 1.45
CA LEU B 259 35.00 -22.69 1.56
C LEU B 259 34.83 -22.04 0.19
N ARG B 260 35.58 -22.52 -0.80
CA ARG B 260 35.42 -21.98 -2.16
C ARG B 260 34.08 -22.38 -2.75
N THR B 261 33.67 -23.62 -2.57
CA THR B 261 32.40 -24.09 -3.10
C THR B 261 31.25 -23.40 -2.39
N LEU B 262 30.27 -22.95 -3.17
CA LEU B 262 29.09 -22.28 -2.66
C LEU B 262 27.89 -23.20 -2.83
N ASP B 263 27.24 -23.54 -1.72
CA ASP B 263 25.97 -24.25 -1.75
C ASP B 263 24.87 -23.21 -1.82
N ARG B 264 24.06 -23.27 -2.88
CA ARG B 264 23.05 -22.25 -3.11
C ARG B 264 22.05 -22.21 -1.94
N THR B 265 21.66 -23.37 -1.45
CA THR B 265 20.89 -23.48 -0.23
C THR B 265 21.84 -23.57 0.96
N PHE B 266 21.37 -23.13 2.13
CA PHE B 266 22.06 -23.15 3.41
C PHE B 266 23.17 -22.12 3.52
N ASP B 267 23.39 -21.30 2.50
CA ASP B 267 24.40 -20.26 2.54
C ASP B 267 23.77 -18.93 2.17
N ARG B 268 24.41 -17.84 2.59
CA ARG B 268 23.87 -16.49 2.41
C ARG B 268 24.83 -15.67 1.54
N ALA B 269 24.46 -15.48 0.29
CA ALA B 269 25.20 -14.66 -0.64
C ALA B 269 24.41 -13.42 -0.99
N VAL B 270 25.12 -12.39 -1.44
CA VAL B 270 24.50 -11.18 -1.98
C VAL B 270 24.89 -11.10 -3.45
N ILE B 271 23.89 -11.07 -4.32
CA ILE B 271 24.11 -11.30 -5.74
C ILE B 271 23.80 -9.99 -6.46
N GLY B 272 24.87 -9.34 -6.95
CA GLY B 272 24.73 -8.14 -7.74
C GLY B 272 24.95 -8.38 -9.22
N THR B 273 25.09 -7.28 -9.96
CA THR B 273 25.33 -7.38 -11.39
C THR B 273 26.74 -7.91 -11.64
N PRO B 274 26.89 -8.98 -12.43
CA PRO B 274 28.22 -9.48 -12.75
C PRO B 274 29.01 -8.49 -13.59
N GLY B 275 30.33 -8.52 -13.40
CA GLY B 275 31.19 -7.60 -14.14
C GLY B 275 31.16 -6.18 -13.66
N ALA B 276 30.49 -5.91 -12.54
CA ALA B 276 30.36 -4.55 -12.03
C ALA B 276 31.59 -4.19 -11.20
N LYS B 277 32.27 -3.11 -11.58
CA LYS B 277 33.44 -2.66 -10.84
C LYS B 277 33.05 -2.18 -9.46
N VAL B 278 33.84 -2.58 -8.46
CA VAL B 278 33.56 -2.20 -7.07
C VAL B 278 34.10 -0.79 -6.83
N ILE B 279 33.22 0.11 -6.37
CA ILE B 279 33.64 1.47 -6.11
C ILE B 279 34.43 1.55 -4.81
N ASP B 280 33.82 1.12 -3.71
CA ASP B 280 34.50 1.18 -2.42
C ASP B 280 33.88 0.19 -1.45
N ILE B 281 34.48 0.10 -0.26
CA ILE B 281 34.06 -0.82 0.78
C ILE B 281 34.11 -0.10 2.13
N ASP B 282 33.06 -0.23 2.92
CA ASP B 282 33.00 0.29 4.27
C ASP B 282 32.95 -0.85 5.26
N ILE B 283 33.84 -0.83 6.23
CA ILE B 283 34.03 -1.93 7.18
C ILE B 283 33.76 -1.41 8.59
N TRP B 284 32.90 -2.12 9.32
CA TRP B 284 32.63 -1.84 10.72
C TRP B 284 33.00 -3.07 11.54
N ARG B 285 33.79 -2.87 12.59
CA ARG B 285 34.29 -3.98 13.40
C ARG B 285 34.09 -3.68 14.87
N ASP B 286 33.56 -4.67 15.60
CA ASP B 286 33.48 -4.62 17.06
C ASP B 286 34.73 -5.33 17.58
N GLU B 287 35.71 -4.54 18.04
CA GLU B 287 37.04 -5.05 18.34
C GLU B 287 37.20 -5.43 19.81
N ARG B 288 36.16 -5.30 20.63
CA ARG B 288 36.25 -5.54 22.06
C ARG B 288 35.51 -6.82 22.45
N VAL B 289 35.63 -7.86 21.62
CA VAL B 289 35.19 -9.20 21.96
C VAL B 289 36.43 -10.08 22.12
N ASN B 290 36.63 -10.61 23.33
CA ASN B 290 37.84 -11.37 23.59
C ASN B 290 37.95 -12.63 22.73
N PRO B 291 36.93 -13.50 22.63
CA PRO B 291 36.97 -14.56 21.63
C PRO B 291 36.47 -14.05 20.28
N SER B 292 37.39 -13.91 19.33
CA SER B 292 37.00 -13.44 18.01
C SER B 292 36.19 -14.52 17.31
N PRO B 293 34.93 -14.26 16.95
CA PRO B 293 34.11 -15.31 16.32
C PRO B 293 34.68 -15.82 15.01
N THR B 294 35.32 -14.97 14.22
CA THR B 294 35.89 -15.39 12.96
C THR B 294 37.16 -16.19 13.21
N PRO B 295 37.26 -17.43 12.74
CA PRO B 295 38.48 -18.21 12.95
C PRO B 295 39.67 -17.60 12.22
N THR B 296 40.86 -17.88 12.76
CA THR B 296 42.09 -17.28 12.25
C THR B 296 42.31 -17.65 10.79
N GLY B 297 42.63 -16.66 9.96
CA GLY B 297 42.92 -16.89 8.57
C GLY B 297 42.00 -16.16 7.62
N MET B 298 40.73 -16.04 7.99
CA MET B 298 39.71 -15.41 7.15
C MET B 298 39.41 -13.99 7.57
N ASP B 299 40.42 -13.24 8.04
CA ASP B 299 40.25 -11.84 8.39
C ASP B 299 41.39 -10.99 7.86
N ALA B 300 41.73 -11.13 6.58
CA ALA B 300 42.82 -10.36 6.00
C ALA B 300 42.36 -9.04 5.39
N GLN B 301 41.47 -9.11 4.38
CA GLN B 301 40.96 -7.89 3.76
C GLN B 301 40.12 -7.09 4.75
N LEU B 302 39.39 -7.79 5.62
CA LEU B 302 38.60 -7.11 6.64
C LEU B 302 39.48 -6.23 7.52
N VAL B 303 40.56 -6.81 8.05
CA VAL B 303 41.46 -6.06 8.92
C VAL B 303 42.17 -4.95 8.14
N LYS B 304 42.52 -5.24 6.88
CA LYS B 304 43.13 -4.24 6.01
C LYS B 304 42.27 -2.99 5.88
N TYR B 305 41.05 -3.17 5.38
CA TYR B 305 40.16 -2.02 5.17
C TYR B 305 39.77 -1.37 6.49
N HIS B 306 39.60 -2.17 7.55
CA HIS B 306 39.27 -1.58 8.85
C HIS B 306 40.42 -0.74 9.37
N THR B 307 41.66 -1.17 9.15
CA THR B 307 42.81 -0.38 9.56
C THR B 307 42.88 0.93 8.78
N HIS B 308 42.62 0.88 7.48
CA HIS B 308 42.63 2.12 6.70
C HIS B 308 41.55 3.09 7.19
N LEU B 309 40.33 2.58 7.41
CA LEU B 309 39.24 3.42 7.89
C LEU B 309 39.52 3.95 9.29
N SER B 310 40.13 3.12 10.14
CA SER B 310 40.47 3.55 11.49
C SER B 310 41.51 4.66 11.45
N SER B 311 42.50 4.56 10.56
CA SER B 311 43.46 5.64 10.40
C SER B 311 42.79 6.91 9.93
N TYR B 312 41.87 6.79 8.98
CA TYR B 312 41.16 7.97 8.46
C TYR B 312 40.37 8.67 9.57
N TYR B 313 39.55 7.90 10.31
CA TYR B 313 38.75 8.51 11.37
C TYR B 313 39.61 8.98 12.54
N ARG B 314 40.73 8.30 12.83
CA ARG B 314 41.63 8.77 13.86
C ARG B 314 42.25 10.10 13.47
N GLU B 315 42.59 10.27 12.19
CA GLU B 315 43.15 11.54 11.74
C GLU B 315 42.09 12.64 11.81
N LEU B 316 40.84 12.32 11.46
CA LEU B 316 39.76 13.29 11.63
C LEU B 316 39.62 13.72 13.10
N LEU B 317 39.62 12.74 14.00
CA LEU B 317 39.49 13.04 15.42
C LEU B 317 40.67 13.84 15.93
N LYS B 318 41.88 13.53 15.47
CA LYS B 318 43.06 14.29 15.85
C LYS B 318 42.98 15.73 15.38
N ILE B 319 42.50 15.93 14.15
CA ILE B 319 42.32 17.29 13.64
C ILE B 319 41.33 18.06 14.52
N TYR B 320 40.22 17.42 14.87
CA TYR B 320 39.25 18.10 15.73
C TYR B 320 39.84 18.40 17.10
N ARG B 321 40.61 17.46 17.66
CA ARG B 321 41.23 17.68 18.96
C ARG B 321 42.21 18.84 18.91
N GLY B 322 43.01 18.93 17.85
CA GLY B 322 43.91 20.05 17.70
C GLY B 322 43.18 21.37 17.59
N LEU B 323 42.13 21.42 16.79
CA LEU B 323 41.34 22.64 16.66
C LEU B 323 40.73 23.05 18.00
N LEU B 324 40.22 22.08 18.75
CA LEU B 324 39.64 22.38 20.05
C LEU B 324 40.70 22.89 21.03
N ALA B 325 41.85 22.21 21.10
CA ALA B 325 42.91 22.66 21.98
C ALA B 325 43.41 24.04 21.60
N ARG B 326 43.30 24.42 20.32
CA ARG B 326 43.72 25.75 19.92
C ARG B 326 42.68 26.81 20.25
N ARG B 327 41.39 26.53 20.05
CA ARG B 327 40.37 27.57 20.16
C ARG B 327 39.16 27.10 20.97
N LYS B 328 39.41 26.53 22.14
CA LYS B 328 38.34 26.23 23.10
C LYS B 328 37.36 27.39 23.22
N ASP B 329 36.07 27.05 23.27
CA ASP B 329 34.96 27.99 23.37
C ASP B 329 34.90 28.96 22.21
N ASP B 330 35.72 28.75 21.17
CA ASP B 330 35.67 29.53 19.95
C ASP B 330 35.75 28.61 18.73
N LEU B 331 35.15 27.43 18.83
CA LEU B 331 35.26 26.41 17.80
C LEU B 331 33.87 26.13 17.24
N HIS B 332 33.13 27.18 16.92
CA HIS B 332 31.87 27.02 16.21
C HIS B 332 32.11 26.31 14.88
N ILE B 333 31.47 25.15 14.71
CA ILE B 333 31.74 24.29 13.58
C ILE B 333 30.43 24.00 12.84
N THR B 334 30.58 23.63 11.57
CA THR B 334 29.44 23.23 10.77
C THR B 334 28.84 21.93 11.31
N GLU B 335 27.52 21.82 11.20
CA GLU B 335 26.82 20.64 11.73
C GLU B 335 27.30 19.36 11.07
N GLU B 336 27.65 19.42 9.78
CA GLU B 336 28.17 18.24 9.10
C GLU B 336 29.50 17.81 9.70
N PHE B 337 30.35 18.77 10.06
CA PHE B 337 31.63 18.43 10.69
C PHE B 337 31.41 17.78 12.04
N GLU B 338 30.44 18.30 12.81
CA GLU B 338 30.10 17.68 14.09
C GLU B 338 29.62 16.24 13.92
N ARG B 339 28.73 16.02 12.96
CA ARG B 339 28.23 14.66 12.72
C ARG B 339 29.35 13.75 12.24
N LEU B 340 30.27 14.25 11.43
CA LEU B 340 31.39 13.43 10.98
C LEU B 340 32.29 13.04 12.16
N ILE B 341 32.56 13.98 13.05
CA ILE B 341 33.38 13.67 14.22
C ILE B 341 32.68 12.64 15.10
N VAL B 342 31.36 12.76 15.26
CA VAL B 342 30.62 11.80 16.09
C VAL B 342 30.61 10.43 15.42
N THR B 343 30.49 10.39 14.09
CA THR B 343 30.57 9.11 13.39
C THR B 343 31.94 8.48 13.57
N ALA B 344 32.99 9.28 13.50
CA ALA B 344 34.34 8.77 13.74
C ALA B 344 34.47 8.20 15.15
N GLN B 345 33.89 8.89 16.14
CA GLN B 345 33.93 8.40 17.51
C GLN B 345 33.16 7.09 17.64
N MET B 346 32.01 6.99 16.98
CA MET B 346 31.27 5.73 16.98
C MET B 346 32.05 4.63 16.27
N PHE B 347 32.96 5.00 15.37
CA PHE B 347 33.76 4.01 14.66
C PHE B 347 34.94 3.54 15.52
N LEU B 348 35.70 4.48 16.07
CA LEU B 348 36.91 4.12 16.79
C LEU B 348 36.57 3.41 18.10
N PRO B 349 37.42 2.51 18.55
CA PRO B 349 37.15 1.81 19.82
C PRO B 349 37.23 2.76 21.01
N GLN B 350 36.40 2.46 22.01
CA GLN B 350 36.39 3.24 23.24
C GLN B 350 37.51 2.80 24.17
N PRO B 351 37.96 3.69 25.06
CA PRO B 351 38.98 3.31 26.04
C PRO B 351 38.46 2.25 26.99
N ASP B 352 39.41 1.55 27.62
CA ASP B 352 39.09 0.43 28.49
C ASP B 352 38.33 0.85 29.75
N ASN B 353 38.29 2.14 30.07
CA ASN B 353 37.61 2.62 31.26
C ASN B 353 36.12 2.90 31.02
N VAL B 354 35.62 2.59 29.82
CA VAL B 354 34.23 2.86 29.48
C VAL B 354 33.67 1.64 28.78
N ARG B 355 32.39 1.35 29.02
CA ARG B 355 31.74 0.21 28.39
C ARG B 355 31.74 0.36 26.87
N LYS B 356 31.87 -0.76 26.17
CA LYS B 356 31.97 -0.76 24.73
C LYS B 356 30.66 -0.32 24.08
N LEU B 357 30.76 0.08 22.81
CA LEU B 357 29.59 0.49 22.04
C LEU B 357 28.89 -0.72 21.46
N SER B 358 27.59 -0.83 21.73
CA SER B 358 26.76 -1.87 21.11
C SER B 358 26.13 -1.25 19.86
N ARG B 359 26.82 -1.42 18.74
CA ARG B 359 26.39 -0.78 17.50
C ARG B 359 25.14 -1.43 16.93
N PHE B 360 24.24 -0.60 16.43
CA PHE B 360 23.02 -1.05 15.77
C PHE B 360 22.87 -0.35 14.42
N TYR B 361 21.96 -0.86 13.60
CA TYR B 361 21.57 -0.23 12.34
C TYR B 361 20.06 -0.42 12.20
N ARG B 362 19.29 0.55 12.68
CA ARG B 362 17.82 0.49 12.65
C ARG B 362 17.31 -0.76 13.38
N LEU B 363 17.57 -0.80 14.68
CA LEU B 363 17.10 -1.87 15.56
C LEU B 363 17.75 -3.21 15.23
N ASP B 364 18.61 -3.24 14.23
CA ASP B 364 19.27 -4.48 13.82
C ASP B 364 20.64 -4.57 14.48
N PRO B 365 20.87 -5.55 15.35
CA PRO B 365 22.16 -5.65 16.04
C PRO B 365 23.29 -5.93 15.08
N LEU B 366 24.48 -5.52 15.48
CA LEU B 366 25.69 -5.67 14.69
C LEU B 366 26.65 -6.61 15.40
N ASP B 367 27.17 -7.60 14.67
CA ASP B 367 28.06 -8.61 15.22
C ASP B 367 29.36 -8.61 14.45
N GLU B 368 30.46 -8.28 15.14
CA GLU B 368 31.81 -8.35 14.60
C GLU B 368 31.96 -7.56 13.30
N TRP B 369 31.90 -8.23 12.16
CA TRP B 369 32.21 -7.62 10.87
C TRP B 369 30.95 -7.20 10.15
N ARG B 370 30.95 -5.96 9.65
CA ARG B 370 29.89 -5.45 8.78
C ARG B 370 30.55 -4.87 7.55
N VAL B 371 30.16 -5.37 6.38
CA VAL B 371 30.78 -4.99 5.11
C VAL B 371 29.72 -4.35 4.23
N GLU B 372 30.02 -3.16 3.71
CA GLU B 372 29.17 -2.47 2.75
C GLU B 372 30.01 -2.25 1.49
N VAL B 373 29.76 -3.08 0.46
CA VAL B 373 30.48 -2.99 -0.80
C VAL B 373 29.61 -2.20 -1.78
N THR B 374 30.09 -1.05 -2.21
CA THR B 374 29.38 -0.24 -3.19
C THR B 374 30.09 -0.37 -4.54
N TYR B 375 29.32 -0.70 -5.57
CA TYR B 375 29.83 -1.02 -6.89
C TYR B 375 28.97 -0.36 -7.96
N LYS B 376 29.58 -0.13 -9.12
CA LYS B 376 28.90 0.49 -10.25
C LYS B 376 28.84 -0.48 -11.42
N ALA B 377 27.78 -0.34 -12.22
CA ALA B 377 27.59 -1.13 -13.42
C ALA B 377 27.01 -0.24 -14.51
N GLN B 378 27.21 -0.66 -15.76
CA GLN B 378 26.65 0.04 -16.92
C GLN B 378 25.61 -0.88 -17.56
N LYS B 379 24.33 -0.52 -17.45
CA LYS B 379 23.27 -1.33 -18.00
C LYS B 379 23.21 -1.16 -19.52
N MET B 380 23.17 -2.29 -20.23
CA MET B 380 23.04 -2.27 -21.68
C MET B 380 21.58 -2.49 -22.05
N PRO B 381 20.91 -1.51 -22.64
CA PRO B 381 19.50 -1.70 -23.00
C PRO B 381 19.36 -2.57 -24.24
N ALA B 382 18.55 -3.61 -24.13
CA ALA B 382 18.24 -4.46 -25.28
C ALA B 382 16.79 -4.90 -25.31
N GLY B 383 15.95 -4.45 -24.38
CA GLY B 383 14.58 -4.88 -24.31
C GLY B 383 14.01 -4.68 -22.91
N ALA B 384 12.73 -4.34 -22.82
CA ALA B 384 12.03 -3.99 -21.60
C ALA B 384 12.54 -2.69 -20.98
N PHE B 385 13.34 -1.92 -21.72
CA PHE B 385 13.79 -0.61 -21.27
C PHE B 385 12.86 0.47 -21.81
N LYS B 386 12.34 1.29 -20.91
CA LYS B 386 11.40 2.34 -21.28
C LYS B 386 12.14 3.57 -21.77
N MET B 387 11.60 4.20 -22.82
CA MET B 387 12.15 5.44 -23.35
C MET B 387 11.03 6.43 -23.61
N THR B 388 11.40 7.70 -23.62
CA THR B 388 10.49 8.80 -23.90
C THR B 388 11.16 9.75 -24.88
N ASP B 389 10.36 10.50 -25.62
CA ASP B 389 10.84 11.38 -26.68
C ASP B 389 10.76 12.85 -26.27
N PHE B 390 10.91 13.12 -24.97
CA PHE B 390 10.68 14.47 -24.41
C PHE B 390 9.32 15.02 -24.82
N HIS B 391 8.36 14.13 -24.97
CA HIS B 391 6.96 14.48 -25.17
C HIS B 391 6.15 13.41 -24.43
N GLY B 392 4.85 13.35 -24.71
CA GLY B 392 4.05 12.33 -24.05
C GLY B 392 4.29 10.92 -24.53
N GLY B 393 5.04 10.75 -25.63
CA GLY B 393 5.28 9.43 -26.16
C GLY B 393 6.26 8.62 -25.35
N LYS B 394 5.76 7.60 -24.65
CA LYS B 394 6.60 6.66 -23.91
C LYS B 394 6.40 5.27 -24.51
N GLY B 395 7.49 4.52 -24.60
CA GLY B 395 7.44 3.19 -25.16
C GLY B 395 8.52 2.29 -24.59
N VAL B 396 8.55 1.06 -25.08
CA VAL B 396 9.50 0.05 -24.65
C VAL B 396 10.21 -0.50 -25.89
N ILE B 397 11.51 -0.75 -25.76
CA ILE B 397 12.31 -1.26 -26.88
C ILE B 397 11.82 -2.67 -27.19
N CYS B 398 11.16 -2.83 -28.33
CA CYS B 398 10.57 -4.11 -28.71
C CYS B 398 11.36 -4.84 -29.79
N LYS B 399 12.44 -4.24 -30.28
CA LYS B 399 13.25 -4.88 -31.33
C LYS B 399 14.59 -4.17 -31.40
N VAL B 400 15.67 -4.95 -31.32
CA VAL B 400 17.03 -4.42 -31.42
C VAL B 400 17.67 -5.04 -32.65
N MET B 401 18.11 -4.20 -33.58
CA MET B 401 18.76 -4.64 -34.80
C MET B 401 20.18 -4.12 -34.86
N GLU B 402 20.92 -4.59 -35.86
CA GLU B 402 22.27 -4.13 -36.11
C GLU B 402 22.23 -2.74 -36.75
N ASP B 403 23.38 -2.07 -36.73
CA ASP B 403 23.48 -0.75 -37.34
C ASP B 403 23.20 -0.82 -38.84
N GLU B 404 23.70 -1.86 -39.51
CA GLU B 404 23.49 -2.00 -40.95
C GLU B 404 22.01 -2.21 -41.28
N ASP B 405 21.30 -2.96 -40.45
CA ASP B 405 19.92 -3.32 -40.75
C ASP B 405 18.96 -2.14 -40.65
N MET B 406 19.38 -1.04 -40.02
CA MET B 406 18.49 0.08 -39.81
C MET B 406 18.24 0.85 -41.12
N PRO B 407 17.15 1.59 -41.20
CA PRO B 407 16.90 2.41 -42.39
C PRO B 407 18.01 3.41 -42.63
N ILE B 408 18.36 3.60 -43.91
CA ILE B 408 19.39 4.55 -44.31
C ILE B 408 18.88 5.31 -45.53
N ASP B 409 19.11 6.62 -45.56
CA ASP B 409 18.62 7.46 -46.64
C ASP B 409 19.60 7.42 -47.80
N GLU B 410 19.32 8.21 -48.85
CA GLU B 410 20.28 8.35 -49.94
C GLU B 410 21.48 9.19 -49.51
N ASN B 411 21.29 10.09 -48.53
CA ASN B 411 22.39 10.90 -48.03
C ASN B 411 23.32 10.08 -47.15
N GLY B 412 22.85 8.94 -46.64
CA GLY B 412 23.63 8.11 -45.75
C GLY B 412 23.21 8.19 -44.30
N ASN B 413 22.17 8.96 -43.98
CA ASN B 413 21.72 9.09 -42.60
C ASN B 413 21.15 7.76 -42.13
N ARG B 414 21.69 7.23 -41.03
CA ARG B 414 21.22 5.97 -40.48
C ARG B 414 20.26 6.22 -39.33
N ALA B 415 19.11 5.53 -39.37
CA ALA B 415 18.10 5.71 -38.33
C ALA B 415 18.56 5.09 -37.02
N ASP B 416 18.32 5.81 -35.94
CA ASP B 416 18.58 5.28 -34.61
C ASP B 416 17.34 4.67 -33.97
N LEU B 417 16.15 5.15 -34.34
CA LEU B 417 14.91 4.62 -33.81
C LEU B 417 13.84 4.62 -34.89
N ILE B 418 12.91 3.69 -34.77
CA ILE B 418 11.73 3.60 -35.61
C ILE B 418 10.50 3.65 -34.70
N ILE B 419 9.58 4.55 -35.01
CA ILE B 419 8.39 4.81 -34.21
C ILE B 419 7.17 4.75 -35.11
N PHE B 420 6.06 4.26 -34.59
CA PHE B 420 4.80 4.26 -35.31
C PHE B 420 4.21 5.67 -35.32
N GLY B 421 4.05 6.23 -36.52
CA GLY B 421 3.62 7.62 -36.61
C GLY B 421 2.20 7.85 -36.13
N GLY B 422 1.30 6.91 -36.43
CA GLY B 422 -0.11 7.12 -36.14
C GLY B 422 -0.43 7.36 -34.67
N SER B 423 0.46 6.94 -33.77
CA SER B 423 0.26 7.22 -32.36
C SER B 423 0.17 8.72 -32.11
N THR B 424 1.01 9.51 -32.79
CA THR B 424 0.93 10.95 -32.67
C THR B 424 -0.46 11.46 -33.04
N MET B 425 -1.11 10.82 -34.01
CA MET B 425 -2.46 11.25 -34.40
C MET B 425 -3.47 10.96 -33.31
N ARG B 426 -3.21 9.97 -32.46
CA ARG B 426 -4.14 9.58 -31.41
C ARG B 426 -3.83 10.26 -30.07
N ARG B 427 -2.59 10.15 -29.60
CA ARG B 427 -2.20 10.82 -28.36
C ARG B 427 -2.14 12.33 -28.52
N SER B 428 -2.11 12.82 -29.76
CA SER B 428 -2.14 14.26 -30.05
C SER B 428 -0.99 15.00 -29.38
N ASN B 429 0.23 14.51 -29.61
CA ASN B 429 1.46 15.20 -29.21
C ASN B 429 2.21 15.55 -30.50
N TYR B 430 1.82 16.65 -31.12
CA TYR B 430 2.33 16.99 -32.45
C TYR B 430 3.66 17.71 -32.40
N GLY B 431 4.02 18.30 -31.26
CA GLY B 431 5.26 19.05 -31.20
C GLY B 431 6.46 18.24 -31.62
N ARG B 432 6.51 16.97 -31.19
CA ARG B 432 7.50 16.02 -31.64
C ARG B 432 7.77 16.17 -33.14
N ILE B 433 6.71 16.01 -33.94
CA ILE B 433 6.87 16.03 -35.39
C ILE B 433 7.54 17.33 -35.81
N TYR B 434 7.05 18.46 -35.29
CA TYR B 434 7.69 19.74 -35.57
C TYR B 434 9.18 19.65 -35.33
N GLU B 435 9.58 19.34 -34.09
CA GLU B 435 10.98 19.10 -33.78
C GLU B 435 11.59 18.21 -34.84
N HIS B 436 11.06 16.99 -34.96
CA HIS B 436 11.47 16.03 -35.98
C HIS B 436 11.67 16.75 -37.30
N GLY B 437 10.58 17.30 -37.83
CA GLY B 437 10.63 17.91 -39.14
C GLY B 437 11.71 18.96 -39.18
N PHE B 438 11.64 19.93 -38.26
CA PHE B 438 12.58 21.03 -38.29
C PHE B 438 14.00 20.51 -38.16
N GLY B 439 14.19 19.55 -37.25
CA GLY B 439 15.53 19.03 -37.05
C GLY B 439 16.10 18.50 -38.35
N ALA B 440 15.31 17.72 -39.08
CA ALA B 440 15.77 17.17 -40.34
C ALA B 440 16.29 18.29 -41.23
N ALA B 441 15.46 19.33 -41.43
CA ALA B 441 15.88 20.43 -42.28
C ALA B 441 17.21 20.99 -41.82
N ALA B 442 17.29 21.32 -40.52
CA ALA B 442 18.52 21.90 -40.00
C ALA B 442 19.68 20.96 -40.25
N ARG B 443 19.50 19.68 -39.92
CA ARG B 443 20.58 18.72 -40.13
C ARG B 443 21.01 18.74 -41.59
N ASP B 444 20.04 18.64 -42.51
CA ASP B 444 20.38 18.62 -43.92
C ASP B 444 21.12 19.90 -44.30
N LEU B 445 20.65 21.04 -43.77
CA LEU B 445 21.33 22.30 -44.05
C LEU B 445 22.80 22.19 -43.70
N ALA B 446 23.10 21.73 -42.49
CA ALA B 446 24.50 21.57 -42.09
C ALA B 446 25.22 20.63 -43.05
N GLN B 447 24.59 19.49 -43.35
CA GLN B 447 25.21 18.55 -44.26
C GLN B 447 25.43 19.18 -45.62
N ARG B 448 24.48 20.02 -46.06
CA ARG B 448 24.66 20.70 -47.34
C ARG B 448 25.93 21.53 -47.33
N LEU B 449 26.18 22.26 -46.23
CA LEU B 449 27.42 23.01 -46.14
C LEU B 449 28.62 22.07 -46.16
N ARG B 450 28.52 20.93 -45.47
CA ARG B 450 29.59 19.96 -45.49
C ARG B 450 29.83 19.40 -46.89
N VAL B 451 28.84 19.48 -47.77
CA VAL B 451 29.06 19.08 -49.15
C VAL B 451 29.60 20.24 -49.99
N GLU B 452 29.25 21.47 -49.63
CA GLU B 452 29.69 22.63 -50.38
C GLU B 452 31.03 23.19 -49.92
N ALA B 453 31.58 22.67 -48.81
CA ALA B 453 32.87 23.10 -48.31
C ALA B 453 33.98 22.10 -48.60
N GLY B 454 33.71 21.11 -49.44
CA GLY B 454 34.68 20.05 -49.71
C GLY B 454 34.94 19.17 -48.51
N LEU B 455 33.92 18.86 -47.73
CA LEU B 455 34.02 17.99 -46.57
C LEU B 455 33.13 16.77 -46.78
N ASP B 456 33.01 15.95 -45.74
CA ASP B 456 32.21 14.73 -45.78
C ASP B 456 31.14 14.78 -44.71
N ARG B 457 29.94 14.35 -45.07
CA ARG B 457 28.86 14.22 -44.09
C ARG B 457 29.13 13.04 -43.16
N HIS B 458 28.56 13.13 -41.96
CA HIS B 458 28.72 12.10 -40.93
C HIS B 458 30.19 11.88 -40.59
N ALA B 459 30.95 12.96 -40.54
CA ALA B 459 32.37 12.88 -40.19
C ALA B 459 32.80 14.25 -39.69
N LYS B 460 33.21 14.31 -38.43
CA LYS B 460 33.62 15.59 -37.84
C LYS B 460 34.91 16.05 -38.48
N PRO B 461 34.96 17.21 -39.10
CA PRO B 461 36.18 17.64 -39.80
C PRO B 461 37.32 17.94 -38.83
N THR B 462 38.53 17.67 -39.30
CA THR B 462 39.72 17.98 -38.53
C THR B 462 39.96 19.50 -38.54
N GLN B 463 40.70 19.97 -37.54
CA GLN B 463 41.00 21.40 -37.46
C GLN B 463 41.70 21.90 -38.72
N GLN B 464 42.52 21.06 -39.35
CA GLN B 464 43.17 21.45 -40.59
C GLN B 464 42.15 21.70 -41.70
N GLN B 465 41.15 20.82 -41.82
CA GLN B 465 40.12 20.99 -42.84
C GLN B 465 39.32 22.26 -42.61
N LEU B 466 38.94 22.53 -41.36
CA LEU B 466 38.20 23.76 -41.07
C LEU B 466 39.05 25.00 -41.34
N ASN B 467 40.35 24.94 -41.01
CA ASN B 467 41.24 26.05 -41.31
C ASN B 467 41.34 26.29 -42.81
N SER B 468 41.41 25.21 -43.59
CA SER B 468 41.42 25.34 -45.05
C SER B 468 40.12 25.96 -45.56
N VAL B 469 38.99 25.54 -45.00
CA VAL B 469 37.70 26.08 -45.42
C VAL B 469 37.61 27.57 -45.11
N MET B 470 38.06 27.97 -43.92
CA MET B 470 38.00 29.36 -43.50
C MET B 470 38.93 30.27 -44.29
N GLY B 471 39.81 29.71 -45.11
CA GLY B 471 40.77 30.53 -45.84
C GLY B 471 40.12 31.54 -46.76
N ASN B 472 39.00 31.17 -47.36
CA ASN B 472 38.26 32.06 -48.27
C ASN B 472 37.05 32.64 -47.55
N THR B 473 36.93 33.96 -47.57
CA THR B 473 35.86 34.65 -46.86
C THR B 473 34.53 34.54 -47.59
N GLN B 474 34.57 34.39 -48.91
CA GLN B 474 33.34 34.41 -49.71
C GLN B 474 32.40 33.28 -49.31
N TRP B 475 32.90 32.04 -49.29
CA TRP B 475 32.03 30.91 -48.96
C TRP B 475 31.61 30.96 -47.50
N VAL B 476 32.48 31.44 -46.61
CA VAL B 476 32.12 31.55 -45.20
C VAL B 476 30.95 32.51 -45.04
N ASP B 477 31.02 33.68 -45.68
CA ASP B 477 29.92 34.63 -45.61
C ASP B 477 28.66 34.09 -46.27
N TYR B 478 28.79 33.35 -47.38
CA TYR B 478 27.62 32.77 -48.02
C TYR B 478 26.94 31.74 -47.11
N ALA B 479 27.74 30.90 -46.45
CA ALA B 479 27.17 29.93 -45.52
C ALA B 479 26.51 30.63 -44.34
N PHE B 480 27.12 31.70 -43.84
CA PHE B 480 26.52 32.44 -42.74
C PHE B 480 25.20 33.08 -43.17
N LYS B 481 25.13 33.57 -44.41
CA LYS B 481 23.88 34.12 -44.92
C LYS B 481 22.80 33.04 -45.02
N GLU B 482 23.18 31.84 -45.48
CA GLU B 482 22.21 30.75 -45.51
C GLU B 482 21.72 30.40 -44.12
N LEU B 483 22.64 30.37 -43.14
CA LEU B 483 22.24 30.11 -41.76
C LEU B 483 21.30 31.19 -41.25
N LEU B 484 21.58 32.45 -41.59
CA LEU B 484 20.69 33.55 -41.18
C LEU B 484 19.31 33.38 -41.79
N GLY B 485 19.24 33.00 -43.07
CA GLY B 485 17.94 32.77 -43.69
C GLY B 485 17.17 31.64 -43.04
N PHE B 486 17.86 30.54 -42.72
CA PHE B 486 17.18 29.43 -42.07
C PHE B 486 16.69 29.81 -40.67
N TYR B 487 17.51 30.56 -39.92
CA TYR B 487 17.08 31.01 -38.61
C TYR B 487 15.89 31.96 -38.71
N GLU B 488 15.91 32.84 -39.72
CA GLU B 488 14.77 33.73 -39.94
C GLU B 488 13.50 32.95 -40.23
N ILE B 489 13.62 31.87 -41.01
CA ILE B 489 12.46 31.01 -41.26
C ILE B 489 11.99 30.36 -39.96
N ILE B 490 12.93 29.88 -39.14
CA ILE B 490 12.57 29.11 -37.95
C ILE B 490 12.36 30.02 -36.74
N ALA B 491 13.41 30.71 -36.31
CA ALA B 491 13.37 31.50 -35.07
C ALA B 491 13.74 32.94 -35.34
N PRO B 492 12.76 33.85 -35.43
CA PRO B 492 13.10 35.27 -35.64
C PRO B 492 13.95 35.86 -34.53
N THR B 493 13.74 35.42 -33.28
CA THR B 493 14.58 35.88 -32.18
C THR B 493 16.04 35.48 -32.41
N MET B 494 16.27 34.20 -32.72
CA MET B 494 17.62 33.77 -33.05
C MET B 494 18.12 34.46 -34.30
N HIS B 495 17.22 34.79 -35.24
CA HIS B 495 17.64 35.52 -36.43
C HIS B 495 18.21 36.89 -36.07
N SER B 496 17.53 37.61 -35.17
CA SER B 496 18.05 38.90 -34.71
C SER B 496 19.36 38.73 -33.96
N LYS B 497 19.44 37.71 -33.10
CA LYS B 497 20.66 37.48 -32.33
C LYS B 497 21.85 37.22 -33.24
N MET B 498 21.65 36.42 -34.29
CA MET B 498 22.73 36.12 -35.23
C MET B 498 22.96 37.25 -36.22
N MET B 499 21.98 38.13 -36.44
CA MET B 499 22.27 39.38 -37.14
C MET B 499 23.23 40.24 -36.34
N GLU B 500 23.04 40.29 -35.02
CA GLU B 500 23.97 41.00 -34.14
C GLU B 500 25.08 40.05 -33.70
N HIS B 501 25.87 39.59 -34.67
CA HIS B 501 26.93 38.63 -34.44
C HIS B 501 28.28 39.25 -34.71
N PRO B 502 29.27 39.10 -33.82
CA PRO B 502 30.57 39.72 -34.04
C PRO B 502 31.43 39.02 -35.08
N ASN B 503 31.49 37.68 -35.03
CA ASN B 503 32.39 36.91 -35.87
C ASN B 503 31.62 35.78 -36.54
N PRO B 504 31.00 36.05 -37.70
CA PRO B 504 30.24 35.00 -38.39
C PRO B 504 31.08 33.79 -38.79
N ALA B 505 32.38 33.99 -39.02
CA ALA B 505 33.25 32.88 -39.38
C ALA B 505 33.30 31.84 -38.27
N GLU B 506 33.35 32.30 -37.01
CA GLU B 506 33.31 31.38 -35.89
C GLU B 506 32.01 30.59 -35.86
N HIS B 507 30.89 31.26 -36.14
CA HIS B 507 29.60 30.57 -36.16
C HIS B 507 29.57 29.50 -37.26
N VAL B 508 30.06 29.83 -38.45
CA VAL B 508 30.08 28.86 -39.54
C VAL B 508 30.98 27.69 -39.19
N LYS B 509 32.15 27.97 -38.61
CA LYS B 509 33.07 26.91 -38.22
C LYS B 509 32.45 26.00 -37.16
N THR B 510 31.74 26.59 -36.19
CA THR B 510 31.09 25.79 -35.17
C THR B 510 29.99 24.92 -35.77
N VAL B 511 29.22 25.47 -36.71
CA VAL B 511 28.17 24.69 -37.36
C VAL B 511 28.78 23.52 -38.13
N LEU B 512 29.88 23.77 -38.85
CA LEU B 512 30.53 22.70 -39.60
C LEU B 512 31.10 21.63 -38.67
N MET B 513 31.72 22.04 -37.56
CA MET B 513 32.29 21.08 -36.63
C MET B 513 31.21 20.24 -35.96
N ASP B 514 30.13 20.88 -35.51
CA ASP B 514 29.09 20.15 -34.79
C ASP B 514 28.25 19.30 -35.74
N GLY B 515 28.12 19.71 -37.00
CA GLY B 515 27.29 19.00 -37.95
C GLY B 515 25.82 19.28 -37.83
N PHE B 516 25.42 20.20 -36.97
CA PHE B 516 24.03 20.59 -36.82
C PHE B 516 23.97 22.00 -36.24
N PRO B 517 23.22 22.90 -36.86
CA PRO B 517 23.05 24.23 -36.26
C PRO B 517 22.10 24.19 -35.08
N TYR B 518 22.62 24.31 -33.86
CA TYR B 518 21.77 24.34 -32.68
C TYR B 518 20.88 25.57 -32.74
N ILE B 519 19.59 25.38 -32.49
CA ILE B 519 18.58 26.42 -32.69
C ILE B 519 17.99 26.82 -31.35
N TYR B 520 18.00 28.12 -31.08
CA TYR B 520 17.35 28.68 -29.90
C TYR B 520 15.90 28.97 -30.23
N ALA B 521 14.99 28.14 -29.72
CA ALA B 521 13.55 28.30 -29.92
C ALA B 521 12.92 28.60 -28.58
N PRO B 522 12.70 29.86 -28.24
CA PRO B 522 12.15 30.21 -26.94
C PRO B 522 10.68 29.86 -26.83
N VAL B 523 10.19 29.88 -25.59
CA VAL B 523 8.78 29.63 -25.34
C VAL B 523 7.93 30.74 -25.95
N ASP B 524 8.35 31.99 -25.76
CA ASP B 524 7.65 33.15 -26.34
C ASP B 524 8.21 33.50 -27.72
N ASP B 525 8.23 32.52 -28.62
CA ASP B 525 8.81 32.71 -29.94
C ASP B 525 7.73 33.12 -30.92
N PRO B 526 7.79 34.33 -31.49
CA PRO B 526 6.75 34.77 -32.43
C PRO B 526 6.81 34.04 -33.77
N VAL B 527 6.37 32.78 -33.76
CA VAL B 527 6.40 31.93 -34.95
C VAL B 527 5.03 31.35 -35.22
N ASP B 528 4.63 31.37 -36.48
CA ASP B 528 3.52 30.58 -36.97
C ASP B 528 4.11 29.26 -37.47
N LEU B 529 3.89 28.19 -36.69
CA LEU B 529 4.63 26.95 -36.90
C LEU B 529 4.35 26.36 -38.27
N MET B 530 3.08 26.23 -38.63
CA MET B 530 2.74 25.63 -39.91
C MET B 530 3.12 26.53 -41.08
N ALA B 531 3.12 27.84 -40.87
CA ALA B 531 3.64 28.74 -41.90
C ALA B 531 5.12 28.48 -42.14
N ALA B 532 5.89 28.27 -41.07
CA ALA B 532 7.31 27.94 -41.24
C ALA B 532 7.48 26.59 -41.92
N VAL B 533 6.62 25.63 -41.58
CA VAL B 533 6.68 24.31 -42.23
C VAL B 533 6.42 24.46 -43.74
N ASN B 534 5.41 25.25 -44.11
CA ASN B 534 5.12 25.47 -45.52
C ASN B 534 6.28 26.19 -46.21
N LYS B 535 6.89 27.16 -45.52
CA LYS B 535 8.04 27.86 -46.11
C LYS B 535 9.20 26.90 -46.36
N LEU B 536 9.47 26.00 -45.41
CA LEU B 536 10.53 25.02 -45.61
C LEU B 536 10.19 24.08 -46.75
N ILE B 537 8.94 23.64 -46.83
CA ILE B 537 8.55 22.72 -47.90
C ILE B 537 8.60 23.42 -49.25
N ASN B 538 8.09 24.65 -49.32
CA ASN B 538 8.04 25.40 -50.57
C ASN B 538 9.27 26.31 -50.70
N SER B 539 10.44 25.67 -50.69
CA SER B 539 11.71 26.37 -50.84
C SER B 539 12.71 25.47 -51.52
N ASP B 540 13.47 26.03 -52.46
CA ASP B 540 14.51 25.25 -53.14
C ASP B 540 15.58 24.78 -52.16
N LYS B 541 16.01 25.67 -51.27
CA LYS B 541 16.94 25.33 -50.21
C LYS B 541 16.18 25.13 -48.90
N TYR B 542 16.89 24.71 -47.87
CA TYR B 542 16.35 24.48 -46.53
C TYR B 542 15.33 23.34 -46.52
N ARG B 543 15.10 22.72 -47.67
CA ARG B 543 14.12 21.64 -47.76
C ARG B 543 14.77 20.33 -47.36
N PRO B 544 14.23 19.59 -46.40
CA PRO B 544 14.80 18.29 -46.05
C PRO B 544 14.69 17.30 -47.19
N HIS B 545 15.62 16.36 -47.23
CA HIS B 545 15.64 15.34 -48.28
C HIS B 545 14.50 14.37 -48.02
N TYR B 546 13.36 14.60 -48.66
CA TYR B 546 12.17 13.79 -48.47
C TYR B 546 12.07 12.75 -49.57
N GLY B 547 12.96 11.75 -49.47
CA GLY B 547 13.08 10.70 -50.47
C GLY B 547 12.86 9.31 -49.90
N LYS B 548 13.12 8.33 -50.75
CA LYS B 548 12.93 6.93 -50.39
C LYS B 548 13.97 6.51 -49.36
N VAL B 549 13.61 5.50 -48.55
CA VAL B 549 14.47 4.97 -47.51
C VAL B 549 14.49 3.45 -47.61
N SER B 550 15.68 2.87 -47.56
CA SER B 550 15.84 1.42 -47.66
C SER B 550 16.34 0.86 -46.34
N TYR B 551 15.76 -0.26 -45.92
CA TYR B 551 16.14 -0.92 -44.68
C TYR B 551 16.17 -2.43 -44.94
N ARG B 552 16.26 -3.21 -43.87
CA ARG B 552 16.20 -4.66 -43.94
C ARG B 552 15.08 -5.17 -43.05
N ASP B 553 14.18 -5.95 -43.63
CA ASP B 553 13.05 -6.48 -42.89
C ASP B 553 13.48 -7.69 -42.06
N GLN B 554 12.51 -8.28 -41.35
CA GLN B 554 12.77 -9.44 -40.52
C GLN B 554 13.14 -10.68 -41.32
N ALA B 555 12.83 -10.70 -42.62
CA ALA B 555 13.16 -11.84 -43.48
C ALA B 555 14.58 -11.81 -44.00
N GLY B 556 15.34 -10.76 -43.70
CA GLY B 556 16.71 -10.64 -44.14
C GLY B 556 16.91 -9.95 -45.47
N LYS B 557 15.84 -9.64 -46.19
CA LYS B 557 15.96 -8.95 -47.46
C LYS B 557 16.28 -7.48 -47.24
N TRP B 558 16.95 -6.89 -48.23
CA TRP B 558 17.29 -5.47 -48.23
C TRP B 558 16.25 -4.78 -49.12
N VAL B 559 15.23 -4.21 -48.49
CA VAL B 559 14.06 -3.71 -49.19
C VAL B 559 13.99 -2.20 -49.05
N THR B 560 13.66 -1.53 -50.15
CA THR B 560 13.53 -0.08 -50.20
C THR B 560 12.06 0.30 -50.09
N THR B 561 11.76 1.23 -49.18
CA THR B 561 10.38 1.65 -48.98
C THR B 561 9.87 2.38 -50.21
N LYS B 562 8.60 2.12 -50.56
CA LYS B 562 8.04 2.62 -51.80
C LYS B 562 7.66 4.10 -51.75
N ASP B 563 7.39 4.65 -50.57
CA ASP B 563 6.98 6.04 -50.45
C ASP B 563 8.05 6.82 -49.69
N ASN B 564 8.07 8.14 -49.93
CA ASN B 564 9.10 8.99 -49.36
C ASN B 564 9.00 9.01 -47.84
N VAL B 565 10.16 8.90 -47.19
CA VAL B 565 10.25 8.84 -45.74
C VAL B 565 11.27 9.88 -45.28
N LEU B 566 10.92 10.63 -44.23
CA LEU B 566 11.79 11.67 -43.69
C LEU B 566 12.39 11.21 -42.36
N MET B 567 13.71 11.41 -42.22
CA MET B 567 14.44 11.06 -41.01
C MET B 567 14.78 12.34 -40.26
N GLY B 568 14.45 12.39 -38.97
CA GLY B 568 14.67 13.61 -38.21
C GLY B 568 15.11 13.35 -36.79
N PRO B 569 15.89 14.26 -36.22
CA PRO B 569 16.43 14.06 -34.86
C PRO B 569 15.41 14.37 -33.79
N LEU B 570 15.08 13.36 -32.99
CA LEU B 570 14.29 13.53 -31.78
C LEU B 570 15.18 13.35 -30.56
N TYR B 571 14.96 14.17 -29.54
CA TYR B 571 15.78 14.14 -28.33
C TYR B 571 15.15 13.14 -27.38
N MET B 572 15.73 11.94 -27.31
CA MET B 572 15.19 10.85 -26.53
C MET B 572 15.77 10.86 -25.11
N MET B 573 15.16 10.06 -24.25
CA MET B 573 15.56 9.99 -22.85
C MET B 573 15.17 8.62 -22.31
N LEU B 574 16.00 8.10 -21.42
CA LEU B 574 15.72 6.83 -20.78
C LEU B 574 14.95 7.06 -19.49
N LEU B 575 14.21 6.04 -19.06
CA LEU B 575 13.38 6.12 -17.87
C LEU B 575 13.84 5.09 -16.84
N GLU B 576 13.27 5.18 -15.65
CA GLU B 576 13.37 4.10 -14.67
C GLU B 576 12.36 3.02 -15.06
N LYS B 577 12.16 2.04 -14.19
CA LYS B 577 11.36 0.85 -14.52
C LYS B 577 11.92 0.19 -15.78
N ILE B 578 13.23 -0.04 -15.76
CA ILE B 578 13.97 -0.57 -16.89
C ILE B 578 13.89 -2.10 -16.93
N GLY B 579 13.19 -2.70 -15.98
CA GLY B 579 13.23 -4.13 -15.79
C GLY B 579 14.07 -4.48 -14.57
N GLU B 580 14.78 -5.60 -14.63
CA GLU B 580 15.65 -6.08 -13.56
C GLU B 580 14.88 -6.38 -12.28
N ASP B 581 13.56 -6.22 -12.30
CA ASP B 581 12.70 -6.57 -11.17
C ASP B 581 11.91 -7.84 -11.46
N TRP B 582 12.23 -8.54 -12.53
CA TRP B 582 11.58 -9.81 -12.84
C TRP B 582 11.77 -10.79 -11.69
N SER B 583 10.68 -11.48 -11.33
CA SER B 583 10.67 -12.35 -10.16
C SER B 583 10.14 -13.72 -10.57
N ALA B 584 11.03 -14.59 -11.05
CA ALA B 584 10.71 -15.97 -11.36
C ALA B 584 11.13 -16.85 -10.20
N ALA B 585 10.23 -17.72 -9.76
CA ALA B 585 10.47 -18.56 -8.59
C ALA B 585 9.79 -19.90 -8.77
N ALA B 586 10.59 -20.94 -9.01
CA ALA B 586 10.03 -22.29 -9.10
C ALA B 586 9.43 -22.72 -7.77
N SER B 587 10.12 -22.41 -6.67
CA SER B 587 9.64 -22.74 -5.33
C SER B 587 10.11 -21.67 -4.38
N VAL B 588 9.22 -21.23 -3.48
CA VAL B 588 9.48 -20.09 -2.61
C VAL B 588 9.55 -20.58 -1.17
N LYS B 589 10.44 -19.97 -0.40
CA LYS B 589 10.55 -20.30 1.02
C LYS B 589 9.26 -19.98 1.73
N THR B 590 8.96 -20.76 2.77
CA THR B 590 7.64 -20.79 3.38
C THR B 590 7.72 -20.32 4.82
N GLN B 591 6.62 -19.72 5.30
CA GLN B 591 6.48 -19.34 6.70
C GLN B 591 6.29 -20.59 7.54
N PRO B 592 6.51 -20.48 8.87
CA PRO B 592 6.18 -21.62 9.75
C PRO B 592 4.73 -22.06 9.63
N PHE B 593 3.80 -21.11 9.48
CA PHE B 593 2.44 -21.42 9.05
C PHE B 593 2.46 -21.48 7.54
N GLY B 594 2.37 -22.70 6.99
CA GLY B 594 2.73 -22.91 5.60
C GLY B 594 1.97 -22.11 4.57
N LEU B 595 2.64 -21.08 4.03
CA LEU B 595 2.16 -20.18 2.98
C LEU B 595 3.36 -19.39 2.49
N PRO B 596 3.48 -19.11 1.20
CA PRO B 596 4.56 -18.24 0.74
C PRO B 596 4.42 -16.84 1.31
N SER B 597 5.56 -16.18 1.53
CA SER B 597 5.60 -14.88 2.18
C SER B 597 6.34 -13.89 1.29
N LYS B 598 6.42 -12.65 1.77
CA LYS B 598 7.17 -11.60 1.09
C LYS B 598 8.66 -11.76 1.37
N LEU B 599 9.46 -10.98 0.64
CA LEU B 599 10.92 -11.06 0.72
C LEU B 599 11.44 -9.88 1.54
N ASN B 600 12.11 -10.18 2.65
CA ASN B 600 12.79 -9.15 3.41
C ASN B 600 14.07 -8.73 2.70
N ASN B 601 14.62 -7.58 3.11
CA ASN B 601 15.71 -6.96 2.37
C ASN B 601 16.90 -7.91 2.22
N ALA B 602 17.37 -8.47 3.33
CA ALA B 602 18.51 -9.37 3.29
C ALA B 602 18.21 -10.61 2.46
N ASP B 603 16.99 -11.14 2.57
CA ASP B 603 16.59 -12.33 1.85
C ASP B 603 16.05 -12.03 0.46
N ARG B 604 15.86 -10.76 0.10
CA ARG B 604 15.49 -10.41 -1.26
C ARG B 604 16.70 -10.02 -2.11
N ALA B 605 17.80 -9.61 -1.48
CA ALA B 605 19.03 -9.30 -2.19
C ALA B 605 19.99 -10.48 -2.21
N SER B 606 19.47 -11.71 -2.21
CA SER B 606 20.28 -12.91 -2.10
C SER B 606 20.05 -13.90 -3.23
N THR B 607 19.37 -13.50 -4.30
CA THR B 607 19.00 -14.39 -5.38
C THR B 607 19.21 -13.65 -6.70
N PRO B 608 19.71 -14.33 -7.75
CA PRO B 608 19.90 -13.63 -9.03
C PRO B 608 18.56 -13.33 -9.68
N GLY B 609 18.14 -12.06 -9.61
CA GLY B 609 16.77 -11.73 -9.92
C GLY B 609 15.87 -12.05 -8.74
N ARG B 610 14.76 -11.33 -8.60
CA ARG B 610 13.88 -11.56 -7.47
C ARG B 610 13.28 -12.95 -7.51
N GLU B 611 12.96 -13.48 -6.34
CA GLU B 611 12.37 -14.80 -6.19
C GLU B 611 11.04 -14.70 -5.45
N THR B 612 10.23 -13.71 -5.83
CA THR B 612 8.97 -13.44 -5.18
C THR B 612 7.89 -14.40 -5.68
N ALA B 613 6.96 -14.73 -4.79
CA ALA B 613 5.78 -15.52 -5.13
C ALA B 613 4.68 -14.55 -5.55
N ILE B 614 4.44 -14.45 -6.86
CA ILE B 614 3.51 -13.47 -7.38
C ILE B 614 2.08 -13.92 -7.10
N ARG B 615 1.25 -12.98 -6.66
CA ARG B 615 -0.17 -13.25 -6.42
C ARG B 615 -0.93 -13.11 -7.75
N SER B 616 -0.72 -14.11 -8.61
CA SER B 616 -1.40 -14.12 -9.90
C SER B 616 -2.82 -14.67 -9.79
N PHE B 617 -3.19 -15.20 -8.64
CA PHE B 617 -4.57 -15.62 -8.34
C PHE B 617 -5.12 -14.73 -7.23
N GLY B 618 -5.67 -13.59 -7.62
CA GLY B 618 -6.44 -12.76 -6.71
C GLY B 618 -7.89 -13.16 -6.71
N GLU B 619 -8.72 -12.31 -6.11
CA GLU B 619 -10.16 -12.55 -6.14
C GLU B 619 -10.71 -12.50 -7.55
N SER B 620 -10.28 -11.50 -8.34
CA SER B 620 -10.76 -11.41 -9.72
C SER B 620 -10.24 -12.56 -10.57
N GLU B 621 -8.96 -12.92 -10.40
CA GLU B 621 -8.40 -14.02 -11.16
C GLU B 621 -9.06 -15.34 -10.80
N THR B 622 -9.28 -15.59 -9.50
CA THR B 622 -9.96 -16.83 -9.13
C THR B 622 -11.42 -16.81 -9.55
N ARG B 623 -12.03 -15.62 -9.66
CA ARG B 623 -13.36 -15.52 -10.24
C ARG B 623 -13.35 -15.98 -11.69
N SER B 624 -12.43 -15.43 -12.48
CA SER B 624 -12.35 -15.78 -13.89
C SER B 624 -12.07 -17.27 -14.06
N TYR B 625 -11.19 -17.83 -13.23
CA TYR B 625 -10.89 -19.26 -13.31
C TYR B 625 -12.10 -20.11 -12.93
N ASN B 626 -12.74 -19.80 -11.79
CA ASN B 626 -13.91 -20.55 -11.36
C ASN B 626 -15.02 -20.52 -12.38
N CYS B 627 -15.10 -19.45 -13.18
CA CYS B 627 -16.20 -19.35 -14.13
C CYS B 627 -15.85 -19.96 -15.49
N THR B 628 -14.69 -19.60 -16.04
CA THR B 628 -14.28 -20.14 -17.33
C THR B 628 -14.02 -21.64 -17.24
N VAL B 629 -13.23 -22.05 -16.26
CA VAL B 629 -12.97 -23.46 -16.02
C VAL B 629 -13.79 -23.88 -14.82
N GLY B 630 -14.09 -25.18 -14.72
CA GLY B 630 -14.75 -25.70 -13.55
C GLY B 630 -13.97 -25.38 -12.30
N PRO B 631 -14.65 -25.24 -11.17
CA PRO B 631 -13.95 -24.91 -9.92
C PRO B 631 -12.95 -25.97 -9.50
N GLY B 632 -13.03 -27.18 -10.06
CA GLY B 632 -12.14 -28.26 -9.72
C GLY B 632 -10.67 -27.94 -9.96
N PRO B 633 -10.30 -27.67 -11.21
CA PRO B 633 -8.90 -27.32 -11.49
C PRO B 633 -8.40 -26.09 -10.75
N THR B 634 -9.25 -25.07 -10.57
CA THR B 634 -8.82 -23.90 -9.82
C THR B 634 -8.55 -24.25 -8.36
N ALA B 635 -9.43 -25.05 -7.76
CA ALA B 635 -9.18 -25.51 -6.40
C ALA B 635 -7.93 -26.36 -6.33
N GLU B 636 -7.65 -27.14 -7.39
CA GLU B 636 -6.42 -27.93 -7.42
C GLU B 636 -5.19 -27.04 -7.44
N ILE B 637 -5.22 -25.98 -8.24
CA ILE B 637 -4.08 -25.05 -8.30
C ILE B 637 -3.88 -24.38 -6.94
N LEU B 638 -4.97 -23.90 -6.34
CA LEU B 638 -4.85 -23.23 -5.05
C LEU B 638 -4.46 -24.22 -3.95
N ASP B 639 -4.79 -25.49 -4.12
CA ASP B 639 -4.37 -26.51 -3.14
C ASP B 639 -2.88 -26.82 -3.30
N GLN B 640 -2.39 -26.86 -4.55
CA GLN B 640 -0.96 -27.05 -4.77
C GLN B 640 -0.17 -25.88 -4.17
N THR B 641 -0.69 -24.67 -4.31
CA THR B 641 -0.01 -23.51 -3.74
C THR B 641 -0.13 -23.43 -2.22
N ASN B 642 -1.31 -23.66 -1.65
CA ASN B 642 -1.56 -23.51 -0.23
C ASN B 642 -1.03 -24.67 0.60
N ASN B 643 -1.36 -25.89 0.22
CA ASN B 643 -0.87 -27.06 0.94
C ASN B 643 0.60 -27.30 0.61
N PRO B 644 1.51 -27.23 1.57
CA PRO B 644 2.93 -27.49 1.26
C PRO B 644 3.19 -28.90 0.76
N LEU B 645 2.40 -29.89 1.22
CA LEU B 645 2.60 -31.26 0.78
C LEU B 645 2.30 -31.39 -0.71
N ALA B 646 1.26 -30.71 -1.20
CA ALA B 646 0.95 -30.76 -2.62
C ALA B 646 2.05 -30.14 -3.46
N HIS B 647 2.62 -29.02 -2.99
CA HIS B 647 3.73 -28.41 -3.71
C HIS B 647 4.96 -29.31 -3.71
N ALA B 648 5.23 -29.97 -2.58
CA ALA B 648 6.32 -30.93 -2.53
C ALA B 648 6.08 -32.08 -3.50
N ALA B 649 4.83 -32.54 -3.61
CA ALA B 649 4.51 -33.58 -4.58
C ALA B 649 4.71 -33.10 -6.01
N VAL B 650 4.34 -31.85 -6.29
CA VAL B 650 4.57 -31.29 -7.63
C VAL B 650 6.06 -31.28 -7.96
N ILE B 651 6.88 -30.83 -7.02
CA ILE B 651 8.33 -30.78 -7.28
C ILE B 651 8.90 -32.19 -7.40
N GLU B 652 8.40 -33.13 -6.60
CA GLU B 652 8.84 -34.51 -6.71
C GLU B 652 8.46 -35.10 -8.07
N SER B 653 7.28 -34.75 -8.58
CA SER B 653 6.88 -35.20 -9.91
C SER B 653 7.77 -34.60 -10.99
N TRP B 654 8.13 -33.33 -10.83
CA TRP B 654 9.07 -32.71 -11.78
C TRP B 654 10.41 -33.43 -11.77
N LEU B 655 10.93 -33.74 -10.59
CA LEU B 655 12.28 -34.29 -10.49
C LEU B 655 12.34 -35.78 -10.81
N THR B 656 11.27 -36.53 -10.55
CA THR B 656 11.27 -37.98 -10.70
C THR B 656 10.52 -38.41 -11.96
N ALA B 657 10.71 -37.69 -13.05
CA ALA B 657 10.08 -38.02 -14.32
C ALA B 657 11.13 -38.01 -15.42
N GLU B 658 11.02 -38.99 -16.34
CA GLU B 658 11.87 -38.99 -17.51
C GLU B 658 11.64 -37.75 -18.38
N LYS B 659 10.43 -37.23 -18.40
CA LYS B 659 10.09 -35.99 -19.10
C LYS B 659 9.56 -34.99 -18.08
N PRO B 660 10.41 -34.07 -17.58
CA PRO B 660 9.89 -33.07 -16.64
C PRO B 660 8.77 -32.23 -17.23
N SER B 661 8.82 -31.97 -18.53
CA SER B 661 7.68 -31.39 -19.22
C SER B 661 6.67 -32.48 -19.56
N SER B 662 5.40 -32.09 -19.60
CA SER B 662 4.29 -33.01 -19.90
C SER B 662 4.24 -34.17 -18.90
N VAL B 663 4.10 -33.81 -17.63
CA VAL B 663 3.87 -34.80 -16.58
C VAL B 663 2.41 -35.24 -16.65
N PRO B 664 2.13 -36.55 -16.68
CA PRO B 664 0.73 -37.01 -16.80
C PRO B 664 -0.18 -36.46 -15.71
N VAL B 665 0.18 -36.68 -14.45
CA VAL B 665 -0.54 -36.12 -13.31
C VAL B 665 0.49 -35.60 -12.32
N ALA B 666 0.33 -34.34 -11.89
CA ALA B 666 1.29 -33.73 -10.98
C ALA B 666 1.15 -34.30 -9.57
N VAL B 667 -0.03 -34.15 -8.97
CA VAL B 667 -0.31 -34.63 -7.62
C VAL B 667 -1.30 -35.78 -7.72
N ASP B 668 -0.91 -36.95 -7.20
CA ASP B 668 -1.82 -38.08 -7.12
C ASP B 668 -2.81 -37.82 -5.99
N ARG B 669 -4.03 -37.41 -6.35
CA ARG B 669 -5.02 -37.02 -5.34
C ARG B 669 -5.41 -38.17 -4.43
N GLU B 670 -5.24 -39.42 -4.88
CA GLU B 670 -5.48 -40.55 -4.00
C GLU B 670 -4.49 -40.58 -2.85
N LYS B 671 -3.21 -40.30 -3.14
CA LYS B 671 -2.20 -40.25 -2.08
C LYS B 671 -2.34 -38.98 -1.26
N ILE B 672 -2.67 -37.85 -1.89
CA ILE B 672 -2.83 -36.58 -1.19
C ILE B 672 -4.26 -36.09 -1.41
N PRO B 673 -5.19 -36.38 -0.51
CA PRO B 673 -6.57 -35.95 -0.71
C PRO B 673 -6.72 -34.44 -0.57
N PHE B 674 -7.83 -33.94 -1.11
CA PHE B 674 -8.16 -32.52 -0.96
C PHE B 674 -8.46 -32.20 0.50
N GLY B 675 -8.41 -30.92 0.82
CA GLY B 675 -8.73 -30.44 2.15
C GLY B 675 -7.55 -30.18 3.05
N GLY B 676 -6.33 -30.38 2.57
CA GLY B 676 -5.13 -30.13 3.35
C GLY B 676 -4.57 -28.74 3.23
N SER B 677 -5.23 -27.84 2.50
CA SER B 677 -4.72 -26.48 2.34
C SER B 677 -4.76 -25.74 3.67
N ARG B 678 -3.67 -25.04 3.97
CA ARG B 678 -3.52 -24.40 5.28
C ARG B 678 -4.57 -23.34 5.57
N PRO B 679 -4.86 -22.38 4.68
CA PRO B 679 -5.90 -21.39 5.01
C PRO B 679 -7.27 -22.00 5.25
N VAL B 680 -7.66 -22.99 4.45
CA VAL B 680 -8.97 -23.61 4.61
C VAL B 680 -9.04 -24.42 5.89
N ALA B 681 -7.96 -25.15 6.21
CA ALA B 681 -7.92 -25.89 7.46
C ALA B 681 -7.98 -24.95 8.65
N MET B 682 -7.27 -23.82 8.58
CA MET B 682 -7.33 -22.82 9.63
C MET B 682 -8.73 -22.27 9.80
N PHE B 683 -9.40 -21.96 8.69
CA PHE B 683 -10.76 -21.43 8.73
C PHE B 683 -11.72 -22.44 9.35
N ASP B 684 -11.64 -23.70 8.91
CA ASP B 684 -12.52 -24.73 9.44
C ASP B 684 -12.28 -24.97 10.92
N HIS B 685 -11.01 -25.03 11.34
CA HIS B 685 -10.71 -25.22 12.75
C HIS B 685 -11.20 -24.06 13.58
N LEU B 686 -11.01 -22.83 13.10
CA LEU B 686 -11.46 -21.66 13.83
C LEU B 686 -12.97 -21.65 13.99
N LEU B 687 -13.71 -22.03 12.94
CA LEU B 687 -15.16 -22.16 13.07
C LEU B 687 -15.53 -23.25 14.07
N GLU B 688 -14.83 -24.39 14.02
CA GLU B 688 -15.13 -25.48 14.94
C GLU B 688 -14.87 -25.09 16.38
N CYS B 689 -13.90 -24.20 16.61
CA CYS B 689 -13.70 -23.67 17.96
C CYS B 689 -14.86 -22.79 18.40
N SER B 690 -15.63 -22.25 17.46
CA SER B 690 -16.83 -21.50 17.77
C SER B 690 -18.07 -22.38 17.84
N GLY B 691 -17.96 -23.65 17.45
CA GLY B 691 -19.08 -24.56 17.48
C GLY B 691 -19.81 -24.75 16.16
N ILE B 692 -19.27 -24.25 15.06
CA ILE B 692 -19.92 -24.34 13.77
C ILE B 692 -18.94 -24.89 12.75
N ALA B 693 -19.48 -25.40 11.64
CA ALA B 693 -18.66 -25.92 10.55
C ALA B 693 -19.50 -25.93 9.28
N LEU B 694 -18.95 -25.39 8.21
CA LEU B 694 -19.65 -25.38 6.93
C LEU B 694 -19.55 -26.75 6.29
N GLU B 695 -20.70 -27.33 5.92
CA GLU B 695 -20.75 -28.65 5.31
C GLU B 695 -21.78 -28.67 4.19
N TYR B 696 -21.59 -29.58 3.24
CA TYR B 696 -22.50 -29.68 2.10
C TYR B 696 -23.89 -30.13 2.56
N ALA B 697 -24.91 -29.62 1.88
CA ALA B 697 -26.27 -30.03 2.16
C ALA B 697 -26.47 -31.49 1.76
N PRO B 698 -27.21 -32.28 2.56
CA PRO B 698 -27.44 -33.69 2.26
C PRO B 698 -28.68 -33.92 1.39
N ASN C 2 -12.77 -7.96 -71.25
CA ASN C 2 -11.52 -8.69 -71.45
C ASN C 2 -10.69 -8.73 -70.16
N LEU C 3 -11.37 -8.75 -69.03
CA LEU C 3 -10.70 -8.88 -67.74
C LEU C 3 -10.25 -10.31 -67.52
N ASN C 4 -9.39 -10.52 -66.52
CA ASN C 4 -8.98 -11.88 -66.23
C ASN C 4 -10.13 -12.65 -65.59
N ARG C 5 -9.95 -13.97 -65.44
CA ARG C 5 -10.98 -14.83 -64.86
C ARG C 5 -10.37 -15.70 -63.76
N TYR C 6 -11.07 -15.80 -62.64
CA TYR C 6 -10.66 -16.69 -61.56
C TYR C 6 -11.89 -17.24 -60.87
N LYS C 7 -11.72 -18.40 -60.23
CA LYS C 7 -12.78 -19.05 -59.48
C LYS C 7 -12.43 -19.04 -58.00
N ALA C 8 -13.44 -18.81 -57.16
CA ALA C 8 -13.19 -18.61 -55.73
C ALA C 8 -12.56 -19.85 -55.09
N ARG C 9 -13.15 -21.02 -55.32
CA ARG C 9 -12.64 -22.24 -54.71
C ARG C 9 -11.25 -22.58 -55.24
N ASP C 10 -11.05 -22.47 -56.56
CA ASP C 10 -9.74 -22.76 -57.13
C ASP C 10 -8.69 -21.77 -56.63
N LEU C 11 -9.05 -20.49 -56.55
CA LEU C 11 -8.11 -19.48 -56.09
C LEU C 11 -7.76 -19.65 -54.62
N LEU C 12 -8.72 -20.05 -53.79
CA LEU C 12 -8.44 -20.29 -52.38
C LEU C 12 -7.47 -21.44 -52.19
N ASN C 13 -7.59 -22.48 -53.02
CA ASN C 13 -6.73 -23.66 -52.89
C ASN C 13 -5.28 -23.38 -53.26
N LEU C 14 -4.98 -22.24 -53.86
CA LEU C 14 -3.61 -21.93 -54.24
C LEU C 14 -2.74 -21.73 -53.01
N SER C 15 -1.46 -22.07 -53.15
CA SER C 15 -0.50 -21.83 -52.07
C SER C 15 -0.25 -20.34 -51.89
N TYR C 16 0.30 -19.99 -50.72
CA TYR C 16 0.56 -18.58 -50.43
C TYR C 16 1.53 -17.97 -51.42
N ASP C 17 2.58 -18.71 -51.77
CA ASP C 17 3.53 -18.21 -52.76
C ASP C 17 2.87 -17.99 -54.11
N ASP C 18 2.03 -18.93 -54.53
CA ASP C 18 1.31 -18.76 -55.79
C ASP C 18 0.27 -17.66 -55.69
N LEU C 19 -0.40 -17.54 -54.53
CA LEU C 19 -1.42 -16.51 -54.36
C LEU C 19 -0.80 -15.11 -54.45
N TRP C 20 0.33 -14.90 -53.79
CA TRP C 20 0.99 -13.60 -53.86
C TRP C 20 1.67 -13.37 -55.20
N SER C 21 1.91 -14.41 -55.97
CA SER C 21 2.51 -14.27 -57.30
C SER C 21 1.44 -14.17 -58.38
N LEU C 22 0.50 -13.25 -58.19
CA LEU C 22 -0.51 -12.98 -59.19
C LEU C 22 -0.28 -11.61 -59.83
N PRO C 23 -0.52 -11.48 -61.12
CA PRO C 23 -0.26 -10.20 -61.79
C PRO C 23 -1.20 -9.11 -61.30
N SER C 24 -0.72 -7.88 -61.40
CA SER C 24 -1.52 -6.70 -61.07
C SER C 24 -2.53 -6.51 -62.19
N GLU C 25 -3.80 -6.82 -61.90
CA GLU C 25 -4.81 -6.95 -62.96
C GLU C 25 -6.19 -6.58 -62.46
N TRP C 26 -7.15 -6.55 -63.38
CA TRP C 26 -8.58 -6.51 -63.06
C TRP C 26 -9.18 -7.83 -63.48
N HIS C 27 -9.83 -8.52 -62.54
CA HIS C 27 -10.26 -9.88 -62.79
C HIS C 27 -11.67 -10.11 -62.25
N LEU C 28 -12.34 -11.06 -62.87
CA LEU C 28 -13.68 -11.48 -62.50
C LEU C 28 -13.55 -12.72 -61.62
N ILE C 29 -13.93 -12.57 -60.35
CA ILE C 29 -13.99 -13.69 -59.42
C ILE C 29 -15.38 -14.30 -59.50
N GLU C 30 -15.44 -15.58 -59.85
CA GLU C 30 -16.70 -16.31 -59.96
C GLU C 30 -16.90 -17.15 -58.70
N PHE C 31 -18.03 -16.94 -58.04
CA PHE C 31 -18.35 -17.65 -56.82
C PHE C 31 -19.29 -18.81 -57.13
N ASP C 32 -19.57 -19.63 -56.11
CA ASP C 32 -20.40 -20.81 -56.32
C ASP C 32 -21.87 -20.45 -56.57
N ASP C 33 -22.25 -19.19 -56.34
CA ASP C 33 -23.58 -18.72 -56.72
C ASP C 33 -23.50 -18.13 -58.13
N GLY C 34 -24.55 -17.42 -58.54
CA GLY C 34 -24.63 -16.92 -59.90
C GLY C 34 -24.11 -15.50 -60.08
N LYS C 35 -23.31 -15.02 -59.14
CA LYS C 35 -22.80 -13.66 -59.18
C LYS C 35 -21.28 -13.65 -59.33
N THR C 36 -20.77 -12.70 -60.11
CA THR C 36 -19.36 -12.53 -60.38
C THR C 36 -18.93 -11.13 -59.99
N VAL C 37 -17.74 -11.02 -59.39
CA VAL C 37 -17.28 -9.76 -58.80
C VAL C 37 -16.06 -9.27 -59.56
N VAL C 38 -16.08 -8.01 -59.98
CA VAL C 38 -14.93 -7.34 -60.58
C VAL C 38 -14.03 -6.87 -59.45
N SER C 39 -12.74 -7.22 -59.52
CA SER C 39 -11.86 -6.88 -58.41
C SER C 39 -10.42 -6.75 -58.88
N VAL C 40 -9.65 -6.01 -58.09
CA VAL C 40 -8.22 -5.84 -58.30
C VAL C 40 -7.49 -6.91 -57.48
N ASP C 41 -6.21 -7.13 -57.77
CA ASP C 41 -5.50 -8.28 -57.23
C ASP C 41 -5.30 -8.17 -55.72
N ARG C 42 -4.98 -6.98 -55.20
CA ARG C 42 -4.65 -6.86 -53.79
C ARG C 42 -5.88 -7.08 -52.91
N ILE C 43 -7.01 -6.51 -53.30
CA ILE C 43 -8.25 -6.76 -52.56
C ILE C 43 -8.60 -8.24 -52.59
N THR C 44 -8.34 -8.89 -53.73
CA THR C 44 -8.59 -10.33 -53.85
C THR C 44 -7.69 -11.12 -52.90
N LYS C 45 -6.40 -10.75 -52.82
CA LYS C 45 -5.49 -11.45 -51.92
C LYS C 45 -5.91 -11.29 -50.47
N LEU C 46 -6.30 -10.07 -50.08
CA LEU C 46 -6.80 -9.87 -48.73
C LEU C 46 -8.07 -10.68 -48.49
N SER C 47 -8.95 -10.75 -49.49
CA SER C 47 -10.17 -11.54 -49.35
C SER C 47 -9.85 -13.01 -49.15
N VAL C 48 -8.86 -13.54 -49.87
CA VAL C 48 -8.51 -14.96 -49.73
C VAL C 48 -7.89 -15.21 -48.36
N LEU C 49 -7.01 -14.31 -47.91
CA LEU C 49 -6.43 -14.45 -46.59
C LEU C 49 -7.50 -14.41 -45.51
N CYS C 50 -8.59 -13.67 -45.74
CA CYS C 50 -9.73 -13.73 -44.82
C CYS C 50 -10.54 -15.01 -45.00
N TRP C 51 -10.60 -15.54 -46.22
CA TRP C 51 -11.33 -16.77 -46.52
C TRP C 51 -10.65 -18.01 -45.96
N TYR C 52 -9.39 -17.88 -45.52
CA TYR C 52 -8.60 -19.00 -44.99
C TYR C 52 -9.38 -20.05 -44.20
N PRO C 53 -10.31 -19.68 -43.30
CA PRO C 53 -11.08 -20.72 -42.61
C PRO C 53 -11.85 -21.64 -43.53
N LEU C 54 -12.18 -21.19 -44.74
CA LEU C 54 -12.90 -22.02 -45.69
C LEU C 54 -12.03 -23.12 -46.29
N LYS C 55 -10.71 -23.09 -46.05
CA LYS C 55 -9.84 -24.11 -46.63
C LYS C 55 -10.14 -25.49 -46.06
N HIS C 56 -10.39 -25.57 -44.76
CA HIS C 56 -10.62 -26.86 -44.11
C HIS C 56 -11.97 -27.49 -44.47
N TYR C 57 -12.85 -26.74 -45.13
CA TYR C 57 -14.16 -27.24 -45.54
C TYR C 57 -14.27 -27.04 -47.05
N LYS C 58 -14.07 -28.12 -47.81
CA LYS C 58 -14.01 -28.03 -49.26
C LYS C 58 -15.38 -28.12 -49.93
N ASP C 59 -16.44 -28.43 -49.19
CA ASP C 59 -17.76 -28.60 -49.76
C ASP C 59 -18.71 -27.44 -49.45
N CYS C 60 -18.24 -26.40 -48.76
CA CYS C 60 -19.10 -25.27 -48.44
C CYS C 60 -19.00 -24.23 -49.55
N PRO C 61 -20.11 -23.84 -50.17
CA PRO C 61 -20.04 -22.80 -51.20
C PRO C 61 -19.60 -21.47 -50.63
N ILE C 62 -18.93 -20.67 -51.46
CA ILE C 62 -18.47 -19.35 -51.08
C ILE C 62 -19.38 -18.33 -51.76
N PRO C 63 -20.26 -17.66 -51.03
CA PRO C 63 -21.13 -16.66 -51.66
C PRO C 63 -20.36 -15.42 -52.06
N SER C 64 -21.00 -14.62 -52.92
CA SER C 64 -20.37 -13.44 -53.49
C SER C 64 -20.12 -12.33 -52.47
N ASP C 65 -20.72 -12.42 -51.28
CA ASP C 65 -20.56 -11.38 -50.28
C ASP C 65 -19.35 -11.58 -49.37
N HIS C 66 -18.60 -12.67 -49.55
CA HIS C 66 -17.38 -12.87 -48.77
C HIS C 66 -16.25 -11.98 -49.25
N HIS C 67 -16.23 -11.64 -50.54
CA HIS C 67 -15.18 -10.80 -51.08
C HIS C 67 -15.25 -9.39 -50.49
N ILE C 68 -14.08 -8.78 -50.29
CA ILE C 68 -14.03 -7.46 -49.68
C ILE C 68 -14.68 -6.42 -50.59
N ASP C 69 -14.50 -6.57 -51.90
CA ASP C 69 -15.01 -5.61 -52.88
C ASP C 69 -16.33 -6.09 -53.49
N PHE C 70 -17.19 -6.68 -52.66
CA PHE C 70 -18.45 -7.25 -53.13
C PHE C 70 -19.42 -6.20 -53.66
N ASN C 71 -19.09 -4.91 -53.59
CA ASN C 71 -19.98 -3.89 -54.11
C ASN C 71 -20.16 -4.01 -55.61
N ARG C 72 -19.07 -4.26 -56.34
CA ARG C 72 -19.14 -4.43 -57.78
C ARG C 72 -19.61 -5.84 -58.13
N ILE C 73 -20.62 -5.92 -58.98
CA ILE C 73 -21.13 -7.20 -59.48
C ILE C 73 -21.22 -7.10 -61.00
N LEU C 74 -20.68 -8.10 -61.69
CA LEU C 74 -20.69 -8.10 -63.15
C LEU C 74 -22.12 -8.37 -63.64
N THR C 75 -22.59 -7.50 -64.53
CA THR C 75 -23.94 -7.59 -65.08
C THR C 75 -23.85 -7.24 -66.56
N ASP C 76 -24.98 -7.42 -67.27
CA ASP C 76 -25.00 -7.16 -68.71
C ASP C 76 -24.71 -5.70 -69.02
N ASN C 77 -25.29 -4.78 -68.25
CA ASN C 77 -25.12 -3.36 -68.50
C ASN C 77 -23.87 -2.85 -67.79
N PRO C 78 -22.89 -2.29 -68.51
CA PRO C 78 -21.67 -1.81 -67.85
C PRO C 78 -21.91 -0.61 -66.93
N LYS C 79 -23.15 -0.15 -66.83
CA LYS C 79 -23.46 1.06 -66.08
C LYS C 79 -23.38 0.86 -64.57
N ASP C 80 -23.23 -0.36 -64.09
CA ASP C 80 -23.32 -0.64 -62.66
C ASP C 80 -22.00 -1.08 -62.03
N TYR C 81 -20.93 -1.25 -62.81
CA TYR C 81 -19.66 -1.69 -62.24
C TYR C 81 -18.44 -0.96 -62.77
N LEU C 82 -18.55 -0.16 -63.83
CA LEU C 82 -17.38 0.55 -64.34
C LEU C 82 -16.84 1.57 -63.33
N ASN C 83 -17.73 2.28 -62.64
CA ASN C 83 -17.34 3.32 -61.69
C ASN C 83 -18.10 3.11 -60.39
N VAL C 84 -17.55 2.29 -59.50
CA VAL C 84 -18.14 2.05 -58.19
C VAL C 84 -17.02 2.04 -57.16
N GLU C 85 -17.24 2.74 -56.05
CA GLU C 85 -16.25 2.75 -54.98
C GLU C 85 -16.14 1.36 -54.36
N GLY C 86 -14.90 0.93 -54.14
CA GLY C 86 -14.66 -0.37 -53.55
C GLY C 86 -14.77 -0.36 -52.03
N GLY C 87 -14.98 -1.55 -51.47
CA GLY C 87 -15.07 -1.70 -50.04
C GLY C 87 -13.78 -1.33 -49.33
N ARG C 88 -13.90 -0.47 -48.31
CA ARG C 88 -12.71 -0.05 -47.57
C ARG C 88 -12.15 -1.21 -46.76
N VAL C 89 -10.83 -1.32 -46.74
CA VAL C 89 -10.13 -2.37 -46.01
C VAL C 89 -9.77 -1.82 -44.64
N THR C 90 -10.43 -2.35 -43.61
CA THR C 90 -10.17 -1.97 -42.22
C THR C 90 -9.88 -3.23 -41.43
N SER C 91 -9.36 -3.05 -40.22
CA SER C 91 -9.26 -4.18 -39.30
C SER C 91 -10.65 -4.73 -38.98
N LYS C 92 -11.62 -3.83 -38.77
CA LYS C 92 -12.99 -4.27 -38.55
C LYS C 92 -13.56 -4.97 -39.77
N ALA C 93 -13.23 -4.49 -40.97
CA ALA C 93 -13.71 -5.15 -42.18
C ALA C 93 -13.15 -6.56 -42.32
N MET C 94 -11.84 -6.73 -42.06
CA MET C 94 -11.25 -8.05 -42.16
C MET C 94 -11.80 -9.00 -41.10
N VAL C 95 -12.01 -8.49 -39.88
CA VAL C 95 -12.67 -9.29 -38.85
C VAL C 95 -14.08 -9.67 -39.29
N LYS C 96 -14.78 -8.75 -39.96
CA LYS C 96 -16.13 -9.02 -40.44
C LYS C 96 -16.12 -10.11 -41.51
N HIS C 97 -15.12 -10.09 -42.39
CA HIS C 97 -15.04 -11.13 -43.41
C HIS C 97 -14.68 -12.48 -42.82
N LEU C 98 -13.80 -12.50 -41.81
CA LEU C 98 -13.56 -13.74 -41.07
C LEU C 98 -14.85 -14.25 -40.43
N ASN C 99 -15.63 -13.33 -39.86
CA ASN C 99 -16.93 -13.68 -39.28
C ASN C 99 -17.85 -14.29 -40.33
N LYS C 100 -17.91 -13.66 -41.50
CA LYS C 100 -18.76 -14.17 -42.58
C LYS C 100 -18.34 -15.57 -42.99
N ALA C 101 -17.02 -15.80 -43.11
CA ALA C 101 -16.54 -17.12 -43.49
C ALA C 101 -16.90 -18.17 -42.46
N ILE C 102 -16.65 -17.88 -41.17
CA ILE C 102 -16.88 -18.89 -40.13
C ILE C 102 -18.38 -19.18 -40.00
N TRP C 103 -19.21 -18.15 -40.12
CA TRP C 103 -20.64 -18.40 -40.01
C TRP C 103 -21.22 -19.02 -41.28
N ASN C 104 -20.60 -18.81 -42.43
CA ASN C 104 -20.97 -19.59 -43.62
C ASN C 104 -20.67 -21.06 -43.40
N ILE C 105 -19.51 -21.36 -42.81
CA ILE C 105 -19.20 -22.75 -42.47
C ILE C 105 -20.23 -23.29 -41.49
N TYR C 106 -20.60 -22.49 -40.48
CA TYR C 106 -21.55 -22.94 -39.48
C TYR C 106 -22.93 -23.22 -40.08
N ASP C 107 -23.40 -22.31 -40.94
CA ASP C 107 -24.74 -22.42 -41.51
C ASP C 107 -24.84 -23.46 -42.62
N TRP C 108 -23.75 -23.70 -43.37
CA TRP C 108 -23.82 -24.65 -44.46
C TRP C 108 -24.14 -26.06 -43.97
N SER C 109 -23.52 -26.47 -42.86
CA SER C 109 -23.84 -27.76 -42.27
C SER C 109 -25.16 -27.69 -41.52
N GLY C 110 -25.55 -28.79 -40.89
CA GLY C 110 -26.73 -28.79 -40.07
C GLY C 110 -26.47 -28.24 -38.69
N GLU C 111 -25.68 -27.15 -38.63
CA GLU C 111 -25.22 -26.54 -37.39
C GLU C 111 -24.48 -27.52 -36.48
N THR C 112 -24.02 -28.64 -37.04
CA THR C 112 -23.25 -29.63 -36.28
C THR C 112 -21.76 -29.35 -36.39
N VAL C 113 -21.37 -28.11 -36.07
CA VAL C 113 -19.98 -27.69 -36.03
C VAL C 113 -19.77 -26.95 -34.73
N ASP C 114 -18.77 -27.37 -33.97
CA ASP C 114 -18.49 -26.75 -32.68
C ASP C 114 -18.00 -25.33 -32.89
N PRO C 115 -18.66 -24.32 -32.31
CA PRO C 115 -18.19 -22.93 -32.49
C PRO C 115 -16.78 -22.70 -31.95
N GLU C 116 -16.31 -23.52 -31.01
CA GLU C 116 -14.92 -23.41 -30.58
C GLU C 116 -13.96 -23.69 -31.73
N VAL C 117 -14.29 -24.68 -32.56
CA VAL C 117 -13.49 -24.95 -33.75
C VAL C 117 -13.51 -23.75 -34.70
N LEU C 118 -14.68 -23.11 -34.85
CA LEU C 118 -14.77 -21.95 -35.71
C LEU C 118 -13.91 -20.80 -35.20
N SER C 119 -13.91 -20.57 -33.89
CA SER C 119 -13.06 -19.52 -33.32
C SER C 119 -11.58 -19.86 -33.45
N LYS C 120 -11.24 -21.14 -33.29
CA LYS C 120 -9.87 -21.59 -33.54
C LYS C 120 -9.44 -21.27 -34.96
N LEU C 121 -10.31 -21.60 -35.93
CA LEU C 121 -10.01 -21.30 -37.33
C LEU C 121 -9.93 -19.79 -37.57
N ALA C 122 -10.74 -19.02 -36.86
CA ALA C 122 -10.72 -17.57 -37.03
C ALA C 122 -9.38 -16.98 -36.58
N ILE C 123 -8.89 -17.40 -35.40
CA ILE C 123 -7.58 -16.92 -34.97
C ILE C 123 -6.47 -17.43 -35.88
N GLU C 124 -6.60 -18.67 -36.36
CA GLU C 124 -5.59 -19.18 -37.29
C GLU C 124 -5.56 -18.34 -38.57
N GLY C 125 -6.73 -17.98 -39.08
CA GLY C 125 -6.78 -17.12 -40.26
C GLY C 125 -6.19 -15.75 -40.01
N LYS C 126 -6.49 -15.17 -38.85
CA LYS C 126 -5.92 -13.87 -38.52
C LYS C 126 -4.40 -13.96 -38.40
N ASN C 127 -3.89 -15.06 -37.83
CA ASN C 127 -2.45 -15.23 -37.70
C ASN C 127 -1.77 -15.40 -39.05
N TRP C 128 -2.36 -16.20 -39.94
CA TRP C 128 -1.80 -16.34 -41.29
C TRP C 128 -1.84 -15.01 -42.02
N LEU C 129 -2.93 -14.26 -41.89
CA LEU C 129 -3.01 -12.93 -42.50
C LEU C 129 -1.90 -12.02 -41.98
N TYR C 130 -1.70 -12.00 -40.66
CA TYR C 130 -0.66 -11.17 -40.07
C TYR C 130 0.72 -11.57 -40.58
N ASN C 131 0.99 -12.87 -40.62
CA ASN C 131 2.31 -13.34 -41.05
C ASN C 131 2.57 -13.00 -42.51
N GLN C 132 1.59 -13.27 -43.38
CA GLN C 132 1.78 -13.00 -44.80
C GLN C 132 1.91 -11.50 -45.06
N THR C 133 1.12 -10.68 -44.37
CA THR C 133 1.24 -9.23 -44.53
C THR C 133 2.59 -8.73 -44.04
N THR C 134 3.06 -9.23 -42.89
CA THR C 134 4.33 -8.75 -42.36
C THR C 134 5.50 -9.17 -43.23
N VAL C 135 5.44 -10.38 -43.80
CA VAL C 135 6.55 -10.84 -44.65
C VAL C 135 6.51 -10.13 -45.99
N LYS C 136 5.39 -10.21 -46.71
CA LYS C 136 5.34 -9.74 -48.09
C LYS C 136 5.36 -8.22 -48.18
N LEU C 137 4.63 -7.54 -47.30
CA LEU C 137 4.50 -6.08 -47.38
C LEU C 137 5.56 -5.37 -46.55
N SER C 138 6.82 -5.68 -46.84
CA SER C 138 7.94 -5.05 -46.13
C SER C 138 8.32 -3.69 -46.70
N GLU C 139 7.74 -3.29 -47.83
CA GLU C 139 8.03 -2.00 -48.42
C GLU C 139 6.82 -1.07 -48.47
N TYR C 140 5.61 -1.58 -48.28
CA TYR C 140 4.41 -0.76 -48.31
C TYR C 140 4.05 -0.24 -46.93
N LEU C 141 5.02 0.38 -46.26
CA LEU C 141 4.79 0.90 -44.92
C LEU C 141 4.11 2.26 -44.98
N ALA C 142 3.72 2.75 -43.80
CA ALA C 142 3.11 4.07 -43.67
C ALA C 142 4.09 4.99 -42.96
N THR C 143 4.13 6.26 -43.41
CA THR C 143 5.11 7.21 -42.94
C THR C 143 4.42 8.50 -42.52
N LEU C 144 4.94 9.12 -41.47
CA LEU C 144 4.42 10.37 -40.96
C LEU C 144 5.55 11.37 -40.78
N SER C 145 5.29 12.62 -41.16
CA SER C 145 6.27 13.69 -41.05
C SER C 145 5.52 15.01 -41.12
N MET C 146 6.27 16.12 -41.25
CA MET C 146 5.63 17.42 -41.37
C MET C 146 4.90 17.58 -42.70
N PHE C 147 5.26 16.79 -43.71
CA PHE C 147 4.67 16.96 -45.03
C PHE C 147 3.21 16.55 -45.04
N ASP C 148 2.86 15.46 -44.35
CA ASP C 148 1.47 15.04 -44.29
C ASP C 148 0.62 16.05 -43.52
N ILE C 149 1.13 16.55 -42.39
CA ILE C 149 0.40 17.54 -41.63
C ILE C 149 0.22 18.82 -42.43
N ALA C 150 1.25 19.21 -43.19
CA ALA C 150 1.12 20.37 -44.06
C ALA C 150 0.10 20.14 -45.16
N GLU C 151 0.09 18.93 -45.73
CA GLU C 151 -0.86 18.63 -46.81
C GLU C 151 -2.29 18.72 -46.32
N VAL C 152 -2.56 18.20 -45.11
CA VAL C 152 -3.89 18.35 -44.55
C VAL C 152 -4.17 19.80 -44.18
N TYR C 153 -3.15 20.48 -43.64
CA TYR C 153 -3.33 21.83 -43.11
C TYR C 153 -3.54 22.84 -44.23
N ASN C 154 -2.81 22.69 -45.33
CA ASN C 154 -2.85 23.67 -46.41
C ASN C 154 -4.09 23.57 -47.27
N HIS C 155 -4.97 22.61 -47.02
CA HIS C 155 -6.19 22.48 -47.81
C HIS C 155 -7.06 23.73 -47.60
N PRO C 156 -7.46 24.43 -48.66
CA PRO C 156 -8.16 25.70 -48.47
C PRO C 156 -9.45 25.61 -47.69
N LYS C 157 -10.19 24.50 -47.82
CA LYS C 157 -11.45 24.38 -47.10
C LYS C 157 -11.22 24.22 -45.61
N VAL C 158 -10.15 23.52 -45.21
CA VAL C 158 -9.80 23.44 -43.80
C VAL C 158 -9.43 24.81 -43.26
N ARG C 159 -8.67 25.58 -44.04
CA ARG C 159 -8.30 26.93 -43.61
C ARG C 159 -9.54 27.81 -43.44
N GLU C 160 -10.50 27.70 -44.36
CA GLU C 160 -11.74 28.44 -44.21
C GLU C 160 -12.51 27.97 -42.97
N ALA C 161 -12.54 26.67 -42.72
CA ALA C 161 -13.21 26.11 -41.56
C ALA C 161 -12.50 26.44 -40.25
N ASN C 162 -11.27 26.96 -40.31
CA ASN C 162 -10.58 27.41 -39.11
C ASN C 162 -10.50 28.93 -39.00
N HIS C 163 -11.32 29.66 -39.74
CA HIS C 163 -11.37 31.11 -39.67
C HIS C 163 -12.81 31.58 -39.71
N ASN C 164 -13.05 32.76 -39.14
CA ASN C 164 -14.37 33.40 -39.12
C ASN C 164 -15.42 32.49 -38.49
N ILE C 165 -15.22 32.20 -37.21
CA ILE C 165 -16.07 31.28 -36.46
C ILE C 165 -16.60 32.01 -35.24
N GLU C 166 -17.90 31.93 -35.01
CA GLU C 166 -18.48 32.44 -33.78
C GLU C 166 -18.12 31.51 -32.62
N PRO C 167 -17.62 32.03 -31.50
CA PRO C 167 -17.22 31.16 -30.40
C PRO C 167 -18.39 30.60 -29.61
N THR C 168 -19.16 29.70 -30.24
CA THR C 168 -20.30 29.05 -29.59
C THR C 168 -20.27 27.57 -29.91
N THR C 169 -21.05 26.80 -29.14
CA THR C 169 -21.14 25.36 -29.39
C THR C 169 -21.71 25.08 -30.78
N TYR C 170 -22.79 25.77 -31.15
CA TYR C 170 -23.36 25.59 -32.47
C TYR C 170 -22.40 26.03 -33.56
N GLY C 171 -21.74 27.18 -33.37
CA GLY C 171 -20.86 27.70 -34.39
C GLY C 171 -19.52 27.02 -34.50
N ILE C 172 -19.18 26.15 -33.56
CA ILE C 172 -17.91 25.44 -33.60
C ILE C 172 -18.15 23.96 -33.87
N GLU C 173 -18.85 23.29 -32.97
CA GLU C 173 -18.93 21.83 -32.99
C GLU C 173 -19.99 21.30 -33.94
N LYS C 174 -20.70 22.16 -34.67
CA LYS C 174 -21.65 21.72 -35.67
C LYS C 174 -21.39 22.30 -37.05
N ILE C 175 -20.72 23.45 -37.15
CA ILE C 175 -20.45 24.11 -38.42
C ILE C 175 -19.01 23.86 -38.87
N SER C 176 -18.03 24.31 -38.09
CA SER C 176 -16.63 24.14 -38.48
C SER C 176 -16.24 22.67 -38.48
N TYR C 177 -16.57 21.94 -37.42
CA TYR C 177 -16.34 20.50 -37.41
C TYR C 177 -17.09 19.81 -38.55
N GLY C 178 -18.27 20.31 -38.90
CA GLY C 178 -18.97 19.77 -40.06
C GLY C 178 -18.21 19.96 -41.35
N LYS C 179 -17.64 21.16 -41.55
CA LYS C 179 -16.84 21.41 -42.73
C LYS C 179 -15.60 20.51 -42.77
N VAL C 180 -14.94 20.33 -41.62
CA VAL C 180 -13.74 19.51 -41.59
C VAL C 180 -14.09 18.05 -41.86
N LYS C 181 -15.22 17.57 -41.32
CA LYS C 181 -15.68 16.22 -41.61
C LYS C 181 -15.99 16.06 -43.08
N GLU C 182 -16.63 17.06 -43.70
CA GLU C 182 -16.92 17.01 -45.13
C GLU C 182 -15.64 16.93 -45.94
N VAL C 183 -14.62 17.68 -45.53
CA VAL C 183 -13.33 17.61 -46.21
C VAL C 183 -12.72 16.23 -46.06
N PHE C 184 -12.72 15.68 -44.85
CA PHE C 184 -12.11 14.37 -44.61
C PHE C 184 -12.88 13.25 -45.30
N ASN C 185 -14.21 13.33 -45.29
CA ASN C 185 -15.03 12.24 -45.81
C ASN C 185 -15.08 12.19 -47.34
N ASP C 186 -14.57 13.20 -48.01
CA ASP C 186 -14.55 13.19 -49.47
C ASP C 186 -13.57 12.13 -49.96
N PRO C 187 -13.99 11.17 -50.78
CA PRO C 187 -13.09 10.11 -51.23
C PRO C 187 -12.12 10.50 -52.33
N THR C 188 -11.98 11.80 -52.62
CA THR C 188 -11.13 12.24 -53.73
C THR C 188 -10.12 13.30 -53.31
N GLN C 189 -10.34 14.03 -52.22
CA GLN C 189 -9.47 15.15 -51.87
C GLN C 189 -8.05 14.69 -51.57
N PHE C 190 -7.89 13.83 -50.57
CA PHE C 190 -6.58 13.40 -50.10
C PHE C 190 -6.36 11.95 -50.46
N ILE C 191 -5.37 11.70 -51.31
CA ILE C 191 -5.02 10.36 -51.77
C ILE C 191 -3.53 10.17 -51.57
N GLY C 192 -3.15 9.04 -50.96
CA GLY C 192 -1.76 8.79 -50.64
C GLY C 192 -1.29 9.38 -49.33
N ASN C 193 -2.16 10.08 -48.60
CA ASN C 193 -1.81 10.67 -47.32
C ASN C 193 -2.05 9.66 -46.21
N SER C 194 -1.02 9.39 -45.40
CA SER C 194 -1.12 8.37 -44.37
C SER C 194 -2.19 8.70 -43.34
N ILE C 195 -2.26 9.97 -42.91
CA ILE C 195 -3.17 10.36 -41.85
C ILE C 195 -4.61 10.10 -42.26
N ILE C 196 -5.00 10.57 -43.43
CA ILE C 196 -6.41 10.50 -43.82
C ILE C 196 -6.75 9.12 -44.38
N GLU C 197 -5.77 8.42 -44.95
CA GLU C 197 -6.00 7.02 -45.30
C GLU C 197 -6.27 6.19 -44.07
N GLY C 198 -5.53 6.43 -42.98
CA GLY C 198 -5.85 5.78 -41.73
C GLY C 198 -7.18 6.20 -41.16
N LEU C 199 -7.51 7.49 -41.27
CA LEU C 199 -8.78 8.00 -40.76
C LEU C 199 -9.96 7.34 -41.46
N ARG C 200 -9.88 7.19 -42.79
CA ARG C 200 -10.97 6.59 -43.55
C ARG C 200 -11.15 5.10 -43.24
N SER C 201 -10.17 4.48 -42.60
CA SER C 201 -10.23 3.05 -42.28
C SER C 201 -10.30 2.79 -40.79
N GLY C 202 -10.59 3.82 -39.98
CA GLY C 202 -10.75 3.64 -38.56
C GLY C 202 -9.49 3.55 -37.76
N THR C 203 -8.31 3.72 -38.38
CA THR C 203 -7.07 3.70 -37.63
C THR C 203 -7.02 4.84 -36.62
N GLN C 204 -7.44 6.04 -37.03
CA GLN C 204 -7.53 7.19 -36.15
C GLN C 204 -8.99 7.59 -36.00
N LYS C 205 -9.43 7.76 -34.76
CA LYS C 205 -10.77 8.29 -34.52
C LYS C 205 -10.84 9.74 -35.00
N THR C 206 -12.01 10.12 -35.51
CA THR C 206 -12.15 11.45 -36.10
C THR C 206 -11.99 12.55 -35.06
N GLU C 207 -12.29 12.26 -33.79
CA GLU C 207 -12.33 13.31 -32.78
C GLU C 207 -10.97 13.95 -32.54
N GLN C 208 -9.91 13.14 -32.48
CA GLN C 208 -8.59 13.70 -32.21
C GLN C 208 -8.10 14.55 -33.38
N LEU C 209 -8.29 14.07 -34.60
CA LEU C 209 -7.91 14.87 -35.76
C LEU C 209 -8.72 16.14 -35.86
N LEU C 210 -10.00 16.09 -35.46
CA LEU C 210 -10.81 17.30 -35.42
C LEU C 210 -10.28 18.29 -34.39
N GLN C 211 -9.95 17.82 -33.19
CA GLN C 211 -9.40 18.72 -32.17
C GLN C 211 -8.04 19.25 -32.56
N ALA C 212 -7.32 18.53 -33.44
CA ALA C 212 -6.02 19.00 -33.89
C ALA C 212 -6.15 20.05 -34.97
N PHE C 213 -6.74 19.68 -36.11
CA PHE C 213 -6.80 20.61 -37.24
C PHE C 213 -7.84 21.70 -37.03
N ALA C 214 -9.00 21.37 -36.49
CA ALA C 214 -10.02 22.36 -36.21
C ALA C 214 -9.85 22.91 -34.79
N TRP C 215 -10.75 23.79 -34.37
CA TRP C 215 -10.62 24.42 -33.06
C TRP C 215 -10.88 23.40 -31.96
N ARG C 216 -10.04 23.44 -30.92
CA ARG C 216 -10.33 22.67 -29.72
C ARG C 216 -11.56 23.25 -29.03
N GLY C 217 -12.44 22.38 -28.58
CA GLY C 217 -13.74 22.84 -28.13
C GLY C 217 -14.06 22.66 -26.66
N PHE C 218 -14.07 23.76 -25.93
CA PHE C 218 -14.64 23.86 -24.58
C PHE C 218 -14.11 22.78 -23.63
N PRO C 219 -12.87 22.87 -23.18
CA PRO C 219 -12.36 21.91 -22.20
C PRO C 219 -13.11 22.03 -20.88
N THR C 220 -12.89 21.05 -20.02
CA THR C 220 -13.63 20.89 -18.77
C THR C 220 -12.68 21.05 -17.58
N ASP C 221 -13.24 21.52 -16.47
CA ASP C 221 -12.53 21.64 -15.22
C ASP C 221 -12.60 20.31 -14.47
N ILE C 222 -12.08 20.28 -13.23
CA ILE C 222 -12.11 19.04 -12.45
C ILE C 222 -13.56 18.58 -12.25
N ASN C 223 -14.43 19.47 -11.82
CA ASN C 223 -15.86 19.21 -11.91
C ASN C 223 -16.31 19.36 -13.35
N SER C 224 -17.31 18.58 -13.73
CA SER C 224 -17.61 18.41 -15.15
C SER C 224 -18.37 19.59 -15.75
N ASP C 225 -17.85 20.80 -15.59
CA ASP C 225 -18.51 22.00 -16.11
C ASP C 225 -17.73 22.55 -17.29
N ILE C 226 -18.44 23.21 -18.19
CA ILE C 226 -17.87 23.72 -19.43
C ILE C 226 -17.55 25.20 -19.26
N PHE C 227 -16.32 25.59 -19.60
CA PHE C 227 -15.94 26.99 -19.58
C PHE C 227 -16.67 27.74 -20.68
N LYS C 228 -17.06 28.99 -20.38
CA LYS C 228 -17.82 29.77 -21.35
C LYS C 228 -17.01 30.07 -22.60
N TYR C 229 -15.74 30.43 -22.44
CA TYR C 229 -14.91 30.80 -23.58
C TYR C 229 -14.18 29.59 -24.12
N PRO C 230 -14.34 29.27 -25.40
CA PRO C 230 -13.70 28.08 -25.98
C PRO C 230 -12.23 28.33 -26.26
N VAL C 231 -11.61 27.33 -26.89
CA VAL C 231 -10.21 27.41 -27.31
C VAL C 231 -10.18 27.75 -28.79
N THR C 232 -9.50 28.84 -29.14
CA THR C 232 -9.50 29.31 -30.53
C THR C 232 -8.60 28.43 -31.40
N THR C 233 -7.58 27.82 -30.82
CA THR C 233 -6.56 27.11 -31.58
C THR C 233 -6.62 25.61 -31.32
N GLY C 234 -6.36 24.84 -32.37
CA GLY C 234 -6.27 23.39 -32.27
C GLY C 234 -4.89 22.95 -31.82
N TYR C 235 -4.55 21.70 -32.12
CA TYR C 235 -3.25 21.15 -31.76
C TYR C 235 -2.21 21.26 -32.86
N ILE C 236 -2.64 21.27 -34.13
CA ILE C 236 -1.68 21.46 -35.22
C ILE C 236 -1.03 22.83 -35.11
N ASP C 237 -1.85 23.87 -34.96
CA ASP C 237 -1.33 25.15 -34.51
C ASP C 237 -1.16 25.12 -33.00
N GLY C 238 -0.39 26.07 -32.47
CA GLY C 238 -0.06 26.05 -31.07
C GLY C 238 -1.07 26.79 -30.21
N ILE C 239 -1.45 26.15 -29.10
CA ILE C 239 -2.32 26.80 -28.10
C ILE C 239 -1.37 27.56 -27.17
N TRP C 240 -1.13 28.82 -27.51
CA TRP C 240 -0.07 29.57 -26.84
C TRP C 240 -0.59 30.51 -25.76
N ASN C 241 -1.91 30.70 -25.65
CA ASN C 241 -2.44 31.59 -24.64
C ASN C 241 -2.32 30.95 -23.26
N LEU C 242 -2.75 31.69 -22.23
CA LEU C 242 -2.73 31.20 -20.86
C LEU C 242 -4.05 30.55 -20.45
N TYR C 243 -5.17 31.21 -20.77
CA TYR C 243 -6.48 30.67 -20.44
C TYR C 243 -6.70 29.30 -21.07
N GLU C 244 -6.40 29.18 -22.37
CA GLU C 244 -6.63 27.92 -23.07
C GLU C 244 -5.71 26.81 -22.57
N ASN C 245 -4.44 27.13 -22.33
CA ASN C 245 -3.51 26.15 -21.77
C ASN C 245 -3.98 25.67 -20.40
N MET C 246 -4.42 26.60 -19.55
CA MET C 246 -4.86 26.23 -18.21
C MET C 246 -6.11 25.35 -18.27
N ILE C 247 -7.06 25.67 -19.14
CA ILE C 247 -8.27 24.87 -19.18
C ILE C 247 -8.01 23.48 -19.77
N GLU C 248 -7.14 23.36 -20.78
CA GLU C 248 -6.81 22.02 -21.26
C GLU C 248 -6.00 21.24 -20.22
N SER C 249 -5.17 21.93 -19.43
CA SER C 249 -4.51 21.28 -18.32
C SER C 249 -5.52 20.74 -17.31
N ARG C 250 -6.57 21.51 -17.04
CA ARG C 250 -7.63 21.03 -16.15
C ARG C 250 -8.36 19.84 -16.76
N SER C 251 -8.47 19.80 -18.09
CA SER C 251 -9.02 18.61 -18.74
C SER C 251 -8.15 17.39 -18.47
N GLY C 252 -6.83 17.55 -18.55
CA GLY C 252 -5.94 16.45 -18.23
C GLY C 252 -6.05 15.99 -16.78
N THR C 253 -6.15 16.96 -15.87
CA THR C 253 -6.36 16.64 -14.45
C THR C 253 -7.67 15.88 -14.24
N LYS C 254 -8.73 16.31 -14.92
CA LYS C 254 -10.00 15.58 -14.90
C LYS C 254 -9.80 14.16 -15.39
N ALA C 255 -9.02 13.97 -16.45
CA ALA C 255 -8.75 12.63 -16.95
C ALA C 255 -8.11 11.77 -15.87
N LEU C 256 -7.09 12.30 -15.19
CA LEU C 256 -6.40 11.52 -14.16
C LEU C 256 -7.34 11.13 -13.02
N LEU C 257 -8.11 12.10 -12.52
CA LEU C 257 -8.98 11.83 -11.37
C LEU C 257 -10.11 10.86 -11.74
N TYR C 258 -10.75 11.10 -12.89
CA TYR C 258 -11.82 10.24 -13.37
C TYR C 258 -11.31 8.85 -13.71
N ASN C 259 -10.02 8.71 -14.02
CA ASN C 259 -9.42 7.39 -14.06
C ASN C 259 -9.41 6.77 -12.67
N LYS C 260 -8.66 7.39 -11.76
CA LYS C 260 -8.34 6.78 -10.46
C LYS C 260 -9.57 6.45 -9.62
N GLU C 261 -10.32 7.47 -9.22
CA GLU C 261 -11.35 7.24 -8.20
C GLU C 261 -12.57 6.53 -8.79
N LEU C 262 -12.89 6.82 -10.05
CA LEU C 262 -13.98 6.12 -10.68
C LEU C 262 -13.65 4.65 -10.90
N LEU C 263 -12.38 4.31 -11.17
CA LEU C 263 -12.00 2.90 -11.13
C LEU C 263 -12.20 2.33 -9.73
N ARG C 264 -11.84 3.11 -8.71
CA ARG C 264 -11.98 2.62 -7.33
C ARG C 264 -13.41 2.17 -7.05
N VAL C 265 -14.39 2.96 -7.49
CA VAL C 265 -15.78 2.58 -7.22
C VAL C 265 -16.27 1.53 -8.21
N THR C 266 -15.91 1.68 -9.49
CA THR C 266 -16.43 0.80 -10.53
C THR C 266 -16.00 -0.64 -10.33
N GLU C 267 -14.75 -0.87 -9.92
CA GLU C 267 -14.30 -2.24 -9.74
C GLU C 267 -15.03 -2.92 -8.59
N TYR C 268 -15.35 -2.18 -7.53
CA TYR C 268 -16.14 -2.75 -6.44
C TYR C 268 -17.54 -3.12 -6.92
N PHE C 269 -18.17 -2.24 -7.70
CA PHE C 269 -19.49 -2.60 -8.23
C PHE C 269 -19.41 -3.81 -9.16
N ASN C 270 -18.36 -3.87 -9.97
CA ASN C 270 -18.15 -5.03 -10.85
C ASN C 270 -17.98 -6.30 -10.04
N ARG C 271 -17.22 -6.23 -8.94
CA ARG C 271 -17.04 -7.41 -8.10
C ARG C 271 -18.37 -7.87 -7.54
N LYS C 272 -19.19 -6.95 -7.04
CA LYS C 272 -20.49 -7.35 -6.50
C LYS C 272 -21.37 -7.97 -7.57
N SER C 273 -21.40 -7.36 -8.76
CA SER C 273 -22.23 -7.87 -9.84
C SER C 273 -21.77 -9.26 -10.27
N GLN C 274 -20.45 -9.47 -10.38
CA GLN C 274 -19.94 -10.78 -10.73
C GLN C 274 -20.26 -11.82 -9.66
N LEU C 275 -20.12 -11.43 -8.39
CA LEU C 275 -20.42 -12.35 -7.30
C LEU C 275 -21.87 -12.80 -7.35
N ILE C 276 -22.79 -11.86 -7.56
CA ILE C 276 -24.20 -12.22 -7.64
C ILE C 276 -24.55 -12.99 -8.91
N ALA C 277 -23.99 -12.62 -10.06
CA ALA C 277 -24.33 -13.29 -11.32
C ALA C 277 -23.71 -14.67 -11.41
N GLN C 278 -22.68 -14.94 -10.62
CA GLN C 278 -21.99 -16.22 -10.69
C GLN C 278 -22.88 -17.37 -10.22
N TYR C 279 -24.02 -17.06 -9.59
CA TYR C 279 -24.96 -18.11 -9.20
C TYR C 279 -25.61 -18.77 -10.40
N VAL C 280 -25.97 -18.00 -11.42
CA VAL C 280 -26.55 -18.54 -12.65
C VAL C 280 -25.42 -19.12 -13.49
N GLN C 281 -25.37 -20.45 -13.58
CA GLN C 281 -24.16 -21.14 -14.00
C GLN C 281 -24.27 -21.75 -15.39
N ARG C 282 -25.26 -22.58 -15.66
CA ARG C 282 -25.23 -23.49 -16.80
C ARG C 282 -26.14 -23.03 -17.93
N LEU C 283 -25.61 -23.06 -19.15
CA LEU C 283 -26.37 -22.84 -20.37
C LEU C 283 -26.33 -24.12 -21.18
N HIS C 284 -27.41 -24.89 -21.15
CA HIS C 284 -27.43 -26.17 -21.83
C HIS C 284 -28.01 -26.03 -23.23
N PRO C 285 -27.26 -26.38 -24.27
CA PRO C 285 -27.78 -26.29 -25.63
C PRO C 285 -29.00 -27.17 -25.82
N GLY C 286 -29.92 -26.70 -26.67
CA GLY C 286 -31.13 -27.44 -26.95
C GLY C 286 -32.37 -26.58 -26.85
N ASP C 287 -33.48 -27.17 -26.44
CA ASP C 287 -34.74 -26.44 -26.29
C ASP C 287 -35.58 -27.12 -25.22
N CYS C 288 -36.19 -26.31 -24.37
CA CYS C 288 -37.02 -26.81 -23.27
C CYS C 288 -38.49 -26.95 -23.66
N LYS C 289 -38.87 -26.52 -24.86
CA LYS C 289 -40.25 -26.65 -25.35
C LYS C 289 -41.24 -26.01 -24.40
N THR C 290 -40.90 -24.83 -23.88
CA THR C 290 -41.77 -24.13 -22.95
C THR C 290 -42.79 -23.28 -23.70
N THR C 291 -43.98 -23.19 -23.14
CA THR C 291 -45.06 -22.38 -23.69
C THR C 291 -45.07 -20.97 -23.11
N ILE C 292 -44.32 -20.72 -22.04
CA ILE C 292 -44.28 -19.42 -21.39
C ILE C 292 -43.49 -18.46 -22.27
N LEU C 293 -44.06 -17.29 -22.51
CA LEU C 293 -43.46 -16.28 -23.37
C LEU C 293 -43.49 -14.94 -22.66
N ALA C 294 -42.58 -14.05 -23.05
CA ALA C 294 -42.45 -12.74 -22.43
C ALA C 294 -42.86 -11.66 -23.43
N GLU C 295 -43.82 -10.82 -23.03
CA GLU C 295 -44.35 -9.76 -23.90
C GLU C 295 -43.46 -8.52 -23.75
N TYR C 296 -42.43 -8.45 -24.59
CA TYR C 296 -41.48 -7.33 -24.49
C TYR C 296 -41.78 -6.30 -25.56
N PRO C 297 -41.79 -5.01 -25.22
CA PRO C 297 -41.96 -3.96 -26.22
C PRO C 297 -40.63 -3.61 -26.87
N VAL C 298 -40.52 -3.85 -28.17
CA VAL C 298 -39.37 -3.44 -28.96
C VAL C 298 -39.54 -1.99 -29.37
N THR C 299 -38.55 -1.17 -29.05
CA THR C 299 -38.50 0.24 -29.40
C THR C 299 -37.29 0.45 -30.32
N LYS C 300 -37.12 1.68 -30.82
CA LYS C 300 -36.04 1.97 -31.75
C LYS C 300 -34.68 1.78 -31.09
N LEU C 301 -34.50 2.32 -29.88
CA LEU C 301 -33.20 2.27 -29.23
C LEU C 301 -32.85 0.85 -28.79
N THR C 302 -33.83 0.11 -28.28
CA THR C 302 -33.61 -1.21 -27.69
C THR C 302 -33.58 -2.32 -28.74
N LEU C 303 -33.91 -2.02 -30.00
CA LEU C 303 -33.94 -3.06 -31.03
C LEU C 303 -32.57 -3.70 -31.22
N LYS C 304 -31.52 -2.89 -31.23
CA LYS C 304 -30.17 -3.43 -31.37
C LYS C 304 -29.78 -4.34 -30.21
N ALA C 305 -30.43 -4.20 -29.05
CA ALA C 305 -30.10 -5.04 -27.91
C ALA C 305 -30.73 -6.42 -28.03
N PHE C 306 -31.75 -6.59 -28.88
CA PHE C 306 -32.38 -7.89 -29.07
C PHE C 306 -31.71 -8.71 -30.16
N LYS C 307 -30.45 -8.43 -30.49
CA LYS C 307 -29.84 -9.02 -31.68
C LYS C 307 -29.86 -10.55 -31.65
N GLY C 308 -29.81 -11.16 -30.48
CA GLY C 308 -30.08 -12.58 -30.45
C GLY C 308 -31.11 -12.99 -29.42
N LYS C 309 -32.30 -13.38 -29.90
CA LYS C 309 -33.42 -13.86 -29.09
C LYS C 309 -34.51 -14.42 -29.98
N TYR C 310 -35.07 -15.57 -29.61
CA TYR C 310 -36.16 -16.16 -30.38
C TYR C 310 -37.50 -15.57 -29.94
N TYR C 311 -38.42 -15.47 -30.90
CA TYR C 311 -39.76 -14.97 -30.62
C TYR C 311 -40.73 -15.62 -31.59
N GLN C 312 -42.01 -15.60 -31.21
CA GLN C 312 -43.08 -16.20 -31.99
C GLN C 312 -43.54 -15.22 -33.07
N LYS C 313 -43.49 -15.67 -34.33
CA LYS C 313 -44.11 -14.94 -35.42
C LYS C 313 -45.53 -15.46 -35.64
N GLU C 314 -46.13 -15.06 -36.76
CA GLU C 314 -47.45 -15.55 -37.11
C GLU C 314 -47.40 -17.05 -37.42
N ASP C 315 -48.53 -17.72 -37.22
CA ASP C 315 -48.66 -19.17 -37.39
C ASP C 315 -47.75 -19.94 -36.44
N GLY C 316 -47.40 -19.34 -35.30
CA GLY C 316 -46.68 -20.02 -34.25
C GLY C 316 -45.30 -20.53 -34.63
N LYS C 317 -44.50 -19.70 -35.28
CA LYS C 317 -43.14 -20.06 -35.68
C LYS C 317 -42.13 -19.21 -34.93
N LEU C 318 -40.98 -19.79 -34.64
CA LEU C 318 -39.91 -19.12 -33.91
C LEU C 318 -38.89 -18.55 -34.89
N ASP C 319 -38.61 -17.26 -34.75
CA ASP C 319 -37.55 -16.60 -35.49
C ASP C 319 -36.73 -15.75 -34.53
N TRP C 320 -35.46 -15.55 -34.86
CA TRP C 320 -34.57 -14.79 -33.99
C TRP C 320 -34.33 -13.41 -34.58
N ILE C 321 -34.47 -12.37 -33.74
CA ILE C 321 -34.24 -11.00 -34.17
C ILE C 321 -32.84 -10.88 -34.77
N ARG C 322 -32.73 -10.10 -35.84
CA ARG C 322 -31.46 -9.76 -36.45
C ARG C 322 -31.15 -8.29 -36.19
N GLY C 323 -30.11 -7.78 -36.84
CA GLY C 323 -29.76 -6.38 -36.69
C GLY C 323 -30.68 -5.40 -37.38
N ASN C 324 -31.58 -5.89 -38.23
CA ASN C 324 -32.43 -5.04 -39.07
C ASN C 324 -33.85 -5.59 -39.13
N GLU C 325 -34.72 -5.07 -38.27
CA GLU C 325 -36.17 -5.28 -38.37
C GLU C 325 -36.85 -3.93 -38.15
N THR C 326 -37.49 -3.42 -39.20
CA THR C 326 -38.18 -2.13 -39.14
C THR C 326 -39.63 -2.27 -38.72
N HIS C 327 -40.30 -3.35 -39.13
CA HIS C 327 -41.71 -3.53 -38.83
C HIS C 327 -41.94 -3.75 -37.33
N LEU C 328 -41.00 -4.44 -36.67
CA LEU C 328 -41.20 -4.79 -35.27
C LEU C 328 -40.92 -3.62 -34.34
N ILE C 329 -40.26 -2.58 -34.84
CA ILE C 329 -39.87 -1.44 -34.02
C ILE C 329 -41.10 -0.78 -33.41
N GLY C 330 -41.10 -0.65 -32.08
CA GLY C 330 -42.18 0.03 -31.38
C GLY C 330 -43.42 -0.82 -31.19
N THR C 331 -43.25 -2.13 -31.07
CA THR C 331 -44.39 -3.04 -30.94
C THR C 331 -44.04 -4.10 -29.92
N LYS C 332 -45.07 -4.69 -29.32
CA LYS C 332 -44.89 -5.70 -28.30
C LYS C 332 -44.87 -7.08 -28.94
N GLN C 333 -43.79 -7.84 -28.68
CA GLN C 333 -43.61 -9.15 -29.27
C GLN C 333 -43.39 -10.18 -28.17
N LYS C 334 -43.81 -11.42 -28.45
CA LYS C 334 -43.68 -12.52 -27.49
C LYS C 334 -42.33 -13.19 -27.70
N PHE C 335 -41.33 -12.70 -26.98
CA PHE C 335 -40.01 -13.28 -27.02
C PHE C 335 -39.92 -14.52 -26.13
N ARG C 336 -38.92 -15.35 -26.41
CA ARG C 336 -38.56 -16.48 -25.56
C ARG C 336 -37.39 -16.00 -24.70
N SER C 337 -37.69 -15.67 -23.45
CA SER C 337 -36.73 -15.06 -22.55
C SER C 337 -36.18 -16.09 -21.58
N VAL C 338 -35.20 -15.66 -20.77
CA VAL C 338 -34.67 -16.51 -19.71
C VAL C 338 -35.77 -16.88 -18.73
N PHE C 339 -36.58 -15.88 -18.35
CA PHE C 339 -37.75 -16.11 -17.52
C PHE C 339 -38.71 -17.04 -18.24
N GLY C 340 -39.40 -17.89 -17.48
CA GLY C 340 -40.30 -18.86 -18.08
C GLY C 340 -39.59 -19.89 -18.94
N CYS C 341 -38.50 -20.44 -18.42
CA CYS C 341 -37.75 -21.51 -19.06
C CYS C 341 -37.70 -22.68 -18.08
N ASN C 342 -38.55 -23.68 -18.31
CA ASN C 342 -38.68 -24.80 -17.37
C ASN C 342 -37.65 -25.89 -17.68
N HIS C 343 -36.39 -25.48 -17.70
CA HIS C 343 -35.30 -26.42 -17.90
C HIS C 343 -35.11 -27.26 -16.63
N PRO C 344 -34.77 -28.54 -16.78
CA PRO C 344 -34.61 -29.39 -15.58
C PRO C 344 -33.57 -28.89 -14.59
N ASP C 345 -32.51 -28.26 -15.06
CA ASP C 345 -31.45 -27.81 -14.16
C ASP C 345 -31.94 -26.68 -13.27
N SER C 346 -31.50 -26.70 -12.01
CA SER C 346 -31.89 -25.67 -11.06
C SER C 346 -31.29 -24.31 -11.43
N GLN C 347 -30.02 -24.30 -11.84
CA GLN C 347 -29.33 -23.08 -12.20
C GLN C 347 -29.00 -23.02 -13.69
N GLY C 348 -29.65 -23.86 -14.50
CA GLY C 348 -29.37 -23.95 -15.91
C GLY C 348 -30.54 -23.47 -16.75
N ILE C 349 -30.22 -22.89 -17.90
CA ILE C 349 -31.23 -22.43 -18.86
C ILE C 349 -30.90 -22.99 -20.23
N CYS C 350 -31.94 -23.11 -21.05
CA CYS C 350 -31.79 -23.69 -22.38
C CYS C 350 -31.21 -22.66 -23.35
N MET C 351 -30.78 -23.16 -24.51
CA MET C 351 -30.19 -22.29 -25.52
C MET C 351 -31.25 -21.40 -26.16
N THR C 352 -32.41 -21.98 -26.50
CA THR C 352 -33.45 -21.20 -27.19
C THR C 352 -33.97 -20.08 -26.30
N CYS C 353 -34.21 -20.38 -25.01
CA CYS C 353 -34.74 -19.36 -24.12
C CYS C 353 -33.73 -18.23 -23.88
N TYR C 354 -32.44 -18.57 -23.87
CA TYR C 354 -31.42 -17.54 -23.67
C TYR C 354 -31.29 -16.64 -24.89
N GLY C 355 -30.96 -17.20 -26.03
CA GLY C 355 -30.85 -16.44 -27.26
C GLY C 355 -29.81 -17.05 -28.17
N ARG C 356 -29.59 -16.36 -29.30
CA ARG C 356 -28.59 -16.79 -30.26
C ARG C 356 -27.18 -16.58 -29.71
N LEU C 357 -27.01 -15.58 -28.84
CA LEU C 357 -25.70 -15.26 -28.28
C LEU C 357 -25.06 -16.44 -27.59
N GLY C 358 -25.87 -17.38 -27.08
CA GLY C 358 -25.32 -18.56 -26.43
C GLY C 358 -24.44 -19.39 -27.32
N ILE C 359 -24.58 -19.26 -28.64
CA ILE C 359 -23.66 -19.96 -29.54
C ILE C 359 -22.24 -19.43 -29.38
N ASN C 360 -22.08 -18.12 -29.24
CA ASN C 360 -20.75 -17.55 -29.05
C ASN C 360 -20.18 -17.93 -27.69
N ILE C 361 -21.04 -18.22 -26.72
CA ILE C 361 -20.57 -18.60 -25.38
C ILE C 361 -19.84 -19.94 -25.46
N PRO C 362 -18.63 -20.05 -24.93
CA PRO C 362 -17.93 -21.34 -24.95
C PRO C 362 -18.70 -22.39 -24.17
N LYS C 363 -18.30 -23.65 -24.37
CA LYS C 363 -19.09 -24.78 -23.89
C LYS C 363 -19.20 -24.78 -22.38
N GLY C 364 -18.09 -24.97 -21.68
CA GLY C 364 -18.11 -25.03 -20.23
C GLY C 364 -17.85 -23.71 -19.56
N THR C 365 -18.74 -22.74 -19.75
CA THR C 365 -18.55 -21.39 -19.24
C THR C 365 -19.72 -21.02 -18.35
N ASN C 366 -19.46 -20.14 -17.37
CA ASN C 366 -20.47 -19.64 -16.46
C ASN C 366 -21.16 -18.46 -17.14
N ILE C 367 -22.45 -18.63 -17.45
CA ILE C 367 -23.16 -17.67 -18.28
C ILE C 367 -23.42 -16.37 -17.51
N GLY C 368 -23.77 -16.48 -16.23
CA GLY C 368 -23.95 -15.29 -15.42
C GLY C 368 -22.68 -14.47 -15.32
N GLN C 369 -21.53 -15.15 -15.20
CA GLN C 369 -20.27 -14.44 -15.25
C GLN C 369 -20.07 -13.74 -16.57
N VAL C 370 -20.48 -14.37 -17.68
CA VAL C 370 -20.35 -13.72 -18.97
C VAL C 370 -21.15 -12.42 -19.00
N ALA C 371 -22.39 -12.46 -18.51
CA ALA C 371 -23.21 -11.24 -18.49
C ALA C 371 -22.58 -10.18 -17.60
N ALA C 372 -22.14 -10.57 -16.40
CA ALA C 372 -21.56 -9.61 -15.47
C ALA C 372 -20.26 -9.01 -16.02
N VAL C 373 -19.44 -9.83 -16.67
CA VAL C 373 -18.18 -9.35 -17.23
C VAL C 373 -18.43 -8.41 -18.40
N SER C 374 -19.42 -8.73 -19.24
CA SER C 374 -19.76 -7.82 -20.33
C SER C 374 -20.22 -6.46 -19.81
N MET C 375 -21.11 -6.49 -18.80
CA MET C 375 -21.55 -5.23 -18.20
C MET C 375 -20.39 -4.48 -17.58
N GLY C 376 -19.51 -5.19 -16.87
CA GLY C 376 -18.37 -4.53 -16.24
C GLY C 376 -17.46 -3.89 -17.25
N ASP C 377 -17.16 -4.59 -18.34
CA ASP C 377 -16.35 -4.01 -19.41
C ASP C 377 -17.00 -2.74 -19.93
N LYS C 378 -18.28 -2.81 -20.29
CA LYS C 378 -18.92 -1.67 -20.92
C LYS C 378 -18.99 -0.47 -19.97
N ILE C 379 -19.37 -0.67 -18.73
CA ILE C 379 -19.49 0.42 -17.77
C ILE C 379 -18.12 0.98 -17.39
N THR C 380 -17.11 0.12 -17.19
CA THR C 380 -15.78 0.63 -16.87
C THR C 380 -15.22 1.44 -18.04
N SER C 381 -15.39 0.95 -19.26
CA SER C 381 -14.91 1.69 -20.42
C SER C 381 -15.63 3.03 -20.54
N ALA C 382 -16.95 3.05 -20.37
CA ALA C 382 -17.70 4.30 -20.48
C ALA C 382 -17.29 5.27 -19.37
N VAL C 383 -17.15 4.78 -18.15
CA VAL C 383 -16.78 5.66 -17.03
C VAL C 383 -15.39 6.24 -17.24
N LEU C 384 -14.45 5.43 -17.71
CA LEU C 384 -13.10 5.93 -17.92
C LEU C 384 -13.03 6.88 -19.12
N SER C 385 -13.72 6.55 -20.21
CA SER C 385 -13.68 7.35 -21.42
C SER C 385 -14.83 8.33 -21.53
N THR C 386 -15.42 8.72 -20.40
CA THR C 386 -16.26 9.92 -20.36
C THR C 386 -15.56 11.07 -21.10
N LYS C 387 -14.24 11.16 -20.96
CA LYS C 387 -13.47 12.14 -21.71
C LYS C 387 -13.56 11.93 -23.22
N HIS C 388 -13.74 10.70 -23.67
CA HIS C 388 -13.91 10.44 -25.11
C HIS C 388 -15.18 11.10 -25.63
N THR C 389 -16.27 11.02 -24.88
CA THR C 389 -17.52 11.67 -25.24
C THR C 389 -17.50 13.16 -24.93
N ASP C 390 -16.60 13.60 -24.06
CA ASP C 390 -16.49 15.02 -23.72
C ASP C 390 -15.97 15.88 -24.86
N ALA C 391 -15.51 15.26 -25.96
CA ALA C 391 -15.04 16.03 -27.11
C ALA C 391 -16.14 16.93 -27.68
N SER C 392 -17.40 16.60 -27.44
CA SER C 392 -18.51 17.44 -27.84
C SER C 392 -19.04 18.17 -26.61
N SER C 393 -19.14 19.50 -26.70
CA SER C 393 -19.57 20.32 -25.58
C SER C 393 -21.08 20.43 -25.48
N ALA C 394 -21.83 19.75 -26.34
CA ALA C 394 -23.28 19.78 -26.27
C ALA C 394 -23.73 19.00 -25.03
N VAL C 395 -24.07 19.74 -23.97
CA VAL C 395 -24.46 19.12 -22.72
C VAL C 395 -25.73 18.31 -22.91
N GLU C 396 -25.78 17.14 -22.28
CA GLU C 396 -26.95 16.27 -22.36
C GLU C 396 -28.17 17.00 -21.80
N GLN C 397 -29.16 17.21 -22.66
CA GLN C 397 -30.34 17.99 -22.28
C GLN C 397 -31.16 17.27 -21.22
N TYR C 398 -31.85 18.05 -20.40
CA TYR C 398 -32.71 17.52 -19.35
C TYR C 398 -34.11 17.31 -19.90
N LYS C 399 -34.68 16.12 -19.64
CA LYS C 399 -36.00 15.76 -20.12
C LYS C 399 -37.02 15.87 -19.00
N LEU C 400 -38.24 16.23 -19.37
CA LEU C 400 -39.34 16.40 -18.44
C LEU C 400 -40.31 15.23 -18.55
N GLY C 401 -40.66 14.65 -17.41
CA GLY C 401 -41.64 13.59 -17.35
C GLY C 401 -43.06 14.12 -17.46
N LYS C 402 -44.01 13.19 -17.52
CA LYS C 402 -45.41 13.58 -17.65
C LYS C 402 -45.89 14.37 -16.45
N ILE C 403 -45.50 13.94 -15.24
CA ILE C 403 -45.92 14.66 -14.04
C ILE C 403 -45.20 16.00 -13.94
N GLU C 404 -43.90 16.03 -14.27
CA GLU C 404 -43.15 17.27 -14.23
C GLU C 404 -43.62 18.26 -15.29
N SER C 405 -43.98 17.75 -16.48
CA SER C 405 -44.43 18.63 -17.54
C SER C 405 -45.74 19.33 -17.21
N ASN C 406 -46.52 18.78 -16.28
CA ASN C 406 -47.76 19.43 -15.87
C ASN C 406 -47.52 20.72 -15.10
N TYR C 407 -46.28 20.96 -14.67
CA TYR C 407 -45.98 22.15 -13.87
C TYR C 407 -44.85 22.96 -14.50
N LEU C 408 -43.95 22.29 -15.21
CA LEU C 408 -42.76 22.91 -15.77
C LEU C 408 -42.80 22.90 -17.29
N ARG C 409 -42.22 23.92 -17.89
CA ARG C 409 -42.12 24.04 -19.34
C ARG C 409 -40.71 24.49 -19.71
N THR C 410 -40.40 24.40 -21.00
CA THR C 410 -39.08 24.74 -21.50
C THR C 410 -39.21 25.63 -22.72
N GLY C 411 -38.24 26.53 -22.89
CA GLY C 411 -38.24 27.43 -24.02
C GLY C 411 -37.66 28.80 -23.70
N GLU C 412 -37.42 29.60 -24.73
CA GLU C 412 -36.93 30.98 -24.60
C GLU C 412 -35.52 31.04 -24.03
N ILE C 413 -34.93 29.89 -23.72
CA ILE C 413 -33.58 29.80 -23.16
C ILE C 413 -33.11 28.35 -23.30
N PRO C 414 -31.85 28.11 -23.65
CA PRO C 414 -31.40 26.72 -23.85
C PRO C 414 -31.48 25.86 -22.58
N GLU C 415 -31.30 26.44 -21.40
CA GLU C 415 -31.11 25.66 -20.19
C GLU C 415 -32.24 25.82 -19.17
N THR C 416 -32.60 27.05 -18.84
CA THR C 416 -33.52 27.31 -17.73
C THR C 416 -34.93 26.82 -18.06
N LEU C 417 -35.66 26.44 -17.02
CA LEU C 417 -37.04 26.02 -17.10
C LEU C 417 -37.97 27.19 -16.79
N TYR C 418 -39.27 26.94 -16.88
CA TYR C 418 -40.26 27.98 -16.63
C TYR C 418 -41.52 27.37 -16.03
N LEU C 419 -42.34 28.22 -15.43
CA LEU C 419 -43.62 27.84 -14.87
C LEU C 419 -44.73 28.15 -15.86
N LYS C 420 -45.61 27.18 -16.09
CA LYS C 420 -46.71 27.39 -17.03
C LYS C 420 -47.75 28.34 -16.46
N LYS C 421 -48.53 28.94 -17.35
CA LYS C 421 -49.57 29.89 -16.95
C LYS C 421 -50.68 29.23 -16.16
N GLU C 422 -50.83 27.90 -16.26
CA GLU C 422 -51.86 27.21 -15.49
C GLU C 422 -51.63 27.36 -14.00
N LEU C 423 -50.37 27.53 -13.58
CA LEU C 423 -50.07 27.76 -12.16
C LEU C 423 -50.62 29.08 -11.67
N THR C 424 -51.02 29.98 -12.57
CA THR C 424 -51.70 31.21 -12.18
C THR C 424 -53.12 30.94 -11.69
N GLN C 425 -53.69 29.78 -12.01
CA GLN C 425 -55.06 29.48 -11.60
C GLN C 425 -55.20 29.45 -10.09
N LYS C 426 -54.25 28.85 -9.40
CA LYS C 426 -54.30 28.68 -7.96
C LYS C 426 -53.06 29.28 -7.31
N ASP C 427 -53.14 29.51 -6.01
CA ASP C 427 -52.02 30.04 -5.25
C ASP C 427 -51.03 28.93 -4.91
N TYR C 428 -50.17 28.59 -5.86
CA TYR C 428 -49.21 27.51 -5.65
C TYR C 428 -48.08 27.97 -4.72
N ARG C 429 -47.32 27.01 -4.22
CA ARG C 429 -46.37 27.24 -3.16
C ARG C 429 -45.24 26.22 -3.27
N LEU C 430 -44.00 26.71 -3.23
CA LEU C 430 -42.82 25.87 -3.41
C LEU C 430 -42.34 25.35 -2.07
N VAL C 431 -41.91 24.08 -2.06
CA VAL C 431 -41.34 23.46 -0.88
C VAL C 431 -40.02 22.81 -1.29
N ILE C 432 -38.95 23.18 -0.59
CA ILE C 432 -37.60 22.66 -0.87
C ILE C 432 -37.01 22.16 0.44
N ALA C 433 -36.03 21.27 0.32
CA ALA C 433 -35.37 20.74 1.51
C ALA C 433 -34.33 21.72 2.03
N ARG C 434 -34.13 21.70 3.35
CA ARG C 434 -33.09 22.52 3.95
C ARG C 434 -31.70 21.98 3.65
N SER C 435 -31.58 20.65 3.48
CA SER C 435 -30.28 20.06 3.18
C SER C 435 -29.73 20.57 1.85
N GLU C 436 -30.59 20.70 0.86
CA GLU C 436 -30.20 21.15 -0.47
C GLU C 436 -30.16 22.66 -0.59
N ALA C 437 -30.62 23.40 0.42
CA ALA C 437 -30.60 24.86 0.43
C ALA C 437 -30.00 25.32 1.75
N GLU C 438 -28.67 25.45 1.78
CA GLU C 438 -27.95 25.89 2.97
C GLU C 438 -27.38 27.29 2.83
N ASN C 439 -26.96 27.68 1.63
CA ASN C 439 -26.42 29.02 1.38
C ASN C 439 -27.46 29.96 0.79
N LEU C 440 -28.75 29.65 0.99
CA LEU C 440 -29.81 30.47 0.41
C LEU C 440 -29.94 31.81 1.12
N ALA C 441 -29.90 31.79 2.45
CA ALA C 441 -30.16 33.01 3.22
C ALA C 441 -29.16 34.12 2.89
N ASP C 442 -28.04 33.78 2.25
CA ASP C 442 -27.09 34.79 1.79
C ASP C 442 -27.77 35.86 0.93
N ILE C 443 -28.76 35.49 0.13
CA ILE C 443 -29.41 36.48 -0.74
C ILE C 443 -30.03 37.60 0.10
N LEU C 444 -30.42 37.30 1.34
CA LEU C 444 -30.98 38.33 2.21
C LEU C 444 -29.93 39.36 2.58
N MET C 445 -28.69 38.92 2.86
CA MET C 445 -27.67 39.86 3.33
C MET C 445 -27.12 40.69 2.18
N ILE C 446 -26.97 40.09 1.00
CA ILE C 446 -26.48 40.82 -0.16
C ILE C 446 -27.57 41.76 -0.65
N ASP C 447 -27.23 43.05 -0.80
CA ASP C 447 -28.19 44.06 -1.19
C ASP C 447 -28.29 44.24 -2.70
N ASP C 448 -27.55 43.44 -3.48
CA ASP C 448 -27.59 43.53 -4.95
C ASP C 448 -27.30 42.14 -5.50
N LEU C 449 -28.36 41.43 -5.90
CA LEU C 449 -28.20 40.09 -6.46
C LEU C 449 -27.85 40.16 -7.94
N THR C 450 -26.78 40.88 -8.28
CA THR C 450 -26.30 41.00 -9.65
C THR C 450 -25.08 40.15 -9.91
N ALA C 451 -24.05 40.27 -9.07
CA ALA C 451 -22.84 39.47 -9.20
C ALA C 451 -22.88 38.19 -8.37
N TYR C 452 -23.96 37.94 -7.65
CA TYR C 452 -24.08 36.74 -6.83
C TYR C 452 -24.42 35.54 -7.71
N PRO C 453 -23.62 34.49 -7.71
CA PRO C 453 -23.92 33.32 -8.55
C PRO C 453 -25.15 32.57 -8.06
N ALA C 454 -26.07 32.29 -8.97
CA ALA C 454 -27.29 31.58 -8.60
C ALA C 454 -27.04 30.12 -8.25
N THR C 455 -26.00 29.52 -8.83
CA THR C 455 -25.72 28.10 -8.60
C THR C 455 -25.26 27.81 -7.18
N SER C 456 -24.54 28.73 -6.54
CA SER C 456 -24.06 28.51 -5.18
C SER C 456 -25.16 28.73 -4.14
N ALA C 457 -26.27 29.38 -4.51
CA ALA C 457 -27.34 29.60 -3.55
C ALA C 457 -28.04 28.29 -3.19
N THR C 458 -28.34 27.46 -4.18
CA THR C 458 -29.10 26.24 -3.95
C THR C 458 -28.72 25.21 -5.01
N GLU C 459 -28.84 23.92 -4.64
CA GLU C 459 -28.63 22.80 -5.56
C GLU C 459 -29.79 21.83 -5.34
N LEU C 460 -30.81 21.92 -6.19
CA LEU C 460 -32.07 21.23 -5.98
C LEU C 460 -32.13 19.91 -6.73
N THR C 461 -32.83 18.94 -6.13
CA THR C 461 -33.12 17.67 -6.79
C THR C 461 -34.60 17.30 -6.74
N SER C 462 -35.42 17.98 -5.93
CA SER C 462 -36.83 17.67 -5.82
C SER C 462 -37.56 18.89 -5.26
N LEU C 463 -38.66 19.26 -5.89
CA LEU C 463 -39.46 20.41 -5.48
C LEU C 463 -40.90 19.98 -5.28
N ALA C 464 -41.51 20.39 -4.18
CA ALA C 464 -42.92 20.08 -3.91
C ALA C 464 -43.75 21.32 -4.21
N LEU C 465 -44.60 21.24 -5.22
CA LEU C 465 -45.55 22.31 -5.53
C LEU C 465 -46.87 21.96 -4.87
N VAL C 466 -47.31 22.83 -3.96
CA VAL C 466 -48.45 22.57 -3.09
C VAL C 466 -49.45 23.72 -3.21
N TYR C 467 -50.73 23.36 -3.19
CA TYR C 467 -51.82 24.33 -3.22
C TYR C 467 -52.88 23.87 -2.22
N ASP C 468 -53.74 24.82 -1.84
CA ASP C 468 -54.69 24.57 -0.77
C ASP C 468 -55.92 23.83 -1.27
N ASP C 469 -56.30 22.78 -0.55
CA ASP C 469 -57.55 22.06 -0.79
C ASP C 469 -58.23 21.72 0.52
N GLU C 474 -55.16 20.41 1.32
CA GLU C 474 -53.81 20.74 0.88
C GLU C 474 -53.24 19.65 -0.01
N CYS C 475 -53.30 19.86 -1.32
CA CYS C 475 -52.82 18.89 -2.29
C CYS C 475 -51.59 19.45 -3.02
N GLY C 476 -51.09 18.69 -3.97
CA GLY C 476 -49.91 19.06 -4.72
C GLY C 476 -49.05 17.84 -4.96
N ASP C 477 -47.91 18.06 -5.62
CA ASP C 477 -47.07 16.96 -6.04
C ASP C 477 -45.60 17.34 -5.95
N VAL C 478 -44.76 16.32 -5.80
CA VAL C 478 -43.31 16.47 -5.76
C VAL C 478 -42.74 16.09 -7.13
N LEU C 479 -41.78 16.89 -7.61
CA LEU C 479 -41.22 16.74 -8.94
C LEU C 479 -39.71 16.64 -8.83
N THR C 480 -39.14 15.69 -9.57
CA THR C 480 -37.70 15.52 -9.64
C THR C 480 -37.14 16.38 -10.77
N VAL C 481 -36.18 17.24 -10.44
CA VAL C 481 -35.65 18.21 -11.39
C VAL C 481 -34.19 17.96 -11.75
N SER C 482 -33.44 17.25 -10.91
CA SER C 482 -32.03 17.01 -11.16
C SER C 482 -31.85 15.78 -12.04
N LEU C 483 -30.91 15.86 -12.98
CA LEU C 483 -30.57 14.77 -13.89
C LEU C 483 -29.17 14.31 -13.53
N TYR C 484 -29.10 13.28 -12.67
CA TYR C 484 -27.84 12.73 -12.19
C TYR C 484 -26.94 13.81 -11.59
N ASN C 485 -25.85 14.15 -12.28
CA ASN C 485 -24.91 15.14 -11.78
C ASN C 485 -25.46 16.56 -11.92
N ARG C 486 -26.35 16.81 -12.87
CA ARG C 486 -26.89 18.15 -13.11
C ARG C 486 -27.95 18.45 -12.06
N ARG C 487 -27.56 19.21 -11.04
CA ARG C 487 -28.48 19.63 -9.99
C ARG C 487 -29.01 21.02 -10.32
N ALA C 488 -30.33 21.15 -10.45
CA ALA C 488 -30.92 22.43 -10.81
C ALA C 488 -30.78 23.43 -9.67
N SER C 489 -30.55 24.69 -10.04
CA SER C 489 -30.40 25.78 -9.09
C SER C 489 -31.44 26.85 -9.37
N LEU C 490 -31.89 27.51 -8.32
CA LEU C 490 -32.87 28.58 -8.46
C LEU C 490 -32.29 29.73 -9.26
N SER C 491 -33.10 30.30 -10.14
CA SER C 491 -32.65 31.38 -11.01
C SER C 491 -32.50 32.68 -10.22
N ILE C 492 -31.83 33.65 -10.84
CA ILE C 492 -31.62 34.94 -10.21
C ILE C 492 -32.94 35.65 -9.95
N GLU C 493 -33.90 35.53 -10.87
CA GLU C 493 -35.18 36.20 -10.69
C GLU C 493 -35.91 35.67 -9.45
N MET C 494 -35.95 34.35 -9.29
CA MET C 494 -36.60 33.81 -8.10
C MET C 494 -35.77 34.03 -6.84
N LEU C 495 -34.44 34.13 -6.96
CA LEU C 495 -33.64 34.54 -5.80
C LEU C 495 -34.04 35.93 -5.34
N LYS C 496 -34.23 36.86 -6.29
CA LYS C 496 -34.69 38.19 -5.96
C LYS C 496 -36.09 38.15 -5.33
N HIS C 497 -36.98 37.33 -5.88
CA HIS C 497 -38.32 37.22 -5.33
C HIS C 497 -38.29 36.68 -3.90
N ILE C 498 -37.47 35.66 -3.65
CA ILE C 498 -37.35 35.10 -2.31
C ILE C 498 -36.77 36.14 -1.36
N LYS C 499 -35.76 36.88 -1.81
CA LYS C 499 -35.22 37.98 -1.00
C LYS C 499 -36.29 38.99 -0.64
N MET C 500 -37.17 39.32 -1.60
CA MET C 500 -38.23 40.30 -1.33
C MET C 500 -39.28 39.73 -0.38
N VAL C 501 -39.55 38.43 -0.46
CA VAL C 501 -40.67 37.83 0.25
C VAL C 501 -40.23 36.95 1.43
N ARG C 502 -38.98 36.49 1.45
CA ARG C 502 -38.48 35.58 2.48
C ARG C 502 -39.26 34.28 2.48
N TRP C 503 -39.01 33.41 3.46
CA TRP C 503 -39.64 32.09 3.48
C TRP C 503 -39.99 31.73 4.92
N GLU C 504 -40.42 30.49 5.12
CA GLU C 504 -40.84 30.00 6.42
C GLU C 504 -40.64 28.49 6.45
N LEU C 505 -40.30 27.97 7.62
CA LEU C 505 -40.00 26.55 7.77
C LEU C 505 -41.31 25.75 7.85
N ASP C 506 -41.20 24.47 8.20
CA ASP C 506 -42.34 23.58 8.28
C ASP C 506 -42.04 22.50 9.30
N GLN C 507 -43.09 21.80 9.74
CA GLN C 507 -42.91 20.73 10.70
C GLN C 507 -41.99 19.65 10.17
N ARG C 508 -42.05 19.37 8.87
CA ARG C 508 -41.13 18.44 8.23
C ARG C 508 -39.73 19.01 8.03
N ASP C 509 -39.44 20.19 8.59
CA ASP C 509 -38.13 20.85 8.46
C ASP C 509 -37.80 21.15 7.00
N ASN C 510 -38.80 21.59 6.23
CA ASN C 510 -38.63 21.92 4.83
C ASN C 510 -38.95 23.39 4.59
N ILE C 511 -38.05 24.08 3.88
CA ILE C 511 -38.28 25.49 3.55
C ILE C 511 -39.49 25.61 2.64
N VAL C 512 -40.37 26.56 2.98
CA VAL C 512 -41.61 26.80 2.25
C VAL C 512 -41.62 28.24 1.77
N ILE C 513 -41.90 28.43 0.49
CA ILE C 513 -41.86 29.74 -0.16
C ILE C 513 -43.18 29.96 -0.87
N SER C 514 -43.85 31.07 -0.58
CA SER C 514 -45.08 31.41 -1.28
C SER C 514 -44.74 32.09 -2.61
N LEU C 515 -45.33 31.59 -3.69
CA LEU C 515 -45.05 32.12 -5.03
C LEU C 515 -46.06 33.17 -5.46
N ARG C 516 -46.79 33.75 -4.52
CA ARG C 516 -47.79 34.78 -4.82
C ARG C 516 -47.09 36.10 -5.06
N GLY C 517 -47.46 36.78 -6.14
CA GLY C 517 -46.81 38.02 -6.53
C GLY C 517 -45.53 37.86 -7.32
N PHE C 518 -45.12 36.63 -7.59
CA PHE C 518 -43.91 36.41 -8.39
C PHE C 518 -44.20 36.72 -9.85
N ASP C 519 -43.31 37.51 -10.46
CA ASP C 519 -43.44 37.83 -11.88
C ASP C 519 -43.16 36.58 -12.70
N PHE C 520 -44.19 36.06 -13.37
CA PHE C 520 -44.06 34.83 -14.13
C PHE C 520 -43.30 35.11 -15.43
N ASN C 521 -43.26 34.11 -16.31
CA ASN C 521 -42.49 34.10 -17.56
C ASN C 521 -41.07 34.65 -17.36
N LEU C 522 -40.48 34.34 -16.21
CA LEU C 522 -39.11 34.67 -15.87
C LEU C 522 -38.37 33.39 -15.56
N PRO C 523 -37.04 33.39 -15.67
CA PRO C 523 -36.29 32.13 -15.52
C PRO C 523 -36.55 31.46 -14.18
N PHE C 524 -36.62 30.13 -14.21
CA PHE C 524 -36.91 29.33 -13.03
C PHE C 524 -36.18 28.00 -13.16
N LEU C 525 -35.40 27.65 -12.14
CA LEU C 525 -34.57 26.44 -12.13
C LEU C 525 -33.57 26.44 -13.30
N THR C 526 -32.64 27.40 -13.22
CA THR C 526 -31.54 27.42 -14.17
C THR C 526 -30.71 26.15 -14.03
N LEU C 527 -30.48 25.48 -15.17
CA LEU C 527 -29.71 24.25 -15.13
C LEU C 527 -28.23 24.53 -15.35
N PRO C 528 -27.35 23.86 -14.61
CA PRO C 528 -25.92 24.11 -14.76
C PRO C 528 -25.40 23.62 -16.12
N ASN C 529 -24.35 24.28 -16.59
CA ASN C 529 -23.68 23.88 -17.81
C ASN C 529 -22.67 22.78 -17.51
N LYS C 530 -23.17 21.67 -16.95
CA LYS C 530 -22.33 20.59 -16.45
C LYS C 530 -22.67 19.29 -17.18
N HIS C 531 -21.65 18.57 -17.61
CA HIS C 531 -21.86 17.30 -18.28
C HIS C 531 -22.37 16.24 -17.30
N VAL C 532 -23.25 15.37 -17.79
CA VAL C 532 -23.69 14.23 -16.99
C VAL C 532 -22.55 13.23 -16.90
N ASN C 533 -22.32 12.72 -15.69
CA ASN C 533 -21.24 11.79 -15.42
C ASN C 533 -21.73 10.36 -15.62
N MET C 534 -20.94 9.57 -16.35
CA MET C 534 -21.22 8.13 -16.44
C MET C 534 -21.04 7.45 -15.10
N TYR C 535 -20.29 8.06 -14.17
CA TYR C 535 -20.17 7.53 -12.82
C TYR C 535 -21.51 7.56 -12.10
N GLU C 536 -22.26 8.66 -12.25
CA GLU C 536 -23.60 8.72 -11.68
C GLU C 536 -24.53 7.71 -12.34
N VAL C 537 -24.38 7.47 -13.64
CA VAL C 537 -25.19 6.47 -14.31
C VAL C 537 -24.85 5.08 -13.80
N MET C 538 -23.57 4.83 -13.50
CA MET C 538 -23.19 3.56 -12.89
C MET C 538 -23.80 3.40 -11.51
N LYS C 539 -23.80 4.48 -10.72
CA LYS C 539 -24.48 4.44 -9.42
C LYS C 539 -25.96 4.15 -9.59
N ARG C 540 -26.59 4.73 -10.62
CA ARG C 540 -27.99 4.44 -10.89
C ARG C 540 -28.21 2.97 -11.24
N PHE C 541 -27.30 2.40 -12.05
CA PHE C 541 -27.38 0.97 -12.36
C PHE C 541 -27.26 0.13 -11.10
N GLN C 542 -26.30 0.48 -10.23
CA GLN C 542 -26.10 -0.27 -9.00
C GLN C 542 -27.32 -0.20 -8.10
N SER C 543 -27.89 1.00 -7.95
CA SER C 543 -29.08 1.16 -7.12
C SER C 543 -30.27 0.41 -7.71
N PHE C 544 -30.39 0.42 -9.05
CA PHE C 544 -31.47 -0.33 -9.69
C PHE C 544 -31.35 -1.81 -9.41
N LEU C 545 -30.17 -2.39 -9.69
CA LEU C 545 -30.01 -3.83 -9.58
C LEU C 545 -30.06 -4.28 -8.13
N HIS C 546 -29.40 -3.55 -7.23
CA HIS C 546 -29.27 -3.99 -5.84
C HIS C 546 -30.22 -3.23 -4.93
N THR C 565 -43.34 11.39 -5.50
CA THR C 565 -42.28 10.59 -4.90
C THR C 565 -42.32 9.15 -5.42
N SER C 566 -41.46 8.85 -6.38
CA SER C 566 -41.43 7.51 -6.99
C SER C 566 -40.10 7.31 -7.67
N LYS C 567 -39.36 6.29 -7.22
CA LYS C 567 -38.12 5.88 -7.87
C LYS C 567 -38.36 4.55 -8.60
N THR C 568 -37.29 4.01 -9.20
CA THR C 568 -37.41 2.88 -10.12
C THR C 568 -36.50 1.74 -9.69
N TYR C 569 -36.53 1.38 -8.41
CA TYR C 569 -35.77 0.23 -7.96
C TYR C 569 -36.37 -1.06 -8.50
N LEU C 570 -35.51 -2.07 -8.66
CA LEU C 570 -35.95 -3.33 -9.26
C LEU C 570 -36.92 -4.09 -8.36
N LYS C 571 -36.72 -4.02 -7.04
CA LYS C 571 -37.58 -4.77 -6.13
C LYS C 571 -39.02 -4.27 -6.18
N ASN C 572 -39.23 -3.03 -6.64
CA ASN C 572 -40.57 -2.46 -6.70
C ASN C 572 -41.43 -3.11 -7.78
N TYR C 573 -40.85 -3.87 -8.70
CA TYR C 573 -41.61 -4.48 -9.78
C TYR C 573 -42.18 -5.82 -9.36
N LYS C 574 -43.35 -6.13 -9.90
CA LYS C 574 -44.04 -7.37 -9.55
C LYS C 574 -43.45 -8.57 -10.30
N SER C 575 -43.45 -8.50 -11.62
CA SER C 575 -42.95 -9.60 -12.45
C SER C 575 -41.74 -9.13 -13.26
N PRO C 576 -40.80 -10.03 -13.53
CA PRO C 576 -39.61 -9.65 -14.33
C PRO C 576 -39.95 -9.27 -15.76
N ILE C 577 -41.10 -9.71 -16.29
CA ILE C 577 -41.45 -9.41 -17.67
C ILE C 577 -41.64 -7.91 -17.85
N GLU C 578 -42.32 -7.25 -16.91
CA GLU C 578 -42.48 -5.80 -16.96
C GLU C 578 -41.27 -5.06 -16.40
N ALA C 579 -40.32 -5.77 -15.79
CA ALA C 579 -39.14 -5.13 -15.22
C ALA C 579 -37.95 -5.12 -16.17
N LEU C 580 -37.88 -6.05 -17.11
CA LEU C 580 -36.76 -6.08 -18.05
C LEU C 580 -36.70 -4.84 -18.95
N PRO C 581 -37.77 -4.40 -19.60
CA PRO C 581 -37.63 -3.27 -20.54
C PRO C 581 -37.09 -2.00 -19.90
N VAL C 582 -37.47 -1.71 -18.65
CA VAL C 582 -36.97 -0.51 -17.98
C VAL C 582 -35.46 -0.57 -17.85
N PHE C 583 -34.94 -1.71 -17.37
CA PHE C 583 -33.49 -1.86 -17.24
C PHE C 583 -32.81 -1.87 -18.59
N ALA C 584 -33.44 -2.47 -19.59
CA ALA C 584 -32.85 -2.51 -20.93
C ALA C 584 -32.67 -1.11 -21.49
N THR C 585 -33.72 -0.29 -21.40
CA THR C 585 -33.60 1.10 -21.86
C THR C 585 -32.58 1.87 -21.03
N MET C 586 -32.61 1.67 -19.70
CA MET C 586 -31.70 2.41 -18.83
C MET C 586 -30.26 2.11 -19.16
N ALA C 587 -29.93 0.83 -19.41
CA ALA C 587 -28.57 0.48 -19.80
C ALA C 587 -28.24 0.98 -21.20
N ASN C 588 -29.15 0.75 -22.16
CA ASN C 588 -28.87 1.09 -23.56
C ASN C 588 -28.82 2.59 -23.81
N GLU C 589 -29.23 3.42 -22.84
CA GLU C 589 -29.04 4.86 -22.99
C GLU C 589 -27.57 5.21 -23.19
N LYS C 590 -26.68 4.50 -22.51
CA LYS C 590 -25.26 4.84 -22.58
C LYS C 590 -24.34 3.66 -22.88
N ILE C 591 -24.72 2.44 -22.52
CA ILE C 591 -23.93 1.26 -22.84
C ILE C 591 -24.78 0.30 -23.66
N SER C 592 -24.21 -0.18 -24.77
CA SER C 592 -24.91 -1.10 -25.65
C SER C 592 -24.79 -2.50 -25.08
N LEU C 593 -25.79 -2.93 -24.31
CA LEU C 593 -25.77 -4.21 -23.63
C LEU C 593 -26.87 -5.10 -24.18
N ASN C 594 -26.53 -6.37 -24.43
CA ASN C 594 -27.47 -7.31 -25.01
C ASN C 594 -28.61 -7.57 -24.04
N ILE C 595 -29.79 -7.90 -24.59
CA ILE C 595 -30.94 -8.21 -23.75
C ILE C 595 -30.70 -9.49 -22.96
N SER C 596 -29.95 -10.44 -23.52
CA SER C 596 -29.68 -11.69 -22.82
C SER C 596 -28.93 -11.44 -21.51
N HIS C 597 -27.95 -10.53 -21.53
CA HIS C 597 -27.21 -10.20 -20.32
C HIS C 597 -28.11 -9.56 -19.28
N CYS C 598 -28.99 -8.65 -19.72
CA CYS C 598 -29.93 -8.03 -18.79
C CYS C 598 -30.86 -9.06 -18.17
N GLU C 599 -31.34 -10.01 -18.98
CA GLU C 599 -32.19 -11.08 -18.47
C GLU C 599 -31.45 -11.93 -17.46
N ILE C 600 -30.19 -12.26 -17.74
CA ILE C 600 -29.41 -13.09 -16.81
C ILE C 600 -29.21 -12.35 -15.50
N LEU C 601 -28.88 -11.06 -15.56
CA LEU C 601 -28.68 -10.30 -14.33
C LEU C 601 -29.96 -10.20 -13.51
N ILE C 602 -31.09 -9.91 -14.16
CA ILE C 602 -32.35 -9.80 -13.45
C ILE C 602 -32.76 -11.15 -12.87
N TYR C 603 -32.53 -12.23 -13.62
CA TYR C 603 -32.88 -13.57 -13.12
C TYR C 603 -32.00 -13.95 -11.95
N ALA C 604 -30.74 -13.49 -11.95
CA ALA C 604 -29.90 -13.67 -10.77
C ALA C 604 -30.46 -12.88 -9.58
N MET C 605 -31.00 -11.69 -9.84
CA MET C 605 -31.64 -10.92 -8.78
C MET C 605 -32.89 -11.58 -8.20
N MET C 606 -33.46 -12.56 -8.87
CA MET C 606 -34.77 -13.06 -8.48
C MET C 606 -34.66 -14.02 -7.29
N ILE C 607 -35.82 -14.30 -6.70
CA ILE C 607 -35.95 -15.17 -5.53
C ILE C 607 -37.32 -15.84 -5.60
N ARG C 608 -37.37 -17.10 -5.19
CA ARG C 608 -38.61 -17.88 -5.22
C ARG C 608 -39.12 -18.05 -3.80
N SER C 609 -40.35 -17.61 -3.55
CA SER C 609 -41.02 -17.74 -2.26
C SER C 609 -40.20 -17.09 -1.14
N ALA C 610 -40.04 -15.78 -1.27
CA ALA C 610 -39.30 -15.01 -0.28
C ALA C 610 -39.97 -15.04 1.09
N GLN C 611 -41.28 -15.27 1.15
CA GLN C 611 -41.96 -15.41 2.44
C GLN C 611 -41.45 -16.62 3.21
N TYR C 612 -41.30 -17.76 2.53
CA TYR C 612 -40.85 -18.99 3.16
C TYR C 612 -39.35 -19.04 3.35
N ARG C 613 -38.66 -17.90 3.21
CA ARG C 613 -37.23 -17.80 3.42
C ARG C 613 -36.45 -18.74 2.50
N ASP C 614 -36.95 -18.93 1.29
CA ASP C 614 -36.27 -19.71 0.26
C ASP C 614 -35.61 -18.73 -0.70
N TYR C 615 -34.31 -18.90 -0.92
CA TYR C 615 -33.52 -17.93 -1.66
C TYR C 615 -32.94 -18.48 -2.95
N ARG C 616 -33.33 -19.68 -3.37
CA ARG C 616 -32.78 -20.23 -4.59
C ARG C 616 -33.55 -19.71 -5.81
N LEU C 617 -32.95 -19.90 -6.98
CA LEU C 617 -33.47 -19.29 -8.20
C LEU C 617 -34.84 -19.86 -8.55
N PRO C 618 -35.81 -19.02 -8.91
CA PRO C 618 -37.14 -19.52 -9.26
C PRO C 618 -37.14 -20.29 -10.57
N LYS C 619 -38.06 -21.24 -10.67
CA LYS C 619 -38.31 -21.97 -11.89
C LYS C 619 -39.81 -21.93 -12.19
N PRO C 620 -40.19 -21.72 -13.46
CA PRO C 620 -39.36 -21.61 -14.67
C PRO C 620 -38.61 -20.29 -14.75
N GLY C 621 -38.96 -19.30 -13.94
CA GLY C 621 -38.28 -18.03 -13.98
C GLY C 621 -39.18 -16.84 -13.74
N ILE C 622 -40.50 -17.06 -13.75
CA ILE C 622 -41.44 -16.00 -13.45
C ILE C 622 -42.08 -16.15 -12.07
N ASN C 623 -42.34 -17.38 -11.62
CA ASN C 623 -42.96 -17.64 -10.32
C ASN C 623 -41.92 -17.35 -9.25
N GLY C 624 -41.80 -16.06 -8.90
CA GLY C 624 -40.85 -15.65 -7.90
C GLY C 624 -40.70 -14.14 -7.81
N GLN C 625 -40.40 -13.63 -6.62
CA GLN C 625 -40.28 -12.20 -6.40
C GLN C 625 -38.83 -11.77 -6.63
N PHE C 626 -38.53 -10.51 -6.34
CA PHE C 626 -37.18 -9.99 -6.33
C PHE C 626 -36.68 -9.85 -4.90
N GLU C 627 -35.38 -9.59 -4.76
CA GLU C 627 -34.79 -9.44 -3.45
C GLU C 627 -33.58 -8.54 -3.55
N LYS C 628 -33.20 -7.94 -2.42
CA LYS C 628 -32.04 -7.06 -2.40
C LYS C 628 -30.75 -7.88 -2.47
N TYR C 629 -29.65 -7.17 -2.76
CA TYR C 629 -28.38 -7.84 -2.97
C TYR C 629 -27.86 -8.51 -1.70
N ASN C 630 -27.90 -7.80 -0.57
CA ASN C 630 -27.26 -8.31 0.63
C ASN C 630 -27.97 -9.55 1.17
N ARG C 631 -29.31 -9.55 1.17
CA ARG C 631 -30.03 -10.73 1.63
C ARG C 631 -29.75 -11.93 0.74
N LEU C 632 -29.72 -11.73 -0.57
CA LEU C 632 -29.41 -12.83 -1.48
C LEU C 632 -28.00 -13.36 -1.24
N MET C 633 -27.03 -12.46 -1.06
CA MET C 633 -25.65 -12.90 -0.87
C MET C 633 -25.48 -13.64 0.45
N GLN C 634 -26.14 -13.18 1.51
CA GLN C 634 -25.96 -13.77 2.83
C GLN C 634 -26.99 -14.84 3.17
N CYS C 635 -27.89 -15.18 2.24
CA CYS C 635 -28.95 -16.14 2.53
C CYS C 635 -29.14 -17.18 1.42
N ARG C 636 -28.28 -17.20 0.42
CA ARG C 636 -28.38 -18.19 -0.66
C ARG C 636 -27.42 -19.35 -0.48
N SER C 637 -26.12 -19.06 -0.37
CA SER C 637 -25.11 -20.08 -0.12
C SER C 637 -24.00 -19.44 0.70
N LEU C 638 -23.65 -20.07 1.83
CA LEU C 638 -22.63 -19.50 2.70
C LEU C 638 -21.27 -19.46 2.02
N GLY C 639 -21.01 -20.38 1.10
CA GLY C 639 -19.76 -20.34 0.35
C GLY C 639 -19.63 -19.08 -0.47
N GLY C 640 -20.72 -18.66 -1.13
CA GLY C 640 -20.70 -17.39 -1.83
C GLY C 640 -20.75 -16.19 -0.90
N ALA C 641 -21.28 -16.39 0.31
CA ALA C 641 -21.33 -15.30 1.29
C ALA C 641 -19.95 -15.03 1.88
N MET C 642 -19.08 -16.04 1.92
CA MET C 642 -17.75 -15.84 2.49
C MET C 642 -16.92 -14.87 1.66
N ALA C 643 -17.08 -14.88 0.34
CA ALA C 643 -16.31 -13.97 -0.51
C ALA C 643 -16.83 -12.54 -0.48
N PHE C 644 -18.01 -12.31 0.06
CA PHE C 644 -18.57 -10.97 0.14
C PHE C 644 -18.38 -10.43 1.56
N GLU C 645 -18.73 -9.16 1.75
CA GLU C 645 -18.50 -8.46 3.00
C GLU C 645 -19.30 -9.10 4.14
N LYS C 646 -18.83 -8.87 5.37
CA LYS C 646 -19.55 -9.19 6.60
C LYS C 646 -19.87 -10.69 6.66
N GLN C 647 -18.80 -11.48 6.72
CA GLN C 647 -18.96 -12.93 6.85
C GLN C 647 -19.55 -13.33 8.20
N HIS C 648 -19.27 -12.55 9.24
CA HIS C 648 -19.80 -12.85 10.56
C HIS C 648 -21.32 -12.77 10.58
N GLU C 649 -21.92 -11.96 9.71
CA GLU C 649 -23.37 -11.87 9.67
C GLU C 649 -24.03 -13.19 9.26
N PRO C 650 -23.64 -13.86 8.17
CA PRO C 650 -24.23 -15.17 7.89
C PRO C 650 -23.67 -16.29 8.75
N LEU C 651 -22.44 -16.16 9.27
CA LEU C 651 -21.97 -17.15 10.23
C LEU C 651 -22.83 -17.15 11.48
N ASN C 652 -23.17 -15.96 11.98
CA ASN C 652 -24.00 -15.78 13.17
C ASN C 652 -25.47 -15.57 12.80
N ASN C 653 -26.04 -16.47 12.02
CA ASN C 653 -27.41 -16.35 11.56
C ASN C 653 -28.15 -17.66 11.75
N PRO C 654 -29.30 -17.67 12.43
CA PRO C 654 -30.01 -18.95 12.62
C PRO C 654 -30.41 -19.62 11.33
N GLY C 655 -30.83 -18.86 10.32
CA GLY C 655 -31.29 -19.47 9.08
C GLY C 655 -30.22 -20.30 8.40
N SER C 656 -28.97 -19.87 8.50
CA SER C 656 -27.87 -20.61 7.89
C SER C 656 -27.75 -22.02 8.46
N PHE C 657 -28.29 -22.27 9.65
CA PHE C 657 -28.24 -23.59 10.27
C PHE C 657 -29.43 -24.46 9.91
N LEU C 658 -30.42 -23.93 9.18
CA LEU C 658 -31.60 -24.71 8.84
C LEU C 658 -31.37 -25.50 7.56
N ASN C 659 -31.79 -26.77 7.59
CA ASN C 659 -31.59 -27.68 6.46
C ASN C 659 -32.60 -27.35 5.35
N LYS C 660 -32.31 -26.27 4.64
CA LYS C 660 -33.14 -25.80 3.55
C LYS C 660 -32.43 -26.02 2.22
N MET C 661 -33.22 -26.30 1.18
CA MET C 661 -32.66 -26.43 -0.16
C MET C 661 -32.00 -25.12 -0.58
N ARG C 662 -30.78 -25.21 -1.10
CA ARG C 662 -30.01 -24.03 -1.43
C ARG C 662 -29.32 -24.23 -2.78
N ASN C 663 -28.95 -23.11 -3.40
CA ASN C 663 -28.24 -23.15 -4.67
C ASN C 663 -26.75 -23.40 -4.43
N ASP C 664 -26.07 -23.77 -5.50
CA ASP C 664 -24.65 -24.06 -5.47
C ASP C 664 -23.86 -22.92 -6.09
N HIS C 665 -22.72 -22.61 -5.47
CA HIS C 665 -21.83 -21.55 -5.91
C HIS C 665 -20.43 -22.11 -6.01
N PRO C 666 -19.63 -21.64 -6.99
CA PRO C 666 -18.28 -22.19 -7.13
C PRO C 666 -17.40 -22.04 -5.90
N TYR C 667 -17.52 -20.92 -5.17
CA TYR C 667 -16.71 -20.73 -3.98
C TYR C 667 -16.91 -21.83 -2.95
N ASP C 668 -18.02 -22.55 -2.99
CA ASP C 668 -18.19 -23.69 -2.11
C ASP C 668 -16.97 -24.61 -2.21
N LEU C 669 -16.60 -24.97 -3.43
CA LEU C 669 -15.46 -25.87 -3.60
C LEU C 669 -14.16 -25.21 -3.17
N LEU C 670 -14.09 -23.88 -3.16
CA LEU C 670 -12.95 -23.18 -2.59
C LEU C 670 -13.10 -22.92 -1.10
N VAL C 671 -14.33 -22.85 -0.58
CA VAL C 671 -14.51 -22.65 0.86
C VAL C 671 -13.93 -23.84 1.61
N LYS C 672 -14.23 -25.05 1.14
CA LYS C 672 -13.49 -26.21 1.60
C LYS C 672 -12.22 -26.38 0.76
N GLY C 673 -11.37 -27.31 1.19
CA GLY C 673 -10.09 -27.49 0.53
C GLY C 673 -10.21 -28.01 -0.89
N GLY C 674 -11.36 -28.54 -1.27
CA GLY C 674 -11.54 -29.11 -2.58
C GLY C 674 -12.33 -30.41 -2.53
N LYS C 675 -12.72 -30.80 -1.32
CA LYS C 675 -13.51 -32.01 -1.13
C LYS C 675 -14.88 -31.85 -1.80
N LEU C 676 -15.17 -32.70 -2.78
CA LEU C 676 -16.45 -32.61 -3.47
C LEU C 676 -17.60 -32.93 -2.52
N ARG C 677 -17.45 -33.97 -1.70
CA ARG C 677 -18.48 -34.33 -0.73
C ARG C 677 -17.84 -34.72 0.60
N PRO D 2 27.71 23.53 -29.43
CA PRO D 2 26.94 24.76 -29.59
C PRO D 2 27.82 26.00 -29.68
N ASP D 3 27.35 27.02 -30.38
CA ASP D 3 28.10 28.26 -30.49
C ASP D 3 28.15 28.95 -29.14
N PRO D 4 29.33 29.25 -28.60
CA PRO D 4 29.39 29.97 -27.31
C PRO D 4 28.66 31.31 -27.34
N PHE D 5 28.73 32.04 -28.46
CA PHE D 5 27.99 33.29 -28.57
C PHE D 5 26.49 33.05 -28.55
N LEU D 6 26.04 31.95 -29.17
CA LEU D 6 24.63 31.60 -29.11
C LEU D 6 24.19 31.35 -27.68
N ILE D 7 25.00 30.62 -26.91
CA ILE D 7 24.66 30.35 -25.51
C ILE D 7 24.66 31.64 -24.71
N GLU D 8 25.60 32.55 -25.00
CA GLU D 8 25.63 33.83 -24.32
C GLU D 8 24.36 34.63 -24.58
N LYS D 9 23.91 34.66 -25.84
CA LYS D 9 22.69 35.38 -26.17
C LYS D 9 21.46 34.71 -25.57
N ILE D 10 21.45 33.38 -25.51
CA ILE D 10 20.34 32.68 -24.85
C ILE D 10 20.30 33.05 -23.37
N ARG D 11 21.46 33.11 -22.72
CA ARG D 11 21.51 33.51 -21.33
C ARG D 11 21.03 34.95 -21.13
N GLU D 12 21.44 35.84 -22.04
CA GLU D 12 21.01 37.24 -21.94
C GLU D 12 19.50 37.36 -22.10
N ASN D 13 18.93 36.62 -23.06
CA ASN D 13 17.49 36.67 -23.30
C ASN D 13 16.78 35.53 -22.56
N THR D 14 16.96 35.51 -21.23
CA THR D 14 16.33 34.50 -20.39
C THR D 14 16.25 35.01 -18.95
N PRO D 15 15.07 34.95 -18.32
CA PRO D 15 14.98 35.37 -16.92
C PRO D 15 15.51 34.28 -15.99
N CYS D 16 16.33 34.71 -15.03
CA CYS D 16 16.87 33.80 -14.04
C CYS D 16 15.79 33.40 -13.04
N MET D 17 15.99 32.23 -12.43
CA MET D 17 15.06 31.74 -11.42
C MET D 17 15.33 32.44 -10.09
N ASN D 18 14.74 31.92 -9.02
CA ASN D 18 14.90 32.49 -7.69
C ASN D 18 15.94 31.69 -6.92
N PRO D 19 17.10 32.26 -6.60
CA PRO D 19 18.07 31.52 -5.76
C PRO D 19 17.52 31.16 -4.40
N THR D 20 16.54 31.91 -3.91
CA THR D 20 15.84 31.55 -2.67
C THR D 20 15.11 30.22 -2.80
N LEU D 21 14.47 29.96 -3.93
CA LEU D 21 13.68 28.76 -4.14
C LEU D 21 14.43 27.64 -4.82
N ALA D 22 15.39 27.96 -5.69
CA ALA D 22 16.11 26.91 -6.42
C ALA D 22 17.07 26.15 -5.51
N ASN D 23 17.84 26.86 -4.70
CA ASN D 23 18.79 26.23 -3.80
C ASN D 23 18.13 25.55 -2.62
N GLY D 24 16.84 25.77 -2.39
CA GLY D 24 16.15 25.19 -1.27
C GLY D 24 15.60 26.22 -0.31
N ILE D 25 14.28 26.44 -0.35
CA ILE D 25 13.66 27.39 0.56
C ILE D 25 13.71 26.86 1.99
N THR D 26 13.57 25.55 2.17
CA THR D 26 13.71 24.95 3.49
C THR D 26 15.10 25.20 4.05
N VAL D 27 16.12 25.19 3.19
CA VAL D 27 17.48 25.49 3.63
C VAL D 27 17.53 26.90 4.20
N GLU D 28 16.93 27.87 3.51
CA GLU D 28 16.98 29.24 3.98
C GLU D 28 16.20 29.42 5.28
N HIS D 29 15.03 28.78 5.38
CA HIS D 29 14.20 28.95 6.56
C HIS D 29 14.61 28.06 7.74
N THR D 30 15.58 27.16 7.55
CA THR D 30 16.01 26.32 8.65
C THR D 30 17.46 26.51 9.05
N MET D 31 18.38 26.60 8.09
CA MET D 31 19.82 26.51 8.38
C MET D 31 20.54 27.75 7.87
N THR D 32 19.98 28.93 8.14
CA THR D 32 20.59 30.20 7.76
C THR D 32 21.03 30.93 9.03
N ARG D 33 22.29 31.37 9.05
CA ARG D 33 22.88 32.00 10.23
C ARG D 33 22.87 33.52 10.08
N ASP D 34 22.55 34.21 11.16
CA ASP D 34 22.65 35.66 11.17
C ASP D 34 24.12 36.07 11.10
N PRO D 35 24.43 37.22 10.47
CA PRO D 35 25.83 37.67 10.44
C PRO D 35 26.28 38.31 11.74
N ASN D 36 25.37 39.01 12.45
CA ASN D 36 25.74 39.62 13.72
C ASN D 36 26.07 38.55 14.76
N THR D 37 25.25 37.51 14.86
CA THR D 37 25.46 36.41 15.78
C THR D 37 25.22 35.11 15.04
N GLY D 38 26.07 34.12 15.29
CA GLY D 38 25.95 32.87 14.56
C GLY D 38 24.94 31.95 15.20
N VAL D 39 23.71 31.98 14.67
CA VAL D 39 22.58 31.25 15.21
C VAL D 39 21.69 30.83 14.05
N ASN D 40 21.31 29.56 14.03
CA ASN D 40 20.48 29.05 12.94
C ASN D 40 19.06 29.60 13.04
N MET D 41 18.28 29.37 11.98
CA MET D 41 16.87 29.72 12.00
C MET D 41 16.10 28.87 12.99
N THR D 42 16.46 27.58 13.10
CA THR D 42 15.79 26.71 14.06
C THR D 42 16.05 27.17 15.49
N ARG D 43 17.29 27.55 15.79
CA ARG D 43 17.63 28.04 17.12
C ARG D 43 16.85 29.30 17.47
N ARG D 44 16.74 30.23 16.51
CA ARG D 44 15.97 31.44 16.73
C ARG D 44 14.48 31.14 16.90
N TYR D 45 13.97 30.17 16.14
CA TYR D 45 12.57 29.78 16.30
C TYR D 45 12.31 29.20 17.68
N ILE D 46 13.25 28.38 18.17
CA ILE D 46 13.14 27.84 19.52
C ILE D 46 13.17 28.95 20.56
N ASP D 47 14.06 29.93 20.38
CA ASP D 47 14.09 31.06 21.32
C ASP D 47 12.78 31.84 21.27
N SER D 48 12.22 32.04 20.08
CA SER D 48 10.95 32.74 19.97
C SER D 48 9.84 31.98 20.69
N LEU D 49 9.80 30.66 20.53
CA LEU D 49 8.77 29.86 21.18
C LEU D 49 8.91 29.93 22.70
N PHE D 50 10.14 29.83 23.21
CA PHE D 50 10.34 29.92 24.65
C PHE D 50 10.00 31.32 25.18
N ASP D 51 10.34 32.36 24.42
CA ASP D 51 10.01 33.71 24.87
C ASP D 51 8.50 33.92 24.88
N ILE D 52 7.78 33.31 23.94
CA ILE D 52 6.32 33.38 23.96
C ILE D 52 5.76 32.63 25.16
N SER D 53 6.30 31.45 25.46
CA SER D 53 5.82 30.65 26.58
C SER D 53 6.32 31.14 27.93
N SER D 54 7.23 32.10 27.96
CA SER D 54 7.80 32.59 29.20
C SER D 54 6.81 33.33 30.08
N VAL D 55 5.62 33.65 29.56
CA VAL D 55 4.61 34.37 30.34
C VAL D 55 4.07 33.45 31.42
N LEU D 56 4.36 32.16 31.31
CA LEU D 56 3.80 31.14 32.19
C LEU D 56 4.89 30.53 33.08
N PHE D 57 5.80 31.36 33.57
CA PHE D 57 6.87 30.92 34.45
C PHE D 57 6.66 31.47 35.86
N PRO D 58 7.11 30.75 36.91
CA PRO D 58 6.82 31.15 38.29
C PRO D 58 7.82 32.14 38.88
N ASP D 59 8.10 33.21 38.13
CA ASP D 59 8.90 34.34 38.61
C ASP D 59 10.28 33.89 39.08
N GLY D 60 11.11 33.50 38.13
CA GLY D 60 12.48 33.13 38.43
C GLY D 60 13.01 31.99 37.59
N PHE D 61 12.10 31.27 36.92
CA PHE D 61 12.48 30.17 36.03
C PHE D 61 12.80 30.73 34.64
N LYS D 62 13.84 31.56 34.61
CA LYS D 62 14.23 32.22 33.37
C LYS D 62 14.81 31.22 32.38
N TYR D 63 14.44 31.37 31.11
CA TYR D 63 15.02 30.60 30.02
C TYR D 63 16.24 31.35 29.50
N GLU D 64 17.43 30.85 29.84
CA GLU D 64 18.65 31.52 29.40
C GLU D 64 18.81 31.44 27.89
N GLY D 65 18.66 30.25 27.33
CA GLY D 65 18.79 30.15 25.88
C GLY D 65 19.13 28.73 25.47
N ASN D 66 19.92 28.62 24.40
CA ASN D 66 20.46 27.33 23.99
C ASN D 66 21.86 27.53 23.44
N ARG D 67 22.69 26.50 23.58
CA ARG D 67 24.03 26.48 23.03
C ARG D 67 24.17 25.31 22.06
N ALA D 68 25.26 25.34 21.29
CA ALA D 68 25.59 24.27 20.36
C ALA D 68 26.48 23.27 21.08
N CYS D 69 26.05 22.01 21.11
CA CYS D 69 26.78 20.98 21.85
C CYS D 69 28.02 20.52 21.10
N THR D 70 29.10 20.33 21.85
CA THR D 70 30.33 19.79 21.30
C THR D 70 30.08 18.37 20.80
N PRO D 71 30.67 18.00 19.65
CA PRO D 71 30.54 16.61 19.18
C PRO D 71 31.01 15.58 20.19
N LEU D 72 31.97 15.93 21.05
CA LEU D 72 32.28 15.08 22.18
C LEU D 72 31.05 14.84 23.04
N LYS D 73 30.38 15.93 23.45
CA LYS D 73 29.16 15.81 24.22
C LYS D 73 28.03 15.21 23.40
N HIS D 74 28.00 15.50 22.09
CA HIS D 74 26.97 14.93 21.23
C HIS D 74 27.04 13.40 21.23
N PHE D 75 28.26 12.86 21.07
CA PHE D 75 28.42 11.41 21.11
C PHE D 75 28.19 10.86 22.51
N GLU D 76 28.64 11.57 23.54
CA GLU D 76 28.43 11.08 24.91
C GLU D 76 26.95 11.01 25.25
N GLU D 77 26.16 11.95 24.72
CA GLU D 77 24.75 12.00 25.07
C GLU D 77 23.92 11.07 24.21
N ILE D 78 24.30 10.88 22.94
CA ILE D 78 23.59 9.92 22.09
C ILE D 78 23.71 8.51 22.67
N THR D 79 24.91 8.14 23.09
CA THR D 79 25.22 6.77 23.50
C THR D 79 25.36 6.74 25.01
N ARG D 80 24.24 6.53 25.70
CA ARG D 80 24.18 6.49 27.15
C ARG D 80 24.25 5.06 27.66
N GLU D 81 24.49 4.93 28.96
CA GLU D 81 24.58 3.61 29.58
C GLU D 81 23.27 2.85 29.44
N TYR D 82 22.20 3.35 30.07
CA TYR D 82 20.85 2.81 29.92
C TYR D 82 20.81 1.31 30.16
N ASN D 83 21.05 0.95 31.41
CA ASN D 83 21.03 -0.45 31.88
C ASN D 83 22.13 -1.28 31.21
N ALA D 84 23.37 -0.80 31.38
CA ALA D 84 24.57 -1.56 31.03
C ALA D 84 24.59 -2.00 29.57
N LYS D 85 24.05 -1.16 28.69
CA LYS D 85 24.11 -1.41 27.25
C LYS D 85 24.28 -0.06 26.56
N ARG D 86 25.53 0.32 26.29
CA ARG D 86 25.84 1.61 25.70
C ARG D 86 25.46 1.53 24.22
N ILE D 87 24.16 1.67 23.96
CA ILE D 87 23.60 1.40 22.64
C ILE D 87 23.86 2.58 21.73
N ALA D 88 24.43 2.31 20.56
CA ALA D 88 24.69 3.31 19.54
C ALA D 88 24.06 2.86 18.22
N ASN D 89 23.46 3.81 17.50
CA ASN D 89 22.83 3.54 16.21
C ASN D 89 23.79 4.00 15.12
N ILE D 90 24.38 3.03 14.42
CA ILE D 90 25.32 3.33 13.34
C ILE D 90 24.52 3.64 12.08
N ALA D 91 24.48 4.91 11.71
CA ALA D 91 23.82 5.37 10.50
C ALA D 91 24.28 6.80 10.24
N PRO D 92 24.19 7.26 8.98
CA PRO D 92 24.57 8.66 8.70
C PRO D 92 23.83 9.64 9.58
N THR D 93 22.49 9.59 9.53
CA THR D 93 21.61 10.31 10.46
C THR D 93 22.06 11.76 10.64
N ASP D 94 21.97 12.51 9.56
CA ASP D 94 22.39 13.90 9.55
C ASP D 94 21.61 14.70 10.59
N MET D 95 22.28 15.09 11.67
CA MET D 95 21.66 15.78 12.79
C MET D 95 22.67 16.67 13.46
N TYR D 96 22.19 17.59 14.30
CA TYR D 96 23.09 18.33 15.18
C TYR D 96 22.39 18.57 16.51
N MET D 97 23.20 18.63 17.57
CA MET D 97 22.68 18.71 18.92
C MET D 97 22.83 20.13 19.47
N ILE D 98 21.77 20.62 20.10
CA ILE D 98 21.82 21.83 20.90
C ILE D 98 21.48 21.44 22.34
N ASP D 99 21.72 22.37 23.25
CA ASP D 99 21.26 22.17 24.63
C ASP D 99 20.53 23.41 25.09
N LEU D 100 19.30 23.21 25.57
CA LEU D 100 18.49 24.29 26.13
C LEU D 100 18.86 24.47 27.59
N MET D 101 19.22 25.70 27.96
CA MET D 101 19.63 26.03 29.32
C MET D 101 18.65 27.02 29.93
N PHE D 102 18.15 26.68 31.10
CA PHE D 102 17.30 27.52 31.92
C PHE D 102 18.08 27.99 33.14
N SER D 103 17.59 29.05 33.77
CA SER D 103 18.20 29.57 34.98
C SER D 103 17.12 29.80 36.04
N TYR D 104 17.49 29.58 37.30
CA TYR D 104 16.57 29.76 38.42
C TYR D 104 17.28 30.58 39.49
N LYS D 105 16.87 31.85 39.62
CA LYS D 105 17.42 32.77 40.61
C LYS D 105 18.94 32.89 40.48
N GLY D 106 19.43 32.91 39.24
CA GLY D 106 20.84 33.10 38.97
C GLY D 106 21.68 31.84 38.98
N GLU D 107 21.10 30.69 39.31
CA GLU D 107 21.83 29.44 39.34
C GLU D 107 21.35 28.53 38.21
N MET D 108 22.29 27.82 37.61
CA MET D 108 22.01 26.97 36.46
C MET D 108 21.34 25.67 36.88
N LEU D 109 20.51 25.15 35.99
CA LEU D 109 19.94 23.82 36.13
C LEU D 109 20.71 22.85 35.24
N TYR D 110 20.24 21.61 35.16
CA TYR D 110 20.84 20.66 34.23
C TYR D 110 20.41 21.01 32.81
N PRO D 111 21.35 21.32 31.91
CA PRO D 111 20.95 21.63 30.52
C PRO D 111 20.30 20.43 29.86
N ARG D 112 19.31 20.70 29.01
CA ARG D 112 18.57 19.63 28.36
C ARG D 112 18.99 19.54 26.90
N PRO D 113 19.71 18.50 26.50
CA PRO D 113 20.12 18.37 25.10
C PRO D 113 19.00 17.88 24.21
N MET D 114 19.05 18.31 22.96
CA MET D 114 18.06 17.95 21.94
C MET D 114 18.74 17.88 20.59
N LEU D 115 18.11 17.17 19.67
CA LEU D 115 18.62 16.95 18.33
C LEU D 115 17.78 17.73 17.32
N LEU D 116 18.41 18.13 16.22
CA LEU D 116 17.79 18.96 15.20
C LEU D 116 18.21 18.47 13.81
N PRO D 117 17.33 18.63 12.81
CA PRO D 117 17.49 17.89 11.54
C PRO D 117 18.73 18.20 10.74
N ALA D 118 19.22 19.43 10.75
CA ALA D 118 20.42 19.82 9.98
C ALA D 118 20.23 19.57 8.49
N PHE D 119 19.31 20.33 7.90
CA PHE D 119 19.05 20.25 6.47
C PHE D 119 20.29 20.61 5.65
N LYS D 120 20.45 19.92 4.53
CA LYS D 120 21.50 20.20 3.56
C LYS D 120 20.92 20.97 2.38
N ARG D 121 21.82 21.42 1.50
CA ARG D 121 21.40 22.12 0.29
C ARG D 121 20.56 21.20 -0.60
N GLY D 122 19.49 21.75 -1.15
CA GLY D 122 18.56 20.96 -1.93
C GLY D 122 17.46 20.30 -1.13
N ASN D 123 17.18 20.79 0.08
CA ASN D 123 16.14 20.26 0.95
C ASN D 123 16.38 18.79 1.31
N MET D 124 17.65 18.41 1.43
CA MET D 124 18.04 17.02 1.64
C MET D 124 18.41 16.80 3.11
N VAL D 125 17.87 15.71 3.68
CA VAL D 125 18.27 15.25 5.01
C VAL D 125 18.54 13.76 4.90
N THR D 126 19.34 13.25 5.83
CA THR D 126 19.52 11.81 6.00
C THR D 126 19.12 11.47 7.42
N ILE D 127 18.04 10.69 7.56
CA ILE D 127 17.52 10.29 8.86
C ILE D 127 17.55 8.77 8.92
N ASN D 128 18.25 8.23 9.92
CA ASN D 128 18.35 6.79 10.14
C ASN D 128 18.83 6.07 8.88
N GLY D 129 19.72 6.71 8.13
CA GLY D 129 20.26 6.12 6.93
C GLY D 129 19.41 6.25 5.68
N ALA D 130 18.27 6.92 5.76
CA ALA D 130 17.38 7.10 4.61
C ALA D 130 17.40 8.56 4.18
N LYS D 131 17.46 8.79 2.88
CA LYS D 131 17.51 10.14 2.32
C LYS D 131 16.09 10.67 2.16
N TYR D 132 15.79 11.77 2.84
CA TYR D 132 14.49 12.41 2.78
C TYR D 132 14.61 13.80 2.18
N ILE D 133 13.51 14.23 1.56
CA ILE D 133 13.38 15.55 0.97
C ILE D 133 12.40 16.35 1.82
N GLY D 134 12.81 17.56 2.21
CA GLY D 134 11.99 18.40 3.05
C GLY D 134 11.28 19.50 2.29
N SER D 135 9.99 19.36 2.11
CA SER D 135 9.28 20.32 1.28
C SER D 135 8.55 21.34 2.16
N PRO D 136 8.45 22.59 1.69
CA PRO D 136 7.67 23.59 2.42
C PRO D 136 6.18 23.31 2.29
N VAL D 137 5.41 23.94 3.19
CA VAL D 137 3.96 23.78 3.23
C VAL D 137 3.33 25.14 2.94
N LEU D 138 2.43 25.18 1.96
CA LEU D 138 1.75 26.40 1.59
C LEU D 138 0.60 26.63 2.55
N THR D 139 0.77 27.60 3.44
CA THR D 139 -0.13 27.85 4.55
C THR D 139 -0.80 29.20 4.37
N ASP D 140 -2.01 29.35 4.88
CA ASP D 140 -2.65 30.65 4.88
C ASP D 140 -2.11 31.51 6.02
N VAL D 141 -1.97 32.81 5.76
CA VAL D 141 -1.19 33.67 6.65
C VAL D 141 -1.84 33.76 8.02
N GLY D 142 -3.09 34.20 8.08
CA GLY D 142 -3.74 34.38 9.36
C GLY D 142 -4.94 33.49 9.59
N PHE D 143 -5.67 33.17 8.52
CA PHE D 143 -6.86 32.34 8.61
C PHE D 143 -7.28 31.95 7.20
N SER D 144 -7.90 30.79 7.09
CA SER D 144 -8.39 30.31 5.80
C SER D 144 -9.90 30.49 5.71
N VAL D 145 -10.38 30.67 4.48
CA VAL D 145 -11.80 30.70 4.20
C VAL D 145 -12.10 29.46 3.36
N LEU D 146 -12.92 28.57 3.90
CA LEU D 146 -13.22 27.31 3.24
C LEU D 146 -14.72 27.27 2.96
N ASN D 147 -15.19 26.15 2.39
CA ASN D 147 -16.45 26.06 1.64
C ASN D 147 -17.56 26.90 2.27
N ASP D 148 -17.86 26.64 3.54
CA ASP D 148 -18.56 27.62 4.37
C ASP D 148 -17.93 27.55 5.76
N SER D 149 -16.82 28.28 5.94
CA SER D 149 -16.14 28.31 7.22
C SER D 149 -14.98 29.29 7.26
N ILE D 150 -14.68 29.81 8.44
CA ILE D 150 -13.46 30.56 8.72
C ILE D 150 -12.60 29.70 9.64
N PHE D 151 -11.52 29.17 9.09
CA PHE D 151 -10.69 28.21 9.82
C PHE D 151 -9.45 28.92 10.35
N ILE D 152 -9.32 28.97 11.67
CA ILE D 152 -8.25 29.68 12.35
C ILE D 152 -7.47 28.68 13.20
N PRO D 153 -6.18 28.49 12.97
CA PRO D 153 -5.39 27.61 13.84
C PRO D 153 -4.67 28.37 14.95
N PHE D 154 -4.65 27.77 16.12
CA PHE D 154 -3.91 28.26 17.27
C PHE D 154 -2.78 27.27 17.59
N ARG D 155 -2.02 27.57 18.65
CA ARG D 155 -0.97 26.65 19.06
C ARG D 155 -1.57 25.35 19.58
N ARG D 156 -2.66 25.43 20.33
CA ARG D 156 -3.35 24.23 20.81
C ARG D 156 -4.44 23.76 19.86
N THR D 157 -5.40 24.62 19.54
CA THR D 157 -6.62 24.22 18.88
C THR D 157 -6.56 24.60 17.41
N LYS D 158 -7.52 24.08 16.65
CA LYS D 158 -7.56 24.18 15.19
C LYS D 158 -8.94 24.66 14.76
N LEU D 159 -9.39 25.77 15.35
CA LEU D 159 -10.81 26.09 15.41
C LEU D 159 -11.41 26.42 14.04
N THR D 160 -12.71 26.17 13.93
CA THR D 160 -13.48 26.44 12.72
C THR D 160 -14.74 27.21 13.09
N PHE D 161 -14.99 28.31 12.39
CA PHE D 161 -16.16 29.14 12.59
C PHE D 161 -17.13 28.91 11.44
N LYS D 162 -18.26 28.24 11.72
CA LYS D 162 -19.28 28.01 10.71
C LYS D 162 -20.50 28.86 11.02
N GLN D 163 -21.52 28.75 10.16
CA GLN D 163 -22.73 29.52 10.36
C GLN D 163 -23.94 28.77 9.83
N THR D 164 -25.10 29.14 10.36
CA THR D 164 -26.38 28.57 9.93
C THR D 164 -27.39 29.73 9.91
N ASP D 165 -28.63 29.45 9.53
CA ASP D 165 -29.67 30.45 9.52
C ASP D 165 -30.63 30.24 10.69
N HIS D 166 -31.28 31.33 11.10
CA HIS D 166 -32.25 31.25 12.19
C HIS D 166 -33.30 32.35 12.00
N HIS D 167 -34.43 32.16 12.67
CA HIS D 167 -35.59 33.02 12.51
C HIS D 167 -35.89 33.74 13.83
N TYR D 168 -36.37 34.97 13.71
CA TYR D 168 -36.77 35.77 14.86
C TYR D 168 -37.81 36.78 14.42
N MET D 169 -38.71 37.14 15.32
CA MET D 169 -39.79 38.05 14.98
C MET D 169 -39.44 39.47 15.43
N CYS D 170 -39.53 40.41 14.50
CA CYS D 170 -39.31 41.82 14.77
C CYS D 170 -40.55 42.60 14.35
N ASN D 171 -41.12 43.35 15.28
CA ASN D 171 -42.33 44.15 15.03
C ASN D 171 -43.47 43.27 14.51
N GLY D 172 -43.47 41.99 14.88
CA GLY D 172 -44.49 41.07 14.45
C GLY D 172 -44.24 40.39 13.12
N GLN D 173 -43.14 40.70 12.43
CA GLN D 173 -42.82 40.10 11.15
C GLN D 173 -41.60 39.21 11.28
N ARG D 174 -41.63 38.07 10.58
CA ARG D 174 -40.55 37.10 10.64
C ARG D 174 -39.34 37.62 9.86
N LYS D 175 -38.16 37.45 10.43
CA LYS D 175 -36.90 37.84 9.81
C LYS D 175 -35.88 36.74 10.01
N ILE D 176 -34.92 36.68 9.10
CA ILE D 176 -33.95 35.60 9.04
C ILE D 176 -32.56 36.20 9.17
N MET D 177 -31.75 35.62 10.06
CA MET D 177 -30.39 36.09 10.27
C MET D 177 -29.45 34.92 10.46
N TYR D 178 -28.20 35.10 10.05
CA TYR D 178 -27.17 34.07 10.21
C TYR D 178 -26.66 34.05 11.64
N VAL D 179 -26.62 32.85 12.21
CA VAL D 179 -26.03 32.62 13.52
C VAL D 179 -24.69 31.92 13.30
N ILE D 180 -23.63 32.50 13.85
CA ILE D 180 -22.27 31.99 13.67
C ILE D 180 -21.90 31.17 14.89
N TRP D 181 -21.53 29.92 14.67
CA TRP D 181 -21.22 28.99 15.74
C TRP D 181 -19.83 28.40 15.54
N SER D 182 -19.34 27.75 16.58
CA SER D 182 -18.01 27.13 16.55
C SER D 182 -17.95 26.09 17.67
N GLN D 183 -17.78 24.83 17.32
CA GLN D 183 -17.57 23.81 18.33
C GLN D 183 -16.16 23.90 18.87
N ILE D 184 -16.04 24.03 20.19
CA ILE D 184 -14.74 24.17 20.84
C ILE D 184 -14.49 23.07 21.86
N HIS D 185 -15.52 22.51 22.47
CA HIS D 185 -15.39 21.39 23.40
C HIS D 185 -15.27 20.12 22.56
N ASN D 186 -14.06 19.56 22.52
CA ASN D 186 -13.81 18.40 21.66
C ASN D 186 -14.62 17.18 22.08
N GLU D 187 -14.92 17.06 23.36
CA GLU D 187 -15.68 15.92 23.86
C GLU D 187 -17.16 15.99 23.48
N MET D 188 -17.62 17.12 22.92
CA MET D 188 -19.00 17.24 22.50
C MET D 188 -19.36 16.26 21.40
N ALA D 189 -18.43 15.98 20.49
CA ALA D 189 -18.68 15.03 19.41
C ALA D 189 -18.61 13.59 19.92
N ARG D 199 -36.01 17.76 22.03
CA ARG D 199 -35.11 18.90 22.00
C ARG D 199 -34.24 18.88 20.74
N PRO D 200 -34.43 19.87 19.88
CA PRO D 200 -33.59 19.98 18.68
C PRO D 200 -32.12 20.15 19.05
N HIS D 201 -31.26 19.51 18.27
CA HIS D 201 -29.82 19.59 18.50
C HIS D 201 -29.27 20.86 17.87
N ILE D 202 -28.64 21.70 18.68
CA ILE D 202 -28.06 22.95 18.18
C ILE D 202 -26.55 22.91 18.39
N GLU D 203 -25.87 23.98 18.00
CA GLU D 203 -24.42 24.06 18.06
C GLU D 203 -23.99 25.31 18.81
N SER D 204 -22.78 25.28 19.35
CA SER D 204 -22.31 26.32 20.26
C SER D 204 -22.10 27.62 19.50
N CYS D 205 -23.03 28.55 19.65
CA CYS D 205 -22.94 29.84 19.01
C CYS D 205 -21.89 30.72 19.69
N LEU D 206 -21.33 31.65 18.92
CA LEU D 206 -20.39 32.60 19.50
C LEU D 206 -21.08 33.54 20.48
N ALA D 207 -22.28 34.03 20.12
CA ALA D 207 -23.05 34.83 21.05
C ALA D 207 -23.40 34.03 22.30
N HIS D 208 -23.51 32.71 22.18
CA HIS D 208 -23.69 31.87 23.35
C HIS D 208 -22.48 31.94 24.27
N TYR D 209 -21.27 31.97 23.69
CA TYR D 209 -20.07 32.14 24.51
C TYR D 209 -20.03 33.54 25.13
N PHE D 210 -20.45 34.55 24.39
CA PHE D 210 -20.55 35.90 24.96
C PHE D 210 -21.46 35.91 26.18
N PHE D 211 -22.62 35.26 26.08
CA PHE D 211 -23.56 35.24 27.19
C PHE D 211 -23.10 34.32 28.32
N CYS D 212 -22.27 33.32 28.00
CA CYS D 212 -21.74 32.45 29.03
C CYS D 212 -20.64 33.13 29.82
N GLN D 213 -19.86 33.98 29.18
CA GLN D 213 -18.81 34.71 29.90
C GLN D 213 -19.39 35.94 30.60
N PHE D 214 -19.93 36.88 29.83
CA PHE D 214 -20.50 38.10 30.38
C PHE D 214 -22.01 37.98 30.44
N GLY D 215 -22.62 38.88 31.22
CA GLY D 215 -24.06 38.96 31.23
C GLY D 215 -24.59 39.46 29.90
N VAL D 216 -25.84 39.09 29.61
CA VAL D 216 -26.44 39.47 28.33
C VAL D 216 -26.48 40.99 28.18
N THR D 217 -27.01 41.66 29.21
CA THR D 217 -27.01 43.12 29.19
C THR D 217 -25.58 43.66 29.19
N GLN D 218 -24.70 43.03 29.98
CA GLN D 218 -23.29 43.43 29.99
C GLN D 218 -22.66 43.25 28.61
N THR D 219 -22.94 42.12 27.96
CA THR D 219 -22.37 41.88 26.63
C THR D 219 -22.86 42.92 25.64
N PHE D 220 -24.17 43.19 25.63
CA PHE D 220 -24.71 44.16 24.68
C PHE D 220 -24.13 45.55 24.93
N LYS D 221 -24.06 45.96 26.20
CA LYS D 221 -23.52 47.29 26.51
C LYS D 221 -22.04 47.39 26.17
N GLN D 222 -21.28 46.33 26.42
CA GLN D 222 -19.84 46.39 26.20
C GLN D 222 -19.47 46.33 24.72
N TRP D 223 -20.21 45.56 23.92
CA TRP D 223 -19.85 45.35 22.53
C TRP D 223 -20.72 46.11 21.54
N ALA D 224 -21.70 46.87 22.02
CA ALA D 224 -22.54 47.67 21.14
C ALA D 224 -23.19 48.79 21.96
N ASN D 225 -23.74 49.76 21.25
CA ASN D 225 -24.52 50.82 21.89
C ASN D 225 -26.01 50.47 21.86
N VAL D 226 -26.31 49.31 22.44
CA VAL D 226 -27.65 48.73 22.39
C VAL D 226 -28.05 48.31 23.80
N ASP D 227 -29.32 48.52 24.13
CA ASP D 227 -29.89 48.15 25.41
C ASP D 227 -30.86 47.00 25.24
N VAL D 228 -31.17 46.33 26.35
CA VAL D 228 -32.00 45.12 26.35
C VAL D 228 -32.99 45.21 27.50
N LYS D 229 -34.21 44.74 27.25
CA LYS D 229 -35.25 44.76 28.27
C LYS D 229 -35.35 43.44 29.02
N CYS D 230 -35.60 42.31 28.35
CA CYS D 230 -35.76 41.07 29.10
C CYS D 230 -35.57 39.86 28.19
N ASN D 247 -37.76 49.24 18.66
CA ASN D 247 -38.15 47.99 18.00
C ASN D 247 -38.11 46.82 18.98
N ILE D 248 -38.91 45.80 18.69
CA ILE D 248 -39.13 44.67 19.59
C ILE D 248 -38.68 43.40 18.89
N TYR D 249 -37.89 42.59 19.60
CA TYR D 249 -37.41 41.30 19.11
C TYR D 249 -37.96 40.20 20.00
N SER D 250 -38.52 39.17 19.37
CA SER D 250 -39.18 38.08 20.08
C SER D 250 -38.91 36.77 19.35
N SER D 251 -39.23 35.67 20.02
CA SER D 251 -39.00 34.34 19.48
C SER D 251 -39.97 34.03 18.35
N ALA D 252 -39.62 33.01 17.57
CA ALA D 252 -40.47 32.46 16.53
C ALA D 252 -40.79 31.02 16.87
N THR D 253 -42.08 30.67 16.86
CA THR D 253 -42.56 29.34 17.23
C THR D 253 -42.18 29.00 18.67
N GLU D 262 -40.65 32.98 26.79
CA GLU D 262 -41.13 34.03 25.89
C GLU D 262 -40.05 35.09 25.69
N MET D 263 -40.03 36.07 26.61
CA MET D 263 -39.00 37.12 26.67
C MET D 263 -39.10 38.10 25.52
N VAL D 264 -38.77 39.36 25.78
CA VAL D 264 -38.86 40.44 24.79
C VAL D 264 -37.61 41.31 24.90
N LEU D 265 -36.94 41.51 23.76
CA LEU D 265 -35.73 42.32 23.72
C LEU D 265 -36.02 43.60 22.95
N VAL D 266 -36.03 44.71 23.64
CA VAL D 266 -36.38 45.99 23.00
C VAL D 266 -35.12 46.80 22.78
N ILE D 267 -35.00 47.35 21.58
CA ILE D 267 -33.81 48.11 21.19
C ILE D 267 -34.24 49.49 20.73
N PRO D 268 -33.43 50.51 21.07
CA PRO D 268 -33.76 51.87 20.63
C PRO D 268 -33.99 51.95 19.13
N ARG D 269 -34.96 52.78 18.74
CA ARG D 269 -35.43 52.81 17.36
C ARG D 269 -34.34 53.24 16.38
N HIS D 270 -33.33 53.97 16.84
CA HIS D 270 -32.28 54.47 15.95
C HIS D 270 -30.92 53.83 16.18
N GLN D 271 -30.66 53.28 17.36
CA GLN D 271 -29.38 52.63 17.65
C GLN D 271 -29.51 51.14 17.35
N GLU D 272 -29.39 50.81 16.06
CA GLU D 272 -29.41 49.43 15.60
C GLU D 272 -28.15 49.15 14.80
N SER D 273 -27.75 47.88 14.79
CA SER D 273 -26.55 47.47 14.06
C SER D 273 -26.71 46.01 13.65
N ILE D 274 -25.88 45.60 12.68
CA ILE D 274 -25.89 44.21 12.24
C ILE D 274 -25.36 43.30 13.35
N PHE D 275 -24.37 43.77 14.10
CA PHE D 275 -23.81 42.97 15.18
C PHE D 275 -24.86 42.70 16.27
N ALA D 276 -25.64 43.72 16.62
CA ALA D 276 -26.70 43.52 17.61
C ALA D 276 -27.74 42.53 17.11
N THR D 277 -28.10 42.63 15.83
CA THR D 277 -29.06 41.69 15.25
C THR D 277 -28.51 40.27 15.27
N ARG D 278 -27.22 40.11 15.00
CA ARG D 278 -26.59 38.79 15.08
C ARG D 278 -26.62 38.25 16.50
N LEU D 279 -26.38 39.12 17.49
CA LEU D 279 -26.48 38.70 18.88
C LEU D 279 -27.90 38.25 19.21
N ILE D 280 -28.90 38.99 18.74
CA ILE D 280 -30.30 38.61 18.97
C ILE D 280 -30.59 37.26 18.33
N ALA D 281 -30.12 37.05 17.10
CA ALA D 281 -30.37 35.79 16.40
C ALA D 281 -29.71 34.63 17.14
N GLY D 282 -28.48 34.81 17.60
CA GLY D 282 -27.83 33.76 18.37
C GLY D 282 -28.52 33.48 19.68
N PHE D 283 -28.99 34.54 20.35
CA PHE D 283 -29.73 34.36 21.59
C PHE D 283 -30.98 33.52 21.38
N TRP D 284 -31.77 33.85 20.36
CA TRP D 284 -32.98 33.07 20.11
C TRP D 284 -32.66 31.68 19.60
N TYR D 285 -31.54 31.50 18.89
CA TYR D 285 -31.13 30.18 18.47
C TYR D 285 -30.82 29.29 19.67
N VAL D 286 -30.17 29.87 20.69
CA VAL D 286 -29.85 29.11 21.90
C VAL D 286 -31.05 28.96 22.84
N VAL D 287 -32.06 29.84 22.72
CA VAL D 287 -33.18 29.83 23.64
C VAL D 287 -34.40 29.07 23.10
N ASP D 288 -34.66 29.13 21.80
CA ASP D 288 -35.92 28.62 21.27
C ASP D 288 -36.08 27.12 21.49
N ALA D 289 -35.00 26.36 21.35
CA ALA D 289 -35.09 24.90 21.49
C ALA D 289 -35.00 24.42 22.92
N PHE D 290 -34.19 25.07 23.75
CA PHE D 290 -33.95 24.71 25.15
C PHE D 290 -35.05 25.02 26.16
N PRO D 291 -35.92 26.04 25.96
CA PRO D 291 -36.37 26.84 27.10
C PRO D 291 -37.23 26.09 28.12
N MET D 292 -36.69 24.97 28.62
CA MET D 292 -37.21 24.36 29.83
C MET D 292 -36.44 24.81 31.06
N ARG D 293 -35.23 25.32 30.88
CA ARG D 293 -34.43 25.89 31.95
C ARG D 293 -34.61 27.40 32.10
N PHE D 294 -35.47 28.00 31.27
CA PHE D 294 -35.79 29.42 31.37
C PHE D 294 -37.18 29.55 31.99
N THR D 295 -37.22 29.91 33.26
CA THR D 295 -38.47 30.19 33.96
C THR D 295 -38.60 31.66 34.32
N ARG D 296 -37.64 32.21 35.05
CA ARG D 296 -37.58 33.65 35.28
C ARG D 296 -36.61 34.27 34.29
N PRO D 297 -37.06 35.15 33.39
CA PRO D 297 -36.14 35.67 32.36
C PRO D 297 -34.96 36.45 32.92
N GLU D 298 -35.08 36.98 34.13
CA GLU D 298 -33.99 37.76 34.71
C GLU D 298 -32.73 36.93 34.90
N TYR D 299 -32.86 35.62 35.14
CA TYR D 299 -31.68 34.76 35.25
C TYR D 299 -30.87 34.73 33.96
N VAL D 300 -31.46 35.15 32.84
CA VAL D 300 -30.69 35.28 31.60
C VAL D 300 -29.58 36.31 31.71
N ASP D 301 -29.72 37.29 32.60
CA ASP D 301 -28.67 38.28 32.81
C ASP D 301 -27.50 37.72 33.62
N SER D 302 -27.60 36.50 34.12
CA SER D 302 -26.57 35.90 34.96
C SER D 302 -25.54 35.18 34.09
N THR D 303 -24.69 34.39 34.72
CA THR D 303 -23.62 33.64 34.06
C THR D 303 -23.68 32.14 34.32
N ASN D 304 -23.99 31.73 35.55
CA ASN D 304 -24.06 30.31 35.87
C ASN D 304 -25.14 29.61 35.06
N LEU D 305 -26.27 30.28 34.82
CA LEU D 305 -27.33 29.69 34.02
C LEU D 305 -26.85 29.39 32.61
N TRP D 306 -26.16 30.35 31.99
CA TRP D 306 -25.64 30.14 30.64
C TRP D 306 -24.59 29.03 30.62
N ARG D 307 -23.72 28.99 31.64
CA ARG D 307 -22.74 27.92 31.70
C ARG D 307 -23.39 26.55 31.83
N VAL D 308 -24.47 26.46 32.63
CA VAL D 308 -25.22 25.22 32.74
C VAL D 308 -25.84 24.85 31.40
N ILE D 309 -26.39 25.83 30.70
CA ILE D 309 -26.96 25.58 29.38
C ILE D 309 -25.91 25.01 28.43
N LEU D 310 -24.71 25.59 28.45
CA LEU D 310 -23.62 25.09 27.63
C LEU D 310 -23.15 23.72 28.12
N ASN D 327 -20.40 22.33 33.19
CA ASN D 327 -19.79 23.52 33.76
C ASN D 327 -18.27 23.37 33.85
N ILE D 328 -17.62 23.28 32.70
CA ILE D 328 -16.16 23.07 32.66
C ILE D 328 -15.53 24.45 32.65
N ASP D 329 -15.37 25.01 33.85
CA ASP D 329 -14.73 26.31 33.97
C ASP D 329 -13.27 26.27 33.55
N SER D 330 -12.63 25.10 33.64
CA SER D 330 -11.29 24.97 33.10
C SER D 330 -11.29 25.17 31.59
N HIS D 331 -12.26 24.59 30.90
CA HIS D 331 -12.39 24.82 29.46
C HIS D 331 -12.68 26.29 29.17
N LEU D 332 -13.54 26.91 29.96
CA LEU D 332 -13.85 28.33 29.73
C LEU D 332 -12.61 29.20 29.92
N HIS D 333 -11.81 28.92 30.96
CA HIS D 333 -10.61 29.70 31.21
C HIS D 333 -9.56 29.46 30.14
N SER D 334 -9.43 28.22 29.66
CA SER D 334 -8.51 27.94 28.57
C SER D 334 -8.92 28.68 27.30
N PHE D 335 -10.22 28.70 27.01
CA PHE D 335 -10.71 29.46 25.86
C PHE D 335 -10.42 30.94 26.02
N CYS D 336 -10.61 31.48 27.23
CA CYS D 336 -10.34 32.89 27.46
C CYS D 336 -8.85 33.19 27.25
N ASN D 337 -7.98 32.44 27.90
CA ASN D 337 -6.53 32.57 27.70
C ASN D 337 -6.02 31.57 26.67
N SER D 338 -6.66 31.54 25.50
CA SER D 338 -6.25 30.68 24.39
C SER D 338 -5.78 31.49 23.18
N LEU D 339 -5.21 32.67 23.42
CA LEU D 339 -4.67 33.51 22.35
C LEU D 339 -3.21 33.83 22.66
N ASP D 340 -2.36 33.69 21.65
CA ASP D 340 -0.92 33.84 21.82
C ASP D 340 -0.39 34.90 20.86
N GLU D 341 0.93 35.13 20.92
CA GLU D 341 1.53 36.24 20.20
C GLU D 341 1.59 36.01 18.69
N MET D 342 1.90 34.77 18.26
CA MET D 342 2.02 34.50 16.84
C MET D 342 0.69 34.71 16.12
N THR D 343 -0.40 34.24 16.72
CA THR D 343 -1.72 34.45 16.13
C THR D 343 -2.05 35.94 16.03
N ILE D 344 -1.74 36.70 17.07
CA ILE D 344 -2.00 38.14 17.05
C ILE D 344 -1.19 38.81 15.94
N GLU D 345 0.09 38.44 15.81
CA GLU D 345 0.93 39.04 14.77
C GLU D 345 0.41 38.69 13.38
N GLU D 346 0.01 37.44 13.16
CA GLU D 346 -0.52 37.05 11.86
C GLU D 346 -1.82 37.78 11.54
N LEU D 347 -2.70 37.92 12.54
CA LEU D 347 -3.94 38.64 12.32
C LEU D 347 -3.70 40.11 12.04
N LYS D 348 -2.70 40.71 12.70
CA LYS D 348 -2.32 42.08 12.36
C LYS D 348 -1.80 42.16 10.93
N THR D 349 -1.03 41.16 10.50
CA THR D 349 -0.52 41.15 9.13
C THR D 349 -1.67 41.08 8.12
N VAL D 350 -2.67 40.24 8.40
CA VAL D 350 -3.80 40.10 7.47
C VAL D 350 -4.64 41.36 7.39
N GLY D 351 -4.81 42.08 8.51
CA GLY D 351 -5.65 43.27 8.51
C GLY D 351 -6.67 43.29 9.62
N VAL D 352 -6.44 42.49 10.66
CA VAL D 352 -7.31 42.45 11.83
C VAL D 352 -6.50 42.92 13.03
N ASN D 353 -7.20 43.50 14.01
CA ASN D 353 -6.52 44.13 15.14
C ASN D 353 -6.85 43.42 16.45
N VAL D 354 -6.74 42.09 16.46
CA VAL D 354 -7.04 41.32 17.66
C VAL D 354 -5.95 41.52 18.71
N SER D 355 -6.37 41.71 19.96
CA SER D 355 -5.45 41.74 21.08
C SER D 355 -5.93 40.77 22.16
N THR D 356 -7.23 40.47 22.15
CA THR D 356 -7.82 39.51 23.06
C THR D 356 -8.79 38.65 22.25
N ILE D 357 -9.00 37.42 22.71
CA ILE D 357 -9.84 36.48 21.95
C ILE D 357 -11.26 37.00 21.83
N TRP D 358 -11.72 37.79 22.80
CA TRP D 358 -13.05 38.38 22.68
C TRP D 358 -13.08 39.44 21.60
N GLU D 359 -11.99 40.19 21.42
CA GLU D 359 -11.88 41.08 20.27
C GLU D 359 -11.91 40.28 18.98
N LEU D 360 -11.28 39.10 18.97
CA LEU D 360 -11.33 38.24 17.78
C LEU D 360 -12.76 37.80 17.49
N LEU D 361 -13.51 37.41 18.52
CA LEU D 361 -14.90 37.02 18.32
C LEU D 361 -15.75 38.19 17.83
N TYR D 362 -15.49 39.39 18.34
CA TYR D 362 -16.20 40.56 17.86
C TYR D 362 -15.88 40.85 16.40
N GLU D 363 -14.61 40.75 16.02
CA GLU D 363 -14.22 40.97 14.63
C GLU D 363 -14.86 39.94 13.71
N ILE D 364 -14.86 38.67 14.12
CA ILE D 364 -15.48 37.63 13.30
C ILE D 364 -16.98 37.86 13.20
N MET D 365 -17.62 38.26 14.29
CA MET D 365 -19.06 38.46 14.29
C MET D 365 -19.45 39.70 13.50
N THR D 366 -18.55 40.68 13.37
CA THR D 366 -18.87 41.93 12.72
C THR D 366 -18.12 42.20 11.43
N SER D 367 -16.81 41.99 11.40
CA SER D 367 -16.01 42.34 10.24
C SER D 367 -15.61 41.15 9.38
N LEU D 368 -15.26 40.03 10.00
CA LEU D 368 -14.85 38.84 9.25
C LEU D 368 -16.02 37.95 8.84
N ALA D 369 -17.23 38.24 9.34
CA ALA D 369 -18.40 37.48 8.91
C ALA D 369 -18.66 37.64 7.43
N HIS D 370 -18.17 38.73 6.82
CA HIS D 370 -18.30 38.93 5.38
C HIS D 370 -17.69 37.76 4.61
N HIS D 371 -16.66 37.13 5.16
CA HIS D 371 -16.01 36.00 4.50
C HIS D 371 -16.83 34.72 4.59
N LEU D 372 -17.91 34.69 5.37
CA LEU D 372 -18.67 33.46 5.56
C LEU D 372 -19.76 33.26 4.52
N TYR D 373 -20.37 34.33 4.02
CA TYR D 373 -21.45 34.23 3.04
C TYR D 373 -21.06 34.68 1.65
N ALA D 374 -20.34 35.79 1.51
CA ALA D 374 -19.92 36.28 0.20
C ALA D 374 -18.50 36.81 0.36
N THR D 375 -17.52 35.97 0.04
CA THR D 375 -16.13 36.24 0.36
C THR D 375 -15.44 36.89 -0.84
N ASP D 376 -14.78 38.02 -0.59
CA ASP D 376 -14.03 38.69 -1.65
C ASP D 376 -12.85 37.83 -2.10
N ILE D 377 -12.08 37.29 -1.16
CA ILE D 377 -11.03 36.36 -1.50
C ILE D 377 -11.64 34.99 -1.81
N ASP D 378 -10.82 34.10 -2.36
CA ASP D 378 -11.29 32.78 -2.75
C ASP D 378 -10.31 31.70 -2.28
N GLU D 379 -10.87 30.58 -1.82
CA GLU D 379 -10.08 29.40 -1.46
C GLU D 379 -9.31 28.85 -2.63
N THR D 380 -9.74 29.12 -3.86
CA THR D 380 -9.14 28.55 -5.05
C THR D 380 -7.76 29.14 -5.35
N SER D 381 -7.51 30.39 -4.96
CA SER D 381 -6.27 31.07 -5.30
C SER D 381 -5.14 30.60 -4.38
N MET D 382 -3.93 31.12 -4.64
CA MET D 382 -2.78 30.84 -3.78
C MET D 382 -1.94 32.07 -3.50
N TYR D 383 -2.40 33.26 -3.84
CA TYR D 383 -1.68 34.47 -3.46
C TYR D 383 -1.95 34.80 -2.00
N GLY D 384 -1.05 35.60 -1.43
CA GLY D 384 -1.16 35.96 -0.02
C GLY D 384 -1.05 34.77 0.89
N LYS D 385 -0.14 33.84 0.59
CA LYS D 385 0.07 32.66 1.41
C LYS D 385 1.54 32.53 1.77
N ARG D 386 1.79 31.91 2.91
CA ARG D 386 3.12 31.68 3.43
C ARG D 386 3.64 30.31 2.97
N LEU D 387 4.95 30.16 3.04
CA LEU D 387 5.64 28.95 2.57
C LEU D 387 6.31 28.26 3.74
N THR D 388 5.53 28.04 4.80
CA THR D 388 6.08 27.72 6.11
C THR D 388 6.86 26.41 6.09
N VAL D 389 7.94 26.36 6.86
CA VAL D 389 8.74 25.15 6.99
C VAL D 389 8.89 24.78 8.46
N LEU D 390 9.34 25.73 9.28
CA LEU D 390 9.68 25.42 10.68
C LEU D 390 8.44 25.02 11.48
N HIS D 391 7.32 25.73 11.28
CA HIS D 391 6.13 25.48 12.11
C HIS D 391 5.61 24.06 11.95
N TYR D 392 5.91 23.41 10.82
CA TYR D 392 5.51 22.03 10.62
C TYR D 392 6.61 21.04 11.00
N LEU D 393 7.87 21.38 10.75
CA LEU D 393 8.96 20.52 11.22
C LEU D 393 8.98 20.43 12.73
N MET D 394 8.83 21.58 13.41
CA MET D 394 8.88 21.64 14.87
C MET D 394 7.50 21.58 15.50
N SER D 395 6.54 20.91 14.84
CA SER D 395 5.24 20.71 15.46
C SER D 395 5.35 19.87 16.72
N GLU D 396 6.19 18.84 16.70
CA GLU D 396 6.41 18.03 17.89
C GLU D 396 7.03 18.87 19.02
N PHE D 397 8.04 19.68 18.69
CA PHE D 397 8.67 20.50 19.71
C PHE D 397 7.74 21.59 20.21
N ASN D 398 6.95 22.19 19.31
CA ASN D 398 5.97 23.19 19.73
C ASN D 398 4.94 22.58 20.68
N TYR D 399 4.44 21.40 20.34
CA TYR D 399 3.49 20.72 21.21
C TYR D 399 4.13 20.37 22.55
N ALA D 400 5.39 19.92 22.54
CA ALA D 400 6.05 19.58 23.78
C ALA D 400 6.22 20.79 24.68
N VAL D 401 6.63 21.93 24.10
CA VAL D 401 6.79 23.14 24.89
C VAL D 401 5.46 23.61 25.44
N SER D 402 4.41 23.58 24.62
CA SER D 402 3.09 23.99 25.09
C SER D 402 2.62 23.11 26.25
N MET D 403 2.73 21.79 26.06
CA MET D 403 2.29 20.86 27.11
C MET D 403 3.11 21.01 28.37
N PHE D 404 4.42 21.21 28.23
CA PHE D 404 5.28 21.47 29.39
C PHE D 404 4.80 22.70 30.15
N GLY D 405 4.58 23.80 29.43
CA GLY D 405 4.12 25.02 30.09
C GLY D 405 2.79 24.84 30.79
N TYR D 406 1.84 24.20 30.13
CA TYR D 406 0.50 24.07 30.71
C TYR D 406 0.51 23.13 31.91
N MET D 407 1.13 21.95 31.77
CA MET D 407 1.19 21.01 32.87
C MET D 407 2.15 21.45 33.97
N PHE D 408 2.96 22.47 33.72
CA PHE D 408 3.80 23.04 34.76
C PHE D 408 3.10 24.16 35.53
N GLN D 409 2.31 24.99 34.84
CA GLN D 409 1.54 26.02 35.54
C GLN D 409 0.34 25.42 36.26
N SER D 410 -0.24 24.35 35.73
CA SER D 410 -1.47 23.81 36.29
C SER D 410 -1.26 23.02 37.58
N ARG D 411 -0.02 22.71 37.95
CA ARG D 411 0.20 21.95 39.18
C ARG D 411 -0.03 22.82 40.41
N ARG D 412 0.83 23.84 40.60
CA ARG D 412 0.79 24.67 41.79
C ARG D 412 1.40 26.03 41.46
N ASP D 413 1.12 27.00 42.31
CA ASP D 413 1.74 28.32 42.26
C ASP D 413 2.65 28.56 43.46
N ARG D 414 3.11 27.49 44.11
CA ARG D 414 3.93 27.58 45.30
C ARG D 414 5.41 27.60 44.90
N GLU D 415 6.28 27.44 45.90
CA GLU D 415 7.71 27.40 45.63
C GLU D 415 8.07 26.15 44.84
N TRP D 416 9.01 26.29 43.90
CA TRP D 416 9.49 25.19 43.08
C TRP D 416 10.91 24.81 43.50
N THR D 417 11.10 23.54 43.78
CA THR D 417 12.41 23.00 44.14
C THR D 417 13.19 22.64 42.89
N VAL D 418 14.53 22.72 42.99
CA VAL D 418 15.39 22.39 41.86
C VAL D 418 15.17 20.96 41.41
N GLN D 419 14.95 20.04 42.36
CA GLN D 419 14.72 18.64 42.01
C GLN D 419 13.46 18.48 41.15
N GLU D 420 12.37 19.15 41.54
CA GLU D 420 11.13 19.02 40.78
C GLU D 420 11.26 19.67 39.41
N LEU D 421 11.93 20.82 39.33
CA LEU D 421 12.15 21.45 38.03
C LEU D 421 12.99 20.55 37.12
N ASN D 422 14.03 19.93 37.66
CA ASN D 422 14.85 19.02 36.88
C ASN D 422 14.05 17.80 36.42
N GLU D 423 13.20 17.26 37.29
CA GLU D 423 12.36 16.13 36.89
C GLU D 423 11.40 16.54 35.78
N GLY D 424 10.81 17.72 35.88
CA GLY D 424 9.92 18.18 34.82
C GLY D 424 10.63 18.38 33.50
N LEU D 425 11.83 18.98 33.54
CA LEU D 425 12.60 19.18 32.31
C LEU D 425 13.01 17.84 31.71
N LYS D 426 13.39 16.87 32.57
CA LYS D 426 13.75 15.55 32.07
C LYS D 426 12.56 14.86 31.42
N ARG D 427 11.38 14.99 32.01
CA ARG D 427 10.18 14.35 31.47
C ARG D 427 9.56 15.12 30.32
N SER D 428 10.02 16.35 30.06
CA SER D 428 9.46 17.17 28.98
C SER D 428 10.36 17.27 27.77
N PHE D 429 11.63 17.64 27.95
CA PHE D 429 12.55 17.90 26.86
C PHE D 429 13.54 16.75 26.76
N LYS D 430 13.20 15.74 25.96
CA LYS D 430 14.07 14.59 25.77
C LYS D 430 15.00 14.82 24.59
N LEU D 431 15.75 13.79 24.19
CA LEU D 431 16.71 13.95 23.11
C LEU D 431 16.02 14.04 21.75
N GLN D 432 15.02 13.20 21.51
CA GLN D 432 14.37 13.11 20.21
C GLN D 432 12.93 13.61 20.30
N THR D 433 12.73 14.71 21.04
CA THR D 433 11.40 15.28 21.19
C THR D 433 10.86 15.77 19.85
N ALA D 434 11.69 16.46 19.06
CA ALA D 434 11.27 17.05 17.81
C ALA D 434 11.57 16.17 16.60
N ILE D 435 12.04 14.95 16.81
CA ILE D 435 12.49 14.09 15.72
C ILE D 435 11.81 12.72 15.73
N LYS D 436 11.30 12.26 16.87
CA LYS D 436 10.70 10.93 16.94
C LYS D 436 9.60 10.75 15.91
N ARG D 437 8.92 11.84 15.54
CA ARG D 437 7.78 11.76 14.63
C ARG D 437 8.04 12.44 13.29
N LEU D 438 9.30 12.68 12.94
CA LEU D 438 9.59 13.32 11.66
C LEU D 438 9.22 12.43 10.48
N THR D 439 9.54 11.15 10.55
CA THR D 439 9.37 10.26 9.41
C THR D 439 7.98 9.63 9.35
N VAL D 440 7.22 9.66 10.43
CA VAL D 440 5.91 9.04 10.46
C VAL D 440 4.76 10.04 10.52
N ASP D 441 4.90 11.14 11.26
CA ASP D 441 3.80 12.06 11.49
C ASP D 441 3.84 13.29 10.59
N HIS D 442 4.96 13.57 9.93
CA HIS D 442 5.08 14.74 9.07
C HIS D 442 5.03 14.29 7.61
N GLY D 443 4.08 14.86 6.86
CA GLY D 443 3.94 14.56 5.45
C GLY D 443 4.76 15.42 4.52
N GLU D 444 5.43 16.45 5.05
CA GLU D 444 6.30 17.29 4.24
C GLU D 444 7.66 16.67 4.00
N LEU D 445 8.04 15.66 4.78
CA LEU D 445 9.28 14.92 4.58
C LEU D 445 8.96 13.68 3.76
N ASP D 446 9.36 13.68 2.49
CA ASP D 446 9.13 12.55 1.61
C ASP D 446 10.43 11.77 1.41
N THR D 447 10.30 10.60 0.79
CA THR D 447 11.46 9.76 0.50
C THR D 447 12.03 10.16 -0.85
N MET D 448 13.35 10.37 -0.90
CA MET D 448 14.01 10.80 -2.12
C MET D 448 14.26 9.60 -3.02
N SER D 449 13.77 9.68 -4.26
CA SER D 449 13.97 8.64 -5.27
C SER D 449 14.29 9.30 -6.61
N ASN D 450 15.19 10.28 -6.60
CA ASN D 450 15.50 11.06 -7.78
C ASN D 450 16.70 10.46 -8.50
N PRO D 451 16.54 9.88 -9.70
CA PRO D 451 17.68 9.40 -10.50
C PRO D 451 18.28 10.49 -11.37
N ASN D 452 18.48 11.68 -10.79
CA ASN D 452 18.97 12.83 -11.53
C ASN D 452 19.97 13.60 -10.68
N SER D 453 20.78 14.39 -11.37
CA SER D 453 21.69 15.31 -10.71
C SER D 453 21.07 16.67 -10.45
N SER D 454 19.82 16.89 -10.87
CA SER D 454 19.15 18.17 -10.75
C SER D 454 18.12 18.08 -9.64
N MET D 455 18.20 19.00 -8.68
CA MET D 455 17.28 19.06 -7.56
C MET D 455 15.98 19.80 -7.90
N LEU D 456 15.92 20.45 -9.06
CA LEU D 456 14.75 21.27 -9.39
C LEU D 456 13.56 20.41 -9.76
N ILE D 457 13.77 19.36 -10.56
CA ILE D 457 12.67 18.68 -11.21
C ILE D 457 11.79 17.97 -10.20
N LYS D 458 12.39 17.27 -9.24
CA LYS D 458 11.63 16.55 -8.23
C LYS D 458 11.96 16.95 -6.80
N GLY D 459 13.21 17.29 -6.50
CA GLY D 459 13.60 17.58 -5.15
C GLY D 459 13.06 18.87 -4.57
N THR D 460 13.44 20.00 -5.16
CA THR D 460 13.26 21.32 -4.56
C THR D 460 11.97 22.00 -5.00
N SER D 461 11.18 21.38 -5.88
CA SER D 461 10.00 22.03 -6.42
C SER D 461 8.73 21.29 -6.02
N ILE D 462 8.66 20.83 -4.76
CA ILE D 462 7.48 20.16 -4.24
C ILE D 462 6.84 21.04 -3.18
N LEU D 463 5.56 21.33 -3.34
CA LEU D 463 4.74 21.93 -2.30
C LEU D 463 3.77 20.89 -1.75
N VAL D 464 3.37 21.08 -0.51
CA VAL D 464 2.45 20.16 0.16
C VAL D 464 1.33 20.96 0.79
N THR D 465 0.09 20.60 0.47
CA THR D 465 -1.06 21.23 1.10
C THR D 465 -1.16 20.79 2.56
N GLN D 466 -1.85 21.61 3.36
CA GLN D 466 -1.92 21.38 4.80
C GLN D 466 -2.50 20.01 5.12
N ASP D 467 -3.61 19.65 4.46
CA ASP D 467 -4.20 18.34 4.66
C ASP D 467 -3.22 17.22 4.30
N ARG D 468 -2.52 17.38 3.17
CA ARG D 468 -1.47 16.45 2.82
C ARG D 468 -0.22 16.66 3.67
N ALA D 469 -0.08 17.82 4.32
CA ALA D 469 1.09 18.07 5.17
C ALA D 469 1.03 17.28 6.46
N LYS D 470 -0.16 17.19 7.07
CA LYS D 470 -0.26 16.42 8.31
C LYS D 470 -0.03 14.94 8.03
N THR D 471 -0.86 14.34 7.18
CA THR D 471 -0.66 12.99 6.64
C THR D 471 -0.92 11.94 7.71
N ALA D 472 -1.12 12.36 8.96
CA ALA D 472 -1.55 11.43 10.00
C ALA D 472 -2.99 11.00 9.80
N LYS D 473 -3.77 11.77 9.04
CA LYS D 473 -5.17 11.42 8.81
C LYS D 473 -5.31 10.19 7.93
N ALA D 474 -4.41 10.03 6.95
CA ALA D 474 -4.52 8.98 5.93
C ALA D 474 -5.85 9.06 5.21
N HIS D 475 -6.14 10.24 4.67
CA HIS D 475 -7.44 10.56 4.12
C HIS D 475 -7.42 10.56 2.59
N ASN D 476 -8.62 10.60 2.00
CA ASN D 476 -8.79 10.71 0.56
C ASN D 476 -10.10 11.46 0.31
N LYS D 477 -9.99 12.78 0.13
CA LYS D 477 -11.16 13.63 -0.07
C LYS D 477 -11.77 13.48 -1.45
N SER D 478 -11.15 12.69 -2.32
CA SER D 478 -11.60 12.40 -3.70
C SER D 478 -11.38 13.60 -4.61
N LEU D 479 -11.04 14.76 -4.03
CA LEU D 479 -10.41 15.88 -4.73
C LEU D 479 -11.20 16.35 -5.94
N ILE D 480 -12.41 15.85 -6.16
CA ILE D 480 -13.24 16.23 -7.28
C ILE D 480 -14.43 17.07 -6.84
N ASN D 481 -15.17 16.60 -5.85
CA ASN D 481 -16.28 17.36 -5.27
C ASN D 481 -15.75 18.37 -4.24
N ASP D 482 -14.75 19.13 -4.64
CA ASP D 482 -14.10 20.11 -3.77
C ASP D 482 -14.02 21.43 -4.51
N SER D 483 -14.61 22.48 -3.92
CA SER D 483 -14.44 23.82 -4.47
C SER D 483 -13.03 24.37 -4.26
N SER D 484 -12.22 23.70 -3.43
CA SER D 484 -10.83 24.13 -3.24
C SER D 484 -10.02 23.93 -4.51
N ARG D 485 -10.20 22.79 -5.18
CA ARG D 485 -9.40 22.43 -6.34
C ARG D 485 -10.09 22.83 -7.65
N ILE D 486 -10.34 24.13 -7.80
CA ILE D 486 -10.86 24.71 -9.02
C ILE D 486 -9.71 25.38 -9.75
N ILE D 487 -9.87 25.60 -11.05
CA ILE D 487 -8.82 26.27 -11.81
C ILE D 487 -8.71 27.72 -11.33
N HIS D 488 -7.47 28.19 -11.18
CA HIS D 488 -7.19 29.57 -10.83
C HIS D 488 -5.91 29.99 -11.54
N ALA D 489 -5.87 31.27 -11.94
CA ALA D 489 -4.67 31.78 -12.60
C ALA D 489 -3.48 31.81 -11.66
N SER D 490 -3.70 31.82 -10.34
CA SER D 490 -2.61 31.82 -9.38
C SER D 490 -1.65 30.67 -9.62
N ILE D 491 -2.17 29.53 -10.07
CA ILE D 491 -1.31 28.38 -10.36
C ILE D 491 -0.19 28.79 -11.30
N ALA D 492 -0.55 29.49 -12.39
CA ALA D 492 0.44 29.88 -13.39
C ALA D 492 1.59 30.66 -12.78
N GLU D 493 1.33 31.42 -11.72
CA GLU D 493 2.38 32.14 -11.03
C GLU D 493 2.92 31.40 -9.81
N VAL D 494 2.10 30.57 -9.17
CA VAL D 494 2.49 29.83 -7.99
C VAL D 494 2.08 28.37 -8.22
N GLY D 495 3.06 27.51 -8.44
CA GLY D 495 2.79 26.16 -8.89
C GLY D 495 2.99 26.01 -10.39
N GLN D 496 2.79 24.79 -10.86
CA GLN D 496 3.12 24.43 -12.24
C GLN D 496 1.96 23.64 -12.84
N TYR D 497 1.13 24.31 -13.63
CA TYR D 497 0.15 23.58 -14.42
C TYR D 497 0.87 22.85 -15.55
N LYS D 498 0.23 21.79 -16.04
CA LYS D 498 0.79 20.79 -16.96
C LYS D 498 1.86 19.96 -16.28
N ASN D 499 2.20 20.24 -15.02
CA ASN D 499 3.01 19.36 -14.18
C ASN D 499 2.06 18.76 -13.16
N GLN D 500 1.56 17.56 -13.46
CA GLN D 500 0.38 17.00 -12.79
C GLN D 500 0.72 15.63 -12.23
N PRO D 501 1.36 15.56 -11.08
CA PRO D 501 1.58 14.27 -10.42
C PRO D 501 0.30 13.76 -9.80
N LYS D 502 0.29 12.46 -9.52
CA LYS D 502 -0.87 11.85 -8.88
C LYS D 502 -1.07 12.32 -7.44
N ASN D 503 -0.07 12.99 -6.85
CA ASN D 503 -0.23 13.59 -5.54
C ASN D 503 -1.31 14.65 -5.59
N ASN D 504 -1.04 15.71 -6.35
CA ASN D 504 -2.02 16.76 -6.64
C ASN D 504 -2.14 16.88 -8.16
N PRO D 505 -3.13 16.26 -8.79
CA PRO D 505 -3.22 16.31 -10.25
C PRO D 505 -3.44 17.70 -10.82
N ASP D 506 -3.80 18.68 -10.00
CA ASP D 506 -3.84 20.06 -10.46
C ASP D 506 -2.46 20.69 -10.27
N GLY D 507 -2.37 22.00 -10.45
CA GLY D 507 -1.08 22.66 -10.41
C GLY D 507 -0.52 22.99 -9.04
N ARG D 508 -1.26 22.73 -7.96
CA ARG D 508 -0.81 23.10 -6.63
C ARG D 508 0.21 22.14 -6.05
N GLY D 509 0.43 20.98 -6.68
CA GLY D 509 1.35 20.01 -6.12
C GLY D 509 2.79 20.49 -6.11
N ARG D 510 3.21 21.17 -7.18
CA ARG D 510 4.58 21.62 -7.32
C ARG D 510 4.66 23.13 -7.13
N LEU D 511 5.89 23.65 -7.19
CA LEU D 511 6.16 25.06 -6.95
C LEU D 511 6.75 25.70 -8.20
N ASN D 512 6.21 26.85 -8.59
CA ASN D 512 6.79 27.60 -9.70
C ASN D 512 8.12 28.17 -9.26
N MET D 513 9.18 27.89 -10.03
CA MET D 513 10.53 28.19 -9.59
C MET D 513 10.90 29.65 -9.77
N TYR D 514 10.10 30.43 -10.49
CA TYR D 514 10.35 31.85 -10.66
C TYR D 514 9.51 32.70 -9.71
N THR D 515 8.81 32.06 -8.76
CA THR D 515 7.94 32.78 -7.84
C THR D 515 8.73 33.79 -7.03
N LYS D 516 8.18 35.00 -6.95
CA LYS D 516 8.76 36.07 -6.13
C LYS D 516 8.33 35.87 -4.69
N VAL D 517 9.28 35.47 -3.84
CA VAL D 517 9.03 35.24 -2.43
C VAL D 517 9.94 36.17 -1.64
N GLY D 518 9.34 37.02 -0.82
CA GLY D 518 10.10 37.97 -0.03
C GLY D 518 10.58 37.37 1.27
N PRO D 519 11.00 38.22 2.21
CA PRO D 519 11.43 37.72 3.51
C PRO D 519 10.29 37.10 4.28
N THR D 520 10.65 36.20 5.20
CA THR D 520 9.72 35.49 6.07
C THR D 520 8.77 34.58 5.27
N GLY D 521 9.14 34.27 4.03
CA GLY D 521 8.40 33.30 3.24
C GLY D 521 6.99 33.67 2.88
N LEU D 522 6.77 34.92 2.47
CA LEU D 522 5.47 35.39 2.01
C LEU D 522 5.46 35.42 0.48
N VAL D 523 4.46 34.78 -0.12
CA VAL D 523 4.38 34.71 -1.57
C VAL D 523 3.92 36.07 -2.09
N GLU D 524 4.85 36.83 -2.67
CA GLU D 524 4.54 38.11 -3.27
C GLU D 524 4.10 37.93 -4.72
N ARG D 525 3.49 38.96 -5.28
CA ARG D 525 2.93 38.92 -6.63
C ARG D 525 3.78 39.77 -7.56
N ARG D 526 4.32 39.16 -8.61
CA ARG D 526 5.04 39.89 -9.63
C ARG D 526 4.07 40.70 -10.47
N GLU D 527 4.36 41.99 -10.64
CA GLU D 527 3.37 42.91 -11.19
C GLU D 527 3.08 42.62 -12.67
N GLU D 528 4.13 42.53 -13.50
CA GLU D 528 3.95 42.54 -14.94
C GLU D 528 3.04 41.40 -15.42
N VAL D 529 3.44 40.15 -15.19
CA VAL D 529 2.61 39.02 -15.60
C VAL D 529 1.26 39.10 -14.93
N ARG D 530 1.19 39.70 -13.74
CA ARG D 530 -0.07 39.87 -13.03
C ARG D 530 -1.14 40.43 -13.95
N GLU D 531 -0.79 41.44 -14.75
CA GLU D 531 -1.74 42.00 -15.71
C GLU D 531 -2.44 40.89 -16.49
N ILE D 532 -1.65 40.12 -17.25
CA ILE D 532 -2.23 39.02 -18.03
C ILE D 532 -3.00 38.09 -17.12
N ILE D 533 -2.41 37.75 -15.97
CA ILE D 533 -3.05 36.81 -15.04
C ILE D 533 -4.43 37.30 -14.69
N ASP D 534 -4.56 38.60 -14.39
CA ASP D 534 -5.86 39.14 -14.02
C ASP D 534 -6.91 38.79 -15.06
N ASN D 535 -6.61 39.07 -16.33
CA ASN D 535 -7.57 38.79 -17.39
C ASN D 535 -7.97 37.32 -17.37
N ALA D 536 -6.97 36.42 -17.27
CA ALA D 536 -7.27 35.00 -17.27
C ALA D 536 -8.28 34.66 -16.19
N GLN D 537 -8.11 35.23 -14.99
CA GLN D 537 -9.00 34.90 -13.89
C GLN D 537 -10.44 35.22 -14.25
N LEU D 538 -10.66 36.37 -14.87
CA LEU D 538 -12.02 36.73 -15.27
C LEU D 538 -12.62 35.65 -16.16
N MET D 539 -11.84 35.17 -17.13
CA MET D 539 -12.34 34.13 -18.03
C MET D 539 -12.65 32.86 -17.24
N PHE D 540 -11.81 32.54 -16.24
CA PHE D 540 -12.06 31.36 -15.44
C PHE D 540 -13.40 31.42 -14.72
N ARG D 541 -13.92 32.62 -14.48
CA ARG D 541 -15.21 32.79 -13.83
C ARG D 541 -16.27 33.32 -14.80
N ALA D 542 -16.06 33.13 -16.10
CA ALA D 542 -17.06 33.54 -17.08
C ALA D 542 -18.34 32.75 -16.90
N LYS D 543 -19.47 33.43 -16.98
CA LYS D 543 -20.77 32.81 -16.75
C LYS D 543 -21.63 32.84 -18.00
CA MET H 1 4.54 -3.87 73.09
CA GLU H 2 5.97 -2.22 69.94
CA ILE H 3 7.05 -2.69 66.30
CA ILE H 4 10.28 -0.91 65.27
CA VAL H 5 12.00 -0.56 61.86
CA THR H 6 15.44 -2.20 62.12
CA GLY H 7 16.49 -2.55 58.45
CA VAL H 8 16.07 0.23 55.82
CA GLN H 9 16.60 -0.01 52.04
CA GLY H 10 16.17 3.20 50.01
CA THR H 11 12.71 4.70 50.84
CA GLY H 12 11.35 1.37 52.22
CA PHE H 13 12.20 -1.12 54.97
CA THR H 14 13.54 -4.71 54.78
CA GLU H 15 13.49 -5.69 58.46
CA VAL H 16 11.27 -4.93 61.48
CA ALA H 17 11.36 -6.13 65.09
CA THR H 18 8.57 -6.75 67.59
CA GLU H 19 9.58 -5.88 71.18
CA HIS H 20 8.01 -6.58 74.61
CA ASN H 21 9.44 -6.80 78.19
CA GLY H 22 13.09 -6.69 76.92
CA LYS H 23 12.47 -9.61 74.47
CA ARG H 24 12.80 -9.09 70.70
CA LEU H 25 11.72 -11.00 67.58
CA THR H 26 13.15 -9.95 64.19
CA TRP H 27 11.12 -10.26 60.96
CA THR H 28 12.10 -10.06 57.30
CA THR H 29 9.97 -7.56 55.34
CA THR H 30 11.73 -7.36 51.92
CA ALA H 31 8.22 -7.17 50.34
CA TYR H 32 8.26 -3.54 51.68
CA SER H 33 11.78 -2.61 50.31
CA LYS H 34 10.34 -0.81 47.20
CA ILE H 35 7.70 1.29 49.04
CA ARG H 36 8.07 5.08 49.35
CA VAL H 37 7.68 6.18 52.98
CA GLN H 38 8.64 9.75 53.99
CA ASP H 39 9.71 8.50 57.46
CA GLN H 40 10.25 4.75 57.97
CA GLN H 41 10.30 5.09 61.81
CA ARG H 42 6.83 6.75 61.76
CA VAL H 43 5.19 3.72 59.98
CA PHE H 44 4.40 1.96 63.29
CA GLN H 45 3.96 5.05 65.53
CA GLU H 46 0.12 4.99 65.65
CA ILE H 47 -0.03 1.19 66.30
CA ASN H 48 2.65 1.48 69.04
CA ASP H 49 0.72 4.44 70.59
CA TYR H 50 -2.47 2.30 70.42
CA TRP H 51 -0.70 -0.66 72.12
CA SER H 52 0.69 1.65 74.86
CA GLY H 53 -2.98 2.23 75.89
CA LEU H 54 -3.70 -1.55 76.25
CA SER H 55 -3.50 -3.49 79.55
CA ALA H 56 -0.32 -5.43 80.45
CA GLU H 57 -2.26 -8.73 79.99
CA ALA H 58 -3.46 -7.71 76.48
CA GLN H 59 0.10 -6.64 75.48
CA GLN H 60 1.52 -9.94 76.85
CA HIS H 61 -1.19 -11.93 74.94
CA ILE H 62 -0.30 -10.13 71.64
CA TRP H 63 3.39 -10.87 72.33
CA ASN H 64 2.66 -14.59 72.96
CA CYS H 65 0.87 -14.73 69.55
CA TYR H 66 4.03 -13.30 67.85
CA VAL H 67 6.24 -15.87 69.69
CA GLU H 68 4.05 -18.81 68.54
CA ILE H 69 3.81 -17.39 64.98
CA ARG H 70 7.65 -17.10 64.88
CA LYS H 71 7.99 -20.75 66.02
CA ILE H 72 5.51 -21.87 63.28
CA MET H 73 7.39 -19.88 60.57
CA ASP H 74 10.70 -21.51 61.68
CA MET H 75 9.17 -25.06 61.38
CA ALA H 76 9.83 -27.07 58.18
CA MET H 77 6.07 -27.80 57.70
CA ASP H 78 3.69 -28.03 54.73
CA PRO H 79 2.60 -24.46 53.60
CA MET H 80 -1.13 -25.23 54.13
CA ARG H 81 -0.49 -26.32 57.78
CA ILE H 82 1.60 -23.15 58.31
CA ALA H 83 -1.25 -20.98 56.87
CA MET H 84 -3.97 -22.61 59.08
CA SER H 85 -1.80 -22.27 62.23
CA LEU H 86 -0.99 -18.62 61.36
CA SER H 87 -4.72 -17.80 60.80
CA TYR H 88 -5.48 -19.24 64.27
CA TYR H 89 -2.86 -17.10 66.11
CA ILE H 90 -3.75 -13.99 64.00
CA LYS H 91 -7.39 -14.47 65.13
CA GLU H 92 -6.25 -14.91 68.79
CA MET H 93 -4.20 -11.67 68.42
CA TYR H 94 -7.29 -9.72 67.17
CA LYS H 95 -9.26 -10.81 70.32
CA ALA H 96 -6.95 -8.42 72.26
CA MET H 97 -7.55 -5.71 69.58
CA PRO H 98 -11.28 -5.59 68.61
CA MET H 99 -12.04 -3.33 65.58
CA ASN H 100 -14.33 -1.06 67.63
CA SER H 101 -11.26 -0.31 69.85
CA PHE H 102 -9.18 0.74 66.79
CA ARG H 103 -12.03 2.95 65.46
CA ARG H 104 -12.59 4.55 68.91
CA TRP H 105 -8.85 5.17 69.41
CA LEU H 106 -8.43 6.80 65.93
CA LEU H 107 -11.41 9.15 66.50
CA THR H 108 -10.42 10.16 70.11
CA ILE H 109 -6.62 9.84 70.68
CA GLY H 110 -5.08 9.00 67.26
CA LYS H 111 -6.40 12.30 65.73
CA LEU H 112 -7.38 10.74 62.38
CA TYR H 113 -6.93 13.31 59.60
CA ILE H 114 -10.09 13.45 57.45
CA PRO H 115 -9.59 15.57 54.27
CA VAL H 116 -12.08 18.48 53.91
CA ASP H 117 -13.06 17.36 50.36
CA ILE H 118 -14.52 14.07 51.69
CA GLU H 119 -18.32 14.35 51.45
CA GLU H 120 -20.73 12.84 54.04
CA VAL H 121 -23.47 12.01 51.44
CA ILE H 122 -23.64 11.90 47.62
CA THR H 123 -25.81 14.83 46.38
CA ASP H 124 -26.83 16.12 42.91
CA ASP H 125 -24.01 18.75 43.26
CA SER H 126 -21.41 16.09 44.28
CA ARG H 127 -18.20 15.72 42.22
CA TYR H 128 -18.98 11.97 41.87
CA ASN H 129 -22.47 10.52 41.23
CA ARG H 130 -21.66 6.82 42.03
CA PRO H 131 -20.84 5.32 45.48
CA ASP H 132 -18.14 3.11 43.84
CA GLN H 133 -16.19 6.19 42.54
CA THR H 134 -15.51 7.84 45.91
CA TYR H 135 -15.26 7.39 49.67
CA LEU H 136 -17.74 9.05 51.99
CA LYS H 137 -16.58 10.26 55.44
CA HIS H 138 -17.93 7.07 57.09
CA ASP H 139 -16.28 4.79 54.43
CA TYR H 140 -12.99 6.69 55.00
CA ILE H 141 -13.15 6.16 58.82
CA ASN H 142 -13.74 2.40 58.29
CA LEU H 143 -10.89 2.20 55.75
CA ALA H 144 -8.63 4.10 58.22
CA SER H 145 -9.71 1.68 61.01
CA VAL H 146 -8.77 -1.32 58.79
CA SER H 147 -5.52 0.48 57.79
CA LEU H 148 -4.48 0.78 61.48
CA ALA H 149 -5.69 -2.80 62.25
CA LEU H 150 -3.52 -4.28 59.41
CA ARG H 151 -0.23 -2.76 60.81
CA PRO H 152 0.24 -5.61 63.41
CA LEU H 153 0.34 -8.03 60.42
CA VAL H 154 3.29 -6.31 58.63
CA PRO H 155 5.97 -8.50 60.39
CA ILE H 156 3.90 -11.69 59.75
CA TRP H 157 3.00 -10.91 56.10
CA GLY H 158 6.56 -9.71 55.33
CA GLU H 159 8.12 -12.98 56.58
CA PHE H 160 5.42 -15.18 54.89
CA ILE H 161 5.83 -13.41 51.48
CA ASP H 162 9.67 -13.66 51.75
CA GLN H 163 9.60 -17.44 52.59
CA GLY H 164 8.11 -17.71 49.09
CA THR H 165 5.90 -20.75 48.22
CA SER H 166 3.82 -18.99 45.51
CA GLN H 167 3.84 -17.34 42.09
CA GLU H 168 5.23 -13.77 42.51
CA MET H 169 1.78 -12.40 41.45
CA HIS H 170 -0.55 -14.03 44.07
CA LYS H 171 1.62 -13.54 47.24
CA GLU H 172 -0.62 -10.67 48.46
CA CYS H 173 -3.85 -12.69 47.90
CA GLU H 174 -2.42 -15.58 49.98
CA VAL H 175 -1.52 -13.39 53.00
CA ILE H 176 -4.99 -11.75 52.87
CA SER H 177 -6.51 -15.27 53.15
CA LEU H 178 -4.81 -15.50 56.62
CA ILE H 179 -7.26 -12.82 57.94
CA SER H 180 -10.40 -14.25 56.24
CA ASP H 181 -11.89 -15.36 59.63
CA CYS H 182 -11.00 -12.03 61.41
CA GLU H 183 -13.28 -9.04 62.24
CA VAL H 184 -10.84 -6.79 60.26
CA ASN H 185 -11.74 -8.58 56.97
CA HIS H 186 -15.52 -8.02 57.55
CA TRP H 187 -15.31 -4.51 59.07
CA PRO H 188 -17.72 -2.92 59.90
CA VAL H 189 -19.77 -5.92 61.11
CA ASP H 190 -23.61 -5.61 61.02
CA GLU H 191 -23.48 -1.78 60.86
CA ILE H 192 -26.67 -0.09 59.61
CA SER H 193 -26.65 3.32 57.91
CA ILE H 194 -29.01 6.25 58.69
CA ASP H 195 -31.24 5.09 55.75
CA GLY H 196 -31.52 1.56 57.31
CA THR H 197 -29.28 -0.13 54.67
CA PRO H 198 -26.37 -2.45 55.59
CA VAL H 199 -23.12 -0.51 55.54
CA GLU H 200 -20.68 -1.90 52.96
CA THR H 201 -17.52 -3.47 54.42
CA ALA H 202 -14.22 -1.58 53.96
CA TYR H 203 -13.14 -4.71 51.98
CA ASP H 204 -16.18 -4.67 49.60
CA LYS H 205 -15.97 -0.85 49.26
CA LEU H 206 -12.28 -1.19 48.33
CA SER H 207 -13.16 -3.98 45.82
CA ALA H 208 -15.85 -1.75 44.20
CA TYR H 209 -13.44 1.23 44.10
CA VAL H 210 -10.57 -0.82 42.55
CA LYS H 211 -12.99 -2.36 39.97
CA PHE H 212 -14.17 1.16 39.04
CA CYS H 213 -10.51 2.32 38.60
CA VAL H 214 -9.79 -0.76 36.38
CA GLU H 215 -12.94 -0.19 34.23
CA ASP H 216 -12.27 3.59 33.82
CA GLU H 217 -8.75 2.83 32.50
CA ALA H 218 -8.57 1.03 29.12
CA PRO H 219 -6.39 -2.01 30.09
CA THR H 220 -3.33 -1.46 27.88
CA LEU H 221 -2.28 -4.76 26.16
CA ALA H 222 0.65 -4.42 28.67
CA ASN H 223 -1.75 -6.07 31.25
CA LEU H 224 -1.99 -9.37 29.29
CA TYR H 225 1.88 -9.52 29.83
CA ARG H 226 1.71 -12.16 32.60
CA GLY H 227 -0.87 -14.70 31.25
CA MET H 228 -3.64 -13.53 33.65
CA SER H 229 -7.38 -13.23 33.14
CA SER H 230 -8.59 -9.61 32.96
CA ALA H 231 -11.18 -10.75 35.57
CA GLU H 232 -8.50 -11.43 38.30
CA VAL H 233 -6.76 -8.01 37.94
CA PRO H 234 -9.07 -6.13 40.42
CA ASP H 235 -8.64 -8.79 43.17
CA ILE H 236 -4.79 -8.78 42.87
CA LEU H 237 -4.76 -4.93 42.88
CA GLN H 238 -7.05 -4.92 45.95
CA ALA H 239 -4.75 -7.39 47.77
CA LYS H 240 -1.69 -5.24 46.86
CA VAL H 241 -3.45 -2.09 48.16
CA MET H 242 -4.29 -3.81 51.49
CA VAL H 243 -0.82 -5.36 52.00
CA ARG H 244 1.46 -2.60 50.58
CA ARG H 245 -0.50 0.70 51.03
CA LEU H 246 -3.00 0.47 53.92
CA THR H 247 -0.19 -0.82 56.23
CA ILE H 248 2.28 2.10 55.70
CA LEU H 249 0.38 5.44 55.60
CA PRO H 250 0.42 7.94 58.50
CA LEU H 251 -3.24 8.47 59.53
CA ASN H 252 -2.85 11.70 61.58
CA ASP H 253 -0.73 13.72 59.10
CA ALA H 254 -2.49 16.53 57.20
CA THR H 255 0.63 17.02 54.99
CA SER H 256 0.46 13.39 53.82
CA HIS H 257 -1.72 12.31 50.91
CA SER H 258 -5.17 10.98 51.86
CA ILE H 259 -5.53 7.16 52.09
CA VAL H 260 -7.84 7.26 49.01
CA SER H 261 -5.43 9.47 46.99
CA ASN H 262 -2.54 7.11 47.81
CA MET H 263 -4.58 4.02 46.80
CA PHE H 264 -5.80 5.66 43.54
CA ARG H 265 -2.22 6.53 42.47
CA TYR H 266 -1.03 3.05 43.43
CA VAL H 267 -3.79 1.26 41.44
CA LYS H 268 -3.11 3.54 38.40
CA SER H 269 0.68 2.96 38.69
CA ASN H 270 0.16 -0.86 38.66
CA LEU H 271 -2.41 -0.70 35.78
CA ASN H 272 0.12 1.13 33.52
CA PRO H 273 3.67 -0.13 34.44
CA ALA H 274 4.81 0.46 30.79
CA GLU H 275 4.95 4.25 31.58
CA ARG H 276 7.93 3.52 33.98
CA SER H 277 10.19 1.07 32.05
N THR H 278 13.02 -0.86 27.53
CA THR H 278 12.74 -0.84 26.09
C THR H 278 12.20 -2.19 25.61
N ALA H 279 12.91 -3.26 25.93
CA ALA H 279 12.53 -4.61 25.53
C ALA H 279 11.59 -5.21 26.57
N ASP H 280 11.03 -6.36 26.21
CA ASP H 280 10.12 -7.12 27.08
C ASP H 280 8.90 -6.29 27.47
N ARG H 281 8.43 -5.45 26.57
CA ARG H 281 7.18 -4.74 26.73
C ARG H 281 6.22 -5.14 25.61
N VAL H 282 4.93 -5.05 25.90
CA VAL H 282 3.90 -5.51 24.98
C VAL H 282 3.44 -4.34 24.13
N ASN H 283 3.49 -4.55 22.81
CA ASN H 283 3.02 -3.57 21.85
C ASN H 283 2.12 -4.24 20.83
N ASP H 284 0.93 -3.67 20.62
CA ASP H 284 -0.05 -4.25 19.70
C ASP H 284 0.23 -3.73 18.30
N LYS H 285 0.87 -4.56 17.48
CA LYS H 285 1.14 -4.18 16.10
C LYS H 285 -0.17 -4.06 15.33
N ARG H 286 -0.19 -3.12 14.38
CA ARG H 286 -1.37 -2.88 13.57
C ARG H 286 -1.13 -3.42 12.17
N PRO H 287 -1.69 -4.59 11.82
CA PRO H 287 -1.48 -5.24 10.52
C PRO H 287 -2.60 -4.97 9.53
N THR H 298 0.36 -7.86 2.09
CA THR H 298 -0.35 -6.82 2.80
C THR H 298 -1.63 -7.41 3.39
N SER H 299 -1.46 -8.43 4.24
CA SER H 299 -2.59 -9.05 4.92
C SER H 299 -2.23 -9.35 6.37
N PHE H 300 -3.05 -10.15 7.05
CA PHE H 300 -2.86 -10.43 8.46
C PHE H 300 -2.06 -11.69 8.73
N ILE H 301 -2.23 -12.75 7.93
CA ILE H 301 -1.46 -13.96 8.14
C ILE H 301 0.02 -13.72 7.86
N GLU H 302 0.32 -13.02 6.76
CA GLU H 302 1.70 -12.73 6.38
C GLU H 302 2.20 -11.41 6.95
N SER H 303 1.64 -10.96 8.07
CA SER H 303 2.05 -9.71 8.69
C SER H 303 3.28 -9.87 9.58
N HIS H 304 3.71 -11.09 9.90
CA HIS H 304 4.87 -11.33 10.74
C HIS H 304 6.05 -11.73 9.85
N LYS H 305 7.18 -11.06 10.05
CA LYS H 305 8.37 -11.27 9.22
C LYS H 305 9.22 -12.37 9.86
N THR H 306 8.76 -13.61 9.66
CA THR H 306 9.50 -14.78 10.13
C THR H 306 9.39 -15.84 9.04
N LYS H 307 10.49 -16.05 8.32
CA LYS H 307 10.52 -16.94 7.17
C LYS H 307 11.21 -18.25 7.58
N GLN H 308 11.42 -19.15 6.63
CA GLN H 308 12.23 -20.33 6.84
C GLN H 308 13.49 -20.24 6.00
N ARG H 309 14.59 -20.79 6.53
CA ARG H 309 15.89 -20.61 5.91
C ARG H 309 16.03 -21.42 4.63
N VAL H 310 15.22 -22.46 4.45
CA VAL H 310 15.42 -23.42 3.36
C VAL H 310 14.14 -23.54 2.55
N THR H 311 14.29 -23.55 1.23
CA THR H 311 13.16 -23.78 0.33
C THR H 311 12.75 -25.24 0.38
N PRO H 312 11.46 -25.55 0.51
CA PRO H 312 11.04 -26.97 0.55
C PRO H 312 11.40 -27.76 -0.69
N GLY H 313 11.41 -27.12 -1.86
CA GLY H 313 11.76 -27.83 -3.08
C GLY H 313 13.19 -28.34 -3.05
N ASP H 314 14.10 -27.55 -2.46
CA ASP H 314 15.47 -28.03 -2.29
C ASP H 314 15.50 -29.28 -1.42
N ILE H 315 14.64 -29.34 -0.41
CA ILE H 315 14.61 -30.50 0.47
C ILE H 315 14.06 -31.72 -0.26
N VAL H 316 13.03 -31.52 -1.08
CA VAL H 316 12.53 -32.63 -1.89
C VAL H 316 13.60 -33.14 -2.84
N ALA H 317 14.34 -32.21 -3.47
CA ALA H 317 15.41 -32.60 -4.38
C ALA H 317 16.51 -33.36 -3.64
N TYR H 318 16.86 -32.91 -2.42
CA TYR H 318 17.90 -33.60 -1.66
C TYR H 318 17.43 -34.98 -1.19
N ASN H 319 16.13 -35.12 -0.89
CA ASN H 319 15.60 -36.44 -0.59
C ASN H 319 15.77 -37.37 -1.80
N LEU H 320 15.30 -36.92 -2.96
CA LEU H 320 15.40 -37.75 -4.17
C LEU H 320 16.85 -38.02 -4.54
N ASP H 321 17.77 -37.10 -4.20
CA ASP H 321 19.18 -37.34 -4.44
C ASP H 321 19.71 -38.42 -3.49
N ALA H 322 19.54 -38.22 -2.19
CA ALA H 322 20.05 -39.16 -1.20
C ALA H 322 19.43 -40.54 -1.31
N LEU H 323 18.32 -40.68 -2.05
CA LEU H 323 17.77 -42.01 -2.28
C LEU H 323 18.67 -42.90 -3.13
N ASP H 324 19.71 -42.35 -3.78
CA ASP H 324 20.66 -43.17 -4.52
C ASP H 324 22.01 -43.09 -3.81
N VAL H 325 22.79 -44.17 -3.88
CA VAL H 325 24.05 -44.23 -3.17
C VAL H 325 25.24 -44.43 -4.11
N VAL H 326 25.05 -45.19 -5.19
CA VAL H 326 26.17 -45.51 -6.08
C VAL H 326 26.74 -44.25 -6.69
N LYS H 327 25.88 -43.36 -7.18
CA LYS H 327 26.34 -42.13 -7.81
C LYS H 327 27.10 -41.26 -6.82
N LEU H 328 26.57 -41.08 -5.61
CA LEU H 328 27.23 -40.24 -4.63
C LEU H 328 28.57 -40.83 -4.20
N VAL H 329 28.61 -42.14 -4.00
CA VAL H 329 29.86 -42.81 -3.63
C VAL H 329 30.92 -42.62 -4.71
N HIS H 330 30.56 -42.79 -5.99
CA HIS H 330 31.54 -42.57 -7.04
C HIS H 330 31.89 -41.10 -7.18
N LYS H 331 30.99 -40.19 -6.80
CA LYS H 331 31.37 -38.78 -6.77
C LYS H 331 32.42 -38.51 -5.70
N ILE H 332 32.32 -39.18 -4.56
CA ILE H 332 33.36 -39.05 -3.54
C ILE H 332 34.64 -39.73 -4.01
N ASP H 333 34.56 -41.02 -4.32
CA ASP H 333 35.69 -41.79 -4.84
C ASP H 333 35.20 -42.67 -5.99
N ASP H 334 35.76 -42.47 -7.18
CA ASP H 334 35.43 -43.30 -8.32
C ASP H 334 35.82 -44.76 -8.12
N THR H 335 36.88 -45.03 -7.36
CA THR H 335 37.40 -46.38 -7.18
C THR H 335 36.82 -47.01 -5.93
N VAL H 336 35.53 -47.38 -6.00
CA VAL H 336 34.84 -48.08 -4.93
C VAL H 336 34.10 -49.26 -5.53
N PRO H 337 34.37 -50.50 -5.08
CA PRO H 337 33.63 -51.64 -5.63
C PRO H 337 32.15 -51.55 -5.33
N VAL H 338 31.34 -52.04 -6.29
CA VAL H 338 29.89 -51.99 -6.15
C VAL H 338 29.40 -53.05 -5.16
N GLU H 339 30.18 -54.09 -4.91
CA GLU H 339 29.78 -55.12 -3.96
C GLU H 339 29.62 -54.55 -2.55
N LEU H 340 30.52 -53.64 -2.16
CA LEU H 340 30.38 -52.98 -0.87
C LEU H 340 29.09 -52.17 -0.80
N ILE H 341 28.75 -51.47 -1.89
CA ILE H 341 27.51 -50.70 -1.94
C ILE H 341 26.31 -51.62 -1.78
N GLN H 342 26.32 -52.76 -2.48
CA GLN H 342 25.20 -53.70 -2.39
C GLN H 342 25.07 -54.25 -0.98
N GLU H 343 26.19 -54.60 -0.34
CA GLU H 343 26.13 -55.09 1.03
C GLU H 343 25.58 -54.03 1.98
N CYS H 344 26.02 -52.78 1.83
CA CYS H 344 25.53 -51.72 2.69
C CYS H 344 24.04 -51.48 2.48
N LEU H 345 23.56 -51.53 1.23
CA LEU H 345 22.13 -51.38 0.98
C LEU H 345 21.33 -52.54 1.57
N ASP H 346 21.85 -53.76 1.45
CA ASP H 346 21.18 -54.91 2.05
C ASP H 346 21.09 -54.76 3.56
N CYS H 347 22.13 -54.19 4.18
CA CYS H 347 22.10 -53.96 5.62
C CYS H 347 21.15 -52.82 5.98
N VAL H 348 21.03 -51.81 5.13
CA VAL H 348 20.04 -50.75 5.34
C VAL H 348 18.63 -51.33 5.32
N ALA H 349 18.38 -52.29 4.43
CA ALA H 349 17.06 -52.89 4.33
C ALA H 349 16.58 -53.47 5.66
N VAL H 350 17.51 -53.85 6.53
CA VAL H 350 17.15 -54.34 7.87
C VAL H 350 17.27 -53.24 8.91
N THR H 351 18.27 -52.37 8.79
CA THR H 351 18.57 -51.37 9.80
C THR H 351 17.59 -50.19 9.79
N ALA H 352 16.83 -50.01 8.72
CA ALA H 352 15.93 -48.86 8.62
C ALA H 352 14.87 -48.84 9.70
N THR H 353 14.61 -49.98 10.35
CA THR H 353 13.59 -50.02 11.40
C THR H 353 14.02 -49.23 12.63
N LYS H 354 15.29 -49.31 13.02
CA LYS H 354 15.75 -48.74 14.27
C LYS H 354 15.95 -47.22 14.13
N ASP H 355 16.51 -46.60 15.15
CA ASP H 355 16.67 -45.16 15.21
C ASP H 355 18.08 -44.75 14.77
N ILE H 356 18.22 -43.50 14.35
CA ILE H 356 19.49 -42.95 13.89
C ILE H 356 20.02 -42.00 14.95
N TYR H 357 21.29 -42.15 15.31
CA TYR H 357 21.87 -41.48 16.45
C TYR H 357 22.91 -40.45 16.01
N PRO H 358 23.19 -39.44 16.84
CA PRO H 358 23.95 -38.27 16.36
C PRO H 358 25.33 -38.59 15.82
N HIS H 359 26.04 -39.57 16.37
CA HIS H 359 27.38 -39.86 15.87
C HIS H 359 27.32 -40.37 14.43
N GLN H 360 26.32 -41.18 14.11
CA GLN H 360 26.15 -41.67 12.74
C GLN H 360 25.94 -40.51 11.77
N ILE H 361 25.04 -39.58 12.12
CA ILE H 361 24.77 -38.43 11.26
C ILE H 361 26.02 -37.58 11.11
N LEU H 362 26.76 -37.37 12.20
CA LEU H 362 27.95 -36.54 12.16
C LEU H 362 29.00 -37.17 11.24
N LEU H 363 29.22 -38.49 11.36
CA LEU H 363 30.19 -39.15 10.50
C LEU H 363 29.77 -39.12 9.05
N ALA H 364 28.48 -39.33 8.77
CA ALA H 364 28.00 -39.27 7.39
C ALA H 364 28.11 -37.87 6.81
N GLN H 365 27.90 -36.84 7.63
CA GLN H 365 28.09 -35.47 7.18
C GLN H 365 29.56 -35.20 6.87
N TRP H 366 30.46 -35.70 7.72
CA TRP H 366 31.88 -35.51 7.46
C TRP H 366 32.32 -36.18 6.17
N VAL H 367 31.96 -37.46 6.00
CA VAL H 367 32.47 -38.23 4.88
C VAL H 367 31.87 -37.75 3.55
N MET H 368 30.58 -37.42 3.55
CA MET H 368 29.88 -37.08 2.31
C MET H 368 29.50 -35.60 2.34
N HIS H 369 30.42 -34.76 1.89
CA HIS H 369 30.13 -33.36 1.65
C HIS H 369 30.53 -32.90 0.25
N LYS H 370 31.40 -33.65 -0.43
CA LYS H 370 31.74 -33.33 -1.82
C LYS H 370 30.60 -33.62 -2.78
N ALA H 371 29.62 -34.41 -2.37
CA ALA H 371 28.48 -34.74 -3.20
C ALA H 371 27.15 -34.36 -2.58
N PHE H 372 27.03 -34.44 -1.26
CA PHE H 372 25.79 -34.13 -0.55
C PHE H 372 26.05 -33.08 0.52
N PRO H 373 25.26 -32.02 0.59
CA PRO H 373 25.46 -31.01 1.64
C PRO H 373 25.23 -31.58 3.02
N ALA H 374 26.00 -31.07 3.98
CA ALA H 374 25.92 -31.58 5.35
C ALA H 374 24.62 -31.17 6.03
N ARG H 375 24.25 -29.88 5.92
CA ARG H 375 23.09 -29.39 6.64
C ARG H 375 21.81 -30.08 6.19
N ALA H 376 21.78 -30.59 4.96
CA ALA H 376 20.61 -31.31 4.48
C ALA H 376 20.29 -32.53 5.33
N PHE H 377 21.28 -33.06 6.05
CA PHE H 377 21.02 -34.18 6.95
C PHE H 377 20.01 -33.83 8.03
N SER H 378 19.86 -32.55 8.35
CA SER H 378 18.89 -32.11 9.35
C SER H 378 17.53 -31.81 8.75
N HIS H 379 17.34 -32.05 7.46
CA HIS H 379 16.08 -31.73 6.79
C HIS H 379 15.53 -32.93 6.04
N ILE H 380 16.41 -33.82 5.57
CA ILE H 380 15.96 -34.95 4.78
C ILE H 380 15.27 -35.98 5.65
N ASN H 381 14.50 -36.86 5.01
CA ASN H 381 13.73 -37.88 5.71
C ASN H 381 14.65 -39.02 6.17
N LYS H 382 14.05 -39.97 6.90
CA LYS H 382 14.83 -41.01 7.55
C LYS H 382 15.46 -41.98 6.55
N ASN H 383 14.72 -42.33 5.49
CA ASN H 383 15.25 -43.26 4.50
C ASN H 383 16.48 -42.67 3.80
N ALA H 384 16.43 -41.38 3.49
CA ALA H 384 17.58 -40.73 2.88
C ALA H 384 18.78 -40.77 3.82
N VAL H 385 18.55 -40.54 5.11
CA VAL H 385 19.65 -40.59 6.08
C VAL H 385 20.23 -42.00 6.13
N ASN H 386 19.38 -43.03 6.10
CA ASN H 386 19.87 -44.39 6.13
C ASN H 386 20.72 -44.70 4.90
N HIS H 387 20.26 -44.28 3.72
CA HIS H 387 21.04 -44.52 2.50
C HIS H 387 22.37 -43.77 2.55
N LEU H 388 22.37 -42.55 3.06
CA LEU H 388 23.62 -41.81 3.19
C LEU H 388 24.55 -42.47 4.21
N LEU H 389 24.01 -43.04 5.28
CA LEU H 389 24.83 -43.79 6.21
C LEU H 389 25.45 -45.01 5.53
N ALA H 390 24.69 -45.69 4.69
CA ALA H 390 25.24 -46.82 3.94
C ALA H 390 26.38 -46.36 3.03
N ALA H 391 26.19 -45.26 2.32
CA ALA H 391 27.23 -44.76 1.43
C ALA H 391 28.47 -44.36 2.20
N ALA H 392 28.30 -43.68 3.34
CA ALA H 392 29.45 -43.28 4.15
C ALA H 392 30.17 -44.49 4.71
N GLN H 393 29.43 -45.51 5.14
CA GLN H 393 30.06 -46.74 5.63
C GLN H 393 30.86 -47.42 4.53
N SER H 394 30.31 -47.46 3.32
CA SER H 394 31.04 -48.06 2.20
C SER H 394 32.32 -47.28 1.91
N LEU H 395 32.24 -45.95 1.94
CA LEU H 395 33.43 -45.14 1.72
C LEU H 395 34.48 -45.38 2.79
N MET H 396 34.06 -45.43 4.06
CA MET H 396 35.00 -45.70 5.14
C MET H 396 35.63 -47.08 4.99
N TRP H 397 34.82 -48.07 4.63
CA TRP H 397 35.32 -49.44 4.47
C TRP H 397 36.35 -49.51 3.35
N HIS H 398 36.08 -48.87 2.22
CA HIS H 398 37.04 -48.88 1.13
C HIS H 398 38.31 -48.13 1.50
N TRP H 399 38.18 -46.99 2.19
CA TRP H 399 39.35 -46.18 2.52
C TRP H 399 40.31 -46.94 3.45
N GLY H 400 39.77 -47.65 4.43
CA GLY H 400 40.60 -48.42 5.34
C GLY H 400 40.28 -48.18 6.80
N PHE H 401 39.42 -47.19 7.06
CA PHE H 401 38.98 -46.89 8.43
C PHE H 401 37.80 -47.80 8.75
N GLN H 402 38.13 -49.08 8.94
CA GLN H 402 37.09 -50.08 9.16
C GLN H 402 36.43 -49.93 10.52
N GLN H 403 37.19 -49.51 11.54
CA GLN H 403 36.63 -49.36 12.88
C GLN H 403 35.48 -48.36 12.89
N VAL H 404 35.70 -47.17 12.31
CA VAL H 404 34.64 -46.18 12.23
C VAL H 404 33.52 -46.65 11.31
N ALA H 405 33.87 -47.36 10.24
CA ALA H 405 32.86 -47.90 9.34
C ALA H 405 31.90 -48.83 10.07
N VAL H 406 32.43 -49.59 11.03
CA VAL H 406 31.58 -50.47 11.84
C VAL H 406 30.54 -49.70 12.63
N PHE H 407 30.86 -48.48 13.08
CA PHE H 407 29.97 -47.68 13.90
C PHE H 407 29.00 -46.83 13.08
N MET H 408 28.65 -47.25 11.87
CA MET H 408 27.77 -46.44 11.03
C MET H 408 26.32 -46.91 11.10
N GLN H 409 26.07 -48.19 10.88
CA GLN H 409 24.72 -48.75 10.92
C GLN H 409 24.62 -49.58 12.19
N VAL H 410 24.23 -48.92 13.28
CA VAL H 410 24.31 -49.50 14.62
C VAL H 410 23.03 -49.16 15.38
N GLU H 411 22.71 -50.02 16.36
CA GLU H 411 21.55 -49.82 17.22
C GLU H 411 22.02 -49.55 18.64
N LEU H 412 21.27 -48.73 19.37
CA LEU H 412 21.60 -48.46 20.78
C LEU H 412 21.24 -49.67 21.63
N TYR H 413 21.90 -49.82 22.77
CA TYR H 413 21.68 -50.98 23.63
C TYR H 413 22.18 -50.73 25.05
N ILE H 430 45.04 -35.93 20.31
CA ILE H 430 45.76 -35.59 19.09
C ILE H 430 47.26 -35.67 19.30
N GLN H 431 47.92 -36.55 18.54
CA GLN H 431 49.36 -36.72 18.64
C GLN H 431 50.07 -35.62 17.84
N ILE H 432 51.40 -35.61 17.91
CA ILE H 432 52.17 -34.53 17.31
C ILE H 432 52.03 -34.52 15.80
N LYS H 433 52.23 -35.68 15.16
CA LYS H 433 52.11 -35.76 13.71
C LYS H 433 50.68 -35.48 13.26
N TYR H 434 49.70 -36.04 13.97
CA TYR H 434 48.30 -35.78 13.62
C TYR H 434 47.97 -34.31 13.79
N LYS H 435 48.44 -33.69 14.87
CA LYS H 435 48.17 -32.27 15.07
C LYS H 435 48.78 -31.42 13.96
N ASP H 436 50.03 -31.70 13.60
CA ASP H 436 50.68 -30.91 12.55
C ASP H 436 49.97 -31.08 11.21
N VAL H 437 49.65 -32.32 10.85
CA VAL H 437 48.98 -32.57 9.57
C VAL H 437 47.60 -31.94 9.55
N MET H 438 46.84 -32.04 10.64
CA MET H 438 45.50 -31.48 10.67
C MET H 438 45.54 -29.96 10.66
N ASP H 439 46.53 -29.37 11.31
CA ASP H 439 46.69 -27.91 11.26
C ASP H 439 47.02 -27.46 9.83
N GLU H 440 47.88 -28.21 9.13
CA GLU H 440 48.17 -27.87 7.74
C GLU H 440 46.92 -28.02 6.87
N LEU H 441 46.14 -29.07 7.09
CA LEU H 441 44.94 -29.30 6.28
C LEU H 441 43.81 -28.36 6.65
N TYR H 442 43.76 -27.88 7.89
CA TYR H 442 42.70 -27.01 8.38
C TYR H 442 43.34 -25.76 8.96
N PRO H 443 43.78 -24.82 8.11
CA PRO H 443 44.49 -23.65 8.61
C PRO H 443 43.61 -22.65 9.35
N HIS H 444 42.29 -22.82 9.34
CA HIS H 444 41.38 -21.91 10.00
C HIS H 444 41.05 -22.47 11.38
N GLN H 445 41.53 -21.80 12.43
CA GLN H 445 41.46 -22.29 13.79
C GLN H 445 40.69 -21.30 14.66
N ARG H 446 39.93 -21.83 15.61
CA ARG H 446 39.13 -20.99 16.51
C ARG H 446 40.04 -20.25 17.49
N GLN H 447 39.84 -18.94 17.60
CA GLN H 447 40.57 -18.15 18.57
C GLN H 447 40.08 -18.43 19.98
N GLN H 448 40.97 -18.28 20.95
CA GLN H 448 40.67 -18.59 22.34
C GLN H 448 40.92 -17.38 23.22
N ARG H 449 40.20 -17.33 24.34
CA ARG H 449 40.36 -16.23 25.29
C ARG H 449 41.75 -16.24 25.91
N ALA H 450 42.30 -15.05 26.09
CA ALA H 450 43.57 -14.93 26.80
C ALA H 450 43.37 -15.27 28.27
N ILE H 451 44.19 -16.18 28.79
CA ILE H 451 44.10 -16.66 30.16
C ILE H 451 45.02 -15.83 31.03
N ASN H 452 44.46 -15.16 32.04
CA ASN H 452 45.21 -14.32 32.96
C ASN H 452 45.99 -13.23 32.22
N GLY H 453 45.41 -12.71 31.15
CA GLY H 453 46.02 -11.61 30.42
C GLY H 453 46.88 -12.06 29.26
N VAL H 454 47.65 -13.12 29.46
CA VAL H 454 48.57 -13.60 28.43
C VAL H 454 47.77 -14.28 27.32
N PRO H 455 47.96 -13.90 26.07
CA PRO H 455 47.21 -14.54 24.98
C PRO H 455 47.56 -16.01 24.84
N VAL H 456 46.59 -16.78 24.36
CA VAL H 456 46.74 -18.22 24.21
C VAL H 456 46.65 -18.56 22.72
N ALA H 457 47.29 -19.68 22.31
CA ALA H 457 47.27 -20.13 20.92
C ALA H 457 45.90 -20.65 20.53
N PRO H 458 45.51 -20.50 19.27
CA PRO H 458 44.19 -20.96 18.83
C PRO H 458 44.11 -22.48 18.80
N VAL H 459 42.87 -22.97 18.79
CA VAL H 459 42.58 -24.41 18.77
C VAL H 459 41.84 -24.73 17.49
N ASN H 460 42.28 -25.78 16.80
CA ASN H 460 41.68 -26.16 15.52
C ASN H 460 40.24 -26.63 15.72
N ILE H 461 39.36 -26.17 14.84
CA ILE H 461 37.95 -26.52 14.97
C ILE H 461 37.71 -27.98 14.61
N ALA H 462 38.49 -28.50 13.65
CA ALA H 462 38.42 -29.93 13.35
C ALA H 462 38.76 -30.78 14.56
N GLY H 463 39.67 -30.31 15.42
CA GLY H 463 40.00 -31.06 16.62
C GLY H 463 38.82 -31.19 17.56
N ILE H 464 38.11 -30.09 17.80
CA ILE H 464 36.96 -30.16 18.70
C ILE H 464 35.82 -30.95 18.06
N ALA H 465 35.70 -30.90 16.73
CA ALA H 465 34.73 -31.77 16.05
C ALA H 465 35.05 -33.23 16.26
N VAL H 466 36.34 -33.59 16.14
CA VAL H 466 36.76 -34.97 16.39
C VAL H 466 36.49 -35.36 17.84
N GLN H 467 36.75 -34.45 18.77
CA GLN H 467 36.47 -34.74 20.18
C GLN H 467 34.97 -34.96 20.41
N SER H 468 34.13 -34.16 19.77
CA SER H 468 32.69 -34.33 19.90
C SER H 468 32.24 -35.70 19.36
N ALA H 469 32.77 -36.09 18.19
CA ALA H 469 32.43 -37.40 17.64
C ALA H 469 32.91 -38.52 18.55
N HIS H 470 34.12 -38.38 19.11
CA HIS H 470 34.65 -39.39 20.01
C HIS H 470 33.79 -39.53 21.25
N ALA H 471 33.37 -38.41 21.84
CA ALA H 471 32.50 -38.46 23.01
C ALA H 471 31.16 -39.08 22.66
N SER H 472 30.60 -38.74 21.50
CA SER H 472 29.32 -39.32 21.09
C SER H 472 29.42 -40.82 20.91
N ILE H 473 30.54 -41.30 20.35
CA ILE H 473 30.71 -42.74 20.16
C ILE H 473 30.90 -43.43 21.50
N ARG H 474 31.68 -42.84 22.40
CA ARG H 474 31.90 -43.45 23.71
C ARG H 474 30.78 -43.19 24.71
N SER H 475 29.71 -42.49 24.29
CA SER H 475 28.64 -42.19 25.23
C SER H 475 27.97 -43.45 25.76
N SER H 476 27.71 -44.42 24.90
CA SER H 476 26.98 -45.62 25.31
C SER H 476 27.54 -46.83 24.56
N ASN H 477 26.96 -48.00 24.82
CA ASN H 477 27.32 -49.23 24.15
C ASN H 477 26.36 -49.49 23.00
N TRP H 478 26.78 -50.36 22.08
CA TRP H 478 26.13 -50.44 20.77
C TRP H 478 26.00 -51.89 20.33
N ILE H 479 25.02 -52.14 19.45
CA ILE H 479 24.85 -53.43 18.78
C ILE H 479 25.03 -53.24 17.29
N TYR H 480 25.93 -54.03 16.71
CA TYR H 480 26.30 -53.90 15.31
C TYR H 480 25.25 -54.54 14.40
N HIS H 481 24.77 -53.77 13.43
CA HIS H 481 23.86 -54.26 12.38
C HIS H 481 24.43 -53.84 11.03
N GLY H 482 25.34 -54.63 10.49
CA GLY H 482 25.99 -54.31 9.25
C GLY H 482 26.58 -55.53 8.57
N PRO H 483 27.42 -55.29 7.56
CA PRO H 483 28.02 -56.42 6.82
C PRO H 483 28.85 -57.30 7.74
N ASP H 484 28.77 -58.62 7.51
CA ASP H 484 29.58 -59.56 8.28
C ASP H 484 31.04 -59.46 7.89
N ARG H 485 31.32 -59.19 6.61
CA ARG H 485 32.70 -59.09 6.15
C ARG H 485 33.42 -57.93 6.83
N LEU H 486 32.77 -56.77 6.94
CA LEU H 486 33.37 -55.64 7.62
C LEU H 486 33.56 -55.92 9.10
N PHE H 487 32.60 -56.61 9.72
CA PHE H 487 32.73 -56.97 11.13
C PHE H 487 33.92 -57.89 11.36
N LYS H 488 34.15 -58.82 10.43
CA LYS H 488 35.32 -59.69 10.54
C LYS H 488 36.62 -58.95 10.29
N GLU H 489 36.62 -58.01 9.33
CA GLU H 489 37.85 -57.28 9.01
C GLU H 489 38.23 -56.32 10.13
N ALA H 490 37.25 -55.86 10.90
CA ALA H 490 37.47 -54.88 11.95
C ALA H 490 38.45 -55.36 13.02
N GLU H 491 38.65 -56.68 13.10
CA GLU H 491 39.54 -57.31 14.07
C GLU H 491 39.00 -57.15 15.49
N GLN H 492 37.71 -56.87 15.61
CA GLN H 492 37.05 -56.81 16.92
C GLN H 492 35.83 -57.72 16.86
N VAL H 493 35.92 -58.86 17.53
CA VAL H 493 34.85 -59.85 17.58
C VAL H 493 34.59 -60.19 19.03
N THR H 494 33.33 -60.09 19.45
CA THR H 494 32.93 -60.41 20.81
C THR H 494 31.79 -61.41 20.76
N GLN H 495 31.87 -62.44 21.61
CA GLN H 495 30.81 -63.45 21.66
C GLN H 495 29.49 -62.83 22.09
N ASN H 496 29.52 -61.96 23.09
CA ASN H 496 28.33 -61.23 23.49
C ASN H 496 27.93 -60.25 22.39
N LYS H 497 26.62 -60.07 22.22
CA LYS H 497 26.09 -59.23 21.14
C LYS H 497 26.24 -57.76 21.53
N VAL H 498 27.49 -57.33 21.66
CA VAL H 498 27.82 -55.95 21.98
C VAL H 498 28.98 -55.54 21.10
N LEU H 499 28.99 -54.27 20.68
CA LEU H 499 30.03 -53.72 19.83
C LEU H 499 31.02 -52.98 20.72
N VAL H 500 32.14 -53.63 21.03
CA VAL H 500 33.13 -53.04 21.92
C VAL H 500 33.89 -51.94 21.20
N VAL H 501 33.92 -50.75 21.80
CA VAL H 501 34.64 -49.61 21.23
C VAL H 501 36.14 -49.85 21.38
N PRO H 502 36.91 -49.82 20.30
CA PRO H 502 38.37 -50.00 20.43
C PRO H 502 39.00 -48.85 21.20
N ALA H 503 40.09 -49.17 21.90
CA ALA H 503 40.81 -48.14 22.64
C ALA H 503 41.38 -47.07 21.72
N THR H 504 41.93 -47.49 20.59
CA THR H 504 42.50 -46.55 19.61
C THR H 504 41.47 -46.22 18.53
N ILE H 505 40.40 -45.56 18.95
CA ILE H 505 39.35 -45.15 18.03
C ILE H 505 39.46 -43.67 17.69
N LYS H 506 39.89 -42.84 18.65
CA LYS H 506 40.07 -41.42 18.37
C LYS H 506 41.14 -41.20 17.31
N SER H 507 42.21 -42.00 17.36
CA SER H 507 43.24 -41.91 16.32
C SER H 507 42.68 -42.27 14.95
N VAL H 508 41.80 -43.28 14.89
CA VAL H 508 41.21 -43.67 13.62
C VAL H 508 40.30 -42.55 13.10
N ILE H 509 39.54 -41.92 14.00
CA ILE H 509 38.69 -40.79 13.59
C ILE H 509 39.55 -39.64 13.09
N THR H 510 40.67 -39.38 13.76
CA THR H 510 41.59 -38.33 13.32
C THR H 510 42.16 -38.66 11.95
N GLU H 511 42.51 -39.92 11.71
CA GLU H 511 42.98 -40.33 10.38
C GLU H 511 41.90 -40.14 9.33
N LEU H 512 40.65 -40.45 9.67
CA LEU H 512 39.54 -40.24 8.75
C LEU H 512 39.39 -38.77 8.40
N VAL H 513 39.49 -37.89 9.40
CA VAL H 513 39.37 -36.46 9.15
C VAL H 513 40.54 -35.95 8.32
N ILE H 514 41.73 -36.47 8.58
CA ILE H 514 42.90 -36.10 7.78
C ILE H 514 42.72 -36.53 6.33
N HIS H 515 42.20 -37.75 6.11
CA HIS H 515 41.94 -38.21 4.75
C HIS H 515 40.91 -37.35 4.07
N LEU H 516 39.85 -36.96 4.79
CA LEU H 516 38.85 -36.07 4.22
C LEU H 516 39.45 -34.71 3.84
N GLY H 517 40.30 -34.17 4.72
CA GLY H 517 40.94 -32.90 4.41
C GLY H 517 41.86 -32.98 3.20
N LYS H 518 42.62 -34.07 3.09
CA LYS H 518 43.47 -34.25 1.92
C LYS H 518 42.63 -34.40 0.65
N LEU H 519 41.53 -35.15 0.72
CA LEU H 519 40.67 -35.34 -0.44
C LEU H 519 40.05 -34.03 -0.89
N ASN H 520 39.61 -33.19 0.06
CA ASN H 520 38.88 -31.98 -0.29
C ASN H 520 39.79 -30.95 -0.95
N GLN H 521 40.82 -30.50 -0.23
CA GLN H 521 41.71 -29.47 -0.77
C GLN H 521 42.59 -30.03 -1.88
#